data_5SVB
#
_entry.id   5SVB
#
_cell.length_a   89.928
_cell.length_b   100.209
_cell.length_c   441.384
_cell.angle_alpha   90.00
_cell.angle_beta   90.00
_cell.angle_gamma   90.00
#
_symmetry.space_group_name_H-M   'P 21 21 21'
#
loop_
_entity.id
_entity.type
_entity.pdbx_description
1 polymer 'Acetone carboxylase alpha subunit'
2 polymer 'Acetone carboxylase beta subunit'
3 polymer 'Acetone carboxylase gamma subunit'
4 non-polymer 'MANGANESE (II) ION'
5 non-polymer 'ADENOSINE MONOPHOSPHATE'
6 non-polymer 'SULFATE ION'
7 non-polymer 'ZINC ION'
8 water water
#
loop_
_entity_poly.entity_id
_entity_poly.type
_entity_poly.pdbx_seq_one_letter_code
_entity_poly.pdbx_strand_id
1 'polypeptide(L)'
;(MSE)NVTVDQSTLAGATRGIVRGGETLKEHRDRL(MSE)AATKATGRYAGLKTLELREREPILYNKLFSRLRAGVVDAR
ETAKKIAASPIVEQEGELCFTLYNAAGDSLLTSTGIIIHVGT(MSE)GAAIKY(MSE)IENNWEANPGVHDKDIFCNNDS
LIGNVHPCDIHTIVPIFWEGELIGWVGGVTHVIDTGAVGPGS(MSE)ATGQVQRFGDGYSITCRKVGANDTLFRDWLHES
QR(MSE)VRTTRYW(MSE)LDERTRIAGCH(MSE)IRKLVEEVVAEEGIEAYWKFAYEAVEHGRLGLQARIKA(MSE)TI
PGTYRQVGFVDVPYAHEDVRVPSDFAKLDTI(MSE)HAPCE(MSE)TIRRDGTWRLDFEGSSRWGWHTYNAHQVSFTSGI
WV(MSE)(MSE)TQTLIPSE(MSE)INDGAAYGTEFRLPKGTW(MSE)NPDDRRVAFSYSWHFLVSAWTALWRGLSRSYF
GRGYLEEVNAGNANTSNWLQGGGFNQYDEIHAVNSFECAANGTGATAVQDGLSHAAAIWNPEGD(MSE)GD(MSE)EIWE
LAEPLVYLGRQIKASSGGSGKYRGGCGFESLR(MSE)VWNAKDWT(MSE)FF(MSE)GNGHISSDWGL(MSE)GGYPAAS
GYRFAAHKTNLKELIASGAEIPLGGDTDPENPTWDA(MSE)LPDAQIKRDKQAITTEE(MSE)FSDYDLYLNY(MSE)RG
GPGFGDPLDREPQAVADDINGGYVLERFAGEVYGVVVRKGADGQYGVDEAGTAAARAQIRKDRLAKSVPVSEW(MSE)KG
EREKILAKDAGTQVRQ(MSE)FAASFKLGPRFEKDFRTFWSLPDSWTLPEEEIGVPTYGSRYS(MSE)DISELPDVHTVQ
FVEE
;
A,D
2 'polypeptide(L)'
;(MSE)HHHHHHSSG(MSE)NVPVGHLRNVQVLGIDAGGT(MSE)TDTFFVDQDGDFVVGKAQSTPQNEALGLIASSEDGL
ANWG(MSE)SLHEALAQLQTGVYSGTA(MSE)LNRVVQRKGLKCGLIVNRG(MSE)EDFHR(MSE)GRAVQSHLGYAYED
RIHLNTHRYDPPLVPRHLTRGVVERTD(MSE)IGTQVIPLREDTARDAARDLIAADAEGIVISLLHSYKNPENERRVRDI
VLEEVEKSGKKIPVFASADYYPVRKETHRTNTTILEGYAAEPSRQTLSKISNAFKERGTKFDFRV(MSE)ATHGGTISWK
AKELARTIVSGPIGGVIGAKYLGEVLGYKNIACSDIGGTSFDVALITQGE(MSE)TIKNDPD(MSE)ARLVLSLPLVA
(MSE)DSVGAGAGSFIRLDPYTRAIKLGPDSAGYRVGVCWKESGIETVTISDCH(MSE)VLGYLNPDNFLGGAVKLDRQR
SVDAIKAQIADPLGLSVEDAAAGVIELLDSDLRDYLRS(MSE)ISGKGYSPASFVCFSYGGAGPVHTYGYTEGLGFEDVI
VPAWAAGFSAFGCAAADFEYRYDKSLDIN(MSE)PTETPDTDKEKAAATLQAAWEELTKNVLEEFKLNGYSADQVTLQPG
YR(MSE)QYRGQLNDLEIESPLAQAHTAADWDQLTDAFNATYGRVYAASARSPELGYSVTGAI(MSE)RG(MSE)VPIPK
PKIPKEPEEGETPPESAKIGTRKFYRKKRWVDAQLYH(MSE)ESLRPGNRV(MSE)GPAVIESDATTFVVPDGFETWLDG
HRLFHLREV
;
B,E
3 'polypeptide(L)'
;(MSE)AYTRSKIVDLVDGKIDPDTLHQ(MSE)LSTPKDPERFVTYVEILQER(MSE)PWDDKIILPLGPKLFIVQQKVSK
KWTVRCECGHDFCDWKDNWKLSARVHVRDTPQK(MSE)EEIYPRL(MSE)APTPSWQVIREYFCPECGTLHDVEAPTPWY
PVIHDFSPDIEGFYQEWLGLPVPERADA
;
C,F
#
loop_
_chem_comp.id
_chem_comp.type
_chem_comp.name
_chem_comp.formula
AMP non-polymer 'ADENOSINE MONOPHOSPHATE' 'C10 H14 N5 O7 P'
MN non-polymer 'MANGANESE (II) ION' 'Mn 2'
SO4 non-polymer 'SULFATE ION' 'O4 S -2'
ZN non-polymer 'ZINC ION' 'Zn 2'
#
# COMPACT_ATOMS: atom_id res chain seq x y z
N THR A 14 -37.98 -12.66 -11.61
CA THR A 14 -37.49 -11.39 -11.10
C THR A 14 -35.98 -11.29 -11.29
N ARG A 15 -35.55 -10.52 -12.28
CA ARG A 15 -34.15 -10.50 -12.68
C ARG A 15 -33.28 -9.80 -11.63
N GLY A 16 -33.63 -8.57 -11.28
CA GLY A 16 -32.89 -7.88 -10.24
C GLY A 16 -32.87 -8.69 -8.95
N ILE A 17 -31.73 -8.67 -8.26
CA ILE A 17 -31.55 -9.50 -7.08
C ILE A 17 -32.33 -8.97 -5.88
N VAL A 18 -32.66 -7.66 -5.88
CA VAL A 18 -33.41 -7.10 -4.77
C VAL A 18 -34.83 -7.66 -4.79
N ARG A 19 -35.45 -7.73 -3.62
CA ARG A 19 -36.79 -8.28 -3.52
C ARG A 19 -37.75 -7.45 -4.36
N GLY A 20 -38.51 -8.14 -5.22
CA GLY A 20 -39.45 -7.52 -6.12
C GLY A 20 -38.99 -7.49 -7.56
N GLY A 21 -37.71 -7.69 -7.82
CA GLY A 21 -37.17 -7.69 -9.17
C GLY A 21 -36.32 -6.49 -9.50
N GLU A 22 -36.39 -5.43 -8.70
CA GLU A 22 -35.52 -4.29 -8.91
C GLU A 22 -34.05 -4.70 -8.75
N THR A 23 -33.19 -4.05 -9.51
CA THR A 23 -31.77 -4.14 -9.25
C THR A 23 -31.42 -3.26 -8.06
N LEU A 24 -30.21 -3.44 -7.53
CA LEU A 24 -29.78 -2.63 -6.40
C LEU A 24 -29.85 -1.15 -6.72
N LYS A 25 -29.41 -0.75 -7.91
CA LYS A 25 -29.40 0.68 -8.25
C LYS A 25 -30.81 1.18 -8.54
N GLU A 26 -31.58 0.44 -9.33
CA GLU A 26 -32.98 0.81 -9.55
C GLU A 26 -33.71 0.97 -8.22
N HIS A 27 -33.44 0.07 -7.28
CA HIS A 27 -34.12 0.12 -5.99
C HIS A 27 -33.76 1.38 -5.22
N ARG A 28 -32.47 1.60 -4.99
CA ARG A 28 -32.04 2.80 -4.26
C ARG A 28 -32.44 4.06 -5.01
N ASP A 29 -32.23 4.09 -6.33
CA ASP A 29 -32.61 5.26 -7.11
C ASP A 29 -34.07 5.64 -6.88
N ARG A 30 -34.94 4.64 -6.80
CA ARG A 30 -36.35 4.90 -6.52
C ARG A 30 -36.52 5.51 -5.13
N LEU A 31 -35.95 4.88 -4.12
CA LEU A 31 -36.11 5.35 -2.74
C LEU A 31 -35.53 6.76 -2.57
N MSE A 32 -34.41 7.04 -3.23
CA MSE A 32 -33.78 8.34 -3.10
C MSE A 32 -34.59 9.43 -3.79
O MSE A 32 -34.68 10.56 -3.29
CB MSE A 32 -32.36 8.31 -3.67
CG MSE A 32 -31.40 7.40 -2.91
SE MSE A 32 -31.18 7.87 -1.03
CE MSE A 32 -32.46 6.63 -0.24
H MSE A 32 -34.01 6.50 -3.76
HA MSE A 32 -33.72 8.57 -2.15
HB2 MSE A 32 -32.40 8.00 -4.58
HB3 MSE A 32 -31.99 9.20 -3.63
HG2 MSE A 32 -31.74 6.50 -2.95
HG3 MSE A 32 -30.53 7.44 -3.33
HE1 MSE A 32 -32.46 6.75 0.72
HE2 MSE A 32 -33.34 6.82 -0.61
HE3 MSE A 32 -32.20 5.73 -0.46
N ALA A 33 -35.19 9.09 -4.93
CA ALA A 33 -36.05 10.05 -5.62
C ALA A 33 -37.30 10.35 -4.79
N ALA A 34 -37.82 9.33 -4.09
CA ALA A 34 -38.96 9.55 -3.21
C ALA A 34 -38.58 10.36 -1.98
N THR A 35 -37.33 10.23 -1.52
CA THR A 35 -36.88 11.00 -0.37
C THR A 35 -36.73 12.47 -0.73
N LYS A 36 -36.10 12.76 -1.88
CA LYS A 36 -35.92 14.14 -2.30
C LYS A 36 -37.26 14.82 -2.54
N ALA A 37 -38.24 14.09 -3.05
CA ALA A 37 -39.50 14.68 -3.45
C ALA A 37 -40.40 14.99 -2.26
N THR A 38 -40.44 14.09 -1.27
CA THR A 38 -41.38 14.18 -0.18
C THR A 38 -40.79 14.74 1.10
N GLY A 39 -39.47 14.87 1.20
CA GLY A 39 -38.86 15.22 2.46
C GLY A 39 -38.97 14.15 3.52
N ARG A 40 -39.40 12.94 3.14
CA ARG A 40 -39.52 11.82 4.05
C ARG A 40 -38.82 10.62 3.43
N TYR A 41 -38.05 9.91 4.24
CA TYR A 41 -37.28 8.77 3.73
C TYR A 41 -38.20 7.79 3.02
N ALA A 42 -37.82 7.42 1.80
CA ALA A 42 -38.56 6.45 1.00
C ALA A 42 -39.98 6.90 0.69
N GLY A 43 -40.27 8.18 0.85
CA GLY A 43 -41.62 8.68 0.62
C GLY A 43 -42.64 8.07 1.54
N LEU A 44 -42.26 7.82 2.79
CA LEU A 44 -43.16 7.23 3.78
C LEU A 44 -43.89 8.35 4.51
N LYS A 45 -45.05 8.74 3.98
CA LYS A 45 -45.90 9.69 4.67
C LYS A 45 -46.62 9.06 5.85
N THR A 46 -46.72 7.74 5.88
CA THR A 46 -47.32 7.00 6.98
C THR A 46 -46.52 5.75 7.23
N LEU A 47 -46.49 5.32 8.48
CA LEU A 47 -45.79 4.09 8.89
C LEU A 47 -46.87 3.07 9.26
N GLU A 48 -47.36 2.34 8.26
CA GLU A 48 -48.46 1.41 8.48
C GLU A 48 -48.14 0.41 9.56
N LEU A 49 -46.97 -0.22 9.48
CA LEU A 49 -46.61 -1.26 10.45
C LEU A 49 -46.56 -0.71 11.86
N ARG A 50 -45.94 0.44 12.05
CA ARG A 50 -45.79 1.00 13.39
C ARG A 50 -47.13 1.40 13.97
N GLU A 51 -48.03 1.93 13.14
CA GLU A 51 -49.30 2.46 13.63
C GLU A 51 -50.39 1.40 13.74
N ARG A 52 -50.40 0.42 12.85
CA ARG A 52 -51.42 -0.61 12.85
C ARG A 52 -51.01 -1.89 13.56
N GLU A 53 -49.71 -2.14 13.71
CA GLU A 53 -49.20 -3.32 14.41
C GLU A 53 -48.10 -2.92 15.38
N PRO A 54 -48.40 -2.01 16.31
CA PRO A 54 -47.33 -1.49 17.19
C PRO A 54 -46.54 -2.56 17.93
N ILE A 55 -47.22 -3.51 18.56
CA ILE A 55 -46.51 -4.56 19.31
C ILE A 55 -45.52 -5.28 18.39
N LEU A 56 -45.99 -5.73 17.23
CA LEU A 56 -45.10 -6.41 16.30
C LEU A 56 -43.96 -5.50 15.86
N TYR A 57 -44.23 -4.20 15.72
CA TYR A 57 -43.18 -3.26 15.32
C TYR A 57 -42.14 -3.12 16.43
N ASN A 58 -42.57 -2.84 17.65
CA ASN A 58 -41.64 -2.76 18.78
C ASN A 58 -40.94 -4.08 19.00
N LYS A 59 -41.58 -5.19 18.63
CA LYS A 59 -40.96 -6.50 18.84
C LYS A 59 -39.81 -6.72 17.86
N LEU A 60 -40.01 -6.36 16.59
CA LEU A 60 -38.94 -6.52 15.61
C LEU A 60 -37.70 -5.73 16.01
N PHE A 61 -37.89 -4.45 16.36
CA PHE A 61 -36.74 -3.65 16.75
C PHE A 61 -36.06 -4.24 17.99
N SER A 62 -36.84 -4.41 19.07
CA SER A 62 -36.25 -4.90 20.32
C SER A 62 -35.52 -6.21 20.11
N ARG A 63 -36.05 -7.06 19.23
CA ARG A 63 -35.45 -8.36 18.99
C ARG A 63 -34.22 -8.26 18.09
N LEU A 64 -34.31 -7.49 17.01
CA LEU A 64 -33.16 -7.31 16.14
C LEU A 64 -32.02 -6.61 16.88
N ARG A 65 -32.34 -5.52 17.58
CA ARG A 65 -31.34 -4.83 18.40
C ARG A 65 -30.65 -5.79 19.35
N ALA A 66 -31.42 -6.66 20.01
CA ALA A 66 -30.82 -7.59 20.96
C ALA A 66 -29.99 -8.65 20.27
N GLY A 67 -30.47 -9.17 19.15
CA GLY A 67 -29.70 -10.16 18.40
C GLY A 67 -28.43 -9.60 17.85
N VAL A 68 -28.44 -8.33 17.45
CA VAL A 68 -27.22 -7.69 16.95
C VAL A 68 -26.22 -7.48 18.09
N VAL A 69 -26.68 -6.93 19.22
CA VAL A 69 -25.83 -6.82 20.39
C VAL A 69 -25.25 -8.18 20.75
N ASP A 70 -26.08 -9.22 20.73
CA ASP A 70 -25.60 -10.56 21.05
C ASP A 70 -24.46 -10.97 20.13
N ALA A 71 -24.59 -10.70 18.82
CA ALA A 71 -23.54 -11.08 17.89
C ALA A 71 -22.24 -10.35 18.19
N ARG A 72 -22.33 -9.07 18.51
CA ARG A 72 -21.12 -8.28 18.79
C ARG A 72 -20.41 -8.79 20.03
N GLU A 73 -21.15 -9.00 21.12
CA GLU A 73 -20.52 -9.45 22.36
C GLU A 73 -20.02 -10.88 22.24
N THR A 74 -20.76 -11.74 21.55
CA THR A 74 -20.33 -13.12 21.36
C THR A 74 -19.06 -13.19 20.53
N ALA A 75 -19.04 -12.51 19.38
CA ALA A 75 -17.85 -12.51 18.54
C ALA A 75 -16.66 -11.88 19.26
N LYS A 76 -16.91 -10.93 20.15
CA LYS A 76 -15.82 -10.28 20.87
C LYS A 76 -14.91 -11.28 21.56
N LYS A 77 -15.44 -12.46 21.90
CA LYS A 77 -14.66 -13.52 22.54
C LYS A 77 -13.94 -14.37 21.50
N ILE A 78 -13.09 -13.69 20.71
CA ILE A 78 -12.25 -14.34 19.72
C ILE A 78 -10.92 -13.59 19.72
N ALA A 79 -10.47 -13.19 20.91
CA ALA A 79 -9.21 -12.48 21.12
C ALA A 79 -9.13 -12.08 22.57
N ALA A 80 -7.95 -11.61 23.01
CA ALA A 80 -7.74 -10.92 24.28
C ALA A 80 -6.63 -11.58 25.10
N GLU A 87 -9.82 -3.17 22.59
CA GLU A 87 -10.79 -2.99 21.53
C GLU A 87 -12.11 -2.46 22.08
N GLY A 88 -12.93 -1.96 21.17
CA GLY A 88 -14.20 -1.34 21.48
C GLY A 88 -14.77 -0.70 20.23
N GLU A 89 -13.85 -0.28 19.36
CA GLU A 89 -14.24 0.17 18.02
C GLU A 89 -14.95 -0.93 17.24
N LEU A 90 -14.81 -2.19 17.66
CA LEU A 90 -15.60 -3.27 17.11
C LEU A 90 -17.08 -2.88 17.11
N CYS A 91 -17.77 -3.22 16.02
CA CYS A 91 -19.17 -2.83 15.90
C CYS A 91 -19.77 -3.55 14.71
N PHE A 92 -21.09 -3.76 14.77
CA PHE A 92 -21.84 -4.37 13.69
C PHE A 92 -23.09 -3.55 13.40
N THR A 93 -23.49 -3.54 12.14
CA THR A 93 -24.64 -2.75 11.71
C THR A 93 -25.48 -3.56 10.74
N LEU A 94 -26.79 -3.41 10.85
CA LEU A 94 -27.73 -4.04 9.94
C LEU A 94 -28.28 -2.99 8.98
N TYR A 95 -28.20 -3.28 7.69
CA TYR A 95 -28.64 -2.35 6.65
C TYR A 95 -29.80 -2.97 5.88
N ASN A 96 -30.63 -2.11 5.30
CA ASN A 96 -31.62 -2.56 4.34
C ASN A 96 -30.96 -2.72 2.97
N ALA A 97 -31.74 -3.16 1.98
CA ALA A 97 -31.17 -3.45 0.68
C ALA A 97 -30.48 -2.24 0.07
N ALA A 98 -30.91 -1.03 0.43
CA ALA A 98 -30.38 0.20 -0.15
C ALA A 98 -29.14 0.71 0.58
N GLY A 99 -28.64 -0.01 1.57
CA GLY A 99 -27.45 0.41 2.27
C GLY A 99 -27.68 1.42 3.38
N ASP A 100 -28.89 1.47 3.93
CA ASP A 100 -29.23 2.41 4.98
C ASP A 100 -29.33 1.68 6.31
N SER A 101 -28.75 2.26 7.34
CA SER A 101 -28.69 1.62 8.65
C SER A 101 -30.09 1.49 9.24
N LEU A 102 -30.37 0.31 9.80
CA LEU A 102 -31.53 0.08 10.64
C LEU A 102 -31.14 0.00 12.10
N LEU A 103 -30.09 -0.76 12.40
CA LEU A 103 -29.70 -1.07 13.77
C LEU A 103 -28.19 -1.15 13.84
N THR A 104 -27.67 -0.93 15.05
CA THR A 104 -26.23 -1.00 15.27
C THR A 104 -25.96 -1.60 16.64
N SER A 105 -24.95 -2.46 16.71
CA SER A 105 -24.57 -3.12 17.94
C SER A 105 -23.97 -2.11 18.93
N THR A 106 -23.70 -2.59 20.14
CA THR A 106 -22.90 -1.83 21.07
C THR A 106 -21.52 -1.57 20.46
N GLY A 107 -20.91 -0.46 20.85
CA GLY A 107 -19.61 -0.08 20.37
C GLY A 107 -19.61 1.32 19.79
N ILE A 108 -18.45 1.70 19.27
CA ILE A 108 -18.26 3.02 18.69
C ILE A 108 -18.86 3.03 17.29
N ILE A 109 -19.74 4.00 17.03
CA ILE A 109 -20.60 3.97 15.85
C ILE A 109 -20.04 4.81 14.71
N ILE A 110 -18.73 5.07 14.70
CA ILE A 110 -18.16 5.90 13.65
C ILE A 110 -18.36 5.26 12.28
N HIS A 111 -18.43 3.93 12.21
CA HIS A 111 -18.35 3.22 10.94
C HIS A 111 -19.71 2.85 10.36
N VAL A 112 -20.81 3.39 10.91
CA VAL A 112 -22.11 3.10 10.32
C VAL A 112 -22.18 3.68 8.91
N GLY A 113 -21.71 4.91 8.74
CA GLY A 113 -21.76 5.58 7.46
C GLY A 113 -20.69 5.11 6.49
N THR A 114 -19.49 4.86 7.01
CA THR A 114 -18.41 4.39 6.16
C THR A 114 -18.77 3.08 5.48
N MSE A 115 -19.27 2.12 6.26
CA MSE A 115 -19.67 0.83 5.70
C MSE A 115 -20.90 0.99 4.82
O MSE A 115 -20.98 0.41 3.74
CB MSE A 115 -19.96 -0.17 6.82
CG MSE A 115 -18.73 -0.54 7.62
SE MSE A 115 -19.02 -2.09 8.75
CE MSE A 115 -20.32 -1.32 9.98
H MSE A 115 -19.40 2.19 7.10
HA MSE A 115 -18.95 0.49 5.17
HB2 MSE A 115 -20.60 0.21 7.43
HB3 MSE A 115 -20.32 -0.98 6.43
HG2 MSE A 115 -18.00 -0.74 7.02
HG3 MSE A 115 -18.48 0.21 8.20
HE1 MSE A 115 -20.57 -2.01 10.63
HE2 MSE A 115 -19.92 -0.57 10.44
HE3 MSE A 115 -21.10 -1.04 9.48
N GLY A 116 -21.86 1.78 5.29
CA GLY A 116 -23.01 2.09 4.45
C GLY A 116 -22.60 2.70 3.13
N ALA A 117 -21.56 3.53 3.13
CA ALA A 117 -21.04 4.08 1.89
C ALA A 117 -20.40 3.01 1.03
N ALA A 118 -19.77 2.02 1.65
CA ALA A 118 -19.23 0.90 0.89
C ALA A 118 -20.34 0.12 0.20
N ILE A 119 -21.48 -0.03 0.88
CA ILE A 119 -22.62 -0.72 0.28
C ILE A 119 -23.17 0.09 -0.89
N LYS A 120 -23.34 1.40 -0.69
CA LYS A 120 -23.85 2.25 -1.75
C LYS A 120 -22.87 2.40 -2.90
N TYR A 121 -21.58 2.14 -2.66
CA TYR A 121 -20.61 2.11 -3.75
C TYR A 121 -20.84 0.90 -4.65
N MSE A 122 -21.10 -0.26 -4.06
CA MSE A 122 -21.36 -1.47 -4.82
C MSE A 122 -22.68 -1.33 -5.58
O MSE A 122 -22.81 -1.83 -6.70
CB MSE A 122 -21.41 -2.69 -3.90
CG MSE A 122 -20.07 -3.07 -3.32
SE MSE A 122 -20.08 -4.69 -2.24
CE MSE A 122 -20.65 -3.94 -0.54
H MSE A 122 -21.13 -0.37 -3.20
HA MSE A 122 -20.65 -1.60 -5.45
HB2 MSE A 122 -22.02 -2.50 -3.16
HB3 MSE A 122 -21.74 -3.45 -4.40
HG2 MSE A 122 -19.44 -3.20 -4.05
HG3 MSE A 122 -19.75 -2.34 -2.75
HE1 MSE A 122 -20.70 -4.64 0.12
HE2 MSE A 122 -19.99 -3.27 -0.26
HE3 MSE A 122 -21.51 -3.52 -0.66
N ILE A 123 -23.64 -0.61 -4.99
CA ILE A 123 -24.90 -0.37 -5.66
C ILE A 123 -24.69 0.51 -6.89
N GLU A 124 -23.95 1.60 -6.73
CA GLU A 124 -23.81 2.57 -7.82
C GLU A 124 -22.84 2.11 -8.90
N ASN A 125 -21.89 1.25 -8.55
CA ASN A 125 -20.88 0.79 -9.50
C ASN A 125 -21.18 -0.59 -10.06
N ASN A 126 -22.43 -1.04 -9.96
CA ASN A 126 -22.88 -2.25 -10.64
C ASN A 126 -22.10 -3.48 -10.20
N TRP A 127 -21.85 -3.60 -8.89
CA TRP A 127 -21.33 -4.85 -8.36
C TRP A 127 -22.26 -6.01 -8.64
N GLU A 128 -23.54 -5.73 -8.93
CA GLU A 128 -24.51 -6.78 -9.15
C GLU A 128 -24.18 -7.61 -10.40
N ALA A 129 -23.67 -6.96 -11.44
CA ALA A 129 -23.28 -7.67 -12.65
C ALA A 129 -21.85 -8.20 -12.57
N ASN A 130 -20.98 -7.51 -11.85
CA ASN A 130 -19.59 -7.91 -11.75
C ASN A 130 -18.96 -7.28 -10.51
N PRO A 131 -18.40 -8.09 -9.60
CA PRO A 131 -18.24 -9.55 -9.61
C PRO A 131 -19.51 -10.29 -9.21
N GLY A 132 -20.63 -9.59 -9.18
CA GLY A 132 -21.88 -10.19 -8.77
C GLY A 132 -22.00 -10.34 -7.27
N VAL A 133 -23.21 -10.12 -6.75
CA VAL A 133 -23.48 -10.20 -5.33
C VAL A 133 -24.37 -11.43 -5.11
N HIS A 134 -23.80 -12.46 -4.52
CA HIS A 134 -24.50 -13.73 -4.32
C HIS A 134 -24.65 -14.02 -2.83
N ASP A 135 -25.55 -14.94 -2.52
CA ASP A 135 -25.67 -15.42 -1.16
C ASP A 135 -24.38 -16.12 -0.75
N LYS A 136 -24.08 -16.07 0.55
CA LYS A 136 -22.88 -16.67 1.13
C LYS A 136 -21.59 -16.01 0.65
N ASP A 137 -21.69 -14.84 0.02
CA ASP A 137 -20.50 -14.10 -0.42
C ASP A 137 -19.97 -13.24 0.72
N ILE A 138 -18.65 -13.08 0.74
CA ILE A 138 -17.96 -12.28 1.74
C ILE A 138 -17.22 -11.16 1.04
N PHE A 139 -17.49 -9.92 1.46
CA PHE A 139 -16.81 -8.75 0.93
C PHE A 139 -15.97 -8.11 2.03
N CYS A 140 -14.93 -7.41 1.62
CA CYS A 140 -14.06 -6.70 2.54
C CYS A 140 -13.76 -5.32 1.97
N ASN A 141 -13.61 -4.33 2.86
CA ASN A 141 -13.44 -2.97 2.40
C ASN A 141 -12.77 -2.12 3.47
N ASN A 142 -11.86 -1.25 3.02
CA ASN A 142 -11.32 -0.18 3.85
C ASN A 142 -10.98 1.05 3.01
N ASP A 143 -11.59 1.19 1.84
CA ASP A 143 -11.11 2.13 0.84
C ASP A 143 -11.11 3.56 1.35
N SER A 144 -10.06 4.30 1.01
CA SER A 144 -9.93 5.69 1.42
C SER A 144 -10.84 6.61 0.60
N LEU A 145 -11.01 6.31 -0.69
CA LEU A 145 -11.83 7.16 -1.55
C LEU A 145 -13.31 6.99 -1.28
N ILE A 146 -13.75 5.77 -0.92
CA ILE A 146 -15.12 5.59 -0.46
C ILE A 146 -15.33 6.35 0.83
N GLY A 147 -14.30 6.49 1.64
CA GLY A 147 -14.40 7.16 2.92
C GLY A 147 -14.28 6.20 4.08
N ASN A 148 -13.28 6.39 4.92
CA ASN A 148 -13.08 5.56 6.09
C ASN A 148 -12.36 6.38 7.14
N VAL A 149 -12.65 6.09 8.40
CA VAL A 149 -12.05 6.85 9.50
C VAL A 149 -10.55 6.62 9.55
N HIS A 150 -10.14 5.37 9.71
CA HIS A 150 -8.73 5.00 9.74
C HIS A 150 -8.41 4.05 8.59
N PRO A 151 -7.17 4.06 8.08
CA PRO A 151 -6.79 3.05 7.09
C PRO A 151 -6.80 1.64 7.64
N CYS A 152 -6.64 1.47 8.95
CA CYS A 152 -6.58 0.16 9.57
C CYS A 152 -7.95 -0.35 10.00
N ASP A 153 -9.01 0.44 9.86
CA ASP A 153 -10.35 -0.02 10.20
C ASP A 153 -10.91 -0.80 9.03
N ILE A 154 -11.01 -2.12 9.18
CA ILE A 154 -11.36 -3.03 8.10
C ILE A 154 -12.83 -3.40 8.21
N HIS A 155 -13.52 -3.39 7.07
CA HIS A 155 -14.93 -3.73 6.99
C HIS A 155 -15.12 -5.12 6.40
N THR A 156 -16.07 -5.86 6.94
CA THR A 156 -16.57 -7.09 6.35
C THR A 156 -18.06 -6.90 6.10
N ILE A 157 -18.48 -7.09 4.85
CA ILE A 157 -19.87 -6.87 4.45
C ILE A 157 -20.41 -8.16 3.86
N VAL A 158 -21.55 -8.61 4.38
CA VAL A 158 -22.20 -9.83 3.93
C VAL A 158 -23.61 -9.46 3.48
N PRO A 159 -24.07 -9.94 2.32
CA PRO A 159 -25.47 -9.70 1.94
C PRO A 159 -26.41 -10.73 2.55
N ILE A 160 -27.58 -10.28 2.95
CA ILE A 160 -28.62 -11.15 3.50
C ILE A 160 -29.65 -11.42 2.43
N PHE A 161 -29.96 -12.69 2.21
CA PHE A 161 -30.93 -13.10 1.21
C PHE A 161 -32.11 -13.79 1.87
N TRP A 162 -33.26 -13.71 1.20
CA TRP A 162 -34.45 -14.45 1.61
C TRP A 162 -35.12 -15.01 0.36
N GLU A 163 -35.10 -16.33 0.19
CA GLU A 163 -35.72 -16.99 -0.94
C GLU A 163 -35.14 -16.47 -2.25
N GLY A 164 -33.81 -16.40 -2.32
CA GLY A 164 -33.12 -16.02 -3.53
C GLY A 164 -33.06 -14.53 -3.81
N GLU A 165 -33.66 -13.70 -2.97
CA GLU A 165 -33.68 -12.26 -3.17
C GLU A 165 -32.97 -11.57 -2.02
N LEU A 166 -32.31 -10.45 -2.33
CA LEU A 166 -31.55 -9.71 -1.33
C LEU A 166 -32.47 -8.77 -0.57
N ILE A 167 -32.42 -8.85 0.76
CA ILE A 167 -33.25 -8.01 1.61
C ILE A 167 -32.46 -7.11 2.54
N GLY A 168 -31.13 -7.23 2.57
CA GLY A 168 -30.34 -6.36 3.42
C GLY A 168 -28.88 -6.76 3.41
N TRP A 169 -28.10 -6.03 4.20
CA TRP A 169 -26.67 -6.26 4.32
C TRP A 169 -26.30 -6.29 5.80
N VAL A 170 -25.16 -6.91 6.10
CA VAL A 170 -24.55 -6.85 7.42
C VAL A 170 -23.16 -6.26 7.26
N GLY A 171 -22.80 -5.35 8.16
CA GLY A 171 -21.46 -4.80 8.17
C GLY A 171 -20.77 -5.03 9.50
N GLY A 172 -19.54 -5.54 9.44
CA GLY A 172 -18.74 -5.72 10.64
C GLY A 172 -17.39 -5.04 10.51
N VAL A 173 -17.00 -4.28 11.52
CA VAL A 173 -15.75 -3.51 11.47
C VAL A 173 -14.91 -3.83 12.69
N THR A 174 -13.59 -3.74 12.52
CA THR A 174 -12.64 -3.82 13.62
C THR A 174 -11.48 -2.90 13.32
N HIS A 175 -10.88 -2.37 14.37
CA HIS A 175 -9.68 -1.54 14.26
C HIS A 175 -8.47 -2.44 14.47
N VAL A 176 -7.79 -2.78 13.37
CA VAL A 176 -6.62 -3.66 13.42
C VAL A 176 -5.41 -2.84 13.85
N ILE A 177 -4.67 -3.33 14.85
CA ILE A 177 -3.65 -2.54 15.51
C ILE A 177 -2.27 -2.65 14.89
N ASP A 178 -2.06 -3.56 13.94
CA ASP A 178 -0.70 -3.92 13.53
C ASP A 178 -0.48 -3.80 12.03
N THR A 179 -1.18 -2.89 11.38
CA THR A 179 -1.00 -2.68 9.94
C THR A 179 0.23 -1.85 9.73
N GLY A 180 0.48 -1.47 8.49
CA GLY A 180 1.65 -0.70 8.17
C GLY A 180 1.46 0.67 7.60
N ALA A 181 2.60 1.23 7.20
CA ALA A 181 2.79 2.56 6.59
C ALA A 181 3.51 3.52 7.52
N THR A 189 5.77 6.40 9.66
CA THR A 189 6.62 7.40 9.04
C THR A 189 5.93 8.77 9.09
N GLY A 190 6.62 9.78 8.57
CA GLY A 190 6.05 11.12 8.47
C GLY A 190 5.31 11.31 7.17
N GLN A 191 4.18 10.61 7.02
CA GLN A 191 3.45 10.64 5.76
C GLN A 191 2.96 12.05 5.45
N VAL A 192 2.87 12.35 4.16
CA VAL A 192 2.36 13.63 3.68
C VAL A 192 1.28 13.49 2.63
N GLN A 193 1.20 12.36 1.94
CA GLN A 193 0.23 12.18 0.88
C GLN A 193 -0.02 10.69 0.69
N ARG A 194 -1.21 10.37 0.20
CA ARG A 194 -1.63 8.98 0.02
C ARG A 194 -1.23 8.47 -1.35
N TYR A 199 -2.60 1.19 1.49
CA TYR A 199 -3.40 -0.02 1.67
C TYR A 199 -4.87 0.28 1.43
N SER A 200 -5.39 -0.18 0.30
CA SER A 200 -6.76 0.13 -0.10
C SER A 200 -7.44 -1.15 -0.56
N ILE A 201 -8.57 -1.48 0.08
CA ILE A 201 -9.38 -2.64 -0.26
C ILE A 201 -10.74 -2.12 -0.69
N THR A 202 -11.04 -2.20 -1.99
CA THR A 202 -12.23 -1.58 -2.56
C THR A 202 -13.30 -2.64 -2.75
N CYS A 203 -14.13 -2.82 -1.72
CA CYS A 203 -15.25 -3.75 -1.76
C CYS A 203 -14.90 -5.06 -2.46
N ARG A 204 -13.72 -5.58 -2.15
CA ARG A 204 -13.23 -6.79 -2.79
C ARG A 204 -14.01 -8.00 -2.31
N LYS A 205 -14.44 -8.85 -3.24
CA LYS A 205 -15.05 -10.12 -2.88
C LYS A 205 -13.94 -11.06 -2.44
N VAL A 206 -13.83 -11.28 -1.12
CA VAL A 206 -12.75 -12.06 -0.54
C VAL A 206 -13.18 -13.49 -0.23
N GLY A 207 -14.41 -13.86 -0.55
CA GLY A 207 -14.87 -15.20 -0.26
C GLY A 207 -16.19 -15.48 -0.95
N ALA A 208 -16.44 -16.77 -1.16
CA ALA A 208 -17.70 -17.24 -1.71
C ALA A 208 -18.05 -18.54 -1.01
N ASN A 209 -19.34 -18.88 -1.02
CA ASN A 209 -19.83 -20.05 -0.31
C ASN A 209 -19.39 -20.00 1.15
N ASP A 210 -19.36 -18.79 1.71
CA ASP A 210 -18.91 -18.56 3.09
C ASP A 210 -17.50 -19.10 3.31
N THR A 211 -16.67 -19.08 2.28
CA THR A 211 -15.30 -19.55 2.36
C THR A 211 -14.37 -18.50 1.77
N LEU A 212 -13.32 -18.15 2.51
CA LEU A 212 -12.39 -17.14 2.05
C LEU A 212 -11.44 -17.71 1.01
N PHE A 213 -11.00 -16.85 0.10
CA PHE A 213 -10.09 -17.24 -0.96
C PHE A 213 -8.64 -17.22 -0.46
N ARG A 214 -7.88 -18.24 -0.86
CA ARG A 214 -6.51 -18.36 -0.36
C ARG A 214 -5.66 -17.18 -0.79
N ASP A 215 -5.76 -16.76 -2.05
CA ASP A 215 -4.96 -15.63 -2.51
C ASP A 215 -5.24 -14.38 -1.71
N TRP A 216 -6.45 -14.25 -1.15
CA TRP A 216 -6.76 -13.11 -0.30
C TRP A 216 -6.11 -13.26 1.07
N LEU A 217 -6.12 -14.48 1.63
CA LEU A 217 -5.52 -14.69 2.95
C LEU A 217 -4.02 -14.46 2.91
N HIS A 218 -3.34 -15.03 1.91
CA HIS A 218 -1.91 -14.81 1.78
C HIS A 218 -1.60 -13.34 1.55
N GLU A 219 -2.35 -12.69 0.67
CA GLU A 219 -2.08 -11.30 0.34
C GLU A 219 -2.28 -10.39 1.54
N SER A 220 -3.19 -10.75 2.45
CA SER A 220 -3.48 -9.91 3.61
C SER A 220 -2.40 -10.01 4.67
N GLN A 221 -1.74 -11.16 4.78
CA GLN A 221 -0.70 -11.35 5.78
C GLN A 221 0.58 -10.60 5.45
N ARG A 222 0.61 -9.87 4.33
CA ARG A 222 1.75 -9.03 3.97
C ARG A 222 1.50 -7.56 4.28
N MSE A 223 0.26 -7.18 4.61
CA MSE A 223 -0.06 -5.80 4.96
C MSE A 223 0.22 -5.53 6.43
O MSE A 223 0.24 -4.37 6.87
CB MSE A 223 -1.53 -5.52 4.67
CG MSE A 223 -1.92 -5.58 3.20
SE MSE A 223 -3.85 -5.65 2.95
CE MSE A 223 -4.38 -4.26 4.23
H MSE A 223 -0.41 -7.70 4.62
HA MSE A 223 0.47 -5.21 4.43
HB2 MSE A 223 -2.07 -6.16 5.14
HB3 MSE A 223 -1.75 -4.62 4.98
HG2 MSE A 223 -1.58 -4.79 2.74
HG3 MSE A 223 -1.54 -6.39 2.81
HE1 MSE A 223 -5.34 -4.16 4.21
HE2 MSE A 223 -4.07 -4.51 5.10
HE3 MSE A 223 -3.96 -3.42 3.96
N VAL A 224 0.42 -6.60 7.21
CA VAL A 224 0.44 -6.52 8.66
C VAL A 224 1.81 -6.92 9.19
N ARG A 225 2.15 -6.40 10.37
CA ARG A 225 3.43 -6.73 11.00
C ARG A 225 3.37 -8.06 11.73
N THR A 226 2.32 -8.27 12.53
CA THR A 226 2.07 -9.56 13.16
C THR A 226 0.79 -10.15 12.60
N THR A 227 0.78 -11.47 12.41
CA THR A 227 -0.34 -12.10 11.73
C THR A 227 -1.55 -12.28 12.65
N ARG A 228 -1.32 -12.45 13.95
CA ARG A 228 -2.39 -12.82 14.87
C ARG A 228 -3.57 -11.86 14.76
N TYR A 229 -3.34 -10.58 15.02
CA TYR A 229 -4.44 -9.64 15.17
C TYR A 229 -5.29 -9.58 13.90
N TRP A 230 -4.67 -9.60 12.73
CA TRP A 230 -5.43 -9.51 11.50
C TRP A 230 -6.34 -10.72 11.31
N MSE A 231 -5.85 -11.91 11.65
CA MSE A 231 -6.58 -13.14 11.37
C MSE A 231 -7.74 -13.34 12.34
O MSE A 231 -8.82 -13.79 11.92
CB MSE A 231 -5.63 -14.33 11.44
CG MSE A 231 -4.49 -14.26 10.43
SE MSE A 231 -3.28 -15.77 10.54
CE MSE A 231 -4.46 -17.15 9.84
H MSE A 231 -5.09 -12.03 12.05
HA MSE A 231 -6.93 -13.09 10.47
HB2 MSE A 231 -5.24 -14.38 12.33
HB3 MSE A 231 -6.14 -15.15 11.26
HG2 MSE A 231 -4.86 -14.23 9.54
HG3 MSE A 231 -3.99 -13.44 10.60
HE1 MSE A 231 -3.98 -18.00 9.83
HE2 MSE A 231 -5.23 -17.22 10.42
HE3 MSE A 231 -4.74 -16.92 8.94
N LEU A 232 -7.55 -13.01 13.61
CA LEU A 232 -8.64 -13.13 14.56
C LEU A 232 -9.71 -12.08 14.31
N ASP A 233 -9.30 -10.87 13.92
CA ASP A 233 -10.26 -9.81 13.64
C ASP A 233 -11.18 -10.19 12.48
N GLU A 234 -10.62 -10.81 11.44
CA GLU A 234 -11.45 -11.24 10.32
C GLU A 234 -12.38 -12.36 10.73
N ARG A 235 -11.86 -13.36 11.45
CA ARG A 235 -12.72 -14.41 11.98
C ARG A 235 -13.80 -13.84 12.88
N THR A 236 -13.49 -12.77 13.61
CA THR A 236 -14.48 -12.11 14.45
C THR A 236 -15.55 -11.44 13.58
N ARG A 237 -15.13 -10.61 12.62
CA ARG A 237 -16.09 -9.90 11.78
C ARG A 237 -17.03 -10.87 11.08
N ILE A 238 -16.47 -11.92 10.47
CA ILE A 238 -17.29 -12.87 9.73
C ILE A 238 -18.25 -13.59 10.67
N ALA A 239 -17.73 -14.05 11.81
CA ALA A 239 -18.59 -14.75 12.77
C ALA A 239 -19.78 -13.90 13.17
N GLY A 240 -19.55 -12.60 13.40
CA GLY A 240 -20.64 -11.72 13.77
C GLY A 240 -21.59 -11.47 12.61
N CYS A 241 -21.06 -11.27 11.42
CA CYS A 241 -21.92 -11.08 10.24
C CYS A 241 -22.84 -12.27 10.04
N HIS A 242 -22.27 -13.48 10.12
CA HIS A 242 -23.09 -14.68 9.91
C HIS A 242 -24.10 -14.86 11.02
N MSE A 243 -23.78 -14.46 12.24
CA MSE A 243 -24.74 -14.54 13.34
C MSE A 243 -25.92 -13.62 13.06
O MSE A 243 -27.07 -14.00 13.28
CB MSE A 243 -24.08 -14.18 14.67
CG MSE A 243 -23.25 -15.30 15.25
SE MSE A 243 -22.59 -14.82 17.02
CE MSE A 243 -20.69 -15.10 16.72
H MSE A 243 -23.02 -14.12 12.46
HA MSE A 243 -25.06 -15.45 13.40
HB2 MSE A 243 -23.49 -13.42 14.53
HB3 MSE A 243 -24.76 -13.95 15.30
HG2 MSE A 243 -23.80 -16.09 15.34
HG3 MSE A 243 -22.49 -15.47 14.68
HE1 MSE A 243 -20.20 -14.91 17.53
HE2 MSE A 243 -20.54 -16.03 16.46
HE3 MSE A 243 -20.40 -14.51 16.01
N ILE A 244 -25.63 -12.41 12.58
CA ILE A 244 -26.69 -11.47 12.27
C ILE A 244 -27.47 -11.94 11.05
N ARG A 245 -26.80 -12.57 10.08
CA ARG A 245 -27.52 -13.15 8.95
C ARG A 245 -28.51 -14.21 9.42
N LYS A 246 -28.07 -15.10 10.32
CA LYS A 246 -28.96 -16.10 10.87
C LYS A 246 -30.10 -15.46 11.65
N LEU A 247 -29.78 -14.40 12.41
CA LEU A 247 -30.82 -13.69 13.17
C LEU A 247 -31.93 -13.22 12.25
N VAL A 248 -31.59 -12.51 11.17
CA VAL A 248 -32.60 -12.01 10.25
C VAL A 248 -33.40 -13.17 9.66
N GLU A 249 -32.71 -14.20 9.18
CA GLU A 249 -33.40 -15.35 8.63
C GLU A 249 -34.37 -15.96 9.64
N GLU A 250 -33.98 -15.98 10.91
CA GLU A 250 -34.85 -16.53 11.94
C GLU A 250 -36.02 -15.60 12.22
N VAL A 251 -35.76 -14.31 12.37
CA VAL A 251 -36.84 -13.35 12.62
C VAL A 251 -37.82 -13.36 11.46
N VAL A 252 -37.31 -13.19 10.24
CA VAL A 252 -38.17 -13.20 9.06
C VAL A 252 -39.03 -14.46 9.04
N ALA A 253 -38.43 -15.60 9.39
CA ALA A 253 -39.16 -16.87 9.32
C ALA A 253 -40.31 -16.91 10.32
N GLU A 254 -40.11 -16.35 11.51
CA GLU A 254 -41.12 -16.41 12.57
C GLU A 254 -42.16 -15.31 12.44
N GLU A 255 -41.75 -14.10 12.09
CA GLU A 255 -42.65 -12.96 12.00
C GLU A 255 -43.04 -12.62 10.56
N GLY A 256 -42.52 -13.35 9.58
CA GLY A 256 -42.92 -13.14 8.20
C GLY A 256 -42.09 -12.08 7.52
N ILE A 257 -41.87 -12.29 6.22
CA ILE A 257 -41.07 -11.34 5.44
C ILE A 257 -41.87 -10.10 5.12
N GLU A 258 -43.20 -10.21 4.99
CA GLU A 258 -44.02 -9.03 4.76
C GLU A 258 -43.80 -7.99 5.85
N ALA A 259 -43.83 -8.43 7.11
CA ALA A 259 -43.65 -7.50 8.22
C ALA A 259 -42.24 -6.95 8.26
N TYR A 260 -41.24 -7.79 7.95
CA TYR A 260 -39.86 -7.32 7.98
C TYR A 260 -39.58 -6.37 6.83
N TRP A 261 -40.13 -6.64 5.65
CA TRP A 261 -39.88 -5.78 4.50
C TRP A 261 -40.46 -4.39 4.70
N LYS A 262 -41.52 -4.28 5.50
CA LYS A 262 -42.02 -2.96 5.89
C LYS A 262 -41.13 -2.32 6.94
N PHE A 263 -40.70 -3.10 7.93
CA PHE A 263 -39.87 -2.56 9.00
C PHE A 263 -38.55 -2.02 8.45
N ALA A 264 -38.01 -2.68 7.43
CA ALA A 264 -36.70 -2.32 6.93
C ALA A 264 -36.66 -0.94 6.28
N TYR A 265 -37.77 -0.21 6.21
CA TYR A 265 -37.74 1.14 5.67
C TYR A 265 -38.47 2.09 6.60
N GLU A 266 -39.52 1.61 7.27
CA GLU A 266 -40.18 2.43 8.26
C GLU A 266 -39.22 2.79 9.39
N ALA A 267 -38.33 1.86 9.75
CA ALA A 267 -37.40 2.10 10.84
C ALA A 267 -36.49 3.29 10.55
N VAL A 268 -36.15 3.52 9.28
CA VAL A 268 -35.30 4.65 8.94
C VAL A 268 -36.08 5.95 9.09
N GLU A 269 -37.17 6.09 8.34
CA GLU A 269 -38.04 7.26 8.51
C GLU A 269 -38.37 7.47 9.98
N HIS A 270 -38.55 6.39 10.72
CA HIS A 270 -38.78 6.48 12.16
C HIS A 270 -37.66 7.26 12.84
N GLY A 271 -36.41 6.95 12.47
CA GLY A 271 -35.28 7.64 13.09
C GLY A 271 -35.28 9.13 12.76
N ARG A 272 -35.63 9.48 11.52
CA ARG A 272 -35.71 10.89 11.16
C ARG A 272 -36.71 11.62 12.04
N LEU A 273 -37.91 11.07 12.17
CA LEU A 273 -38.92 11.68 13.02
C LEU A 273 -38.43 11.80 14.46
N GLY A 274 -37.68 10.80 14.93
CA GLY A 274 -37.18 10.84 16.30
C GLY A 274 -36.25 12.00 16.56
N LEU A 275 -35.31 12.24 15.63
CA LEU A 275 -34.40 13.37 15.76
C LEU A 275 -35.16 14.69 15.68
N GLN A 276 -36.16 14.76 14.81
CA GLN A 276 -36.97 15.97 14.71
C GLN A 276 -37.67 16.28 16.03
N ALA A 277 -38.23 15.26 16.67
CA ALA A 277 -38.90 15.48 17.95
C ALA A 277 -37.91 15.91 19.02
N ARG A 278 -36.72 15.31 19.05
CA ARG A 278 -35.74 15.68 20.05
C ARG A 278 -35.29 17.13 19.87
N ILE A 279 -35.04 17.54 18.64
CA ILE A 279 -34.63 18.93 18.38
C ILE A 279 -35.71 19.89 18.84
N LYS A 280 -36.96 19.60 18.50
CA LYS A 280 -38.05 20.50 18.87
C LYS A 280 -38.33 20.50 20.36
N ALA A 281 -37.95 19.44 21.07
CA ALA A 281 -38.20 19.37 22.51
C ALA A 281 -37.05 19.94 23.34
N MSE A 282 -35.84 19.99 22.81
CA MSE A 282 -34.66 20.30 23.61
C MSE A 282 -33.96 21.60 23.23
O MSE A 282 -33.29 22.20 24.07
CB MSE A 282 -33.66 19.16 23.53
CG MSE A 282 -34.19 17.83 24.02
SE MSE A 282 -32.81 16.47 24.01
CE MSE A 282 -31.59 17.27 25.31
H MSE A 282 -35.66 19.83 21.97
HA MSE A 282 -34.95 20.37 24.54
HB2 MSE A 282 -33.40 19.05 22.60
HB3 MSE A 282 -32.88 19.39 24.08
HG2 MSE A 282 -34.51 17.93 24.93
HG3 MSE A 282 -34.91 17.53 23.44
HE1 MSE A 282 -30.83 16.69 25.42
HE2 MSE A 282 -31.30 18.14 24.99
HE3 MSE A 282 -32.05 17.37 26.16
N THR A 283 -34.09 22.02 21.99
CA THR A 283 -33.27 23.13 21.48
C THR A 283 -34.13 24.37 21.25
N ILE A 284 -33.59 25.32 20.49
CA ILE A 284 -34.28 26.56 20.14
C ILE A 284 -34.00 26.82 18.67
N PRO A 285 -34.98 27.24 17.87
CA PRO A 285 -34.68 27.57 16.48
C PRO A 285 -33.84 28.84 16.40
N GLY A 286 -32.99 28.88 15.39
CA GLY A 286 -32.14 30.03 15.16
C GLY A 286 -30.83 29.61 14.52
N THR A 287 -29.93 30.59 14.43
CA THR A 287 -28.61 30.39 13.85
C THR A 287 -27.57 30.46 14.95
N TYR A 288 -26.73 29.44 15.05
CA TYR A 288 -25.64 29.39 16.00
C TYR A 288 -24.32 29.42 15.24
N ARG A 289 -23.37 30.24 15.73
CA ARG A 289 -22.09 30.43 15.06
C ARG A 289 -20.97 30.11 16.04
N GLN A 290 -20.08 29.21 15.63
CA GLN A 290 -18.95 28.81 16.46
C GLN A 290 -17.80 28.42 15.54
N VAL A 291 -16.62 28.26 16.12
CA VAL A 291 -15.41 27.97 15.35
C VAL A 291 -14.41 27.24 16.24
N GLY A 292 -13.58 26.41 15.62
CA GLY A 292 -12.52 25.71 16.32
C GLY A 292 -11.24 25.71 15.52
N PHE A 293 -10.14 25.52 16.23
CA PHE A 293 -8.80 25.57 15.63
C PHE A 293 -7.93 24.49 16.24
N VAL A 294 -6.88 24.12 15.50
CA VAL A 294 -5.82 23.27 16.02
C VAL A 294 -4.58 23.50 15.16
N ASP A 295 -3.41 23.19 15.72
CA ASP A 295 -2.14 23.54 15.10
C ASP A 295 -1.50 22.33 14.44
N VAL A 296 -0.89 22.58 13.27
CA VAL A 296 -0.06 21.59 12.59
C VAL A 296 1.34 22.18 12.50
N PRO A 297 2.22 21.95 13.52
CA PRO A 297 3.54 22.61 13.54
C PRO A 297 4.62 21.80 12.82
N TYR A 298 4.49 21.69 11.50
CA TYR A 298 5.38 20.87 10.71
C TYR A 298 6.65 21.58 10.27
N ALA A 299 6.86 22.82 10.70
CA ALA A 299 8.12 23.50 10.40
C ALA A 299 9.23 23.12 11.36
N HIS A 300 8.89 22.46 12.47
CA HIS A 300 9.89 22.08 13.47
C HIS A 300 10.76 20.94 12.94
N GLU A 301 12.03 20.97 13.33
CA GLU A 301 12.97 19.98 12.82
C GLU A 301 12.62 18.57 13.28
N ASP A 302 12.02 18.42 14.45
CA ASP A 302 11.64 17.10 14.94
C ASP A 302 10.43 16.53 14.24
N VAL A 303 9.88 17.22 13.24
CA VAL A 303 8.91 16.64 12.33
C VAL A 303 9.64 16.28 11.04
N ARG A 304 10.36 15.17 11.06
CA ARG A 304 11.16 14.76 9.91
C ARG A 304 10.25 14.30 8.78
N VAL A 305 9.88 15.22 7.91
CA VAL A 305 8.99 14.93 6.81
C VAL A 305 9.80 14.87 5.51
N PRO A 306 9.57 13.88 4.64
CA PRO A 306 10.42 13.74 3.46
C PRO A 306 10.20 14.80 2.39
N SER A 307 9.05 15.48 2.38
CA SER A 307 8.74 16.49 1.38
C SER A 307 8.99 17.87 1.95
N ASP A 308 9.88 18.64 1.31
CA ASP A 308 10.20 19.96 1.80
C ASP A 308 9.07 20.96 1.57
N PHE A 309 8.17 20.69 0.63
CA PHE A 309 7.03 21.56 0.42
C PHE A 309 5.94 21.36 1.47
N ALA A 310 6.03 20.29 2.27
CA ALA A 310 5.13 20.07 3.39
C ALA A 310 5.73 20.56 4.71
N LYS A 311 6.82 21.29 4.66
CA LYS A 311 7.56 21.69 5.85
C LYS A 311 7.21 23.12 6.23
N LEU A 312 5.99 23.30 6.73
CA LEU A 312 5.54 24.61 7.19
C LEU A 312 4.54 24.44 8.32
N ASP A 313 4.32 25.54 9.05
CA ASP A 313 3.35 25.60 10.12
C ASP A 313 2.00 26.04 9.57
N THR A 314 0.95 25.28 9.88
CA THR A 314 -0.40 25.62 9.45
C THR A 314 -1.36 25.45 10.61
N ILE A 315 -2.53 26.07 10.47
CA ILE A 315 -3.59 26.03 11.47
C ILE A 315 -4.85 25.50 10.80
N MSE A 316 -5.54 24.60 11.49
CA MSE A 316 -6.83 24.14 11.02
C MSE A 316 -7.89 25.19 11.34
O MSE A 316 -7.88 25.76 12.43
CB MSE A 316 -7.22 22.81 11.64
CG MSE A 316 -8.51 22.20 11.08
SE MSE A 316 -9.64 21.36 12.42
CE MSE A 316 -9.93 22.88 13.59
H MSE A 316 -5.29 24.24 12.23
HA MSE A 316 -6.80 24.02 10.06
HB2 MSE A 316 -6.51 22.17 11.50
HB3 MSE A 316 -7.35 22.94 12.60
HG2 MSE A 316 -9.02 22.91 10.66
HG3 MSE A 316 -8.26 21.53 10.42
HE1 MSE A 316 -10.51 22.60 14.33
HE2 MSE A 316 -9.08 23.19 13.93
HE3 MSE A 316 -10.37 23.58 13.09
N HIS A 317 -8.78 25.43 10.40
CA HIS A 317 -9.88 26.36 10.56
C HIS A 317 -11.18 25.61 10.33
N ALA A 318 -12.00 25.50 11.38
CA ALA A 318 -13.25 24.75 11.31
C ALA A 318 -14.38 25.61 11.85
N PRO A 319 -14.82 26.60 11.07
CA PRO A 319 -16.02 27.35 11.44
C PRO A 319 -17.27 26.57 11.06
N CYS A 320 -18.33 26.79 11.84
CA CYS A 320 -19.60 26.11 11.60
C CYS A 320 -20.75 27.07 11.86
N GLU A 321 -21.60 27.24 10.86
CA GLU A 321 -22.86 27.95 11.02
C GLU A 321 -23.96 26.91 11.22
N MSE A 322 -24.56 26.90 12.38
CA MSE A 322 -25.57 25.92 12.75
C MSE A 322 -26.95 26.56 12.70
O MSE A 322 -27.19 27.56 13.36
CB MSE A 322 -25.27 25.36 14.13
CG MSE A 322 -25.95 24.05 14.44
SE MSE A 322 -25.80 23.67 16.35
CE MSE A 322 -27.34 22.53 16.51
H MSE A 322 -24.41 27.48 13.01
HA MSE A 322 -25.54 25.19 12.10
HB2 MSE A 322 -24.32 25.22 14.21
HB3 MSE A 322 -25.57 26.01 14.80
HG2 MSE A 322 -26.89 24.10 14.22
HG3 MSE A 322 -25.51 23.34 13.96
HE1 MSE A 322 -27.42 22.24 17.43
HE2 MSE A 322 -28.12 23.03 16.24
HE3 MSE A 322 -27.22 21.76 15.92
N THR A 323 -27.86 25.97 11.92
CA THR A 323 -29.19 26.52 11.74
C THR A 323 -30.21 25.46 12.13
N ILE A 324 -31.03 25.76 13.14
CA ILE A 324 -32.15 24.91 13.54
C ILE A 324 -33.42 25.58 13.06
N ARG A 325 -34.20 24.86 12.25
CA ARG A 325 -35.41 25.41 11.66
C ARG A 325 -36.62 25.09 12.53
N ARG A 326 -37.72 25.80 12.26
CA ARG A 326 -38.93 25.63 13.05
C ARG A 326 -39.54 24.25 12.86
N ASP A 327 -39.32 23.62 11.71
CA ASP A 327 -39.88 22.31 11.44
C ASP A 327 -39.09 21.18 12.08
N GLY A 328 -37.98 21.49 12.73
CA GLY A 328 -37.16 20.49 13.39
C GLY A 328 -35.98 20.02 12.58
N THR A 329 -35.89 20.42 11.30
CA THR A 329 -34.69 20.15 10.52
C THR A 329 -33.59 21.11 10.93
N TRP A 330 -32.34 20.68 10.75
CA TRP A 330 -31.21 21.51 11.11
C TRP A 330 -30.11 21.36 10.07
N ARG A 331 -29.18 22.31 10.09
CA ARG A 331 -28.17 22.45 9.05
C ARG A 331 -26.81 22.71 9.69
N LEU A 332 -25.79 22.07 9.15
CA LEU A 332 -24.41 22.22 9.64
C LEU A 332 -23.54 22.65 8.46
N ASP A 333 -23.26 23.94 8.38
CA ASP A 333 -22.54 24.52 7.26
C ASP A 333 -21.13 24.90 7.71
N PHE A 334 -20.12 24.30 7.08
CA PHE A 334 -18.73 24.55 7.42
C PHE A 334 -18.03 25.43 6.38
N GLU A 335 -18.79 26.31 5.73
CA GLU A 335 -18.19 27.32 4.86
C GLU A 335 -17.10 28.07 5.59
N GLY A 336 -16.02 28.36 4.89
CA GLY A 336 -14.90 29.08 5.45
C GLY A 336 -13.78 28.21 6.00
N SER A 337 -13.95 26.89 5.98
CA SER A 337 -12.94 26.00 6.51
C SER A 337 -11.67 26.06 5.67
N SER A 338 -10.57 25.65 6.27
CA SER A 338 -9.26 25.71 5.63
C SER A 338 -9.10 24.55 4.65
N ARG A 339 -8.06 24.65 3.83
CA ARG A 339 -7.78 23.66 2.81
C ARG A 339 -7.07 22.46 3.41
N TRP A 340 -7.20 21.32 2.73
CA TRP A 340 -6.43 20.15 3.09
C TRP A 340 -4.94 20.47 3.01
N GLY A 341 -4.15 19.78 3.82
CA GLY A 341 -2.74 20.05 3.92
C GLY A 341 -1.90 18.79 3.71
N TRP A 342 -0.59 18.99 3.66
CA TRP A 342 0.37 17.90 3.50
C TRP A 342 0.61 17.27 4.88
N HIS A 343 -0.33 16.46 5.30
CA HIS A 343 -0.26 15.78 6.59
C HIS A 343 -1.30 14.67 6.60
N THR A 344 -1.43 14.00 7.74
CA THR A 344 -2.33 12.87 7.90
C THR A 344 -3.56 13.22 8.73
N TYR A 345 -3.92 14.49 8.79
CA TYR A 345 -5.01 14.97 9.63
C TYR A 345 -6.25 15.36 8.82
N ASN A 346 -6.23 15.16 7.50
CA ASN A 346 -7.39 15.45 6.68
C ASN A 346 -8.45 14.35 6.86
N ALA A 347 -9.66 14.66 6.47
CA ALA A 347 -10.79 13.76 6.66
C ALA A 347 -11.61 13.66 5.39
N HIS A 348 -12.22 12.50 5.20
CA HIS A 348 -13.17 12.29 4.12
C HIS A 348 -14.54 12.80 4.54
N GLN A 349 -15.34 13.22 3.56
CA GLN A 349 -16.68 13.72 3.89
C GLN A 349 -17.50 12.65 4.59
N VAL A 350 -17.35 11.39 4.15
CA VAL A 350 -18.05 10.29 4.79
C VAL A 350 -17.55 10.09 6.21
N SER A 351 -16.24 10.21 6.42
CA SER A 351 -15.69 10.06 7.75
C SER A 351 -16.17 11.17 8.67
N PHE A 352 -16.27 12.40 8.15
CA PHE A 352 -16.69 13.53 8.97
C PHE A 352 -18.15 13.41 9.38
N THR A 353 -19.01 12.99 8.45
CA THR A 353 -20.44 12.90 8.72
C THR A 353 -20.85 11.59 9.35
N SER A 354 -20.11 10.50 9.08
CA SER A 354 -20.42 9.22 9.69
C SER A 354 -20.00 9.18 11.16
N GLY A 355 -18.88 9.82 11.47
CA GLY A 355 -18.36 9.80 12.82
C GLY A 355 -18.77 10.94 13.71
N ILE A 356 -19.48 11.93 13.17
CA ILE A 356 -19.93 13.03 14.00
C ILE A 356 -21.02 12.58 14.96
N TRP A 357 -21.69 11.48 14.66
CA TRP A 357 -22.80 11.00 15.50
C TRP A 357 -22.32 10.33 16.78
N VAL A 358 -21.00 10.19 16.97
CA VAL A 358 -20.48 9.68 18.23
C VAL A 358 -20.62 10.72 19.32
N MSE A 359 -20.74 11.99 18.96
CA MSE A 359 -20.88 13.05 19.94
C MSE A 359 -22.34 13.46 20.06
O MSE A 359 -22.79 13.87 21.12
CB MSE A 359 -20.01 14.25 19.52
CG MSE A 359 -20.54 15.04 18.37
SE MSE A 359 -21.32 16.71 18.99
CE MSE A 359 -19.66 17.64 19.33
H MSE A 359 -20.75 12.25 18.15
HA MSE A 359 -20.56 12.74 20.80
HB2 MSE A 359 -19.94 14.85 20.29
HB3 MSE A 359 -19.13 13.92 19.29
HG2 MSE A 359 -19.82 15.25 17.75
HG3 MSE A 359 -21.23 14.53 17.91
HE1 MSE A 359 -19.87 18.53 19.66
HE2 MSE A 359 -19.16 17.16 19.99
HE3 MSE A 359 -19.16 17.71 18.50
N MSE A 360 -23.08 13.33 18.97
CA MSE A 360 -24.50 13.66 18.96
C MSE A 360 -25.27 12.68 19.83
O MSE A 360 -26.24 13.05 20.49
CB MSE A 360 -25.06 13.67 17.53
CG MSE A 360 -24.47 14.75 16.65
SE MSE A 360 -24.74 16.54 17.37
CE MSE A 360 -24.04 17.58 15.88
H MSE A 360 -22.78 13.04 18.21
HA MSE A 360 -24.61 14.55 19.33
HB2 MSE A 360 -24.87 12.82 17.12
HB3 MSE A 360 -26.01 13.81 17.58
HG2 MSE A 360 -23.52 14.61 16.56
HG3 MSE A 360 -24.89 14.71 15.78
HE1 MSE A 360 -24.11 18.52 16.09
HE2 MSE A 360 -23.11 17.34 15.73
HE3 MSE A 360 -24.56 17.38 15.07
N THR A 361 -24.83 11.42 19.82
CA THR A 361 -25.43 10.41 20.68
C THR A 361 -24.98 10.55 22.13
N GLN A 362 -24.23 11.60 22.46
CA GLN A 362 -23.84 11.87 23.83
C GLN A 362 -24.60 13.05 24.44
N THR A 363 -25.40 13.77 23.66
CA THR A 363 -26.11 14.94 24.17
C THR A 363 -27.51 15.06 23.60
N LEU A 364 -27.63 15.02 22.27
CA LEU A 364 -28.90 15.30 21.62
C LEU A 364 -29.76 14.06 21.46
N ILE A 365 -29.19 12.98 20.95
CA ILE A 365 -29.97 11.78 20.64
C ILE A 365 -29.26 10.55 21.22
N PRO A 366 -29.14 10.45 22.54
CA PRO A 366 -28.59 9.22 23.15
C PRO A 366 -29.65 8.13 23.28
N SER A 367 -29.85 7.38 22.19
CA SER A 367 -30.76 6.25 22.20
C SER A 367 -30.08 5.07 21.50
N GLU A 368 -30.59 3.88 21.79
CA GLU A 368 -30.15 2.67 21.12
C GLU A 368 -30.88 2.45 19.80
N MSE A 369 -31.76 3.36 19.41
CA MSE A 369 -32.52 3.25 18.17
C MSE A 369 -31.85 3.98 17.02
O MSE A 369 -32.36 3.98 15.90
CB MSE A 369 -33.93 3.82 18.37
CG MSE A 369 -34.79 2.95 19.27
SE MSE A 369 -36.64 3.41 19.38
CE MSE A 369 -36.48 4.81 20.68
H MSE A 369 -31.94 4.07 19.87
HA MSE A 369 -32.62 2.31 17.94
HB2 MSE A 369 -33.87 4.69 18.78
HB3 MSE A 369 -34.37 3.88 17.52
HG2 MSE A 369 -34.74 2.04 18.95
HG3 MSE A 369 -34.43 3.00 20.17
HE1 MSE A 369 -37.36 5.17 20.87
HE2 MSE A 369 -36.09 4.44 21.49
HE3 MSE A 369 -35.89 5.50 20.33
N ILE A 370 -30.71 4.60 17.30
CA ILE A 370 -30.05 5.46 16.33
C ILE A 370 -29.78 4.68 15.04
N ASN A 371 -30.02 5.33 13.91
CA ASN A 371 -29.74 4.75 12.61
C ASN A 371 -29.64 5.90 11.60
N ASP A 372 -29.71 5.57 10.31
CA ASP A 372 -29.53 6.58 9.27
C ASP A 372 -30.68 7.59 9.20
N GLY A 373 -31.79 7.34 9.89
CA GLY A 373 -32.84 8.33 9.94
C GLY A 373 -32.33 9.68 10.43
N ALA A 374 -31.40 9.66 11.40
CA ALA A 374 -30.80 10.88 11.88
C ALA A 374 -30.03 11.59 10.77
N ALA A 375 -29.40 10.84 9.88
CA ALA A 375 -28.69 11.44 8.76
C ALA A 375 -29.66 12.13 7.81
N TYR A 376 -30.73 11.44 7.42
CA TYR A 376 -31.75 12.05 6.57
C TYR A 376 -32.48 13.17 7.27
N GLY A 377 -32.28 13.35 8.57
CA GLY A 377 -32.79 14.49 9.29
C GLY A 377 -31.80 15.61 9.48
N THR A 378 -30.58 15.44 9.00
CA THR A 378 -29.53 16.44 9.15
C THR A 378 -29.02 16.85 7.77
N GLU A 379 -28.72 18.14 7.61
CA GLU A 379 -28.14 18.68 6.39
C GLU A 379 -26.69 19.07 6.68
N PHE A 380 -25.77 18.52 5.89
CA PHE A 380 -24.35 18.83 5.99
C PHE A 380 -23.88 19.59 4.76
N ARG A 381 -23.07 20.63 4.97
CA ARG A 381 -22.40 21.32 3.88
C ARG A 381 -20.91 21.35 4.19
N LEU A 382 -20.13 20.60 3.41
CA LEU A 382 -18.68 20.55 3.56
C LEU A 382 -18.06 21.02 2.24
N PRO A 383 -17.63 22.28 2.14
CA PRO A 383 -17.16 22.78 0.85
C PRO A 383 -16.04 21.93 0.27
N LYS A 384 -16.07 21.74 -1.04
CA LYS A 384 -15.06 20.94 -1.71
C LYS A 384 -13.72 21.66 -1.68
N GLY A 385 -12.66 20.91 -1.38
CA GLY A 385 -11.33 21.44 -1.24
C GLY A 385 -10.89 21.61 0.20
N THR A 386 -11.84 21.65 1.14
CA THR A 386 -11.51 21.78 2.55
C THR A 386 -10.94 20.45 3.09
N TRP A 387 -10.38 20.53 4.29
CA TRP A 387 -9.74 19.36 4.89
C TRP A 387 -10.74 18.25 5.20
N MSE A 388 -12.02 18.56 5.25
CA MSE A 388 -13.06 17.59 5.57
C MSE A 388 -13.72 17.05 4.30
O MSE A 388 -14.46 16.07 4.34
CB MSE A 388 -14.11 18.24 6.46
CG MSE A 388 -14.82 19.38 5.78
SE MSE A 388 -15.79 20.50 6.98
CE MSE A 388 -14.39 21.65 7.57
H MSE A 388 -12.33 19.35 5.10
HA MSE A 388 -12.66 16.85 6.06
HB2 MSE A 388 -14.77 17.57 6.71
HB3 MSE A 388 -13.67 18.58 7.26
HG2 MSE A 388 -14.16 19.92 5.32
HG3 MSE A 388 -15.45 19.01 5.14
HE1 MSE A 388 -14.74 22.30 8.20
HE2 MSE A 388 -13.70 21.12 7.99
HE3 MSE A 388 -14.02 22.12 6.80
N ASN A 389 -13.46 17.72 3.19
CA ASN A 389 -13.91 17.26 1.87
C ASN A 389 -12.85 17.63 0.85
N PRO A 390 -11.65 17.06 0.96
CA PRO A 390 -10.52 17.56 0.14
C PRO A 390 -10.75 17.44 -1.35
N ASP A 391 -11.34 16.35 -1.81
CA ASP A 391 -11.49 16.07 -3.23
C ASP A 391 -10.14 16.17 -3.95
N ASP A 392 -9.21 15.32 -3.51
CA ASP A 392 -7.90 15.20 -4.16
C ASP A 392 -7.33 13.86 -3.74
N ARG A 393 -6.82 13.09 -4.71
CA ARG A 393 -6.40 11.73 -4.42
C ARG A 393 -5.08 11.67 -3.65
N ARG A 394 -4.29 12.73 -3.66
CA ARG A 394 -3.02 12.74 -2.94
C ARG A 394 -3.21 12.78 -1.43
N VAL A 395 -4.37 13.21 -0.94
CA VAL A 395 -4.53 13.53 0.47
C VAL A 395 -4.45 12.26 1.31
N ALA A 396 -3.83 12.37 2.48
CA ALA A 396 -3.76 11.29 3.46
C ALA A 396 -4.76 11.53 4.59
N PHE A 397 -5.16 10.41 5.22
CA PHE A 397 -6.18 10.44 6.26
C PHE A 397 -5.79 9.62 7.49
N SER A 398 -4.52 9.22 7.61
CA SER A 398 -4.13 8.22 8.60
C SER A 398 -4.56 8.61 10.01
N TYR A 399 -4.29 9.86 10.41
CA TYR A 399 -4.58 10.31 11.76
C TYR A 399 -5.57 11.47 11.75
N SER A 400 -6.75 11.27 11.19
CA SER A 400 -7.71 12.35 11.03
C SER A 400 -8.39 12.77 12.33
N TRP A 401 -8.24 11.99 13.41
CA TRP A 401 -8.85 12.40 14.68
C TRP A 401 -8.38 13.78 15.10
N HIS A 402 -7.11 14.10 14.84
CA HIS A 402 -6.55 15.36 15.33
C HIS A 402 -7.35 16.56 14.85
N PHE A 403 -7.92 16.48 13.64
CA PHE A 403 -8.74 17.56 13.13
C PHE A 403 -10.21 17.37 13.47
N LEU A 404 -10.70 16.14 13.51
CA LEU A 404 -12.11 15.91 13.76
C LEU A 404 -12.49 16.32 15.18
N VAL A 405 -11.72 15.88 16.17
CA VAL A 405 -12.05 16.19 17.55
C VAL A 405 -11.96 17.70 17.79
N SER A 406 -11.08 18.38 17.07
CA SER A 406 -10.93 19.82 17.24
C SER A 406 -12.06 20.59 16.57
N ALA A 407 -12.67 20.02 15.54
CA ALA A 407 -13.76 20.66 14.83
C ALA A 407 -15.11 20.39 15.45
N TRP A 408 -15.31 19.20 16.03
CA TRP A 408 -16.59 18.84 16.62
C TRP A 408 -16.81 19.53 17.96
N THR A 409 -15.75 19.79 18.72
CA THR A 409 -15.92 20.35 20.06
C THR A 409 -16.73 21.65 20.03
N ALA A 410 -16.70 22.37 18.92
CA ALA A 410 -17.43 23.63 18.83
C ALA A 410 -18.94 23.40 18.85
N LEU A 411 -19.39 22.23 18.40
CA LEU A 411 -20.83 22.00 18.30
C LEU A 411 -21.47 21.81 19.67
N TRP A 412 -20.76 21.20 20.62
CA TRP A 412 -21.25 21.19 22.00
C TRP A 412 -21.68 22.58 22.42
N ARG A 413 -20.84 23.57 22.16
CA ARG A 413 -21.11 24.93 22.61
C ARG A 413 -22.37 25.49 21.95
N GLY A 414 -22.50 25.29 20.64
CA GLY A 414 -23.70 25.73 19.97
C GLY A 414 -24.96 25.09 20.54
N LEU A 415 -24.98 23.75 20.59
CA LEU A 415 -26.13 23.06 21.15
C LEU A 415 -26.38 23.47 22.60
N SER A 416 -25.32 23.83 23.33
CA SER A 416 -25.48 24.19 24.73
C SER A 416 -26.21 25.52 24.88
N ARG A 417 -26.04 26.45 23.93
CA ARG A 417 -26.76 27.71 24.01
C ARG A 417 -28.26 27.49 23.89
N SER A 418 -28.68 26.47 23.12
CA SER A 418 -30.10 26.16 23.04
C SER A 418 -30.58 25.48 24.31
N TYR A 419 -29.78 24.57 24.86
CA TYR A 419 -30.13 23.95 26.14
C TYR A 419 -30.24 25.00 27.24
N PHE A 420 -29.29 25.93 27.28
CA PHE A 420 -29.26 26.91 28.36
C PHE A 420 -30.39 27.90 28.25
N GLY A 421 -30.74 28.31 27.02
CA GLY A 421 -31.85 29.23 26.86
C GLY A 421 -33.19 28.57 27.16
N ARG A 422 -33.36 27.32 26.75
CA ARG A 422 -34.61 26.61 26.97
C ARG A 422 -34.79 26.24 28.43
N GLY A 423 -33.70 26.06 29.17
CA GLY A 423 -33.76 25.73 30.58
C GLY A 423 -33.25 24.36 30.94
N TYR A 424 -32.72 23.59 29.99
CA TYR A 424 -32.17 22.27 30.28
C TYR A 424 -30.68 22.41 30.55
N LEU A 425 -30.39 23.04 31.69
CA LEU A 425 -29.01 23.26 32.11
C LEU A 425 -28.27 21.96 32.35
N GLU A 426 -28.99 20.85 32.61
CA GLU A 426 -28.31 19.59 32.84
C GLU A 426 -27.64 19.07 31.57
N GLU A 427 -28.14 19.46 30.40
CA GLU A 427 -27.60 19.01 29.13
C GLU A 427 -26.46 19.89 28.62
N VAL A 428 -26.24 21.06 29.22
CA VAL A 428 -25.16 21.93 28.78
C VAL A 428 -23.82 21.21 28.94
N ASN A 429 -22.87 21.53 28.07
CA ASN A 429 -21.52 21.01 28.17
C ASN A 429 -20.63 21.87 27.30
N ALA A 430 -19.53 22.38 27.89
CA ALA A 430 -18.67 23.33 27.20
C ALA A 430 -17.96 22.70 26.00
N GLY A 431 -17.77 21.39 25.99
CA GLY A 431 -17.12 20.74 24.87
C GLY A 431 -16.20 19.61 25.28
N ASN A 432 -15.70 18.88 24.29
CA ASN A 432 -14.80 17.75 24.52
C ASN A 432 -13.35 18.20 24.40
N ALA A 433 -12.51 17.64 25.26
CA ALA A 433 -11.09 17.90 25.17
C ALA A 433 -10.52 17.31 23.89
N ASN A 434 -9.39 17.84 23.47
CA ASN A 434 -8.64 17.21 22.40
C ASN A 434 -8.13 15.86 22.88
N THR A 435 -8.43 14.80 22.14
CA THR A 435 -8.05 13.46 22.53
C THR A 435 -6.55 13.26 22.34
N SER A 436 -5.74 14.11 22.96
CA SER A 436 -4.36 14.24 22.52
C SER A 436 -3.38 13.66 23.54
N ASN A 437 -2.10 13.81 23.20
CA ASN A 437 -1.07 12.82 23.44
C ASN A 437 -1.58 11.43 23.15
N TRP A 438 -1.28 10.97 21.94
CA TRP A 438 -1.52 9.60 21.50
C TRP A 438 -0.17 8.90 21.61
N LEU A 439 0.07 8.24 22.73
CA LEU A 439 1.33 7.56 22.92
C LEU A 439 1.49 6.47 21.87
N GLN A 440 2.55 6.58 21.06
CA GLN A 440 2.83 5.63 20.00
C GLN A 440 4.27 5.16 20.14
N GLY A 441 4.45 3.84 20.18
CA GLY A 441 5.77 3.26 20.27
C GLY A 441 5.93 2.11 19.30
N GLY A 442 7.16 1.89 18.87
CA GLY A 442 7.46 0.82 17.94
C GLY A 442 8.82 0.22 18.24
N GLY A 443 8.98 -1.03 17.82
CA GLY A 443 10.21 -1.76 18.04
C GLY A 443 9.96 -3.15 18.58
N PHE A 444 10.86 -3.62 19.46
CA PHE A 444 10.75 -4.94 20.05
C PHE A 444 10.62 -4.82 21.57
N ASN A 445 9.82 -5.70 22.15
CA ASN A 445 9.36 -5.54 23.52
C ASN A 445 10.16 -6.43 24.48
N GLN A 446 9.73 -6.49 25.73
CA GLN A 446 10.40 -7.29 26.74
C GLN A 446 10.30 -8.78 26.48
N TYR A 447 9.52 -9.20 25.47
CA TYR A 447 9.46 -10.59 25.05
C TYR A 447 10.33 -10.85 23.83
N ASP A 448 11.09 -9.86 23.38
CA ASP A 448 11.88 -9.95 22.15
C ASP A 448 10.99 -10.24 20.95
N GLU A 449 9.77 -9.71 20.98
CA GLU A 449 8.81 -9.85 19.90
C GLU A 449 8.35 -8.48 19.43
N ILE A 450 7.77 -8.45 18.24
CA ILE A 450 7.34 -7.18 17.66
C ILE A 450 6.27 -6.55 18.54
N HIS A 451 6.39 -5.23 18.73
CA HIS A 451 5.44 -4.50 19.55
C HIS A 451 4.23 -4.11 18.73
N ALA A 452 3.04 -4.37 19.28
CA ALA A 452 1.79 -4.07 18.58
C ALA A 452 0.72 -3.45 19.46
N VAL A 453 0.79 -3.55 20.79
CA VAL A 453 -0.25 -3.08 21.68
C VAL A 453 0.29 -1.88 22.45
N ASN A 454 -0.25 -0.70 22.17
CA ASN A 454 0.13 0.52 22.88
C ASN A 454 -0.90 0.84 23.97
N SER A 455 -0.43 1.46 25.04
CA SER A 455 -1.34 1.92 26.08
C SER A 455 -2.26 3.01 25.53
N PHE A 456 -3.54 2.93 25.90
CA PHE A 456 -4.57 3.76 25.31
C PHE A 456 -5.14 4.71 26.36
N GLU A 457 -4.27 5.49 26.99
CA GLU A 457 -4.69 6.37 28.08
C GLU A 457 -5.42 7.61 27.60
N CYS A 458 -5.33 7.95 26.32
CA CYS A 458 -6.11 9.05 25.78
C CYS A 458 -7.58 8.69 25.59
N ALA A 459 -7.99 7.51 26.07
CA ALA A 459 -9.40 7.20 26.19
C ALA A 459 -10.04 7.82 27.41
N ALA A 460 -9.25 8.51 28.25
CA ALA A 460 -9.73 9.07 29.51
C ALA A 460 -9.22 10.51 29.62
N ASN A 461 -9.82 11.40 28.84
CA ASN A 461 -9.52 12.82 28.90
C ASN A 461 -10.51 13.53 29.81
N GLY A 462 -10.25 14.82 30.05
CA GLY A 462 -11.17 15.63 30.82
C GLY A 462 -12.33 16.07 29.95
N THR A 463 -13.52 16.12 30.56
CA THR A 463 -14.72 16.49 29.85
C THR A 463 -15.09 17.94 30.15
N GLY A 464 -15.97 18.48 29.31
CA GLY A 464 -16.35 19.88 29.46
C GLY A 464 -17.23 20.09 30.68
N ALA A 465 -17.03 21.22 31.33
CA ALA A 465 -17.88 21.62 32.44
C ALA A 465 -19.29 21.90 31.95
N THR A 466 -20.27 21.63 32.80
CA THR A 466 -21.66 21.91 32.49
C THR A 466 -22.09 23.19 33.19
N ALA A 467 -23.33 23.61 32.93
CA ALA A 467 -23.88 24.79 33.56
C ALA A 467 -24.35 24.51 34.99
N VAL A 468 -24.05 23.33 35.53
CA VAL A 468 -24.55 22.93 36.85
C VAL A 468 -23.39 22.45 37.72
N GLN A 469 -22.39 21.84 37.11
CA GLN A 469 -21.33 21.21 37.89
C GLN A 469 -20.03 21.16 37.09
N ASP A 470 -18.94 20.89 37.80
CA ASP A 470 -17.64 20.75 37.18
C ASP A 470 -17.66 19.63 36.14
N GLY A 471 -16.71 19.68 35.23
CA GLY A 471 -16.50 18.58 34.31
C GLY A 471 -15.82 17.42 34.99
N LEU A 472 -15.86 16.27 34.32
CA LEU A 472 -15.25 15.06 34.84
C LEU A 472 -13.79 14.99 34.39
N SER A 473 -12.91 14.72 35.34
CA SER A 473 -11.48 14.59 35.06
C SER A 473 -11.15 13.17 34.61
N HIS A 474 -10.22 13.06 33.67
CA HIS A 474 -9.71 11.79 33.18
C HIS A 474 -10.81 10.74 33.09
N ALA A 475 -11.83 11.07 32.30
CA ALA A 475 -13.08 10.31 32.36
C ALA A 475 -13.56 9.81 31.00
N ALA A 476 -13.22 10.48 29.91
CA ALA A 476 -13.79 10.10 28.63
C ALA A 476 -13.02 10.73 27.50
N ALA A 477 -13.26 10.21 26.29
CA ALA A 477 -12.84 10.82 25.04
C ALA A 477 -14.08 11.10 24.21
N ILE A 478 -13.91 11.92 23.16
CA ILE A 478 -15.06 12.28 22.35
C ILE A 478 -15.55 11.07 21.56
N TRP A 479 -14.66 10.20 21.12
CA TRP A 479 -15.06 9.02 20.36
C TRP A 479 -15.36 7.83 21.25
N ASN A 480 -15.45 8.03 22.56
CA ASN A 480 -15.85 6.96 23.46
C ASN A 480 -16.19 7.52 24.83
N PRO A 481 -17.48 7.73 25.16
CA PRO A 481 -17.82 8.24 26.50
C PRO A 481 -17.55 7.24 27.61
N GLU A 482 -17.52 5.94 27.32
CA GLU A 482 -17.24 4.92 28.32
C GLU A 482 -15.73 4.83 28.53
N GLY A 483 -15.19 5.89 29.14
CA GLY A 483 -13.75 6.01 29.25
C GLY A 483 -13.18 5.01 30.23
N ASP A 484 -12.14 4.28 29.80
CA ASP A 484 -11.39 3.39 30.65
C ASP A 484 -9.91 3.67 30.49
N MSE A 485 -9.21 3.72 31.61
CA MSE A 485 -7.83 4.14 31.66
C MSE A 485 -6.88 2.96 31.53
O MSE A 485 -5.73 3.11 31.12
CB MSE A 485 -7.59 4.87 32.97
CG MSE A 485 -6.28 5.59 33.10
SE MSE A 485 -6.17 6.31 34.89
CE MSE A 485 -7.53 7.68 34.77
H MSE A 485 -9.53 3.50 32.38
HA MSE A 485 -7.65 4.76 30.93
HB2 MSE A 485 -8.30 5.53 33.09
HB3 MSE A 485 -7.63 4.23 33.69
HG2 MSE A 485 -5.55 4.97 32.96
HG3 MSE A 485 -6.24 6.33 32.47
HE1 MSE A 485 -7.60 8.14 35.63
HE2 MSE A 485 -7.29 8.31 34.08
HE3 MSE A 485 -8.39 7.27 34.55
N GLY A 486 -7.37 1.78 31.88
CA GLY A 486 -6.56 0.59 31.92
C GLY A 486 -5.72 0.50 33.18
N ASP A 487 -5.32 -0.72 33.52
CA ASP A 487 -4.47 -0.95 34.67
C ASP A 487 -3.01 -0.83 34.26
N MSE A 488 -2.23 -0.14 35.09
CA MSE A 488 -0.81 0.02 34.84
C MSE A 488 -0.12 -1.32 34.73
O MSE A 488 0.80 -1.49 33.92
CB MSE A 488 -0.17 0.84 35.96
CG MSE A 488 -0.57 2.29 35.97
SE MSE A 488 0.33 3.24 37.40
CE MSE A 488 -0.55 2.43 38.92
H MSE A 488 -2.50 0.23 35.81
HA MSE A 488 -0.69 0.52 34.01
HB2 MSE A 488 -0.43 0.44 36.81
HB3 MSE A 488 0.80 0.80 35.86
HG2 MSE A 488 -0.32 2.70 35.14
HG3 MSE A 488 -1.53 2.36 36.12
HE1 MSE A 488 -0.20 2.82 39.73
HE2 MSE A 488 -1.51 2.60 38.86
HE3 MSE A 488 -0.39 1.48 38.91
N GLU A 489 -0.55 -2.29 35.53
CA GLU A 489 0.07 -3.61 35.51
C GLU A 489 -0.25 -4.35 34.23
N ILE A 490 -1.42 -4.12 33.64
CA ILE A 490 -1.74 -4.75 32.36
C ILE A 490 -0.96 -4.10 31.23
N TRP A 491 -0.87 -2.77 31.22
CA TRP A 491 -0.10 -2.09 30.19
C TRP A 491 1.36 -2.50 30.22
N GLU A 492 1.91 -2.74 31.41
CA GLU A 492 3.30 -3.14 31.52
C GLU A 492 3.54 -4.57 31.07
N LEU A 493 2.48 -5.37 30.96
CA LEU A 493 2.60 -6.69 30.36
C LEU A 493 2.60 -6.63 28.85
N ALA A 494 2.18 -5.51 28.27
CA ALA A 494 2.12 -5.33 26.82
C ALA A 494 3.27 -4.49 26.28
N GLU A 495 3.54 -3.34 26.91
CA GLU A 495 4.54 -2.42 26.40
C GLU A 495 5.86 -2.59 27.17
N PRO A 496 7.00 -2.30 26.53
CA PRO A 496 8.28 -2.28 27.24
C PRO A 496 8.51 -0.97 28.01
N LEU A 497 7.50 -0.59 28.79
CA LEU A 497 7.55 0.63 29.58
C LEU A 497 7.14 0.31 31.01
N VAL A 498 7.63 1.11 31.95
CA VAL A 498 7.26 0.99 33.35
C VAL A 498 6.81 2.36 33.85
N TYR A 499 5.77 2.36 34.67
CA TYR A 499 5.20 3.60 35.18
C TYR A 499 6.05 4.13 36.33
N LEU A 500 6.58 5.35 36.16
CA LEU A 500 7.17 6.10 37.27
C LEU A 500 6.21 7.14 37.82
N GLY A 501 5.07 7.33 37.18
CA GLY A 501 4.08 8.28 37.63
C GLY A 501 2.74 8.11 36.95
N ARG A 502 1.68 8.44 37.68
CA ARG A 502 0.33 8.44 37.12
C ARG A 502 -0.47 9.38 38.02
N GLN A 503 -0.85 10.53 37.50
CA GLN A 503 -1.22 11.64 38.36
C GLN A 503 -2.18 12.58 37.64
N ILE A 504 -3.10 13.15 38.41
CA ILE A 504 -4.02 14.15 37.88
C ILE A 504 -3.22 15.35 37.38
N LYS A 505 -3.66 15.93 36.27
CA LYS A 505 -2.93 17.02 35.63
C LYS A 505 -3.42 18.35 36.17
N ALA A 506 -2.65 18.95 37.07
CA ALA A 506 -3.05 20.20 37.69
C ALA A 506 -3.20 21.30 36.65
N SER A 507 -4.25 22.11 36.81
CA SER A 507 -4.48 23.28 35.97
C SER A 507 -4.61 22.92 34.49
N SER A 508 -5.00 21.68 34.20
CA SER A 508 -5.33 21.31 32.83
C SER A 508 -6.79 21.59 32.49
N GLY A 509 -7.67 21.54 33.49
CA GLY A 509 -9.07 21.83 33.24
C GLY A 509 -9.29 23.31 33.01
N GLY A 510 -10.24 23.62 32.13
CA GLY A 510 -10.53 25.02 31.83
C GLY A 510 -11.16 25.71 33.02
N SER A 511 -10.61 26.87 33.38
CA SER A 511 -11.13 27.60 34.52
C SER A 511 -12.52 28.16 34.21
N GLY A 512 -13.34 28.24 35.25
CA GLY A 512 -14.68 28.79 35.10
C GLY A 512 -15.42 28.66 36.42
N LYS A 513 -16.61 29.26 36.44
CA LYS A 513 -17.52 29.07 37.56
C LYS A 513 -17.59 27.59 37.93
N TYR A 514 -17.77 26.74 36.93
CA TYR A 514 -17.61 25.30 37.06
C TYR A 514 -16.41 24.89 36.22
N ARG A 515 -15.44 24.27 36.88
CA ARG A 515 -14.15 23.99 36.24
C ARG A 515 -14.28 22.85 35.25
N GLY A 516 -13.59 22.98 34.12
CA GLY A 516 -13.51 21.87 33.19
C GLY A 516 -12.76 20.70 33.80
N GLY A 517 -13.09 19.50 33.33
CA GLY A 517 -12.41 18.32 33.81
C GLY A 517 -10.93 18.36 33.53
N CYS A 518 -10.11 18.06 34.53
CA CYS A 518 -8.67 18.01 34.34
C CYS A 518 -8.28 16.69 33.70
N GLY A 519 -7.24 16.73 32.89
CA GLY A 519 -6.65 15.53 32.35
C GLY A 519 -5.81 14.83 33.40
N PHE A 520 -5.02 13.87 32.94
CA PHE A 520 -4.02 13.25 33.80
C PHE A 520 -2.77 12.98 32.99
N GLU A 521 -1.72 12.56 33.67
CA GLU A 521 -0.44 12.33 33.03
C GLU A 521 0.22 11.12 33.69
N SER A 522 0.96 10.38 32.88
CA SER A 522 1.76 9.27 33.37
C SER A 522 3.20 9.49 32.91
N LEU A 523 4.14 9.15 33.78
CA LEU A 523 5.55 9.19 33.43
C LEU A 523 6.00 7.77 33.12
N ARG A 524 6.62 7.59 31.96
CA ARG A 524 7.02 6.28 31.48
C ARG A 524 8.54 6.20 31.41
N MSE A 525 9.09 5.07 31.84
CA MSE A 525 10.50 4.79 31.63
C MSE A 525 10.63 3.59 30.71
O MSE A 525 9.95 2.59 30.88
CB MSE A 525 11.20 4.52 32.96
CG MSE A 525 12.71 4.64 32.87
SE MSE A 525 13.62 4.10 34.49
CE MSE A 525 13.40 2.18 34.33
H MSE A 525 8.66 4.45 32.24
HA MSE A 525 10.92 5.56 31.22
HB2 MSE A 525 10.89 5.16 33.62
HB3 MSE A 525 10.99 3.62 33.25
HG2 MSE A 525 13.03 4.08 32.15
HG3 MSE A 525 12.93 5.57 32.70
HE1 MSE A 525 13.81 1.75 35.09
HE2 MSE A 525 12.45 1.98 34.31
HE3 MSE A 525 13.82 1.88 33.51
N VAL A 526 11.52 3.70 29.72
CA VAL A 526 11.73 2.60 28.79
C VAL A 526 12.44 1.47 29.51
N TRP A 527 11.89 0.26 29.41
CA TRP A 527 12.37 -0.88 30.19
C TRP A 527 12.30 -2.13 29.33
N ASN A 528 13.46 -2.70 29.00
CA ASN A 528 13.55 -3.94 28.24
C ASN A 528 13.02 -3.78 26.81
N ALA A 529 13.27 -2.62 26.23
CA ALA A 529 12.95 -2.37 24.83
C ALA A 529 14.19 -2.54 23.96
N LYS A 530 13.95 -2.85 22.69
CA LYS A 530 15.03 -2.97 21.72
C LYS A 530 14.56 -2.37 20.39
N ASP A 531 15.48 -1.69 19.71
CA ASP A 531 15.16 -1.00 18.46
C ASP A 531 13.88 -0.16 18.62
N TRP A 532 13.86 0.62 19.71
CA TRP A 532 12.65 1.26 20.18
C TRP A 532 12.56 2.70 19.67
N THR A 533 11.37 3.11 19.27
CA THR A 533 11.11 4.47 18.86
C THR A 533 9.77 4.92 19.45
N MSE A 534 9.63 6.22 19.62
CA MSE A 534 8.40 6.81 20.13
C MSE A 534 8.20 8.19 19.54
O MSE A 534 9.15 8.83 19.09
CB MSE A 534 8.42 6.91 21.66
CG MSE A 534 8.46 5.57 22.39
SE MSE A 534 8.66 5.79 24.31
CE MSE A 534 6.79 6.09 24.78
H MSE A 534 10.24 6.80 19.45
HA MSE A 534 7.65 6.24 19.88
HB2 MSE A 534 9.22 7.40 21.92
HB3 MSE A 534 7.62 7.37 21.96
HG2 MSE A 534 7.64 5.09 22.22
HG3 MSE A 534 9.22 5.06 22.06
HE1 MSE A 534 6.72 6.21 25.75
HE2 MSE A 534 6.47 6.88 24.32
HE3 MSE A 534 6.27 5.32 24.51
N PHE A 535 6.96 8.67 19.54
CA PHE A 535 6.69 10.05 19.17
C PHE A 535 5.45 10.54 19.90
N PHE A 536 5.27 11.86 19.86
CA PHE A 536 4.13 12.53 20.46
C PHE A 536 3.11 12.90 19.39
N MSE A 537 1.86 13.07 19.83
CA MSE A 537 0.76 13.31 18.91
C MSE A 537 -0.36 14.05 19.61
O MSE A 537 -1.02 13.48 20.49
CB MSE A 537 0.25 11.99 18.34
CG MSE A 537 -1.08 12.06 17.59
SE MSE A 537 -0.91 12.80 15.80
CE MSE A 537 -0.32 11.19 14.88
H MSE A 537 1.64 13.04 20.65
HA MSE A 537 1.08 13.86 18.17
HB2 MSE A 537 0.92 11.65 17.71
HB3 MSE A 537 0.14 11.36 19.07
HG2 MSE A 537 -1.44 11.18 17.51
HG3 MSE A 537 -1.69 12.63 18.10
HE1 MSE A 537 -0.19 11.40 13.94
HE2 MSE A 537 0.51 10.90 15.28
HE3 MSE A 537 -1.00 10.50 14.98
N GLY A 538 -0.59 15.29 19.23
CA GLY A 538 -1.67 16.05 19.83
C GLY A 538 -1.50 17.54 19.60
N ASN A 539 -2.48 18.28 20.08
CA ASN A 539 -2.46 19.73 19.96
C ASN A 539 -1.36 20.31 20.84
N GLY A 540 -0.76 21.41 20.37
CA GLY A 540 0.35 22.01 21.08
C GLY A 540 0.17 23.50 21.31
N HIS A 541 0.34 24.30 20.26
CA HIS A 541 0.24 25.74 20.40
C HIS A 541 -1.19 26.21 20.61
N ILE A 542 -2.18 25.40 20.25
CA ILE A 542 -3.58 25.80 20.26
C ILE A 542 -4.39 24.82 21.08
N SER A 543 -5.32 25.34 21.86
CA SER A 543 -6.36 24.55 22.53
C SER A 543 -7.61 24.58 21.66
N SER A 544 -8.02 23.42 21.16
CA SER A 544 -9.14 23.38 20.23
C SER A 544 -10.45 23.72 20.92
N ASP A 545 -10.66 23.22 22.13
CA ASP A 545 -11.88 23.51 22.87
C ASP A 545 -11.88 24.95 23.36
N TRP A 546 -13.07 25.51 23.51
CA TRP A 546 -13.27 26.82 24.12
C TRP A 546 -14.14 26.67 25.36
N GLY A 547 -13.96 27.60 26.30
CA GLY A 547 -14.87 27.72 27.40
C GLY A 547 -16.21 28.25 26.94
N LEU A 548 -17.20 28.16 27.82
CA LEU A 548 -18.58 28.51 27.50
C LEU A 548 -19.09 29.57 28.47
N MSE A 549 -19.62 30.65 27.92
CA MSE A 549 -20.32 31.68 28.69
C MSE A 549 -19.51 32.20 29.87
O MSE A 549 -20.05 32.40 30.95
CB MSE A 549 -21.65 31.13 29.17
CG MSE A 549 -22.60 30.79 28.04
SE MSE A 549 -24.16 29.78 28.62
CE MSE A 549 -24.97 29.49 26.88
H MSE A 549 -19.58 30.83 27.08
HA MSE A 549 -20.51 32.42 28.10
HB2 MSE A 549 -21.49 30.32 29.68
HB3 MSE A 549 -22.09 31.79 29.73
HG2 MSE A 549 -22.91 31.61 27.63
HG3 MSE A 549 -22.13 30.25 27.39
HE1 MSE A 549 -25.80 28.98 27.00
HE2 MSE A 549 -25.17 30.33 26.47
HE3 MSE A 549 -24.35 28.98 26.33
N GLY A 550 -18.22 32.43 29.64
CA GLY A 550 -17.33 32.97 30.64
C GLY A 550 -16.18 32.05 31.02
N GLY A 551 -16.30 30.76 30.73
CA GLY A 551 -15.23 29.84 31.04
C GLY A 551 -14.09 29.96 30.06
N TYR A 552 -12.99 29.29 30.40
CA TYR A 552 -11.78 29.35 29.60
C TYR A 552 -11.48 28.01 28.95
N PRO A 553 -10.70 28.00 27.86
CA PRO A 553 -10.28 26.74 27.28
C PRO A 553 -9.41 25.93 28.23
N ALA A 554 -9.36 24.63 28.00
CA ALA A 554 -8.44 23.78 28.73
C ALA A 554 -7.01 24.13 28.35
N ALA A 555 -6.08 23.66 29.17
CA ALA A 555 -4.66 23.87 28.90
C ALA A 555 -4.29 23.25 27.56
N SER A 556 -3.35 23.90 26.87
CA SER A 556 -2.85 23.38 25.62
C SER A 556 -1.75 22.35 25.90
N GLY A 557 -1.25 21.72 24.85
CA GLY A 557 -0.32 20.63 25.02
C GLY A 557 1.14 21.04 24.96
N TYR A 558 1.98 20.18 25.53
CA TYR A 558 3.42 20.35 25.46
C TYR A 558 4.08 18.99 25.58
N ARG A 559 5.38 18.96 25.39
CA ARG A 559 6.15 17.73 25.31
C ARG A 559 7.23 17.71 26.39
N PHE A 560 7.44 16.53 26.97
CA PHE A 560 8.61 16.27 27.81
C PHE A 560 9.13 14.88 27.51
N ALA A 561 10.42 14.80 27.17
CA ALA A 561 11.09 13.53 27.01
C ALA A 561 12.55 13.72 27.42
N ALA A 562 13.18 12.63 27.84
CA ALA A 562 14.56 12.70 28.32
C ALA A 562 15.33 11.48 27.82
N HIS A 563 16.42 11.74 27.11
CA HIS A 563 17.33 10.69 26.66
C HIS A 563 18.64 10.80 27.44
N LYS A 564 19.39 9.71 27.44
CA LYS A 564 20.69 9.66 28.10
C LYS A 564 20.57 10.14 29.54
N THR A 565 19.58 9.57 30.24
CA THR A 565 19.23 10.09 31.56
C THR A 565 20.27 9.74 32.61
N ASN A 566 20.98 8.63 32.43
CA ASN A 566 21.85 8.08 33.46
C ASN A 566 21.06 7.61 34.68
N LEU A 567 19.80 7.24 34.46
CA LEU A 567 18.93 6.88 35.58
C LEU A 567 19.38 5.59 36.25
N LYS A 568 19.98 4.68 35.49
CA LYS A 568 20.45 3.43 36.08
C LYS A 568 21.37 3.69 37.26
N GLU A 569 22.32 4.60 37.10
CA GLU A 569 23.25 4.92 38.17
C GLU A 569 22.60 5.78 39.25
N LEU A 570 21.73 6.71 38.85
CA LEU A 570 21.01 7.51 39.84
C LEU A 570 20.15 6.64 40.74
N ILE A 571 19.49 5.63 40.15
CA ILE A 571 18.72 4.68 40.95
C ILE A 571 19.65 3.93 41.90
N ALA A 572 20.74 3.40 41.36
CA ALA A 572 21.64 2.57 42.17
C ALA A 572 22.27 3.37 43.30
N SER A 573 22.62 4.64 43.03
CA SER A 573 23.28 5.47 44.04
C SER A 573 22.30 6.07 45.04
N GLY A 574 21.00 5.93 44.82
CA GLY A 574 20.02 6.47 45.73
C GLY A 574 19.74 7.95 45.54
N ALA A 575 20.05 8.50 44.38
CA ALA A 575 19.86 9.92 44.13
C ALA A 575 18.38 10.21 43.84
N GLU A 576 18.07 11.48 43.63
CA GLU A 576 16.72 11.88 43.25
C GLU A 576 16.39 11.31 41.87
N ILE A 577 15.23 10.66 41.77
CA ILE A 577 14.75 10.13 40.50
C ILE A 577 13.40 10.75 40.16
N PRO A 578 13.13 11.12 38.92
CA PRO A 578 11.81 11.69 38.59
C PRO A 578 10.70 10.69 38.85
N LEU A 579 9.66 11.16 39.53
CA LEU A 579 8.50 10.33 39.84
C LEU A 579 7.24 11.19 39.77
N GLY A 580 6.10 10.52 39.57
CA GLY A 580 4.83 11.22 39.57
C GLY A 580 4.62 11.97 38.27
N GLY A 581 4.04 13.15 38.38
CA GLY A 581 3.69 13.95 37.23
C GLY A 581 4.39 15.29 37.18
N ASP A 582 4.38 15.91 36.01
CA ASP A 582 5.01 17.21 35.79
C ASP A 582 4.10 18.31 36.37
N THR A 583 4.07 18.36 37.69
CA THR A 583 3.09 19.19 38.41
C THR A 583 3.06 20.61 37.86
N ASP A 584 4.24 21.24 37.77
CA ASP A 584 4.33 22.63 37.31
C ASP A 584 5.44 22.72 36.27
N PRO A 585 5.10 22.60 34.98
CA PRO A 585 6.12 22.72 33.93
C PRO A 585 6.73 24.09 33.83
N GLU A 586 6.14 25.11 34.45
CA GLU A 586 6.82 26.41 34.56
C GLU A 586 7.86 26.41 35.66
N ASN A 587 7.74 25.50 36.62
CA ASN A 587 8.73 25.33 37.69
C ASN A 587 8.99 23.85 37.87
N PRO A 588 9.52 23.20 36.85
CA PRO A 588 9.70 21.75 36.91
C PRO A 588 10.72 21.35 37.96
N THR A 589 10.60 20.09 38.41
CA THR A 589 11.53 19.50 39.36
C THR A 589 12.39 18.40 38.76
N TRP A 590 11.88 17.71 37.74
CA TRP A 590 12.61 16.59 37.15
C TRP A 590 13.91 17.06 36.51
N ASP A 591 13.89 18.18 35.80
CA ASP A 591 15.02 18.56 34.95
C ASP A 591 16.30 18.67 35.76
N ALA A 592 16.26 19.32 36.92
CA ALA A 592 17.46 19.45 37.73
C ALA A 592 18.00 18.11 38.18
N MSE A 593 17.18 17.08 38.22
CA MSE A 593 17.59 15.76 38.67
C MSE A 593 18.40 15.02 37.60
O MSE A 593 19.08 14.04 37.90
CB MSE A 593 16.39 14.91 39.07
CG MSE A 593 15.48 15.55 40.10
SE MSE A 593 13.92 14.46 40.52
CE MSE A 593 12.92 15.75 41.57
H MSE A 593 16.34 17.11 37.99
HA MSE A 593 18.16 15.86 39.46
HB2 MSE A 593 15.85 14.74 38.28
HB3 MSE A 593 16.70 14.07 39.44
HG2 MSE A 593 15.98 15.69 40.93
HG3 MSE A 593 15.17 16.41 39.77
HE1 MSE A 593 12.08 15.33 41.87
HE2 MSE A 593 13.45 16.00 42.35
HE3 MSE A 593 12.73 16.53 41.03
N LEU A 594 18.30 15.50 36.36
CA LEU A 594 18.89 14.82 35.20
C LEU A 594 19.94 15.72 34.56
N PRO A 595 21.09 15.89 35.23
CA PRO A 595 22.11 16.83 34.70
C PRO A 595 22.79 16.33 33.45
N ASP A 596 22.86 15.03 33.22
CA ASP A 596 23.52 14.46 32.06
C ASP A 596 22.55 14.16 30.92
N ALA A 597 21.27 14.45 31.10
CA ALA A 597 20.26 14.03 30.15
C ALA A 597 20.09 15.03 29.03
N GLN A 598 19.59 14.54 27.89
CA GLN A 598 19.09 15.38 26.81
C GLN A 598 17.59 15.52 27.04
N ILE A 599 17.17 16.67 27.54
CA ILE A 599 15.77 16.93 27.84
C ILE A 599 15.17 17.73 26.71
N LYS A 600 14.06 17.23 26.16
CA LYS A 600 13.25 17.97 25.20
C LYS A 600 11.99 18.43 25.91
N ARG A 601 11.93 19.72 26.24
CA ARG A 601 10.83 20.32 26.97
C ARG A 601 10.37 21.54 26.19
N ASP A 602 9.37 21.35 25.32
CA ASP A 602 8.89 22.42 24.46
C ASP A 602 7.43 22.18 24.14
N LYS A 603 6.87 23.02 23.28
CA LYS A 603 5.47 22.92 22.87
C LYS A 603 5.31 22.19 21.54
N GLN A 604 6.24 21.30 21.22
CA GLN A 604 6.16 20.52 19.98
C GLN A 604 5.40 19.23 20.30
N ALA A 605 4.08 19.31 20.26
CA ALA A 605 3.23 18.19 20.64
C ALA A 605 3.06 17.17 19.51
N ILE A 606 3.64 17.40 18.35
CA ILE A 606 3.62 16.44 17.25
C ILE A 606 5.06 16.21 16.82
N THR A 607 5.48 14.95 16.78
CA THR A 607 6.81 14.59 16.35
C THR A 607 6.75 13.33 15.50
N THR A 608 7.80 13.10 14.73
CA THR A 608 7.98 11.84 14.04
C THR A 608 8.82 10.91 14.91
N GLU A 609 8.88 9.64 14.49
CA GLU A 609 9.50 8.61 15.30
C GLU A 609 10.91 9.03 15.70
N GLU A 610 11.23 8.83 16.97
CA GLU A 610 12.50 9.21 17.55
C GLU A 610 13.04 8.05 18.37
N MSE A 611 14.35 7.85 18.33
CA MSE A 611 14.96 6.72 19.03
C MSE A 611 14.86 6.89 20.54
O MSE A 611 15.06 7.98 21.08
CB MSE A 611 16.42 6.57 18.61
CG MSE A 611 16.59 5.94 17.23
SE MSE A 611 18.46 5.80 16.68
CE MSE A 611 18.85 7.69 16.51
H MSE A 611 14.91 8.36 17.92
HA MSE A 611 14.49 5.92 18.78
HB2 MSE A 611 16.84 7.45 18.59
HB3 MSE A 611 16.87 6.00 19.25
HG2 MSE A 611 16.22 5.04 17.25
HG3 MSE A 611 16.12 6.48 16.58
HE1 MSE A 611 19.78 7.80 16.24
HE2 MSE A 611 18.26 8.09 15.86
HE3 MSE A 611 18.72 8.12 17.38
N PHE A 612 14.54 5.79 21.22
CA PHE A 612 14.48 5.75 22.68
C PHE A 612 15.18 4.49 23.17
N SER A 613 15.86 4.60 24.30
CA SER A 613 16.56 3.49 24.91
C SER A 613 16.10 3.33 26.36
N ASP A 614 16.41 2.18 26.93
CA ASP A 614 16.06 1.92 28.32
C ASP A 614 16.55 3.07 29.22
N TYR A 615 15.74 3.37 30.23
CA TYR A 615 15.98 4.46 31.18
C TYR A 615 15.73 5.83 30.58
N ASP A 616 15.18 5.91 29.37
CA ASP A 616 14.70 7.17 28.85
C ASP A 616 13.29 7.45 29.37
N LEU A 617 12.91 8.72 29.37
CA LEU A 617 11.65 9.15 29.94
C LEU A 617 10.73 9.70 28.86
N TYR A 618 9.44 9.45 29.02
CA TYR A 618 8.41 9.91 28.10
C TYR A 618 7.21 10.33 28.93
N LEU A 619 6.84 11.60 28.87
CA LEU A 619 5.69 12.11 29.60
C LEU A 619 4.45 11.99 28.72
N ASN A 620 3.48 11.22 29.17
CA ASN A 620 2.20 11.05 28.48
C ASN A 620 1.19 11.93 29.20
N TYR A 621 0.85 13.06 28.59
CA TYR A 621 -0.01 14.07 29.21
C TYR A 621 -1.34 14.11 28.47
N MSE A 622 -2.41 13.76 29.18
CA MSE A 622 -3.76 13.79 28.63
C MSE A 622 -4.43 15.12 28.93
O MSE A 622 -4.38 15.60 30.06
CB MSE A 622 -4.60 12.64 29.20
CG MSE A 622 -4.63 11.40 28.32
SE MSE A 622 -2.87 10.64 27.94
CE MSE A 622 -2.31 10.21 29.75
H MSE A 622 -2.38 13.51 30.00
HA MSE A 622 -3.71 13.67 27.67
HB2 MSE A 622 -4.23 12.38 30.06
HB3 MSE A 622 -5.51 12.94 29.31
HG2 MSE A 622 -5.16 10.71 28.77
HG3 MSE A 622 -5.05 11.63 27.48
HE1 MSE A 622 -1.43 9.82 29.72
HE2 MSE A 622 -2.30 11.02 30.27
HE3 MSE A 622 -2.94 9.58 30.13
N ARG A 623 -5.06 15.70 27.93
CA ARG A 623 -5.61 17.05 28.07
C ARG A 623 -6.89 17.04 28.89
N GLY A 624 -7.22 18.21 29.44
CA GLY A 624 -8.47 18.42 30.13
C GLY A 624 -9.50 19.09 29.24
N GLY A 625 -10.66 19.34 29.84
CA GLY A 625 -11.80 19.88 29.11
C GLY A 625 -12.06 21.34 29.39
N PRO A 626 -12.92 21.96 28.58
CA PRO A 626 -13.20 23.39 28.74
C PRO A 626 -14.09 23.66 29.94
N GLY A 627 -13.99 24.90 30.44
CA GLY A 627 -14.75 25.33 31.60
C GLY A 627 -16.00 26.11 31.22
N PHE A 628 -16.80 26.39 32.24
CA PHE A 628 -18.08 27.08 32.07
C PHE A 628 -18.20 28.21 33.08
N GLY A 629 -18.62 29.38 32.61
CA GLY A 629 -18.96 30.47 33.49
C GLY A 629 -17.77 31.26 33.96
N ASP A 630 -18.06 32.45 34.48
CA ASP A 630 -17.03 33.33 35.00
C ASP A 630 -16.32 32.69 36.19
N PRO A 631 -15.00 32.48 36.15
CA PRO A 631 -14.32 31.91 37.30
C PRO A 631 -14.54 32.69 38.58
N LEU A 632 -14.83 33.99 38.49
CA LEU A 632 -15.05 34.78 39.71
C LEU A 632 -16.32 34.37 40.45
N ASP A 633 -17.25 33.69 39.78
CA ASP A 633 -18.48 33.24 40.41
C ASP A 633 -18.37 31.83 40.96
N ARG A 634 -17.17 31.27 41.03
CA ARG A 634 -16.97 29.93 41.56
C ARG A 634 -16.96 29.99 43.08
N GLU A 635 -17.69 29.09 43.71
CA GLU A 635 -17.73 29.08 45.16
C GLU A 635 -16.32 28.89 45.70
N PRO A 636 -15.84 29.75 46.60
CA PRO A 636 -14.44 29.63 47.05
C PRO A 636 -14.05 28.25 47.54
N GLN A 637 -14.92 27.57 48.30
CA GLN A 637 -14.54 26.27 48.84
C GLN A 637 -14.23 25.26 47.75
N ALA A 638 -14.84 25.43 46.57
CA ALA A 638 -14.49 24.55 45.45
C ALA A 638 -13.06 24.81 44.99
N VAL A 639 -12.64 26.08 44.98
CA VAL A 639 -11.26 26.40 44.61
C VAL A 639 -10.30 25.79 45.62
N ALA A 640 -10.62 25.92 46.91
CA ALA A 640 -9.76 25.33 47.93
C ALA A 640 -9.69 23.81 47.78
N ASP A 641 -10.83 23.17 47.53
CA ASP A 641 -10.82 21.73 47.30
C ASP A 641 -9.98 21.37 46.08
N ASP A 642 -9.97 22.22 45.06
CA ASP A 642 -9.20 21.94 43.86
C ASP A 642 -7.70 21.96 44.16
N ILE A 643 -7.24 22.97 44.89
CA ILE A 643 -5.84 23.01 45.29
C ILE A 643 -5.48 21.76 46.07
N ASN A 644 -6.27 21.46 47.11
CA ASN A 644 -5.96 20.31 47.95
C ASN A 644 -5.96 19.01 47.14
N GLY A 645 -6.82 18.92 46.13
CA GLY A 645 -6.92 17.72 45.32
C GLY A 645 -6.04 17.69 44.10
N GLY A 646 -5.18 18.70 43.91
CA GLY A 646 -4.27 18.71 42.79
C GLY A 646 -4.91 19.02 41.46
N TYR A 647 -6.03 19.74 41.45
CA TYR A 647 -6.68 20.13 40.20
C TYR A 647 -6.25 21.50 39.73
N VAL A 648 -5.96 22.41 40.65
CA VAL A 648 -5.54 23.76 40.33
C VAL A 648 -4.28 24.08 41.14
N LEU A 649 -3.30 24.67 40.49
CA LEU A 649 -2.10 25.11 41.19
C LEU A 649 -2.42 26.30 42.08
N GLU A 650 -1.76 26.34 43.24
CA GLU A 650 -2.09 27.34 44.25
C GLU A 650 -2.09 28.75 43.69
N ARG A 651 -1.12 29.05 42.81
CA ARG A 651 -0.93 30.43 42.37
C ARG A 651 -2.18 30.96 41.67
N PHE A 652 -2.89 30.12 40.93
CA PHE A 652 -4.02 30.57 40.13
C PHE A 652 -5.29 30.71 40.94
N ALA A 653 -5.28 30.35 42.22
CA ALA A 653 -6.46 30.54 43.05
C ALA A 653 -6.81 32.01 43.20
N GLY A 654 -5.80 32.88 43.22
CA GLY A 654 -6.04 34.31 43.33
C GLY A 654 -6.06 35.01 42.00
N GLU A 655 -5.14 34.64 41.10
CA GLU A 655 -5.05 35.31 39.81
C GLU A 655 -6.29 35.04 38.96
N VAL A 656 -6.85 33.84 39.05
CA VAL A 656 -7.95 33.43 38.17
C VAL A 656 -9.28 33.56 38.91
N TYR A 657 -9.46 32.76 39.96
CA TYR A 657 -10.73 32.70 40.66
C TYR A 657 -10.89 33.80 41.71
N GLY A 658 -9.83 34.53 42.03
CA GLY A 658 -9.93 35.58 43.02
C GLY A 658 -10.21 35.09 44.42
N VAL A 659 -9.65 33.94 44.78
CA VAL A 659 -9.87 33.31 46.09
C VAL A 659 -8.56 33.34 46.86
N VAL A 660 -8.63 33.75 48.12
CA VAL A 660 -7.48 33.76 49.01
C VAL A 660 -7.55 32.53 49.90
N VAL A 661 -6.49 31.73 49.90
CA VAL A 661 -6.46 30.50 50.67
C VAL A 661 -5.28 30.56 51.64
N ARG A 662 -5.44 29.88 52.78
CA ARG A 662 -4.40 29.79 53.79
C ARG A 662 -4.17 28.33 54.12
N LYS A 663 -2.90 27.97 54.35
CA LYS A 663 -2.55 26.60 54.72
C LYS A 663 -2.90 26.38 56.18
N GLY A 664 -3.85 25.48 56.43
CA GLY A 664 -4.31 25.20 57.78
C GLY A 664 -3.32 24.35 58.55
N ALA A 665 -3.76 23.94 59.74
CA ALA A 665 -2.93 23.13 60.61
C ALA A 665 -2.55 21.81 59.93
N ASP A 666 -3.53 21.14 59.33
CA ASP A 666 -3.33 19.86 58.67
C ASP A 666 -2.65 19.99 57.30
N GLY A 667 -2.09 21.15 56.97
CA GLY A 667 -1.51 21.35 55.67
C GLY A 667 -2.51 21.47 54.55
N GLN A 668 -3.81 21.55 54.87
CA GLN A 668 -4.85 21.72 53.88
C GLN A 668 -5.19 23.20 53.74
N TYR A 669 -5.61 23.57 52.54
CA TYR A 669 -5.98 24.95 52.25
C TYR A 669 -7.43 25.22 52.62
N GLY A 670 -7.66 26.36 53.27
CA GLY A 670 -8.99 26.84 53.55
C GLY A 670 -9.22 28.19 52.88
N VAL A 671 -10.46 28.62 52.89
CA VAL A 671 -10.84 29.87 52.24
C VAL A 671 -10.77 31.01 53.24
N ASP A 672 -10.27 32.16 52.78
CA ASP A 672 -10.33 33.41 53.52
C ASP A 672 -11.51 34.20 52.98
N GLU A 673 -12.65 34.11 53.66
CA GLU A 673 -13.87 34.75 53.17
C GLU A 673 -13.65 36.23 52.90
N ALA A 674 -13.19 36.96 53.91
CA ALA A 674 -13.01 38.41 53.76
C ALA A 674 -11.98 38.71 52.69
N GLY A 675 -10.80 38.11 52.79
CA GLY A 675 -9.78 38.33 51.77
C GLY A 675 -10.26 37.99 50.38
N THR A 676 -11.07 36.93 50.26
CA THR A 676 -11.61 36.56 48.97
C THR A 676 -12.59 37.62 48.44
N ALA A 677 -13.44 38.15 49.32
CA ALA A 677 -14.39 39.17 48.90
C ALA A 677 -13.67 40.39 48.34
N ALA A 678 -12.55 40.77 48.96
CA ALA A 678 -11.79 41.92 48.48
C ALA A 678 -11.14 41.62 47.13
N ALA A 679 -10.43 40.48 47.04
CA ALA A 679 -9.78 40.12 45.80
C ALA A 679 -10.77 40.06 44.64
N ARG A 680 -11.99 39.60 44.91
CA ARG A 680 -13.02 39.57 43.85
C ARG A 680 -13.47 40.98 43.49
N ALA A 681 -13.61 41.85 44.49
CA ALA A 681 -13.98 43.22 44.21
C ALA A 681 -12.87 43.98 43.48
N GLN A 682 -11.62 43.62 43.76
CA GLN A 682 -10.49 44.29 43.12
C GLN A 682 -10.32 43.83 41.68
N ILE A 683 -10.44 42.52 41.45
CA ILE A 683 -10.33 42.00 40.09
C ILE A 683 -11.38 42.62 39.19
N ARG A 684 -12.57 42.90 39.72
CA ARG A 684 -13.62 43.51 38.91
C ARG A 684 -13.22 44.91 38.46
N LYS A 685 -12.54 45.67 39.32
CA LYS A 685 -12.02 46.96 38.91
C LYS A 685 -10.85 46.79 37.94
N ASP A 686 -9.98 45.81 38.20
CA ASP A 686 -8.85 45.56 37.30
C ASP A 686 -9.35 45.24 35.90
N ARG A 687 -10.39 44.42 35.78
CA ARG A 687 -10.94 44.09 34.47
C ARG A 687 -11.37 45.33 33.73
N LEU A 688 -12.13 46.22 34.39
CA LEU A 688 -12.57 47.44 33.74
C LEU A 688 -11.41 48.36 33.42
N ALA A 689 -10.33 48.29 34.20
CA ALA A 689 -9.19 49.18 33.99
C ALA A 689 -8.29 48.70 32.85
N LYS A 690 -8.09 47.39 32.73
CA LYS A 690 -7.22 46.86 31.70
C LYS A 690 -7.95 46.54 30.41
N SER A 691 -9.28 46.41 30.45
CA SER A 691 -10.05 46.19 29.25
C SER A 691 -10.20 47.51 28.47
N VAL A 692 -10.71 47.40 27.26
CA VAL A 692 -10.91 48.56 26.39
C VAL A 692 -12.18 48.35 25.58
N PRO A 693 -12.86 49.41 25.16
CA PRO A 693 -14.03 49.23 24.29
C PRO A 693 -13.67 48.49 23.01
N VAL A 694 -14.50 47.51 22.65
CA VAL A 694 -14.21 46.66 21.50
C VAL A 694 -13.95 47.49 20.25
N SER A 695 -14.65 48.62 20.11
CA SER A 695 -14.40 49.49 18.97
C SER A 695 -12.95 49.96 18.94
N GLU A 696 -12.43 50.35 20.10
CA GLU A 696 -11.03 50.79 20.18
C GLU A 696 -10.08 49.66 19.84
N TRP A 697 -10.37 48.46 20.31
CA TRP A 697 -9.52 47.32 20.00
C TRP A 697 -9.59 46.98 18.52
N MSE A 698 -10.80 46.96 17.96
CA MSE A 698 -10.99 46.61 16.56
C MSE A 698 -10.19 47.52 15.62
O MSE A 698 -9.62 47.05 14.64
CB MSE A 698 -12.46 46.67 16.19
CG MSE A 698 -13.26 45.48 16.65
SE MSE A 698 -15.13 45.59 16.16
CE MSE A 698 -14.94 45.80 14.24
H MSE A 698 -11.53 47.16 18.37
HA MSE A 698 -10.69 45.69 16.43
HB2 MSE A 698 -12.85 47.46 16.60
HB3 MSE A 698 -12.55 46.73 15.23
HG2 MSE A 698 -12.89 44.68 16.24
HG3 MSE A 698 -13.21 45.41 17.62
HE1 MSE A 698 -15.81 45.88 13.83
HE2 MSE A 698 -14.42 46.61 14.06
HE3 MSE A 698 -14.47 45.02 13.88
N LYS A 699 -10.16 48.82 15.93
CA LYS A 699 -9.41 49.73 15.07
C LYS A 699 -7.93 49.39 15.09
N GLY A 700 -7.39 49.03 16.25
CA GLY A 700 -5.99 48.68 16.34
C GLY A 700 -5.70 47.34 15.66
N GLU A 701 -6.53 46.34 15.90
CA GLU A 701 -6.38 45.06 15.20
C GLU A 701 -6.55 45.24 13.70
N ARG A 702 -7.37 46.21 13.30
CA ARG A 702 -7.55 46.46 11.88
C ARG A 702 -6.30 47.04 11.24
N GLU A 703 -5.52 47.82 11.99
CA GLU A 703 -4.25 48.30 11.49
C GLU A 703 -3.32 47.13 11.16
N LYS A 704 -3.34 46.10 12.01
CA LYS A 704 -2.44 44.96 11.81
C LYS A 704 -2.87 44.14 10.60
N ILE A 705 -4.18 43.99 10.38
CA ILE A 705 -4.65 43.28 9.19
C ILE A 705 -4.20 44.00 7.93
N LEU A 706 -4.35 45.32 7.91
CA LEU A 706 -3.94 46.09 6.73
C LEU A 706 -2.44 45.98 6.52
N ALA A 707 -1.66 46.04 7.60
CA ALA A 707 -0.22 45.86 7.51
C ALA A 707 0.19 44.41 7.39
N LYS A 708 -0.77 43.48 7.40
CA LYS A 708 -0.48 42.05 7.31
C LYS A 708 0.53 41.63 8.38
N ASP A 709 0.36 42.18 9.57
CA ASP A 709 1.23 41.88 10.71
C ASP A 709 0.67 40.67 11.44
N ALA A 710 1.17 39.50 11.08
CA ALA A 710 0.77 38.26 11.72
C ALA A 710 1.67 37.14 11.23
N GLY A 711 1.71 36.05 12.00
CA GLY A 711 2.51 34.91 11.61
C GLY A 711 2.05 34.31 10.29
N THR A 712 2.96 33.56 9.67
CA THR A 712 2.67 32.95 8.38
C THR A 712 1.58 31.89 8.50
N GLN A 713 1.55 31.15 9.61
CA GLN A 713 0.50 30.16 9.81
C GLN A 713 -0.87 30.81 9.86
N VAL A 714 -0.95 32.05 10.38
CA VAL A 714 -2.22 32.75 10.45
C VAL A 714 -2.66 33.21 9.07
N ARG A 715 -1.75 33.85 8.33
CA ARG A 715 -2.10 34.38 7.02
C ARG A 715 -2.41 33.27 6.03
N GLN A 716 -1.68 32.15 6.12
CA GLN A 716 -1.95 31.02 5.23
C GLN A 716 -3.34 30.46 5.48
N MSE A 717 -3.74 30.34 6.74
CA MSE A 717 -5.07 29.89 7.09
C MSE A 717 -6.14 30.75 6.43
O MSE A 717 -7.00 30.24 5.72
CB MSE A 717 -5.25 29.93 8.61
CG MSE A 717 -6.54 29.29 9.09
SE MSE A 717 -6.92 29.77 10.93
CE MSE A 717 -7.23 31.68 10.69
H MSE A 717 -3.24 30.53 7.42
HA MSE A 717 -5.18 28.97 6.80
HB2 MSE A 717 -4.52 29.45 9.02
HB3 MSE A 717 -5.24 30.86 8.91
HG2 MSE A 717 -7.27 29.61 8.55
HG3 MSE A 717 -6.46 28.33 9.04
HE1 MSE A 717 -7.44 32.07 11.55
HE2 MSE A 717 -6.42 32.08 10.32
HE3 MSE A 717 -7.97 31.79 10.08
N PHE A 718 -6.08 32.06 6.67
CA PHE A 718 -7.05 32.97 6.09
C PHE A 718 -6.99 32.94 4.56
N ALA A 719 -5.78 32.97 4.00
CA ALA A 719 -5.64 32.96 2.55
C ALA A 719 -6.31 31.73 1.95
N ALA A 720 -6.06 30.55 2.53
CA ALA A 720 -6.67 29.33 2.01
C ALA A 720 -8.16 29.31 2.27
N SER A 721 -8.59 29.83 3.42
CA SER A 721 -10.02 29.82 3.75
C SER A 721 -10.81 30.71 2.81
N PHE A 722 -10.31 31.92 2.53
CA PHE A 722 -10.99 32.83 1.62
C PHE A 722 -11.26 32.15 0.27
N LYS A 723 -10.24 31.54 -0.32
CA LYS A 723 -10.39 30.99 -1.66
C LYS A 723 -11.43 29.88 -1.70
N LEU A 724 -11.51 29.08 -0.65
CA LEU A 724 -12.51 28.01 -0.59
C LEU A 724 -13.86 28.48 -0.09
N GLY A 725 -13.93 29.63 0.56
CA GLY A 725 -15.16 30.13 1.11
C GLY A 725 -15.37 31.60 0.81
N PRO A 726 -15.90 31.91 -0.37
CA PRO A 726 -16.13 33.32 -0.72
C PRO A 726 -17.07 34.02 0.24
N ARG A 727 -18.01 33.28 0.83
CA ARG A 727 -18.95 33.88 1.78
C ARG A 727 -18.23 34.23 3.08
N PHE A 728 -17.25 33.43 3.48
CA PHE A 728 -16.48 33.74 4.68
C PHE A 728 -15.58 34.95 4.46
N GLU A 729 -14.93 35.03 3.29
CA GLU A 729 -14.13 36.20 2.97
C GLU A 729 -14.97 37.46 2.95
N LYS A 730 -16.16 37.39 2.35
CA LYS A 730 -17.05 38.55 2.30
C LYS A 730 -17.33 39.08 3.70
N ASP A 731 -17.57 38.17 4.66
CA ASP A 731 -17.84 38.61 6.02
C ASP A 731 -16.59 39.16 6.68
N PHE A 732 -15.43 38.55 6.41
CA PHE A 732 -14.18 39.04 6.99
C PHE A 732 -13.92 40.48 6.57
N ARG A 733 -14.01 40.76 5.26
CA ARG A 733 -13.77 42.12 4.78
C ARG A 733 -14.81 43.09 5.34
N THR A 734 -16.06 42.62 5.47
CA THR A 734 -17.12 43.49 6.00
C THR A 734 -16.85 43.84 7.46
N PHE A 735 -16.63 42.82 8.30
CA PHE A 735 -16.43 43.08 9.73
C PHE A 735 -15.28 44.04 9.98
N TRP A 736 -14.18 43.86 9.26
CA TRP A 736 -13.01 44.71 9.43
C TRP A 736 -13.00 45.91 8.50
N SER A 737 -14.03 46.10 7.69
CA SER A 737 -14.14 47.26 6.81
C SER A 737 -12.91 47.38 5.92
N LEU A 738 -12.57 46.29 5.27
CA LEU A 738 -11.34 46.29 4.48
C LEU A 738 -11.63 46.71 3.04
N PRO A 739 -10.77 47.53 2.44
CA PRO A 739 -10.99 47.93 1.05
C PRO A 739 -10.66 46.82 0.08
N ASP A 740 -11.30 46.86 -1.10
CA ASP A 740 -11.02 45.87 -2.12
C ASP A 740 -9.56 45.90 -2.56
N SER A 741 -8.86 47.00 -2.33
CA SER A 741 -7.44 47.06 -2.64
C SER A 741 -6.63 46.11 -1.78
N TRP A 742 -7.10 45.84 -0.56
CA TRP A 742 -6.44 44.90 0.33
C TRP A 742 -6.72 43.48 -0.14
N THR A 743 -5.65 42.70 -0.30
CA THR A 743 -5.76 41.30 -0.67
C THR A 743 -4.82 40.50 0.20
N LEU A 744 -5.02 39.18 0.22
CA LEU A 744 -4.18 38.25 0.97
C LEU A 744 -3.94 37.02 0.11
N PRO A 745 -3.18 37.17 -0.97
CA PRO A 745 -2.84 35.99 -1.79
C PRO A 745 -1.90 35.07 -1.03
N GLU A 746 -2.20 33.77 -1.10
CA GLU A 746 -1.41 32.80 -0.36
C GLU A 746 0.01 32.72 -0.88
N GLU A 747 0.22 33.04 -2.17
CA GLU A 747 1.53 32.89 -2.77
C GLU A 747 2.51 33.97 -2.32
N GLU A 748 2.01 35.07 -1.77
CA GLU A 748 2.87 36.16 -1.31
C GLU A 748 3.21 36.08 0.17
N ILE A 749 2.75 35.03 0.86
CA ILE A 749 3.00 34.91 2.29
C ILE A 749 4.47 34.59 2.55
N GLY A 750 5.08 33.79 1.68
CA GLY A 750 6.44 33.36 1.85
C GLY A 750 6.63 31.92 2.26
N VAL A 751 5.60 31.09 2.11
CA VAL A 751 5.68 29.68 2.47
C VAL A 751 5.33 28.86 1.24
N PRO A 752 5.67 27.57 1.22
CA PRO A 752 5.29 26.73 0.08
C PRO A 752 3.79 26.68 -0.07
N THR A 753 3.34 26.73 -1.33
CA THR A 753 1.92 26.71 -1.65
C THR A 753 1.59 25.55 -2.60
N TYR A 754 2.30 24.45 -2.46
CA TYR A 754 2.04 23.29 -3.30
C TYR A 754 0.68 22.70 -2.98
N GLY A 755 -0.10 22.44 -4.03
CA GLY A 755 -1.44 21.90 -3.88
C GLY A 755 -2.54 22.93 -3.81
N SER A 756 -2.21 24.22 -3.70
CA SER A 756 -3.23 25.25 -3.61
C SER A 756 -3.92 25.46 -4.95
N ARG A 757 -3.17 25.40 -6.05
CA ARG A 757 -3.69 25.73 -7.37
C ARG A 757 -3.83 24.53 -8.30
N TYR A 758 -3.11 23.44 -8.05
CA TYR A 758 -3.14 22.28 -8.92
C TYR A 758 -3.59 21.07 -8.12
N SER A 759 -4.66 20.43 -8.58
CA SER A 759 -5.30 19.34 -7.86
C SER A 759 -5.33 18.08 -8.70
N MSE A 760 -5.32 16.95 -8.02
CA MSE A 760 -5.55 15.66 -8.63
C MSE A 760 -6.97 15.21 -8.30
O MSE A 760 -7.17 14.28 -7.51
CB MSE A 760 -4.52 14.64 -8.15
CG MSE A 760 -3.58 14.16 -9.22
SE MSE A 760 -2.35 12.81 -8.58
CE MSE A 760 -3.66 11.43 -8.18
H MSE A 760 -5.18 16.91 -7.17
HA MSE A 760 -5.46 15.74 -9.60
HB2 MSE A 760 -3.98 15.05 -7.45
HB3 MSE A 760 -4.98 13.86 -7.79
HG2 MSE A 760 -4.10 13.77 -9.94
HG3 MSE A 760 -3.07 14.91 -9.55
HE1 MSE A 760 -3.21 10.65 -7.85
HE2 MSE A 760 -4.28 11.78 -7.53
HE3 MSE A 760 -4.14 11.21 -9.00
N ASP A 761 -7.95 15.90 -8.87
CA ASP A 761 -9.33 15.64 -8.52
C ASP A 761 -9.68 14.18 -8.74
N ILE A 762 -10.61 13.67 -7.93
CA ILE A 762 -11.02 12.28 -8.05
C ILE A 762 -11.85 12.08 -9.31
N SER A 763 -12.36 13.15 -9.91
CA SER A 763 -13.15 13.02 -11.13
C SER A 763 -12.36 12.37 -12.25
N GLU A 764 -11.02 12.44 -12.21
CA GLU A 764 -10.20 11.87 -13.26
C GLU A 764 -10.40 10.36 -13.34
N LEU A 765 -10.46 9.68 -12.20
CA LEU A 765 -10.48 8.22 -12.19
C LEU A 765 -11.61 7.72 -13.10
N PRO A 766 -11.34 6.74 -13.96
CA PRO A 766 -12.30 6.42 -15.02
C PRO A 766 -13.44 5.56 -14.51
N ASP A 767 -14.67 5.94 -14.89
CA ASP A 767 -15.85 5.11 -14.68
C ASP A 767 -15.96 4.61 -13.24
N VAL A 768 -15.65 5.50 -12.30
CA VAL A 768 -15.89 5.27 -10.88
C VAL A 768 -16.97 6.24 -10.42
N HIS A 769 -18.08 5.71 -9.95
CA HIS A 769 -19.25 6.51 -9.59
C HIS A 769 -19.32 6.65 -8.07
N THR A 770 -19.20 7.87 -7.59
CA THR A 770 -19.22 8.20 -6.17
C THR A 770 -20.63 8.63 -5.75
N VAL A 771 -20.83 8.72 -4.44
CA VAL A 771 -22.08 9.15 -3.84
C VAL A 771 -21.80 10.40 -3.02
N GLN A 772 -22.63 11.43 -3.17
CA GLN A 772 -22.50 12.68 -2.42
C GLN A 772 -23.55 12.69 -1.31
N PHE A 773 -23.09 12.53 -0.07
CA PHE A 773 -23.93 12.69 1.10
C PHE A 773 -23.90 14.11 1.65
N VAL A 774 -23.41 15.07 0.87
CA VAL A 774 -23.07 16.39 1.38
C VAL A 774 -23.27 17.42 0.28
N GLU A 775 -23.58 18.65 0.69
CA GLU A 775 -23.56 19.79 -0.22
C GLU A 775 -22.15 20.35 -0.22
N GLU A 776 -21.53 20.38 -1.40
CA GLU A 776 -20.15 20.84 -1.51
C GLU A 776 -20.04 22.04 -2.46
N LEU B 18 -43.75 -32.26 67.10
CA LEU B 18 -43.70 -33.18 65.98
C LEU B 18 -42.92 -32.55 64.83
N ARG B 19 -42.90 -31.22 64.77
CA ARG B 19 -42.22 -30.49 63.71
C ARG B 19 -40.94 -29.87 64.26
N ASN B 20 -39.84 -30.09 63.55
CA ASN B 20 -38.52 -29.62 63.96
C ASN B 20 -37.95 -28.74 62.84
N VAL B 21 -37.86 -27.44 63.10
CA VAL B 21 -37.32 -26.51 62.13
C VAL B 21 -35.80 -26.47 62.30
N GLN B 22 -35.08 -26.83 61.24
CA GLN B 22 -33.64 -27.05 61.32
C GLN B 22 -32.80 -25.99 60.62
N VAL B 23 -33.22 -25.50 59.45
CA VAL B 23 -32.38 -24.62 58.65
C VAL B 23 -33.15 -23.35 58.32
N LEU B 24 -32.41 -22.24 58.24
CA LEU B 24 -32.95 -20.95 57.88
C LEU B 24 -32.08 -20.30 56.81
N GLY B 25 -32.72 -19.84 55.75
CA GLY B 25 -32.03 -19.10 54.69
C GLY B 25 -32.65 -17.74 54.53
N ILE B 26 -31.81 -16.74 54.24
CA ILE B 26 -32.25 -15.36 54.13
C ILE B 26 -31.69 -14.77 52.84
N ASP B 27 -32.47 -13.86 52.24
CA ASP B 27 -32.01 -13.05 51.12
C ASP B 27 -32.78 -11.73 51.18
N ALA B 28 -32.12 -10.70 51.72
CA ALA B 28 -32.70 -9.38 51.82
C ALA B 28 -32.21 -8.45 50.72
N GLY B 29 -31.54 -8.97 49.70
CA GLY B 29 -31.01 -8.14 48.65
C GLY B 29 -31.97 -7.81 47.54
N GLY B 30 -33.11 -8.49 47.48
CA GLY B 30 -34.07 -8.31 46.40
C GLY B 30 -35.12 -7.29 46.72
N THR B 31 -36.33 -7.51 46.19
CA THR B 31 -37.42 -6.58 46.40
C THR B 31 -37.66 -6.34 47.89
N MSE B 32 -37.61 -7.39 48.69
CA MSE B 32 -37.82 -7.28 50.12
C MSE B 32 -37.03 -8.38 50.83
O MSE B 32 -36.23 -9.07 50.22
CB MSE B 32 -39.31 -7.35 50.46
CG MSE B 32 -40.01 -8.57 49.92
SE MSE B 32 -41.94 -8.37 49.95
CE MSE B 32 -42.32 -9.14 48.18
H MSE B 32 -37.47 -8.19 48.41
HA MSE B 32 -37.48 -6.42 50.41
HB2 MSE B 32 -39.41 -7.34 51.42
HB3 MSE B 32 -39.75 -6.57 50.08
HG2 MSE B 32 -39.73 -8.74 49.02
HG3 MSE B 32 -39.78 -9.33 50.49
HE1 MSE B 32 -43.28 -9.11 48.04
HE2 MSE B 32 -41.87 -8.62 47.51
HE3 MSE B 32 -42.01 -10.05 48.18
N THR B 33 -37.27 -8.53 52.13
CA THR B 33 -36.54 -9.50 52.94
C THR B 33 -37.23 -10.85 52.86
N ASP B 34 -36.57 -11.82 52.22
CA ASP B 34 -37.07 -13.17 52.11
C ASP B 34 -36.46 -14.04 53.20
N THR B 35 -37.28 -14.92 53.77
CA THR B 35 -36.83 -15.92 54.71
C THR B 35 -37.35 -17.28 54.27
N PHE B 36 -36.51 -18.30 54.41
CA PHE B 36 -36.86 -19.66 54.03
C PHE B 36 -36.60 -20.58 55.22
N PHE B 37 -37.66 -21.18 55.73
CA PHE B 37 -37.57 -22.16 56.80
C PHE B 37 -37.89 -23.54 56.25
N VAL B 38 -37.21 -24.56 56.74
CA VAL B 38 -37.44 -25.93 56.31
C VAL B 38 -37.23 -26.84 57.51
N ASP B 39 -38.09 -27.86 57.63
CA ASP B 39 -38.11 -28.72 58.80
C ASP B 39 -37.38 -30.03 58.49
N GLN B 40 -37.47 -30.98 59.43
CA GLN B 40 -36.73 -32.24 59.33
C GLN B 40 -37.17 -33.08 58.13
N ASP B 41 -38.35 -32.82 57.58
CA ASP B 41 -38.89 -33.64 56.50
C ASP B 41 -38.77 -32.97 55.13
N GLY B 42 -38.26 -31.74 55.07
CA GLY B 42 -38.28 -30.99 53.84
C GLY B 42 -39.50 -30.09 53.68
N ASP B 43 -40.38 -30.06 54.66
CA ASP B 43 -41.50 -29.13 54.63
C ASP B 43 -41.00 -27.71 54.88
N PHE B 44 -41.56 -26.75 54.14
CA PHE B 44 -41.00 -25.40 54.11
C PHE B 44 -42.10 -24.35 54.26
N VAL B 45 -41.65 -23.14 54.61
CA VAL B 45 -42.44 -21.92 54.49
C VAL B 45 -41.52 -20.81 54.02
N VAL B 46 -42.09 -19.82 53.35
CA VAL B 46 -41.36 -18.67 52.85
C VAL B 46 -41.97 -17.42 53.47
N GLY B 47 -41.13 -16.63 54.14
CA GLY B 47 -41.56 -15.38 54.75
C GLY B 47 -41.19 -14.19 53.89
N LYS B 48 -42.07 -13.18 53.89
CA LYS B 48 -41.87 -11.97 53.10
C LYS B 48 -42.22 -10.77 53.95
N ALA B 49 -41.35 -9.77 53.97
CA ALA B 49 -41.61 -8.55 54.70
C ALA B 49 -40.70 -7.45 54.17
N GLN B 50 -41.21 -6.23 54.21
CA GLN B 50 -40.47 -5.08 53.70
C GLN B 50 -39.10 -4.99 54.38
N SER B 51 -38.09 -4.65 53.59
CA SER B 51 -36.75 -4.52 54.13
C SER B 51 -36.63 -3.24 54.95
N THR B 52 -35.71 -3.27 55.91
CA THR B 52 -35.45 -2.13 56.80
C THR B 52 -33.95 -1.89 56.84
N PRO B 53 -33.38 -1.36 55.74
CA PRO B 53 -31.92 -1.26 55.65
C PRO B 53 -31.28 -0.47 56.78
N GLN B 54 -31.98 0.49 57.38
CA GLN B 54 -31.40 1.23 58.49
C GLN B 54 -31.28 0.37 59.75
N ASN B 55 -32.04 -0.72 59.83
CA ASN B 55 -31.95 -1.66 60.95
C ASN B 55 -32.49 -3.00 60.49
N GLU B 56 -31.72 -3.71 59.66
CA GLU B 56 -32.23 -4.88 58.97
C GLU B 56 -32.85 -5.90 59.91
N ALA B 57 -32.53 -5.85 61.21
CA ALA B 57 -33.09 -6.81 62.14
C ALA B 57 -34.62 -6.81 62.08
N LEU B 58 -35.23 -5.62 62.06
CA LEU B 58 -36.68 -5.54 62.11
C LEU B 58 -37.32 -6.32 60.97
N GLY B 59 -36.88 -6.07 59.73
CA GLY B 59 -37.45 -6.78 58.61
C GLY B 59 -37.17 -8.27 58.64
N LEU B 60 -36.01 -8.67 59.18
CA LEU B 60 -35.71 -10.09 59.31
C LEU B 60 -36.66 -10.76 60.29
N ILE B 61 -36.97 -10.09 61.41
CA ILE B 61 -37.95 -10.64 62.35
C ILE B 61 -39.33 -10.70 61.72
N ALA B 62 -39.77 -9.57 61.14
CA ALA B 62 -41.11 -9.52 60.55
C ALA B 62 -41.26 -10.57 59.46
N SER B 63 -40.26 -10.68 58.58
CA SER B 63 -40.31 -11.69 57.52
C SER B 63 -40.43 -13.09 58.11
N SER B 64 -39.61 -13.39 59.13
CA SER B 64 -39.66 -14.71 59.74
C SER B 64 -41.03 -14.98 60.36
N GLU B 65 -41.62 -13.97 61.00
CA GLU B 65 -42.94 -14.15 61.60
C GLU B 65 -44.00 -14.39 60.54
N ASP B 66 -43.88 -13.77 59.37
CA ASP B 66 -44.83 -14.02 58.29
C ASP B 66 -44.75 -15.47 57.82
N GLY B 67 -43.53 -15.97 57.61
CA GLY B 67 -43.38 -17.32 57.14
C GLY B 67 -43.86 -18.35 58.15
N LEU B 68 -43.40 -18.23 59.39
CA LEU B 68 -43.79 -19.17 60.43
C LEU B 68 -45.27 -19.12 60.75
N ALA B 69 -45.92 -17.98 60.48
CA ALA B 69 -47.36 -17.90 60.67
C ALA B 69 -48.09 -18.88 59.78
N ASN B 70 -47.57 -19.15 58.58
CA ASN B 70 -48.19 -20.12 57.69
C ASN B 70 -48.12 -21.52 58.26
N TRP B 71 -47.25 -21.77 59.24
CA TRP B 71 -47.17 -23.04 59.93
C TRP B 71 -47.94 -23.06 61.23
N GLY B 72 -48.55 -21.94 61.62
CA GLY B 72 -49.12 -21.83 62.93
C GLY B 72 -48.10 -21.72 64.04
N MSE B 73 -46.86 -21.39 63.68
CA MSE B 73 -45.76 -21.31 64.65
C MSE B 73 -45.42 -19.88 65.02
O MSE B 73 -45.58 -18.96 64.21
CB MSE B 73 -44.52 -21.98 64.09
CG MSE B 73 -44.56 -23.47 64.06
SE MSE B 73 -42.77 -24.19 63.90
CE MSE B 73 -42.04 -23.63 65.61
H MSE B 73 -46.61 -21.22 62.87
HA MSE B 73 -46.02 -21.79 65.45
HB2 MSE B 73 -44.38 -21.67 63.17
HB3 MSE B 73 -43.76 -21.71 64.63
HG2 MSE B 73 -44.94 -23.80 64.89
HG3 MSE B 73 -45.08 -23.77 63.30
HE1 MSE B 73 -41.11 -23.93 65.68
HE2 MSE B 73 -42.08 -22.66 65.67
HE3 MSE B 73 -42.57 -24.03 66.32
N SER B 74 -44.92 -19.72 66.23
CA SER B 74 -44.35 -18.44 66.65
C SER B 74 -42.85 -18.43 66.37
N LEU B 75 -42.32 -17.22 66.21
CA LEU B 75 -40.88 -17.07 66.07
C LEU B 75 -40.15 -17.66 67.26
N HIS B 76 -40.66 -17.38 68.47
CA HIS B 76 -39.99 -17.85 69.69
C HIS B 76 -39.81 -19.36 69.68
N GLU B 77 -40.80 -20.09 69.17
CA GLU B 77 -40.72 -21.55 69.19
C GLU B 77 -39.78 -22.09 68.14
N ALA B 78 -39.70 -21.44 66.98
CA ALA B 78 -38.91 -21.98 65.88
C ALA B 78 -37.42 -21.73 66.06
N LEU B 79 -37.04 -20.53 66.53
CA LEU B 79 -35.63 -20.20 66.63
C LEU B 79 -34.89 -21.13 67.58
N ALA B 80 -35.57 -21.61 68.62
CA ALA B 80 -34.92 -22.54 69.54
C ALA B 80 -34.63 -23.88 68.89
N GLN B 81 -35.28 -24.19 67.77
CA GLN B 81 -35.09 -25.48 67.10
C GLN B 81 -33.98 -25.42 66.04
N LEU B 82 -33.84 -24.29 65.36
CA LEU B 82 -32.87 -24.17 64.29
C LEU B 82 -31.49 -24.61 64.74
N GLN B 83 -30.78 -25.30 63.85
CA GLN B 83 -29.41 -25.71 64.09
C GLN B 83 -28.42 -25.00 63.17
N THR B 84 -28.90 -24.17 62.25
CA THR B 84 -28.02 -23.33 61.44
C THR B 84 -28.86 -22.31 60.70
N GLY B 85 -28.21 -21.23 60.28
CA GLY B 85 -28.88 -20.19 59.51
C GLY B 85 -27.86 -19.41 58.72
N VAL B 86 -28.30 -18.87 57.59
CA VAL B 86 -27.43 -18.14 56.67
C VAL B 86 -28.11 -16.85 56.25
N TYR B 87 -27.33 -15.77 56.19
CA TYR B 87 -27.82 -14.45 55.82
C TYR B 87 -27.14 -13.96 54.55
N SER B 88 -27.94 -13.32 53.68
CA SER B 88 -27.42 -12.58 52.55
C SER B 88 -28.28 -11.33 52.37
N GLY B 89 -27.64 -10.19 52.15
CA GLY B 89 -28.40 -8.96 52.00
C GLY B 89 -27.55 -7.76 51.63
N THR B 90 -27.87 -6.61 52.23
CA THR B 90 -27.24 -5.34 51.89
C THR B 90 -26.42 -4.76 53.03
N ALA B 91 -26.12 -5.55 54.06
CA ALA B 91 -25.37 -5.04 55.20
C ALA B 91 -24.04 -4.44 54.75
N MSE B 92 -23.24 -5.22 54.02
CA MSE B 92 -21.94 -4.76 53.56
C MSE B 92 -22.07 -3.74 52.43
O MSE B 92 -21.38 -2.73 52.42
CB MSE B 92 -21.10 -5.97 53.09
CG MSE B 92 -19.77 -5.59 52.45
SE MSE B 92 -18.58 -4.64 53.65
CE MSE B 92 -17.27 -6.05 53.97
H MSE B 92 -23.43 -6.02 53.78
HA MSE B 92 -21.46 -4.35 54.30
HB2 MSE B 92 -20.92 -6.52 53.86
HB3 MSE B 92 -21.61 -6.45 52.43
HG2 MSE B 92 -19.32 -6.41 52.16
HG3 MSE B 92 -19.94 -5.03 51.67
HE1 MSE B 92 -16.59 -5.71 54.58
HE2 MSE B 92 -17.72 -6.81 54.37
HE3 MSE B 92 -16.87 -6.30 53.13
N LEU B 93 -22.96 -4.03 51.48
CA LEU B 93 -23.11 -3.17 50.32
C LEU B 93 -23.39 -1.73 50.73
N ASN B 94 -24.40 -1.52 51.58
CA ASN B 94 -24.79 -0.17 51.96
C ASN B 94 -23.66 0.52 52.73
N ARG B 95 -22.87 -0.24 53.49
CA ARG B 95 -21.75 0.36 54.20
C ARG B 95 -20.72 0.94 53.25
N VAL B 96 -20.54 0.33 52.08
CA VAL B 96 -19.64 0.87 51.07
C VAL B 96 -20.30 2.02 50.32
N VAL B 97 -21.54 1.81 49.87
CA VAL B 97 -22.21 2.81 49.04
C VAL B 97 -22.43 4.08 49.82
N GLN B 98 -22.94 3.97 51.04
CA GLN B 98 -23.17 5.12 51.89
C GLN B 98 -21.90 5.63 52.56
N ARG B 99 -20.74 5.07 52.19
CA ARG B 99 -19.46 5.49 52.73
C ARG B 99 -19.53 5.68 54.23
N LYS B 100 -19.75 4.59 54.97
CA LYS B 100 -19.80 4.65 56.42
C LYS B 100 -18.76 3.71 57.01
N GLY B 101 -17.52 3.82 56.54
CA GLY B 101 -16.42 3.03 57.01
C GLY B 101 -15.37 3.87 57.73
N LEU B 102 -14.32 3.18 58.17
CA LEU B 102 -13.30 3.80 58.99
C LEU B 102 -12.47 4.77 58.17
N LYS B 103 -11.64 5.55 58.87
CA LYS B 103 -10.71 6.48 58.23
C LYS B 103 -9.45 5.72 57.83
N CYS B 104 -9.60 4.90 56.81
CA CYS B 104 -8.52 4.05 56.34
C CYS B 104 -7.55 4.85 55.46
N GLY B 105 -6.27 4.54 55.58
CA GLY B 105 -5.23 5.16 54.79
C GLY B 105 -4.65 4.20 53.76
N LEU B 106 -3.85 4.76 52.87
CA LEU B 106 -3.32 4.01 51.73
C LEU B 106 -1.86 4.34 51.52
N ILE B 107 -1.05 3.32 51.30
CA ILE B 107 0.36 3.47 50.93
C ILE B 107 0.56 2.75 49.60
N VAL B 108 0.97 3.51 48.59
CA VAL B 108 1.20 2.96 47.25
C VAL B 108 2.58 3.39 46.78
N ASN B 109 2.84 3.28 45.48
CA ASN B 109 4.11 3.68 44.93
C ASN B 109 4.16 5.20 44.78
N ARG B 110 5.26 5.79 45.25
CA ARG B 110 5.48 7.23 45.06
C ARG B 110 5.32 7.59 43.59
N GLY B 111 4.56 8.65 43.35
CA GLY B 111 4.23 9.05 41.99
C GLY B 111 2.91 8.52 41.49
N MSE B 112 2.29 7.59 42.21
CA MSE B 112 1.00 7.03 41.80
C MSE B 112 -0.03 7.12 42.92
O MSE B 112 -0.98 6.35 42.95
CB MSE B 112 1.17 5.57 41.38
CG MSE B 112 1.75 5.40 40.01
SE MSE B 112 3.61 4.83 40.00
CE MSE B 112 3.36 2.93 39.83
H MSE B 112 2.59 7.27 42.95
HA MSE B 112 0.67 7.52 41.04
HB2 MSE B 112 1.77 5.13 42.02
HB3 MSE B 112 0.30 5.14 41.39
HG2 MSE B 112 1.24 4.73 39.53
HG3 MSE B 112 1.70 6.24 39.53
HE1 MSE B 112 4.22 2.50 39.82
HE2 MSE B 112 2.85 2.61 40.60
HE3 MSE B 112 2.88 2.75 39.01
N GLU B 113 0.16 8.07 43.84
CA GLU B 113 -0.80 8.25 44.93
C GLU B 113 -2.22 8.50 44.42
N ASP B 114 -2.36 8.93 43.16
CA ASP B 114 -3.65 9.34 42.64
C ASP B 114 -4.43 8.22 41.96
N PHE B 115 -3.84 7.04 41.75
CA PHE B 115 -4.51 6.06 40.91
C PHE B 115 -5.75 5.47 41.58
N HIS B 116 -5.84 5.53 42.92
CA HIS B 116 -7.04 5.02 43.58
C HIS B 116 -8.22 5.95 43.34
N ARG B 117 -8.06 7.24 43.65
CA ARG B 117 -9.18 8.17 43.51
C ARG B 117 -9.52 8.48 42.07
N MSE B 118 -8.65 8.13 41.12
CA MSE B 118 -8.95 8.34 39.72
C MSE B 118 -9.98 7.32 39.24
O MSE B 118 -10.60 7.50 38.19
CB MSE B 118 -7.69 8.26 38.87
CG MSE B 118 -6.85 9.54 38.92
SE MSE B 118 -5.53 9.64 37.50
CE MSE B 118 -4.32 8.26 38.11
H MSE B 118 -7.88 7.78 41.27
HA MSE B 118 -9.33 9.23 39.60
HB2 MSE B 118 -7.14 7.54 39.20
HB3 MSE B 118 -7.93 8.11 37.95
HG2 MSE B 118 -7.44 10.30 38.83
HG3 MSE B 118 -6.38 9.57 39.76
HE1 MSE B 118 -3.58 8.19 37.48
HE2 MSE B 118 -3.98 8.50 38.98
HE3 MSE B 118 -4.80 7.42 38.15
N GLY B 119 -10.14 6.24 40.00
CA GLY B 119 -11.12 5.23 39.66
C GLY B 119 -10.94 4.63 38.29
N ARG B 120 -9.73 4.73 37.73
CA ARG B 120 -9.42 4.18 36.40
C ARG B 120 -10.36 4.71 35.33
N ALA B 121 -11.06 5.82 35.62
CA ALA B 121 -12.02 6.43 34.71
C ALA B 121 -13.31 5.63 34.60
N VAL B 122 -13.24 4.31 34.64
CA VAL B 122 -14.41 3.50 34.36
C VAL B 122 -15.44 3.62 35.47
N GLN B 123 -15.02 3.91 36.69
CA GLN B 123 -15.96 3.98 37.80
C GLN B 123 -16.88 5.18 37.73
N SER B 124 -16.76 6.01 36.70
CA SER B 124 -17.68 7.12 36.49
C SER B 124 -18.94 6.71 35.74
N HIS B 125 -19.02 5.45 35.29
CA HIS B 125 -20.17 4.99 34.52
C HIS B 125 -20.44 3.50 34.73
N LEU B 126 -20.04 2.94 35.87
CA LEU B 126 -20.34 1.54 36.17
C LEU B 126 -21.78 1.41 36.64
N GLY B 127 -22.42 0.33 36.21
CA GLY B 127 -23.81 0.11 36.55
C GLY B 127 -24.79 0.92 35.74
N TYR B 128 -24.36 1.55 34.65
CA TYR B 128 -25.24 2.38 33.85
C TYR B 128 -25.84 1.56 32.72
N ALA B 129 -27.11 1.85 32.41
CA ALA B 129 -27.73 1.30 31.22
C ALA B 129 -27.12 1.94 29.97
N TYR B 130 -27.30 1.25 28.84
CA TYR B 130 -26.63 1.67 27.61
C TYR B 130 -26.81 3.15 27.34
N GLU B 131 -28.05 3.64 27.41
CA GLU B 131 -28.30 5.04 27.07
C GLU B 131 -27.63 5.98 28.05
N ASP B 132 -27.53 5.60 29.33
CA ASP B 132 -26.81 6.42 30.29
C ASP B 132 -25.31 6.35 30.08
N ARG B 133 -24.81 5.24 29.54
CA ARG B 133 -23.36 5.11 29.36
C ARG B 133 -22.86 6.05 28.28
N ILE B 134 -23.64 6.24 27.20
CA ILE B 134 -23.24 7.17 26.16
C ILE B 134 -23.71 8.59 26.43
N HIS B 135 -24.68 8.77 27.31
CA HIS B 135 -25.12 10.10 27.72
C HIS B 135 -24.08 10.63 28.70
N LEU B 136 -23.12 11.39 28.17
CA LEU B 136 -21.92 11.73 28.94
C LEU B 136 -22.26 12.37 30.27
N ASN B 137 -23.12 13.39 30.26
CA ASN B 137 -23.34 14.20 31.46
C ASN B 137 -23.92 13.37 32.61
N THR B 138 -24.48 12.20 32.35
CA THR B 138 -24.91 11.34 33.45
C THR B 138 -23.73 10.74 34.21
N HIS B 139 -22.54 10.77 33.61
CA HIS B 139 -21.37 10.18 34.25
C HIS B 139 -21.05 10.94 35.54
N ARG B 140 -20.48 10.23 36.50
CA ARG B 140 -20.31 10.80 37.82
C ARG B 140 -19.39 9.90 38.65
N TYR B 141 -18.47 10.52 39.38
CA TYR B 141 -17.55 9.80 40.24
C TYR B 141 -18.10 9.76 41.66
N ASP B 142 -18.06 8.59 42.28
CA ASP B 142 -18.32 8.52 43.71
C ASP B 142 -17.07 8.96 44.47
N PRO B 143 -17.22 9.44 45.70
CA PRO B 143 -16.05 9.85 46.47
C PRO B 143 -15.10 8.68 46.68
N PRO B 144 -13.80 8.92 46.67
CA PRO B 144 -12.85 7.82 46.90
C PRO B 144 -13.02 7.24 48.30
N LEU B 145 -12.80 5.92 48.40
CA LEU B 145 -12.78 5.27 49.70
C LEU B 145 -11.73 5.89 50.60
N VAL B 146 -10.54 6.11 50.08
CA VAL B 146 -9.44 6.74 50.80
C VAL B 146 -9.21 8.11 50.18
N PRO B 147 -9.35 9.20 50.92
CA PRO B 147 -9.06 10.53 50.36
C PRO B 147 -7.57 10.73 50.14
N ARG B 148 -7.24 11.79 49.40
CA ARG B 148 -5.85 12.03 49.05
C ARG B 148 -5.00 12.25 50.29
N HIS B 149 -5.49 13.03 51.25
CA HIS B 149 -4.66 13.41 52.40
C HIS B 149 -4.32 12.21 53.28
N LEU B 150 -5.02 11.08 53.12
CA LEU B 150 -4.67 9.85 53.81
C LEU B 150 -3.99 8.86 52.88
N THR B 151 -3.38 9.34 51.80
CA THR B 151 -2.63 8.51 50.86
C THR B 151 -1.18 8.96 50.84
N ARG B 152 -0.26 8.00 50.86
CA ARG B 152 1.17 8.28 50.80
C ARG B 152 1.83 7.30 49.85
N GLY B 153 3.10 7.55 49.54
CA GLY B 153 3.81 6.75 48.57
C GLY B 153 5.21 6.44 49.03
N VAL B 154 5.69 5.27 48.60
CA VAL B 154 7.06 4.83 48.86
C VAL B 154 7.78 4.70 47.52
N VAL B 155 9.07 4.97 47.53
CA VAL B 155 9.88 4.93 46.31
C VAL B 155 10.33 3.49 46.10
N GLU B 156 9.75 2.84 45.10
CA GLU B 156 10.06 1.45 44.78
C GLU B 156 9.36 1.10 43.47
N ARG B 157 9.98 0.20 42.72
CA ARG B 157 9.30 -0.37 41.56
C ARG B 157 9.81 -1.78 41.30
N THR B 158 8.87 -2.70 41.18
CA THR B 158 9.13 -4.07 40.76
C THR B 158 8.40 -4.30 39.45
N ASP B 159 9.07 -4.91 38.48
CA ASP B 159 8.48 -5.06 37.17
C ASP B 159 7.63 -6.32 37.10
N MSE B 160 7.10 -6.59 35.92
CA MSE B 160 6.11 -7.65 35.72
C MSE B 160 6.60 -9.05 36.04
O MSE B 160 5.79 -9.93 36.35
CB MSE B 160 5.62 -7.62 34.28
CG MSE B 160 6.74 -7.62 33.26
SE MSE B 160 6.12 -8.18 31.51
CE MSE B 160 5.72 -10.03 31.93
H MSE B 160 7.31 -6.18 35.19
HA MSE B 160 5.35 -7.45 36.29
HB2 MSE B 160 5.08 -8.41 34.11
HB3 MSE B 160 5.09 -6.82 34.15
HG2 MSE B 160 7.10 -6.73 33.18
HG3 MSE B 160 7.44 -8.23 33.54
HE1 MSE B 160 5.39 -10.48 31.13
HE2 MSE B 160 6.53 -10.48 32.23
HE3 MSE B 160 5.04 -10.07 32.63
N ILE B 161 7.91 -9.29 35.97
CA ILE B 161 8.48 -10.59 36.29
C ILE B 161 9.15 -10.60 37.66
N GLY B 162 8.96 -9.54 38.45
CA GLY B 162 9.52 -9.50 39.79
C GLY B 162 10.87 -8.85 39.90
N THR B 163 11.48 -8.45 38.79
CA THR B 163 12.76 -7.75 38.85
C THR B 163 12.57 -6.40 39.53
N GLN B 164 13.43 -6.10 40.49
CA GLN B 164 13.32 -4.87 41.28
C GLN B 164 14.07 -3.77 40.54
N VAL B 165 13.35 -3.03 39.71
CA VAL B 165 13.97 -1.98 38.90
C VAL B 165 14.49 -0.87 39.81
N ILE B 166 13.65 -0.38 40.72
CA ILE B 166 14.03 0.62 41.70
C ILE B 166 13.95 -0.04 43.08
N PRO B 167 15.07 -0.35 43.72
CA PRO B 167 15.00 -0.98 45.05
C PRO B 167 14.23 -0.13 46.04
N LEU B 168 13.64 -0.80 47.02
CA LEU B 168 12.84 -0.12 48.03
C LEU B 168 13.72 0.81 48.85
N ARG B 169 13.30 2.07 48.96
CA ARG B 169 13.96 3.06 49.81
C ARG B 169 13.17 3.13 51.10
N GLU B 170 13.70 2.50 52.14
CA GLU B 170 12.91 2.26 53.35
C GLU B 170 12.64 3.55 54.12
N ASP B 171 13.49 4.56 53.99
CA ASP B 171 13.25 5.83 54.66
C ASP B 171 11.94 6.45 54.21
N THR B 172 11.56 6.24 52.94
CA THR B 172 10.28 6.76 52.45
C THR B 172 9.10 5.98 53.00
N ALA B 173 9.31 4.74 53.44
CA ALA B 173 8.25 3.98 54.07
C ALA B 173 8.01 4.44 55.50
N ARG B 174 9.08 4.63 56.27
CA ARG B 174 8.93 5.13 57.63
C ARG B 174 8.22 6.47 57.64
N ASP B 175 8.60 7.37 56.74
CA ASP B 175 7.94 8.67 56.68
C ASP B 175 6.47 8.54 56.30
N ALA B 176 6.17 7.66 55.36
CA ALA B 176 4.78 7.44 54.96
C ALA B 176 3.97 6.91 56.14
N ALA B 177 4.50 5.91 56.83
CA ALA B 177 3.81 5.34 57.98
C ALA B 177 3.61 6.41 59.06
N ARG B 178 4.66 7.17 59.35
CA ARG B 178 4.54 8.22 60.36
C ARG B 178 3.54 9.29 59.94
N ASP B 179 3.42 9.56 58.64
CA ASP B 179 2.48 10.57 58.18
C ASP B 179 1.04 10.15 58.46
N LEU B 180 0.70 8.90 58.12
CA LEU B 180 -0.67 8.45 58.31
C LEU B 180 -1.02 8.31 59.79
N ILE B 181 -0.08 7.83 60.60
CA ILE B 181 -0.31 7.73 62.03
C ILE B 181 -0.56 9.11 62.62
N ALA B 182 0.16 10.12 62.14
CA ALA B 182 -0.07 11.49 62.60
C ALA B 182 -1.43 12.00 62.15
N ALA B 183 -1.95 11.49 61.03
CA ALA B 183 -3.30 11.82 60.60
C ALA B 183 -4.36 10.97 61.26
N ASP B 184 -3.99 10.20 62.29
CA ASP B 184 -4.95 9.38 63.03
C ASP B 184 -5.68 8.41 62.11
N ALA B 185 -4.95 7.82 61.17
CA ALA B 185 -5.53 6.80 60.32
C ALA B 185 -6.00 5.63 61.17
N GLU B 186 -7.21 5.16 60.90
CA GLU B 186 -7.78 4.01 61.58
C GLU B 186 -7.49 2.71 60.85
N GLY B 187 -6.62 2.76 59.84
CA GLY B 187 -6.21 1.59 59.08
C GLY B 187 -5.22 2.01 58.01
N ILE B 188 -4.32 1.12 57.62
CA ILE B 188 -3.29 1.44 56.64
C ILE B 188 -3.21 0.30 55.65
N VAL B 189 -3.60 0.55 54.40
CA VAL B 189 -3.51 -0.43 53.34
C VAL B 189 -2.24 -0.17 52.54
N ILE B 190 -1.59 -1.24 52.09
CA ILE B 190 -0.36 -1.16 51.32
C ILE B 190 -0.56 -1.94 50.03
N SER B 191 -0.31 -1.28 48.90
CA SER B 191 -0.48 -1.92 47.60
C SER B 191 0.59 -1.37 46.66
N LEU B 192 1.60 -2.17 46.38
CA LEU B 192 2.64 -1.84 45.41
C LEU B 192 2.45 -2.68 44.16
N LEU B 193 2.90 -2.16 43.03
CA LEU B 193 2.69 -2.83 41.76
C LEU B 193 3.44 -4.14 41.70
N HIS B 194 2.82 -5.15 41.09
CA HIS B 194 3.43 -6.45 40.87
C HIS B 194 3.85 -7.11 42.18
N SER B 195 3.24 -6.74 43.29
CA SER B 195 3.51 -7.41 44.56
C SER B 195 2.98 -8.83 44.56
N TYR B 196 1.95 -9.10 43.76
CA TYR B 196 1.49 -10.47 43.57
C TYR B 196 2.56 -11.33 42.93
N LYS B 197 3.49 -10.73 42.20
CA LYS B 197 4.58 -11.48 41.59
C LYS B 197 5.73 -11.65 42.57
N ASN B 198 6.27 -10.54 43.06
CA ASN B 198 7.35 -10.55 44.06
C ASN B 198 6.91 -9.69 45.24
N PRO B 199 6.38 -10.29 46.30
CA PRO B 199 5.89 -9.51 47.43
C PRO B 199 6.97 -9.05 48.40
N GLU B 200 8.25 -9.17 48.03
CA GLU B 200 9.33 -8.86 48.97
C GLU B 200 9.24 -7.43 49.47
N ASN B 201 9.17 -6.47 48.54
CA ASN B 201 9.18 -5.06 48.94
C ASN B 201 7.91 -4.69 49.70
N GLU B 202 6.75 -5.09 49.18
CA GLU B 202 5.50 -4.72 49.82
C GLU B 202 5.42 -5.25 51.24
N ARG B 203 5.84 -6.50 51.45
CA ARG B 203 5.84 -7.08 52.79
C ARG B 203 6.91 -6.46 53.67
N ARG B 204 7.96 -5.89 53.09
CA ARG B 204 8.91 -5.12 53.87
C ARG B 204 8.30 -3.81 54.33
N VAL B 205 7.62 -3.10 53.41
CA VAL B 205 6.87 -1.91 53.78
C VAL B 205 5.83 -2.26 54.83
N ARG B 206 5.17 -3.41 54.67
CA ARG B 206 4.22 -3.88 55.67
C ARG B 206 4.85 -3.95 57.05
N ASP B 207 6.02 -4.56 57.14
CA ASP B 207 6.69 -4.70 58.44
C ASP B 207 7.10 -3.34 58.99
N ILE B 208 7.56 -2.44 58.12
CA ILE B 208 7.97 -1.11 58.58
C ILE B 208 6.79 -0.35 59.16
N VAL B 209 5.62 -0.45 58.50
CA VAL B 209 4.43 0.20 59.04
C VAL B 209 4.07 -0.39 60.39
N LEU B 210 4.10 -1.73 60.50
CA LEU B 210 3.78 -2.38 61.76
C LEU B 210 4.69 -1.89 62.88
N GLU B 211 5.98 -1.68 62.58
CA GLU B 211 6.91 -1.21 63.60
C GLU B 211 6.53 0.19 64.07
N GLU B 212 6.41 1.14 63.13
CA GLU B 212 6.09 2.51 63.51
C GLU B 212 4.75 2.59 64.22
N VAL B 213 3.82 1.68 63.90
CA VAL B 213 2.55 1.63 64.62
C VAL B 213 2.79 1.19 66.07
N GLU B 214 3.58 0.13 66.25
CA GLU B 214 3.90 -0.32 67.60
C GLU B 214 4.53 0.79 68.41
N LYS B 215 5.50 1.50 67.84
CA LYS B 215 6.14 2.60 68.55
C LYS B 215 5.12 3.64 68.99
N SER B 216 4.16 3.95 68.12
CA SER B 216 3.22 5.03 68.42
C SER B 216 2.26 4.68 69.53
N GLY B 217 2.13 3.41 69.89
CA GLY B 217 1.16 2.98 70.86
C GLY B 217 -0.27 2.94 70.38
N LYS B 218 -0.55 3.50 69.20
CA LYS B 218 -1.90 3.48 68.65
C LYS B 218 -2.23 2.11 68.08
N LYS B 219 -3.52 1.80 68.03
CA LYS B 219 -4.02 0.54 67.48
C LYS B 219 -4.46 0.80 66.04
N ILE B 220 -3.59 0.49 65.10
CA ILE B 220 -3.85 0.72 63.68
C ILE B 220 -3.56 -0.56 62.92
N PRO B 221 -4.56 -1.26 62.39
CA PRO B 221 -4.29 -2.47 61.62
C PRO B 221 -3.70 -2.14 60.26
N VAL B 222 -2.88 -3.06 59.76
CA VAL B 222 -2.20 -2.92 58.47
C VAL B 222 -2.67 -4.03 57.55
N PHE B 223 -2.93 -3.69 56.29
CA PHE B 223 -3.39 -4.64 55.29
C PHE B 223 -2.51 -4.52 54.06
N ALA B 224 -1.77 -5.58 53.75
CA ALA B 224 -0.92 -5.62 52.57
C ALA B 224 -1.63 -6.41 51.48
N SER B 225 -1.73 -5.81 50.29
CA SER B 225 -2.49 -6.42 49.20
C SER B 225 -1.93 -7.78 48.82
N ALA B 226 -0.63 -8.00 49.04
CA ALA B 226 -0.06 -9.30 48.75
C ALA B 226 -0.54 -10.36 49.75
N ASP B 227 -0.86 -9.95 50.98
CA ASP B 227 -1.31 -10.88 51.99
C ASP B 227 -2.81 -11.17 51.90
N TYR B 228 -3.58 -10.28 51.28
CA TYR B 228 -5.04 -10.41 51.22
C TYR B 228 -5.55 -10.79 49.85
N TYR B 229 -5.14 -10.10 48.79
CA TYR B 229 -5.62 -10.35 47.44
C TYR B 229 -4.47 -10.23 46.45
N PRO B 230 -3.60 -11.18 46.45
CA PRO B 230 -2.45 -11.15 45.50
C PRO B 230 -2.84 -11.53 44.08
N VAL B 231 -3.41 -10.57 43.34
CA VAL B 231 -3.85 -10.81 41.97
C VAL B 231 -3.54 -9.59 41.12
N ARG B 232 -3.47 -9.83 39.80
CA ARG B 232 -3.19 -8.76 38.84
C ARG B 232 -4.28 -7.70 38.85
N LYS B 233 -3.89 -6.47 38.48
CA LYS B 233 -4.75 -5.29 38.35
C LYS B 233 -4.74 -4.47 39.64
N GLU B 234 -3.99 -3.38 39.64
CA GLU B 234 -3.82 -2.57 40.85
C GLU B 234 -5.14 -1.95 41.29
N THR B 235 -5.95 -1.50 40.34
CA THR B 235 -7.20 -0.82 40.70
C THR B 235 -8.16 -1.78 41.37
N HIS B 236 -8.37 -2.95 40.76
CA HIS B 236 -9.19 -3.98 41.40
C HIS B 236 -8.63 -4.34 42.78
N ARG B 237 -7.35 -4.68 42.82
CA ARG B 237 -6.75 -5.22 44.04
C ARG B 237 -6.77 -4.21 45.17
N THR B 238 -6.42 -2.95 44.88
CA THR B 238 -6.33 -1.95 45.93
C THR B 238 -7.71 -1.61 46.50
N ASN B 239 -8.73 -1.52 45.65
CA ASN B 239 -10.09 -1.37 46.13
C ASN B 239 -10.46 -2.50 47.08
N THR B 240 -10.17 -3.74 46.67
CA THR B 240 -10.59 -4.89 47.46
C THR B 240 -9.90 -4.96 48.81
N THR B 241 -8.65 -4.49 48.88
CA THR B 241 -7.95 -4.48 50.16
C THR B 241 -8.40 -3.32 51.04
N ILE B 242 -8.75 -2.18 50.43
CA ILE B 242 -9.25 -1.05 51.21
C ILE B 242 -10.55 -1.43 51.91
N LEU B 243 -11.39 -2.22 51.25
CA LEU B 243 -12.63 -2.64 51.87
C LEU B 243 -12.38 -3.39 53.17
N GLU B 244 -11.27 -4.12 53.25
CA GLU B 244 -10.95 -4.82 54.49
C GLU B 244 -10.57 -3.85 55.60
N GLY B 245 -10.03 -2.69 55.25
CA GLY B 245 -9.63 -1.71 56.24
C GLY B 245 -10.64 -0.58 56.38
N TYR B 246 -11.63 -0.56 55.50
CA TYR B 246 -12.65 0.48 55.51
C TYR B 246 -14.00 -0.01 56.01
N ALA B 247 -14.50 -1.14 55.51
CA ALA B 247 -15.85 -1.60 55.81
C ALA B 247 -15.91 -2.90 56.59
N ALA B 248 -14.83 -3.66 56.64
CA ALA B 248 -14.86 -4.98 57.27
C ALA B 248 -15.32 -4.89 58.72
N GLU B 249 -14.50 -4.30 59.58
CA GLU B 249 -14.86 -4.24 60.99
C GLU B 249 -16.18 -3.53 61.23
N PRO B 250 -16.50 -2.42 60.57
CA PRO B 250 -17.87 -1.88 60.70
C PRO B 250 -18.94 -2.87 60.30
N SER B 251 -18.72 -3.64 59.24
CA SER B 251 -19.72 -4.65 58.86
C SER B 251 -19.85 -5.72 59.93
N ARG B 252 -18.75 -6.09 60.58
CA ARG B 252 -18.83 -7.02 61.70
C ARG B 252 -19.79 -6.50 62.76
N GLN B 253 -19.75 -5.20 63.06
CA GLN B 253 -20.67 -4.64 64.03
C GLN B 253 -22.11 -4.78 63.57
N THR B 254 -22.38 -4.47 62.30
CA THR B 254 -23.73 -4.62 61.77
C THR B 254 -24.20 -6.06 61.87
N LEU B 255 -23.37 -7.00 61.41
CA LEU B 255 -23.76 -8.40 61.44
C LEU B 255 -23.80 -8.96 62.86
N SER B 256 -23.08 -8.35 63.80
CA SER B 256 -23.23 -8.74 65.19
C SER B 256 -24.63 -8.44 65.69
N LYS B 257 -25.17 -7.26 65.36
CA LYS B 257 -26.51 -6.90 65.80
C LYS B 257 -27.56 -7.78 65.13
N ILE B 258 -27.39 -8.08 63.84
CA ILE B 258 -28.34 -8.94 63.15
C ILE B 258 -28.36 -10.32 63.80
N SER B 259 -27.19 -10.87 64.09
CA SER B 259 -27.13 -12.19 64.72
C SER B 259 -27.46 -12.14 66.20
N ASN B 260 -27.21 -11.01 66.86
CA ASN B 260 -27.64 -10.85 68.24
C ASN B 260 -29.15 -10.80 68.34
N ALA B 261 -29.80 -10.15 67.37
CA ALA B 261 -31.25 -10.09 67.37
C ALA B 261 -31.87 -11.48 67.38
N PHE B 262 -31.32 -12.39 66.57
CA PHE B 262 -31.80 -13.77 66.57
C PHE B 262 -31.35 -14.50 67.83
N LYS B 263 -30.10 -14.30 68.25
CA LYS B 263 -29.57 -15.02 69.39
C LYS B 263 -30.34 -14.68 70.67
N GLU B 264 -30.59 -13.39 70.91
CA GLU B 264 -31.37 -13.01 72.07
C GLU B 264 -32.82 -13.45 71.96
N ARG B 265 -33.21 -14.07 70.85
CA ARG B 265 -34.55 -14.62 70.68
C ARG B 265 -34.54 -16.15 70.57
N GLY B 266 -33.40 -16.80 70.73
CA GLY B 266 -33.37 -18.23 70.90
C GLY B 266 -32.35 -19.01 70.09
N THR B 267 -31.82 -18.44 69.03
CA THR B 267 -30.94 -19.20 68.15
C THR B 267 -29.66 -19.59 68.87
N LYS B 268 -29.27 -20.86 68.70
CA LYS B 268 -28.11 -21.42 69.39
C LYS B 268 -26.95 -21.73 68.44
N PHE B 269 -26.89 -21.05 67.29
CA PHE B 269 -25.88 -21.34 66.29
C PHE B 269 -25.19 -20.05 65.86
N ASP B 270 -24.05 -20.21 65.18
CA ASP B 270 -23.32 -19.08 64.62
C ASP B 270 -23.79 -18.82 63.19
N PHE B 271 -24.22 -17.60 62.93
CA PHE B 271 -24.72 -17.26 61.61
C PHE B 271 -23.58 -17.24 60.59
N ARG B 272 -23.86 -17.74 59.40
CA ARG B 272 -22.97 -17.63 58.26
C ARG B 272 -23.56 -16.66 57.25
N VAL B 273 -22.70 -16.12 56.40
CA VAL B 273 -23.12 -15.14 55.40
C VAL B 273 -22.61 -15.56 54.03
N MSE B 274 -23.25 -15.01 53.01
CA MSE B 274 -22.95 -15.36 51.63
C MSE B 274 -21.70 -14.63 51.14
O MSE B 274 -21.48 -13.47 51.48
CB MSE B 274 -24.14 -15.03 50.72
CG MSE B 274 -23.92 -15.35 49.26
SE MSE B 274 -23.53 -17.24 48.95
CE MSE B 274 -25.25 -17.98 49.45
H MSE B 274 -23.87 -14.42 53.09
HA MSE B 274 -22.79 -16.32 51.58
HB2 MSE B 274 -24.91 -15.54 51.02
HB3 MSE B 274 -24.33 -14.08 50.79
HG2 MSE B 274 -24.72 -15.13 48.76
HG3 MSE B 274 -23.17 -14.83 48.93
HE1 MSE B 274 -25.22 -18.94 49.35
HE2 MSE B 274 -25.44 -17.75 50.37
HE3 MSE B 274 -25.93 -17.61 48.87
N ALA B 275 -20.90 -15.32 50.34
CA ALA B 275 -19.70 -14.76 49.76
C ALA B 275 -19.84 -14.72 48.25
N THR B 276 -19.00 -13.89 47.61
CA THR B 276 -19.10 -13.72 46.17
C THR B 276 -18.96 -15.04 45.42
N HIS B 277 -18.14 -15.96 45.92
CA HIS B 277 -17.83 -17.19 45.21
C HIS B 277 -18.88 -18.27 45.38
N GLY B 278 -20.03 -17.97 45.99
CA GLY B 278 -21.09 -18.94 46.14
C GLY B 278 -20.97 -19.84 47.36
N GLY B 279 -19.94 -19.64 48.19
CA GLY B 279 -19.85 -20.34 49.44
C GLY B 279 -20.16 -19.42 50.60
N THR B 280 -20.58 -19.99 51.73
CA THR B 280 -20.88 -19.21 52.91
C THR B 280 -19.67 -19.18 53.84
N ILE B 281 -19.50 -18.05 54.52
CA ILE B 281 -18.39 -17.84 55.44
C ILE B 281 -18.91 -17.21 56.72
N SER B 282 -18.14 -17.34 57.78
CA SER B 282 -18.46 -16.67 59.02
C SER B 282 -18.40 -15.16 58.83
N TRP B 283 -19.28 -14.45 59.54
CA TRP B 283 -19.26 -13.00 59.49
C TRP B 283 -18.14 -12.41 60.33
N LYS B 284 -17.35 -13.24 61.00
CA LYS B 284 -16.12 -12.82 61.65
C LYS B 284 -14.89 -13.13 60.81
N ALA B 285 -15.08 -13.52 59.55
CA ALA B 285 -13.96 -13.90 58.70
C ALA B 285 -12.93 -12.79 58.64
N LYS B 286 -11.67 -13.19 58.39
CA LYS B 286 -10.61 -12.20 58.24
C LYS B 286 -10.82 -11.35 57.00
N GLU B 287 -11.33 -11.95 55.93
CA GLU B 287 -11.63 -11.25 54.70
C GLU B 287 -13.14 -11.21 54.52
N LEU B 288 -13.73 -10.03 54.72
CA LEU B 288 -15.16 -9.85 54.59
C LEU B 288 -15.56 -9.02 53.37
N ALA B 289 -14.59 -8.55 52.59
CA ALA B 289 -14.93 -7.92 51.32
C ALA B 289 -15.72 -8.86 50.43
N ARG B 290 -15.59 -10.17 50.65
CA ARG B 290 -16.29 -11.16 49.86
C ARG B 290 -17.79 -11.19 50.17
N THR B 291 -18.24 -10.47 51.20
CA THR B 291 -19.65 -10.39 51.55
C THR B 291 -20.33 -9.17 50.96
N ILE B 292 -19.66 -8.44 50.07
CA ILE B 292 -20.30 -7.30 49.42
C ILE B 292 -21.39 -7.77 48.46
N VAL B 293 -21.38 -9.06 48.10
CA VAL B 293 -22.40 -9.56 47.20
C VAL B 293 -23.78 -9.33 47.81
N SER B 294 -24.71 -8.90 46.96
CA SER B 294 -26.10 -8.72 47.36
C SER B 294 -27.09 -9.37 46.40
N GLY B 295 -26.69 -9.65 45.17
CA GLY B 295 -27.56 -10.25 44.19
C GLY B 295 -27.95 -11.66 44.58
N PRO B 296 -28.90 -12.23 43.87
CA PRO B 296 -29.47 -13.53 44.21
C PRO B 296 -28.66 -14.73 43.69
N ILE B 297 -27.35 -14.70 43.93
CA ILE B 297 -26.53 -15.84 43.52
C ILE B 297 -26.94 -17.10 44.27
N GLY B 298 -27.64 -16.94 45.40
CA GLY B 298 -28.19 -18.11 46.07
C GLY B 298 -29.07 -18.94 45.15
N GLY B 299 -29.84 -18.27 44.29
CA GLY B 299 -30.67 -18.99 43.35
C GLY B 299 -29.88 -19.95 42.48
N VAL B 300 -28.65 -19.55 42.11
CA VAL B 300 -27.81 -20.41 41.28
C VAL B 300 -27.27 -21.57 42.10
N ILE B 301 -26.94 -21.32 43.37
CA ILE B 301 -26.48 -22.38 44.24
C ILE B 301 -27.62 -23.33 44.59
N GLY B 302 -28.85 -22.81 44.67
CA GLY B 302 -29.98 -23.67 44.96
C GLY B 302 -30.30 -24.62 43.82
N ALA B 303 -30.32 -24.11 42.59
CA ALA B 303 -30.59 -24.96 41.43
C ALA B 303 -29.52 -26.02 41.26
N LYS B 304 -28.25 -25.65 41.51
CA LYS B 304 -27.17 -26.62 41.45
C LYS B 304 -27.36 -27.70 42.50
N TYR B 305 -27.78 -27.31 43.71
CA TYR B 305 -28.00 -28.28 44.78
C TYR B 305 -29.09 -29.27 44.41
N LEU B 306 -30.17 -28.80 43.79
CA LEU B 306 -31.21 -29.70 43.33
C LEU B 306 -30.71 -30.57 42.18
N GLY B 307 -30.04 -29.97 41.21
CA GLY B 307 -29.51 -30.73 40.09
C GLY B 307 -28.66 -31.89 40.55
N GLU B 308 -27.77 -31.66 41.51
CA GLU B 308 -26.95 -32.73 42.06
C GLU B 308 -27.82 -33.88 42.54
N VAL B 309 -28.92 -33.57 43.21
CA VAL B 309 -29.78 -34.61 43.76
C VAL B 309 -30.74 -35.16 42.71
N LEU B 310 -31.16 -34.33 41.76
CA LEU B 310 -32.12 -34.76 40.75
C LEU B 310 -31.47 -35.41 39.54
N GLY B 311 -30.20 -35.12 39.27
CA GLY B 311 -29.53 -35.63 38.10
C GLY B 311 -29.46 -34.69 36.92
N TYR B 312 -29.58 -33.38 37.16
CA TYR B 312 -29.55 -32.37 36.10
C TYR B 312 -28.18 -31.73 36.09
N LYS B 313 -27.42 -31.96 35.02
CA LYS B 313 -26.10 -31.37 34.86
C LYS B 313 -26.15 -29.98 34.24
N ASN B 314 -27.08 -29.73 33.32
CA ASN B 314 -27.15 -28.47 32.58
C ASN B 314 -28.44 -27.76 32.96
N ILE B 315 -28.32 -26.63 33.68
CA ILE B 315 -29.48 -25.92 34.21
C ILE B 315 -29.40 -24.46 33.80
N ALA B 316 -30.51 -23.91 33.31
CA ALA B 316 -30.64 -22.49 33.05
C ALA B 316 -31.50 -21.87 34.15
N CYS B 317 -30.89 -20.99 34.94
CA CYS B 317 -31.58 -20.37 36.07
C CYS B 317 -32.26 -19.08 35.64
N SER B 318 -33.46 -18.85 36.18
CA SER B 318 -34.26 -17.69 35.81
C SER B 318 -34.93 -17.16 37.07
N ASP B 319 -34.48 -16.00 37.55
CA ASP B 319 -35.01 -15.39 38.77
C ASP B 319 -35.74 -14.11 38.36
N ILE B 320 -37.06 -14.20 38.25
CA ILE B 320 -37.90 -13.08 37.86
C ILE B 320 -38.49 -12.51 39.15
N GLY B 321 -37.87 -11.44 39.65
CA GLY B 321 -38.31 -10.81 40.88
C GLY B 321 -39.05 -9.50 40.62
N GLY B 322 -39.26 -8.76 41.71
CA GLY B 322 -39.89 -7.46 41.61
C GLY B 322 -38.96 -6.34 41.21
N THR B 323 -37.66 -6.52 41.39
CA THR B 323 -36.68 -5.49 41.09
C THR B 323 -35.65 -5.89 40.04
N SER B 324 -35.62 -7.15 39.62
CA SER B 324 -34.57 -7.58 38.70
C SER B 324 -35.01 -8.81 37.93
N PHE B 325 -34.45 -8.95 36.72
CA PHE B 325 -34.52 -10.18 35.93
C PHE B 325 -33.10 -10.71 35.85
N ASP B 326 -32.83 -11.81 36.54
CA ASP B 326 -31.49 -12.38 36.61
C ASP B 326 -31.50 -13.80 36.04
N VAL B 327 -30.48 -14.11 35.24
CA VAL B 327 -30.36 -15.39 34.56
C VAL B 327 -28.93 -15.87 34.64
N ALA B 328 -28.77 -17.19 34.53
CA ALA B 328 -27.45 -17.80 34.69
C ALA B 328 -27.52 -19.25 34.21
N LEU B 329 -26.34 -19.81 33.95
CA LEU B 329 -26.23 -21.17 33.44
C LEU B 329 -25.35 -22.01 34.36
N ILE B 330 -25.80 -23.24 34.63
CA ILE B 330 -24.98 -24.27 35.25
C ILE B 330 -24.72 -25.30 34.17
N THR B 331 -23.47 -25.39 33.71
CA THR B 331 -23.10 -26.26 32.60
C THR B 331 -22.27 -27.42 33.13
N GLN B 332 -22.76 -28.64 32.95
CA GLN B 332 -22.05 -29.84 33.36
C GLN B 332 -21.70 -29.79 34.85
N GLY B 333 -22.64 -29.34 35.67
CA GLY B 333 -22.50 -29.36 37.10
C GLY B 333 -21.80 -28.16 37.71
N GLU B 334 -21.09 -27.38 36.91
CA GLU B 334 -20.31 -26.26 37.41
C GLU B 334 -20.91 -24.94 36.92
N MSE B 335 -20.71 -23.90 37.71
CA MSE B 335 -21.21 -22.57 37.39
C MSE B 335 -20.06 -21.61 37.13
O MSE B 335 -18.97 -21.76 37.68
CB MSE B 335 -22.10 -22.05 38.52
CG MSE B 335 -21.42 -21.96 39.88
SE MSE B 335 -22.71 -21.83 41.34
CE MSE B 335 -21.46 -21.64 42.82
H MSE B 335 -20.26 -23.93 38.45
HA MSE B 335 -21.76 -22.63 36.60
HB2 MSE B 335 -22.41 -21.16 38.29
HB3 MSE B 335 -22.86 -22.64 38.62
HG2 MSE B 335 -20.88 -22.75 40.02
HG3 MSE B 335 -20.87 -21.16 39.89
HE1 MSE B 335 -21.95 -21.57 43.65
HE2 MSE B 335 -20.88 -22.43 42.85
HE3 MSE B 335 -20.91 -20.85 42.69
N THR B 336 -20.31 -20.62 36.27
CA THR B 336 -19.26 -19.70 35.84
C THR B 336 -18.95 -18.68 36.92
N ILE B 337 -17.66 -18.39 37.10
CA ILE B 337 -17.18 -17.41 38.07
C ILE B 337 -16.53 -16.27 37.30
N LYS B 338 -16.97 -15.05 37.56
CA LYS B 338 -16.34 -13.86 37.02
C LYS B 338 -15.26 -13.41 38.00
N ASN B 339 -14.03 -13.26 37.51
CA ASN B 339 -12.89 -13.11 38.40
C ASN B 339 -12.51 -11.66 38.68
N ASP B 340 -12.80 -10.74 37.76
CA ASP B 340 -12.52 -9.32 37.94
C ASP B 340 -13.81 -8.50 37.82
N PRO B 341 -14.77 -8.74 38.69
CA PRO B 341 -16.07 -8.07 38.57
C PRO B 341 -16.00 -6.64 39.09
N ASP B 342 -17.14 -5.97 39.00
CA ASP B 342 -17.31 -4.63 39.56
C ASP B 342 -18.61 -4.62 40.36
N MSE B 343 -18.53 -4.12 41.58
CA MSE B 343 -19.68 -4.06 42.46
C MSE B 343 -19.65 -2.75 43.24
O MSE B 343 -18.58 -2.26 43.59
CB MSE B 343 -19.71 -5.25 43.41
CG MSE B 343 -19.90 -6.58 42.72
SE MSE B 343 -19.64 -8.11 43.90
CE MSE B 343 -17.74 -8.37 43.65
H MSE B 343 -17.81 -3.81 41.94
HA MSE B 343 -20.50 -4.08 41.93
HB2 MSE B 343 -18.85 -5.29 43.88
HB3 MSE B 343 -20.43 -5.14 44.05
HG2 MSE B 343 -20.81 -6.62 42.37
HG3 MSE B 343 -19.27 -6.65 41.99
HE1 MSE B 343 -17.45 -9.12 44.20
HE2 MSE B 343 -17.56 -8.55 42.72
HE3 MSE B 343 -17.26 -7.57 43.93
N ALA B 344 -20.82 -2.19 43.50
CA ALA B 344 -20.91 -0.90 44.21
C ALA B 344 -20.10 0.16 43.49
N ARG B 345 -20.10 0.10 42.16
CA ARG B 345 -19.35 1.06 41.34
C ARG B 345 -17.86 1.04 41.68
N LEU B 346 -17.35 -0.12 42.07
CA LEU B 346 -15.93 -0.31 42.35
C LEU B 346 -15.44 -1.53 41.60
N VAL B 347 -14.31 -1.41 40.92
CA VAL B 347 -13.65 -2.57 40.36
C VAL B 347 -13.01 -3.36 41.50
N LEU B 348 -13.26 -4.67 41.52
CA LEU B 348 -12.88 -5.50 42.65
C LEU B 348 -12.21 -6.79 42.16
N SER B 349 -11.47 -7.40 43.09
CA SER B 349 -10.74 -8.63 42.81
C SER B 349 -11.36 -9.80 43.55
N LEU B 350 -12.65 -10.05 43.31
CA LEU B 350 -13.38 -11.07 44.04
C LEU B 350 -13.98 -12.07 43.07
N PRO B 351 -13.77 -13.38 43.26
CA PRO B 351 -14.45 -14.37 42.41
C PRO B 351 -15.94 -14.36 42.68
N LEU B 352 -16.72 -14.00 41.67
CA LEU B 352 -18.17 -13.81 41.81
C LEU B 352 -18.91 -14.81 40.94
N VAL B 353 -19.99 -15.38 41.48
CA VAL B 353 -20.88 -16.21 40.68
C VAL B 353 -21.51 -15.35 39.60
N ALA B 354 -21.43 -15.82 38.36
CA ALA B 354 -21.83 -15.01 37.21
C ALA B 354 -23.33 -15.08 37.00
N MSE B 355 -23.98 -13.92 37.04
CA MSE B 355 -25.36 -13.79 36.61
C MSE B 355 -25.48 -12.58 35.71
O MSE B 355 -24.71 -11.62 35.84
CB MSE B 355 -26.32 -13.64 37.80
CG MSE B 355 -26.29 -14.80 38.77
SE MSE B 355 -27.84 -14.74 39.96
CE MSE B 355 -29.19 -15.43 38.74
H MSE B 355 -23.64 -13.19 37.32
HA MSE B 355 -25.63 -14.59 36.10
HB2 MSE B 355 -26.07 -12.84 38.28
HB3 MSE B 355 -27.22 -13.57 37.46
HG2 MSE B 355 -26.32 -15.64 38.28
HG3 MSE B 355 -25.50 -14.75 39.30
HE1 MSE B 355 -30.04 -15.46 39.21
HE2 MSE B 355 -29.25 -14.83 37.98
HE3 MSE B 355 -28.93 -16.31 38.46
N ASP B 356 -26.45 -12.60 34.79
CA ASP B 356 -26.70 -11.49 33.89
C ASP B 356 -28.03 -10.86 34.24
N SER B 357 -28.05 -9.53 34.35
CA SER B 357 -29.30 -8.81 34.58
C SER B 357 -29.98 -8.52 33.25
N VAL B 358 -31.25 -8.86 33.16
CA VAL B 358 -32.02 -8.66 31.94
C VAL B 358 -33.00 -7.49 32.05
N GLY B 359 -33.38 -7.10 33.26
CA GLY B 359 -34.34 -6.02 33.41
C GLY B 359 -34.51 -5.65 34.86
N ALA B 360 -35.55 -4.87 35.13
CA ALA B 360 -35.77 -4.27 36.44
C ALA B 360 -36.93 -4.91 37.20
N GLY B 361 -37.23 -6.17 36.90
CA GLY B 361 -38.21 -6.91 37.68
C GLY B 361 -39.63 -6.67 37.20
N ALA B 362 -40.57 -7.30 37.91
CA ALA B 362 -41.98 -7.13 37.61
C ALA B 362 -42.48 -5.73 37.92
N GLY B 363 -41.73 -4.97 38.73
CA GLY B 363 -42.04 -3.59 38.98
C GLY B 363 -41.51 -2.63 37.95
N SER B 364 -40.99 -3.13 36.84
CA SER B 364 -40.41 -2.27 35.82
C SER B 364 -41.48 -1.36 35.24
N PHE B 365 -41.19 -0.06 35.21
CA PHE B 365 -42.12 0.90 34.65
C PHE B 365 -42.22 0.73 33.15
N ILE B 366 -43.42 0.95 32.62
CA ILE B 366 -43.70 0.86 31.20
C ILE B 366 -44.02 2.27 30.72
N ARG B 367 -43.25 2.75 29.74
CA ARG B 367 -43.43 4.09 29.21
C ARG B 367 -43.42 4.04 27.68
N LEU B 368 -43.97 5.09 27.09
CA LEU B 368 -43.87 5.32 25.65
C LEU B 368 -42.91 6.47 25.45
N ASP B 369 -41.84 6.22 24.70
CA ASP B 369 -40.85 7.25 24.44
C ASP B 369 -41.53 8.46 23.79
N PRO B 370 -41.28 9.68 24.26
CA PRO B 370 -42.00 10.82 23.69
C PRO B 370 -41.57 11.15 22.27
N TYR B 371 -40.31 10.90 21.95
CA TYR B 371 -39.79 11.20 20.62
C TYR B 371 -40.11 10.08 19.64
N THR B 372 -40.21 8.86 20.13
CA THR B 372 -40.39 7.69 19.28
C THR B 372 -41.74 7.01 19.45
N ARG B 373 -42.35 7.09 20.62
CA ARG B 373 -43.56 6.35 20.94
C ARG B 373 -43.30 4.87 21.07
N ALA B 374 -42.03 4.48 21.23
CA ALA B 374 -41.66 3.09 21.42
C ALA B 374 -41.86 2.67 22.87
N ILE B 375 -42.16 1.40 23.07
CA ILE B 375 -42.43 0.87 24.40
C ILE B 375 -41.11 0.64 25.11
N LYS B 376 -40.96 1.22 26.29
CA LYS B 376 -39.73 1.16 27.07
C LYS B 376 -40.02 0.56 28.43
N LEU B 377 -39.36 -0.54 28.76
CA LEU B 377 -39.45 -1.17 30.07
C LEU B 377 -38.24 -0.75 30.91
N GLY B 378 -38.50 -0.26 32.11
CA GLY B 378 -37.43 0.13 33.00
C GLY B 378 -36.66 1.33 32.47
N PRO B 379 -35.41 1.52 32.94
CA PRO B 379 -34.65 0.63 33.82
C PRO B 379 -34.96 0.80 35.31
N ASP B 380 -35.83 1.75 35.65
CA ASP B 380 -36.27 1.92 37.02
C ASP B 380 -37.50 1.05 37.28
N SER B 381 -37.70 0.70 38.55
CA SER B 381 -38.75 -0.21 38.95
C SER B 381 -39.50 0.34 40.16
N ALA B 382 -40.80 0.02 40.22
CA ALA B 382 -41.58 0.36 41.40
C ALA B 382 -41.15 -0.46 42.60
N GLY B 383 -40.69 -1.69 42.39
CA GLY B 383 -40.17 -2.49 43.47
C GLY B 383 -41.27 -2.89 44.44
N TYR B 384 -41.02 -2.67 45.73
CA TYR B 384 -41.99 -3.01 46.76
C TYR B 384 -43.29 -2.26 46.58
N ARG B 385 -43.27 -1.10 45.90
CA ARG B 385 -44.48 -0.32 45.69
C ARG B 385 -45.40 -0.94 44.63
N VAL B 386 -44.89 -1.89 43.84
CA VAL B 386 -45.71 -2.72 42.97
C VAL B 386 -46.10 -1.99 41.70
N GLY B 387 -47.02 -1.03 41.82
CA GLY B 387 -47.52 -0.35 40.64
C GLY B 387 -48.60 0.65 41.02
N VAL B 388 -49.38 1.06 40.00
CA VAL B 388 -50.47 1.99 40.26
C VAL B 388 -51.61 1.29 40.98
N CYS B 389 -51.72 -0.04 40.82
CA CYS B 389 -52.80 -0.78 41.47
C CYS B 389 -52.78 -0.60 42.98
N TRP B 390 -51.65 -0.15 43.54
CA TRP B 390 -51.56 0.16 44.97
C TRP B 390 -51.72 1.67 45.12
N LYS B 391 -52.91 2.09 45.51
CA LYS B 391 -53.18 3.52 45.65
C LYS B 391 -52.28 4.16 46.69
N GLU B 392 -52.04 3.46 47.80
CA GLU B 392 -51.27 4.03 48.89
C GLU B 392 -49.77 4.03 48.63
N SER B 393 -49.33 3.44 47.52
CA SER B 393 -47.91 3.48 47.17
C SER B 393 -47.51 4.80 46.56
N GLY B 394 -48.44 5.48 45.90
CA GLY B 394 -48.14 6.71 45.20
C GLY B 394 -47.61 6.53 43.80
N ILE B 395 -47.40 5.29 43.35
CA ILE B 395 -46.92 5.05 42.00
C ILE B 395 -47.95 5.57 41.01
N GLU B 396 -47.52 6.49 40.15
CA GLU B 396 -48.37 7.04 39.11
C GLU B 396 -48.08 6.47 37.72
N THR B 397 -47.02 5.68 37.57
CA THR B 397 -46.62 5.10 36.30
C THR B 397 -46.89 3.60 36.32
N VAL B 398 -47.51 3.09 35.27
CA VAL B 398 -47.83 1.66 35.20
C VAL B 398 -46.55 0.83 35.24
N THR B 399 -46.71 -0.42 35.67
CA THR B 399 -45.61 -1.37 35.76
C THR B 399 -46.06 -2.69 35.16
N ILE B 400 -45.09 -3.60 34.97
CA ILE B 400 -45.42 -4.93 34.48
C ILE B 400 -46.44 -5.61 35.38
N SER B 401 -46.38 -5.33 36.68
CA SER B 401 -47.37 -5.90 37.59
C SER B 401 -48.77 -5.38 37.27
N ASP B 402 -48.88 -4.13 36.84
CA ASP B 402 -50.19 -3.61 36.44
C ASP B 402 -50.73 -4.35 35.23
N CYS B 403 -49.85 -4.82 34.34
CA CYS B 403 -50.30 -5.63 33.22
C CYS B 403 -50.81 -6.98 33.71
N HIS B 404 -50.21 -7.54 34.75
CA HIS B 404 -50.69 -8.78 35.33
C HIS B 404 -52.07 -8.62 35.96
N MSE B 405 -52.40 -7.42 36.42
CA MSE B 405 -53.69 -7.15 37.03
C MSE B 405 -54.78 -7.09 35.96
O MSE B 405 -55.80 -7.76 36.07
CB MSE B 405 -53.64 -5.85 37.82
CG MSE B 405 -52.65 -5.88 38.95
SE MSE B 405 -53.22 -7.09 40.35
CE MSE B 405 -54.59 -5.96 41.12
H MSE B 405 -51.88 -6.73 36.39
HA MSE B 405 -53.90 -7.87 37.65
HB2 MSE B 405 -53.40 -5.13 37.22
HB3 MSE B 405 -54.53 -5.68 38.20
HG2 MSE B 405 -51.79 -6.18 38.61
HG3 MSE B 405 -52.57 -4.99 39.32
HE1 MSE B 405 -55.00 -6.42 41.87
HE2 MSE B 405 -54.18 -5.13 41.43
HE3 MSE B 405 -55.25 -5.75 40.44
N VAL B 406 -54.54 -6.27 34.94
CA VAL B 406 -55.45 -6.20 33.80
C VAL B 406 -55.66 -7.58 33.23
N LEU B 407 -54.57 -8.25 32.85
CA LEU B 407 -54.69 -9.52 32.15
C LEU B 407 -55.29 -10.61 33.02
N GLY B 408 -55.31 -10.43 34.34
CA GLY B 408 -55.90 -11.41 35.22
C GLY B 408 -54.97 -12.50 35.72
N TYR B 409 -53.66 -12.33 35.56
CA TYR B 409 -52.73 -13.34 36.05
C TYR B 409 -52.65 -13.32 37.57
N LEU B 410 -52.66 -12.13 38.16
CA LEU B 410 -52.53 -11.97 39.60
C LEU B 410 -53.90 -11.78 40.25
N ASN B 411 -54.00 -12.23 41.51
CA ASN B 411 -55.22 -12.07 42.28
C ASN B 411 -55.12 -10.77 43.08
N PRO B 412 -55.94 -9.75 42.79
CA PRO B 412 -55.86 -8.50 43.55
C PRO B 412 -56.00 -8.69 45.05
N ASP B 413 -56.72 -9.72 45.49
CA ASP B 413 -57.01 -9.94 46.89
C ASP B 413 -56.03 -10.90 47.55
N ASN B 414 -54.96 -11.29 46.85
CA ASN B 414 -54.03 -12.28 47.39
C ASN B 414 -52.58 -11.88 47.16
N PHE B 415 -52.31 -10.57 47.09
CA PHE B 415 -50.94 -10.09 46.96
C PHE B 415 -50.30 -10.08 48.34
N LEU B 416 -49.33 -10.97 48.56
CA LEU B 416 -48.75 -11.17 49.87
C LEU B 416 -49.82 -11.59 50.87
N GLY B 417 -50.64 -12.56 50.44
CA GLY B 417 -51.77 -13.01 51.23
C GLY B 417 -52.89 -12.02 51.35
N GLY B 418 -52.82 -10.88 50.65
CA GLY B 418 -53.77 -9.82 50.80
C GLY B 418 -53.26 -8.65 51.64
N ALA B 419 -52.03 -8.73 52.14
CA ALA B 419 -51.49 -7.64 52.94
C ALA B 419 -51.46 -6.33 52.16
N VAL B 420 -51.24 -6.41 50.85
CA VAL B 420 -51.20 -5.23 50.00
C VAL B 420 -52.59 -5.04 49.39
N LYS B 421 -53.15 -3.85 49.58
CA LYS B 421 -54.50 -3.53 49.08
C LYS B 421 -54.37 -3.06 47.64
N LEU B 422 -54.71 -3.93 46.71
CA LEU B 422 -54.61 -3.65 45.28
C LEU B 422 -55.98 -3.36 44.69
N ASP B 423 -55.99 -2.51 43.67
CA ASP B 423 -57.23 -2.13 42.96
C ASP B 423 -56.97 -2.34 41.47
N ARG B 424 -57.53 -3.41 40.91
CA ARG B 424 -57.32 -3.70 39.49
C ARG B 424 -57.81 -2.57 38.60
N GLN B 425 -58.86 -1.87 39.02
CA GLN B 425 -59.39 -0.79 38.18
C GLN B 425 -58.38 0.34 38.04
N ARG B 426 -57.51 0.54 39.02
CA ARG B 426 -56.46 1.53 38.89
C ARG B 426 -55.51 1.18 37.75
N SER B 427 -55.21 -0.11 37.59
CA SER B 427 -54.34 -0.54 36.51
C SER B 427 -55.01 -0.33 35.15
N VAL B 428 -56.30 -0.68 35.04
CA VAL B 428 -57.01 -0.52 33.77
C VAL B 428 -57.00 0.94 33.36
N ASP B 429 -57.18 1.86 34.32
CA ASP B 429 -57.25 3.27 33.98
C ASP B 429 -55.88 3.82 33.61
N ALA B 430 -54.83 3.43 34.33
CA ALA B 430 -53.50 3.97 34.07
C ALA B 430 -52.94 3.42 32.76
N ILE B 431 -53.16 2.14 32.48
CA ILE B 431 -52.70 1.58 31.22
C ILE B 431 -53.47 2.18 30.05
N LYS B 432 -54.74 2.55 30.26
CA LYS B 432 -55.53 3.11 29.17
C LYS B 432 -55.00 4.48 28.76
N ALA B 433 -54.60 5.29 29.74
CA ALA B 433 -54.15 6.65 29.43
C ALA B 433 -52.68 6.71 29.04
N GLN B 434 -51.87 5.77 29.53
CA GLN B 434 -50.43 5.84 29.34
C GLN B 434 -49.93 5.00 28.16
N ILE B 435 -50.62 3.91 27.81
CA ILE B 435 -50.12 2.98 26.81
C ILE B 435 -51.17 2.74 25.73
N ALA B 436 -52.31 2.18 26.12
CA ALA B 436 -53.27 1.68 25.15
C ALA B 436 -53.75 2.77 24.19
N ASP B 437 -54.41 3.80 24.74
CA ASP B 437 -54.94 4.87 23.89
C ASP B 437 -53.89 5.49 22.98
N PRO B 438 -52.71 5.88 23.47
CA PRO B 438 -51.68 6.42 22.56
C PRO B 438 -51.37 5.50 21.40
N LEU B 439 -51.34 4.19 21.62
CA LEU B 439 -51.06 3.23 20.56
C LEU B 439 -52.28 2.86 19.75
N GLY B 440 -53.48 3.20 20.21
CA GLY B 440 -54.69 2.81 19.52
C GLY B 440 -55.11 1.39 19.78
N LEU B 441 -54.83 0.87 20.97
CA LEU B 441 -55.13 -0.51 21.33
C LEU B 441 -56.14 -0.53 22.47
N SER B 442 -56.79 -1.67 22.63
CA SER B 442 -57.56 -1.91 23.83
C SER B 442 -56.61 -2.09 25.02
N VAL B 443 -57.14 -1.94 26.22
CA VAL B 443 -56.32 -2.04 27.42
C VAL B 443 -55.72 -3.44 27.52
N GLU B 444 -56.51 -4.46 27.19
CA GLU B 444 -56.04 -5.83 27.34
C GLU B 444 -54.96 -6.15 26.32
N ASP B 445 -55.14 -5.73 25.06
CA ASP B 445 -54.13 -5.97 24.05
C ASP B 445 -52.84 -5.23 24.36
N ALA B 446 -52.95 -4.02 24.91
CA ALA B 446 -51.75 -3.27 25.30
C ALA B 446 -51.00 -4.02 26.39
N ALA B 447 -51.70 -4.40 27.46
CA ALA B 447 -51.06 -5.16 28.53
C ALA B 447 -50.50 -6.48 28.02
N ALA B 448 -51.33 -7.24 27.30
CA ALA B 448 -50.86 -8.51 26.73
C ALA B 448 -49.65 -8.29 25.84
N GLY B 449 -49.63 -7.17 25.12
CA GLY B 449 -48.50 -6.88 24.24
C GLY B 449 -47.21 -6.66 25.01
N VAL B 450 -47.27 -5.87 26.09
CA VAL B 450 -46.09 -5.67 26.92
C VAL B 450 -45.55 -7.00 27.41
N ILE B 451 -46.43 -7.85 27.94
CA ILE B 451 -46.01 -9.17 28.39
C ILE B 451 -45.42 -9.96 27.24
N GLU B 452 -45.97 -9.78 26.04
CA GLU B 452 -45.40 -10.44 24.87
C GLU B 452 -43.99 -9.95 24.59
N LEU B 453 -43.79 -8.63 24.65
CA LEU B 453 -42.45 -8.08 24.45
C LEU B 453 -41.48 -8.64 25.48
N LEU B 454 -41.88 -8.63 26.76
CA LEU B 454 -41.00 -9.11 27.82
C LEU B 454 -40.63 -10.57 27.62
N ASP B 455 -41.60 -11.41 27.26
CA ASP B 455 -41.33 -12.82 27.09
C ASP B 455 -40.31 -13.05 25.97
N SER B 456 -40.40 -12.28 24.89
CA SER B 456 -39.47 -12.46 23.78
C SER B 456 -38.05 -12.08 24.19
N ASP B 457 -37.90 -10.95 24.90
CA ASP B 457 -36.59 -10.56 25.40
C ASP B 457 -35.98 -11.69 26.23
N LEU B 458 -36.73 -12.19 27.22
CA LEU B 458 -36.22 -13.25 28.08
C LEU B 458 -36.00 -14.54 27.31
N ARG B 459 -36.92 -14.88 26.39
CA ARG B 459 -36.75 -16.10 25.62
C ARG B 459 -35.49 -16.04 24.78
N ASP B 460 -35.26 -14.91 24.09
CA ASP B 460 -34.09 -14.78 23.24
C ASP B 460 -32.81 -14.74 24.06
N TYR B 461 -32.84 -14.07 25.22
CA TYR B 461 -31.64 -13.97 26.03
C TYR B 461 -31.25 -15.32 26.64
N LEU B 462 -32.23 -16.19 26.89
CA LEU B 462 -31.91 -17.55 27.29
C LEU B 462 -31.37 -18.36 26.12
N ARG B 463 -32.02 -18.23 24.95
CA ARG B 463 -31.55 -18.96 23.77
C ARG B 463 -30.11 -18.56 23.43
N SER B 464 -29.84 -17.26 23.36
CA SER B 464 -28.52 -16.80 22.97
C SER B 464 -27.45 -17.22 23.97
N MSE B 465 -27.81 -17.23 25.24
CA MSE B 465 -26.87 -17.56 26.30
C MSE B 465 -26.45 -19.03 26.24
O MSE B 465 -25.27 -19.34 26.41
CB MSE B 465 -27.49 -17.25 27.66
CG MSE B 465 -26.52 -17.35 28.82
SE MSE B 465 -27.40 -16.97 30.51
CE MSE B 465 -28.06 -15.22 30.07
H MSE B 465 -28.61 -17.06 25.53
HA MSE B 465 -26.08 -17.00 26.20
HB2 MSE B 465 -27.84 -16.35 27.64
HB3 MSE B 465 -28.20 -17.89 27.83
HG2 MSE B 465 -26.15 -18.24 28.86
HG3 MSE B 465 -25.81 -16.70 28.70
HE1 MSE B 465 -28.55 -14.88 30.84
HE2 MSE B 465 -27.31 -14.65 29.87
HE3 MSE B 465 -28.65 -15.28 29.31
N ILE B 466 -27.42 -19.90 26.00
CA ILE B 466 -27.12 -21.31 25.83
C ILE B 466 -26.37 -21.54 24.52
N SER B 467 -26.77 -20.84 23.46
CA SER B 467 -26.06 -20.95 22.19
C SER B 467 -24.60 -20.51 22.33
N GLY B 468 -24.32 -19.54 23.20
CA GLY B 468 -22.95 -19.10 23.39
C GLY B 468 -22.06 -20.19 23.93
N LYS B 469 -22.58 -21.00 24.87
CA LYS B 469 -21.82 -22.12 25.42
C LYS B 469 -21.70 -23.28 24.44
N GLY B 470 -22.22 -23.15 23.22
CA GLY B 470 -22.15 -24.23 22.26
C GLY B 470 -23.19 -25.32 22.46
N TYR B 471 -24.29 -25.01 23.14
CA TYR B 471 -25.36 -25.96 23.41
C TYR B 471 -26.65 -25.49 22.76
N SER B 472 -27.61 -26.41 22.69
CA SER B 472 -28.98 -26.07 22.38
C SER B 472 -29.85 -26.31 23.61
N PRO B 473 -30.98 -25.60 23.74
CA PRO B 473 -31.79 -25.76 24.95
C PRO B 473 -32.18 -27.20 25.25
N ALA B 474 -32.25 -28.05 24.23
CA ALA B 474 -32.61 -29.45 24.46
C ALA B 474 -31.66 -30.12 25.43
N SER B 475 -30.40 -29.70 25.46
CA SER B 475 -29.43 -30.25 26.40
C SER B 475 -29.57 -29.69 27.80
N PHE B 476 -30.51 -28.77 28.03
CA PHE B 476 -30.59 -28.02 29.27
C PHE B 476 -31.95 -28.22 29.92
N VAL B 477 -32.01 -27.85 31.19
CA VAL B 477 -33.25 -27.79 31.94
C VAL B 477 -33.40 -26.37 32.46
N CYS B 478 -34.64 -25.90 32.55
CA CYS B 478 -34.90 -24.52 32.94
C CYS B 478 -35.56 -24.49 34.32
N PHE B 479 -35.01 -23.68 35.21
CA PHE B 479 -35.58 -23.41 36.52
C PHE B 479 -36.14 -21.99 36.53
N SER B 480 -37.38 -21.86 36.95
CA SER B 480 -38.07 -20.57 36.99
C SER B 480 -38.53 -20.33 38.43
N TYR B 481 -37.94 -19.33 39.07
CA TYR B 481 -38.28 -19.02 40.46
C TYR B 481 -38.33 -17.50 40.60
N GLY B 482 -38.34 -17.03 41.85
CA GLY B 482 -38.70 -15.67 42.13
C GLY B 482 -40.20 -15.49 42.18
N GLY B 483 -40.63 -14.41 42.83
CA GLY B 483 -42.06 -14.17 42.99
C GLY B 483 -42.79 -14.14 41.66
N ALA B 484 -42.15 -13.65 40.61
CA ALA B 484 -42.79 -13.45 39.33
C ALA B 484 -42.32 -14.44 38.26
N GLY B 485 -41.42 -15.35 38.59
CA GLY B 485 -40.95 -16.33 37.64
C GLY B 485 -42.07 -17.21 37.13
N PRO B 486 -42.77 -17.88 38.04
CA PRO B 486 -43.89 -18.73 37.63
C PRO B 486 -44.99 -17.99 36.88
N VAL B 487 -44.97 -16.66 36.86
CA VAL B 487 -45.97 -15.91 36.11
C VAL B 487 -45.63 -15.87 34.63
N HIS B 488 -44.34 -16.01 34.28
CA HIS B 488 -43.88 -15.88 32.90
C HIS B 488 -43.28 -17.16 32.35
N THR B 489 -43.12 -18.20 33.16
CA THR B 489 -42.42 -19.40 32.72
C THR B 489 -42.96 -19.90 31.39
N TYR B 490 -44.29 -19.98 31.26
CA TYR B 490 -44.88 -20.47 30.02
C TYR B 490 -44.41 -19.65 28.82
N GLY B 491 -44.26 -18.34 29.00
CA GLY B 491 -44.03 -17.43 27.89
C GLY B 491 -42.61 -17.43 27.36
N TYR B 492 -41.62 -17.42 28.26
CA TYR B 492 -40.23 -17.32 27.85
C TYR B 492 -39.53 -18.68 27.79
N THR B 493 -40.26 -19.77 28.01
CA THR B 493 -39.75 -21.11 27.73
C THR B 493 -40.43 -21.74 26.52
N GLU B 494 -41.38 -21.04 25.91
CA GLU B 494 -42.18 -21.61 24.84
C GLU B 494 -41.35 -21.79 23.58
N GLY B 495 -41.28 -23.03 23.08
CA GLY B 495 -40.64 -23.31 21.82
C GLY B 495 -39.15 -23.48 21.88
N LEU B 496 -38.51 -23.19 23.02
CA LEU B 496 -37.07 -23.39 23.11
C LEU B 496 -36.69 -24.87 23.14
N GLY B 497 -37.62 -25.73 23.51
CA GLY B 497 -37.34 -27.16 23.50
C GLY B 497 -36.53 -27.64 24.68
N PHE B 498 -36.70 -27.02 25.85
CA PHE B 498 -35.99 -27.48 27.04
C PHE B 498 -36.35 -28.92 27.34
N GLU B 499 -35.37 -29.66 27.86
CA GLU B 499 -35.63 -31.02 28.31
C GLU B 499 -36.73 -31.04 29.36
N ASP B 500 -36.72 -30.07 30.26
CA ASP B 500 -37.72 -29.99 31.31
C ASP B 500 -37.76 -28.55 31.81
N VAL B 501 -38.95 -28.10 32.18
CA VAL B 501 -39.18 -26.76 32.73
C VAL B 501 -39.72 -26.94 34.14
N ILE B 502 -39.02 -26.40 35.12
CA ILE B 502 -39.28 -26.68 36.51
C ILE B 502 -39.62 -25.38 37.24
N VAL B 503 -40.69 -25.41 38.03
CA VAL B 503 -41.07 -24.30 38.88
C VAL B 503 -41.10 -24.82 40.32
N PRO B 504 -40.15 -24.44 41.18
CA PRO B 504 -40.17 -24.96 42.55
C PRO B 504 -41.35 -24.39 43.33
N ALA B 505 -41.98 -25.26 44.14
CA ALA B 505 -43.08 -24.81 44.98
C ALA B 505 -42.66 -23.69 45.92
N TRP B 506 -41.37 -23.60 46.25
CA TRP B 506 -40.85 -22.50 47.06
C TRP B 506 -40.15 -21.47 46.20
N ALA B 507 -40.71 -21.19 45.02
CA ALA B 507 -40.09 -20.24 44.10
C ALA B 507 -39.90 -18.88 44.74
N ALA B 508 -40.87 -18.43 45.53
CA ALA B 508 -40.80 -17.09 46.12
C ALA B 508 -39.64 -16.93 47.09
N GLY B 509 -39.01 -18.03 47.50
CA GLY B 509 -37.87 -17.95 48.40
C GLY B 509 -36.72 -18.83 47.97
N PHE B 510 -36.66 -19.14 46.66
CA PHE B 510 -35.61 -20.02 46.17
C PHE B 510 -34.24 -19.43 46.40
N SER B 511 -34.08 -18.13 46.18
CA SER B 511 -32.80 -17.47 46.45
C SER B 511 -32.39 -17.65 47.91
N ALA B 512 -33.36 -17.62 48.83
CA ALA B 512 -33.05 -17.84 50.24
C ALA B 512 -32.80 -19.32 50.52
N PHE B 513 -33.54 -20.20 49.85
CA PHE B 513 -33.27 -21.64 49.95
C PHE B 513 -31.85 -21.94 49.48
N GLY B 514 -31.38 -21.24 48.46
CA GLY B 514 -30.06 -21.49 47.92
C GLY B 514 -28.94 -21.06 48.86
N CYS B 515 -29.15 -19.98 49.61
CA CYS B 515 -28.16 -19.58 50.61
C CYS B 515 -27.96 -20.68 51.64
N ALA B 516 -29.06 -21.33 52.06
CA ALA B 516 -28.95 -22.41 53.02
C ALA B 516 -28.36 -23.68 52.41
N ALA B 517 -28.47 -23.83 51.09
CA ALA B 517 -27.90 -24.99 50.41
C ALA B 517 -26.42 -24.82 50.10
N ALA B 518 -25.88 -23.62 50.27
CA ALA B 518 -24.48 -23.37 49.95
C ALA B 518 -23.57 -24.05 50.98
N ASP B 519 -22.36 -24.38 50.54
CA ASP B 519 -21.37 -24.96 51.42
C ASP B 519 -20.80 -23.92 52.36
N PHE B 520 -20.27 -24.40 53.49
CA PHE B 520 -19.46 -23.57 54.37
C PHE B 520 -18.04 -23.60 53.80
N GLU B 521 -17.77 -22.66 52.89
CA GLU B 521 -16.63 -22.76 51.98
C GLU B 521 -15.86 -21.44 51.95
N TYR B 522 -14.62 -21.46 52.43
CA TYR B 522 -13.70 -20.36 52.24
C TYR B 522 -12.93 -20.56 50.95
N ARG B 523 -12.62 -19.45 50.28
CA ARG B 523 -11.89 -19.50 49.02
C ARG B 523 -10.86 -18.38 48.98
N TYR B 524 -9.67 -18.70 48.49
CA TYR B 524 -8.59 -17.74 48.32
C TYR B 524 -7.94 -17.95 46.95
N ASP B 525 -7.49 -16.86 46.35
CA ASP B 525 -6.97 -16.87 44.99
C ASP B 525 -5.64 -16.14 44.93
N LYS B 526 -4.79 -16.58 44.00
CA LYS B 526 -3.52 -15.92 43.72
C LYS B 526 -3.25 -16.00 42.23
N SER B 527 -2.70 -14.92 41.68
CA SER B 527 -2.39 -14.86 40.26
C SER B 527 -1.04 -15.53 39.97
N LEU B 528 -0.95 -16.14 38.79
CA LEU B 528 0.27 -16.80 38.34
C LEU B 528 0.48 -16.46 36.87
N ASP B 529 1.69 -16.77 36.38
CA ASP B 529 2.02 -16.60 34.98
C ASP B 529 2.95 -17.73 34.53
N ILE B 530 2.44 -18.95 34.56
CA ILE B 530 3.17 -20.12 34.09
C ILE B 530 2.95 -20.25 32.59
N ASN B 531 4.05 -20.42 31.85
CA ASN B 531 4.01 -20.55 30.39
C ASN B 531 4.70 -21.85 30.03
N MSE B 532 3.95 -22.78 29.43
CA MSE B 532 4.48 -24.10 29.14
C MSE B 532 4.19 -24.57 27.71
O MSE B 532 3.05 -24.82 27.35
CB MSE B 532 3.89 -25.13 30.11
CG MSE B 532 4.37 -24.94 31.54
SE MSE B 532 6.24 -25.42 31.77
CE MSE B 532 6.09 -27.35 31.53
H MSE B 532 3.14 -22.66 29.19
HA MSE B 532 5.44 -24.11 29.27
HB2 MSE B 532 2.93 -25.04 30.11
HB3 MSE B 532 4.15 -26.02 29.82
HG2 MSE B 532 4.27 -24.01 31.80
HG3 MSE B 532 3.84 -25.50 32.13
HE1 MSE B 532 6.96 -27.75 31.62
HE2 MSE B 532 5.49 -27.70 32.21
HE3 MSE B 532 5.73 -27.53 30.65
N PRO B 533 5.24 -24.66 26.88
CA PRO B 533 5.07 -25.27 25.56
C PRO B 533 4.54 -26.69 25.66
N THR B 534 4.03 -27.19 24.53
CA THR B 534 3.45 -28.54 24.49
C THR B 534 4.42 -29.56 25.06
N GLU B 535 5.59 -29.69 24.45
CA GLU B 535 6.60 -30.64 24.88
C GLU B 535 7.78 -29.87 25.48
N THR B 536 8.16 -30.25 26.70
CA THR B 536 9.27 -29.62 27.39
C THR B 536 9.92 -30.67 28.29
N PRO B 537 11.19 -30.49 28.65
CA PRO B 537 11.83 -31.44 29.55
C PRO B 537 11.15 -31.49 30.91
N ASP B 538 11.44 -32.56 31.66
CA ASP B 538 10.81 -32.76 32.96
C ASP B 538 11.15 -31.63 33.92
N THR B 539 12.39 -31.14 33.90
CA THR B 539 12.80 -30.08 34.82
C THR B 539 11.85 -28.89 34.72
N ASP B 540 11.52 -28.48 33.49
CA ASP B 540 10.59 -27.36 33.31
C ASP B 540 9.23 -27.70 33.90
N LYS B 541 8.70 -28.89 33.60
CA LYS B 541 7.47 -29.33 34.23
C LYS B 541 7.62 -29.39 35.75
N GLU B 542 8.81 -29.77 36.22
CA GLU B 542 9.03 -29.86 37.66
C GLU B 542 8.96 -28.48 38.31
N LYS B 543 9.39 -27.43 37.61
CA LYS B 543 9.33 -26.09 38.16
C LYS B 543 7.94 -25.49 38.06
N ALA B 544 7.17 -25.86 37.03
CA ALA B 544 5.78 -25.41 36.96
C ALA B 544 4.97 -25.94 38.12
N ALA B 545 5.07 -27.25 38.39
CA ALA B 545 4.37 -27.83 39.52
C ALA B 545 4.81 -27.18 40.83
N ALA B 546 6.11 -26.87 40.95
CA ALA B 546 6.61 -26.25 42.17
C ALA B 546 5.99 -24.87 42.37
N THR B 547 5.88 -24.09 41.29
CA THR B 547 5.30 -22.76 41.39
C THR B 547 3.84 -22.85 41.82
N LEU B 548 3.07 -23.75 41.20
CA LEU B 548 1.68 -23.93 41.57
C LEU B 548 1.56 -24.46 42.99
N GLN B 549 2.39 -25.46 43.34
CA GLN B 549 2.34 -26.04 44.68
C GLN B 549 2.62 -24.99 45.74
N ALA B 550 3.62 -24.14 45.52
CA ALA B 550 3.94 -23.11 46.51
C ALA B 550 2.76 -22.15 46.69
N ALA B 551 2.04 -21.85 45.61
CA ALA B 551 0.86 -21.01 45.72
C ALA B 551 -0.23 -21.70 46.53
N TRP B 552 -0.49 -22.96 46.23
CA TRP B 552 -1.45 -23.74 47.02
C TRP B 552 -1.10 -23.72 48.50
N GLU B 553 0.19 -23.82 48.82
CA GLU B 553 0.60 -23.83 50.22
C GLU B 553 0.29 -22.50 50.89
N GLU B 554 0.51 -21.40 50.18
CA GLU B 554 0.22 -20.08 50.75
C GLU B 554 -1.28 -19.89 50.93
N LEU B 555 -2.08 -20.40 50.00
CA LEU B 555 -3.52 -20.25 50.10
C LEU B 555 -4.10 -21.20 51.15
N THR B 556 -3.60 -22.44 51.21
CA THR B 556 -4.05 -23.38 52.22
C THR B 556 -3.95 -22.80 53.62
N LYS B 557 -2.84 -22.11 53.91
CA LYS B 557 -2.72 -21.43 55.21
C LYS B 557 -3.91 -20.52 55.46
N ASN B 558 -4.24 -19.67 54.48
CA ASN B 558 -5.33 -18.72 54.64
C ASN B 558 -6.65 -19.43 54.90
N VAL B 559 -6.93 -20.48 54.14
CA VAL B 559 -8.19 -21.19 54.29
C VAL B 559 -8.30 -21.81 55.67
N LEU B 560 -7.27 -22.57 56.08
CA LEU B 560 -7.33 -23.27 57.35
C LEU B 560 -7.32 -22.30 58.53
N GLU B 561 -6.66 -21.15 58.39
CA GLU B 561 -6.73 -20.15 59.45
C GLU B 561 -8.15 -19.64 59.65
N GLU B 562 -8.84 -19.36 58.53
CA GLU B 562 -10.23 -18.92 58.62
C GLU B 562 -11.08 -19.91 59.40
N PHE B 563 -10.89 -21.21 59.14
CA PHE B 563 -11.68 -22.23 59.83
C PHE B 563 -11.23 -22.38 61.28
N LYS B 564 -9.93 -22.29 61.53
CA LYS B 564 -9.44 -22.40 62.91
C LYS B 564 -10.07 -21.33 63.79
N LEU B 565 -10.29 -20.13 63.25
CA LEU B 565 -10.93 -19.08 64.03
C LEU B 565 -12.40 -19.39 64.28
N ASN B 566 -13.04 -20.11 63.36
CA ASN B 566 -14.43 -20.50 63.54
C ASN B 566 -14.59 -21.72 64.44
N GLY B 567 -13.49 -22.29 64.92
CA GLY B 567 -13.54 -23.44 65.81
C GLY B 567 -13.38 -24.78 65.14
N TYR B 568 -12.94 -24.82 63.89
CA TYR B 568 -12.77 -26.06 63.14
C TYR B 568 -11.30 -26.33 62.89
N SER B 569 -10.90 -27.59 63.03
CA SER B 569 -9.52 -27.99 62.88
C SER B 569 -9.24 -28.49 61.46
N ALA B 570 -7.96 -28.58 61.13
CA ALA B 570 -7.56 -28.94 59.77
C ALA B 570 -8.18 -30.27 59.35
N ASP B 571 -8.12 -31.28 60.22
CA ASP B 571 -8.68 -32.59 59.89
C ASP B 571 -10.19 -32.54 59.69
N GLN B 572 -10.84 -31.42 60.00
CA GLN B 572 -12.26 -31.24 59.72
C GLN B 572 -12.50 -30.56 58.39
N VAL B 573 -11.50 -29.90 57.83
CA VAL B 573 -11.62 -29.15 56.59
C VAL B 573 -11.30 -30.06 55.41
N THR B 574 -12.08 -29.93 54.34
CA THR B 574 -11.88 -30.70 53.11
C THR B 574 -11.35 -29.74 52.04
N LEU B 575 -10.05 -29.80 51.78
CA LEU B 575 -9.41 -28.90 50.83
C LEU B 575 -9.59 -29.41 49.41
N GLN B 576 -9.87 -28.48 48.49
CA GLN B 576 -9.99 -28.80 47.07
C GLN B 576 -9.13 -27.82 46.28
N PRO B 577 -7.90 -28.20 45.93
CA PRO B 577 -7.04 -27.29 45.16
C PRO B 577 -7.59 -27.07 43.76
N GLY B 578 -7.34 -25.88 43.23
CA GLY B 578 -7.81 -25.54 41.90
C GLY B 578 -6.84 -24.59 41.22
N TYR B 579 -7.09 -24.38 39.93
CA TYR B 579 -6.26 -23.49 39.13
C TYR B 579 -7.04 -23.10 37.89
N ARG B 580 -6.67 -21.96 37.31
CA ARG B 580 -7.24 -21.47 36.06
C ARG B 580 -6.19 -21.65 34.97
N MSE B 581 -6.53 -22.46 33.97
CA MSE B 581 -5.59 -22.81 32.92
C MSE B 581 -6.25 -22.63 31.55
O MSE B 581 -7.48 -22.68 31.44
CB MSE B 581 -5.10 -24.24 33.09
CG MSE B 581 -3.71 -24.51 32.55
SE MSE B 581 -3.19 -26.39 32.67
CE MSE B 581 -4.05 -26.97 31.08
H MSE B 581 -7.30 -22.82 33.89
HA MSE B 581 -4.82 -22.22 32.97
HB2 MSE B 581 -5.09 -24.45 34.03
HB3 MSE B 581 -5.72 -24.84 32.63
HG2 MSE B 581 -3.68 -24.26 31.61
HG3 MSE B 581 -3.07 -23.98 33.05
HE1 MSE B 581 -3.90 -27.93 30.96
HE2 MSE B 581 -5.00 -26.80 31.15
HE3 MSE B 581 -3.68 -26.48 30.33
N GLN B 582 -5.45 -22.41 30.52
CA GLN B 582 -5.99 -22.20 29.19
C GLN B 582 -4.92 -22.52 28.15
N TYR B 583 -5.38 -22.94 26.97
CA TYR B 583 -4.47 -23.06 25.84
C TYR B 583 -3.93 -21.67 25.49
N ARG B 584 -2.60 -21.57 25.40
CA ARG B 584 -1.95 -20.27 25.31
C ARG B 584 -2.57 -19.43 24.20
N GLY B 585 -2.88 -18.18 24.52
CA GLY B 585 -3.44 -17.24 23.58
C GLY B 585 -4.95 -17.13 23.62
N GLN B 586 -5.64 -18.16 24.11
CA GLN B 586 -7.10 -18.18 24.14
C GLN B 586 -7.57 -18.25 25.58
N LEU B 587 -8.57 -17.43 25.92
CA LEU B 587 -9.13 -17.39 27.25
C LEU B 587 -10.31 -18.36 27.36
N ASN B 588 -10.60 -18.75 28.60
CA ASN B 588 -11.73 -19.63 28.87
C ASN B 588 -12.41 -19.16 30.15
N ASP B 589 -13.61 -19.70 30.40
CA ASP B 589 -14.45 -19.30 31.51
C ASP B 589 -14.68 -20.46 32.48
N LEU B 590 -13.67 -21.29 32.67
CA LEU B 590 -13.80 -22.44 33.55
C LEU B 590 -12.60 -22.55 34.48
N GLU B 591 -12.83 -23.14 35.64
CA GLU B 591 -11.81 -23.42 36.63
C GLU B 591 -11.73 -24.92 36.82
N ILE B 592 -10.52 -25.42 37.08
CA ILE B 592 -10.24 -26.85 37.14
C ILE B 592 -9.96 -27.23 38.58
N GLU B 593 -10.58 -28.31 39.03
CA GLU B 593 -10.27 -28.89 40.33
C GLU B 593 -9.09 -29.85 40.18
N SER B 594 -8.06 -29.65 40.98
CA SER B 594 -6.84 -30.43 40.83
C SER B 594 -7.11 -31.89 41.14
N PRO B 595 -6.75 -32.83 40.25
CA PRO B 595 -6.83 -34.26 40.63
C PRO B 595 -5.88 -34.63 41.74
N LEU B 596 -4.97 -33.75 42.14
CA LEU B 596 -3.93 -34.06 43.11
C LEU B 596 -3.97 -33.04 44.24
N ALA B 597 -3.79 -33.52 45.46
CA ALA B 597 -3.67 -32.61 46.60
C ALA B 597 -2.37 -31.83 46.56
N GLN B 598 -1.36 -32.34 45.84
CA GLN B 598 -0.07 -31.69 45.73
C GLN B 598 0.57 -32.12 44.42
N ALA B 599 1.41 -31.25 43.87
CA ALA B 599 2.09 -31.51 42.61
C ALA B 599 3.58 -31.28 42.79
N HIS B 600 4.39 -32.27 42.40
CA HIS B 600 5.83 -32.18 42.57
C HIS B 600 6.57 -32.65 41.33
N THR B 601 6.20 -33.81 40.82
CA THR B 601 6.90 -34.43 39.70
C THR B 601 6.38 -33.91 38.36
N ALA B 602 7.13 -34.21 37.30
CA ALA B 602 6.67 -33.89 35.96
C ALA B 602 5.44 -34.71 35.59
N ALA B 603 5.30 -35.91 36.16
CA ALA B 603 4.11 -36.70 35.93
C ALA B 603 2.89 -36.05 36.58
N ASP B 604 3.06 -35.52 37.79
CA ASP B 604 1.96 -34.80 38.43
C ASP B 604 1.49 -33.64 37.57
N TRP B 605 2.43 -32.90 36.97
CA TRP B 605 2.06 -31.81 36.09
C TRP B 605 1.28 -32.32 34.88
N ASP B 606 1.71 -33.45 34.31
CA ASP B 606 0.98 -34.02 33.19
C ASP B 606 -0.46 -34.31 33.56
N GLN B 607 -0.71 -34.69 34.82
CA GLN B 607 -2.08 -34.94 35.25
C GLN B 607 -2.91 -33.67 35.24
N LEU B 608 -2.30 -32.55 35.63
CA LEU B 608 -3.04 -31.29 35.69
C LEU B 608 -3.40 -30.80 34.29
N THR B 609 -2.48 -30.93 33.34
CA THR B 609 -2.80 -30.58 31.96
C THR B 609 -3.85 -31.52 31.38
N ASP B 610 -3.82 -32.80 31.76
CA ASP B 610 -4.83 -33.73 31.29
C ASP B 610 -6.19 -33.42 31.90
N ALA B 611 -6.21 -32.99 33.17
CA ALA B 611 -7.47 -32.65 33.82
C ALA B 611 -8.17 -31.52 33.09
N PHE B 612 -7.41 -30.54 32.61
CA PHE B 612 -8.01 -29.43 31.86
C PHE B 612 -8.54 -29.91 30.52
N ASN B 613 -7.73 -30.67 29.78
CA ASN B 613 -8.20 -31.24 28.52
C ASN B 613 -9.49 -32.03 28.73
N ALA B 614 -9.57 -32.77 29.83
CA ALA B 614 -10.78 -33.51 30.14
C ALA B 614 -11.95 -32.57 30.42
N THR B 615 -11.75 -31.61 31.32
CA THR B 615 -12.81 -30.67 31.66
C THR B 615 -13.23 -29.87 30.43
N TYR B 616 -12.26 -29.44 29.62
CA TYR B 616 -12.58 -28.63 28.45
C TYR B 616 -13.47 -29.41 27.49
N GLY B 617 -13.13 -30.67 27.22
CA GLY B 617 -13.94 -31.49 26.33
C GLY B 617 -15.30 -31.80 26.92
N ARG B 618 -15.38 -31.94 28.24
CA ARG B 618 -16.65 -32.25 28.88
C ARG B 618 -17.61 -31.07 28.78
N VAL B 619 -17.12 -29.86 29.06
CA VAL B 619 -17.97 -28.68 29.01
C VAL B 619 -18.23 -28.27 27.57
N TYR B 620 -17.22 -28.39 26.71
CA TYR B 620 -17.36 -28.00 25.31
C TYR B 620 -17.07 -29.19 24.40
N ALA B 624 -12.35 -28.84 19.24
CA ALA B 624 -12.40 -27.52 19.85
C ALA B 624 -11.17 -27.27 20.73
N ARG B 625 -10.46 -28.35 21.07
CA ARG B 625 -9.27 -28.24 21.90
C ARG B 625 -8.04 -27.99 21.04
N SER B 626 -7.02 -27.43 21.67
CA SER B 626 -5.78 -27.05 20.97
C SER B 626 -4.58 -27.31 21.88
N PRO B 627 -4.30 -28.58 22.18
CA PRO B 627 -3.10 -28.89 22.98
C PRO B 627 -1.80 -28.45 22.33
N GLU B 628 -1.82 -28.05 21.06
CA GLU B 628 -0.59 -27.79 20.34
C GLU B 628 0.11 -26.54 20.85
N LEU B 629 -0.65 -25.51 21.22
CA LEU B 629 -0.08 -24.22 21.60
C LEU B 629 0.52 -24.22 22.99
N GLY B 630 0.42 -25.31 23.73
CA GLY B 630 0.88 -25.33 25.10
C GLY B 630 -0.20 -24.88 26.06
N TYR B 631 0.22 -24.62 27.30
CA TYR B 631 -0.71 -24.31 28.37
C TYR B 631 -0.19 -23.13 29.18
N SER B 632 -1.13 -22.38 29.75
CA SER B 632 -0.83 -21.24 30.61
C SER B 632 -1.68 -21.32 31.87
N VAL B 633 -1.05 -21.14 33.03
CA VAL B 633 -1.75 -21.03 34.30
C VAL B 633 -1.74 -19.57 34.71
N THR B 634 -2.92 -18.97 34.84
CA THR B 634 -3.04 -17.57 35.20
C THR B 634 -3.40 -17.37 36.67
N GLY B 635 -3.82 -18.42 37.36
CA GLY B 635 -4.19 -18.30 38.75
C GLY B 635 -4.29 -19.63 39.48
N ALA B 636 -4.03 -19.61 40.79
CA ALA B 636 -4.19 -20.79 41.64
C ALA B 636 -5.37 -20.56 42.57
N ILE B 637 -6.03 -21.65 42.95
CA ILE B 637 -7.23 -21.58 43.77
C ILE B 637 -7.13 -22.58 44.90
N MSE B 638 -7.60 -22.18 46.07
CA MSE B 638 -7.74 -23.11 47.18
C MSE B 638 -9.11 -22.92 47.82
O MSE B 638 -9.49 -21.81 48.19
CB MSE B 638 -6.65 -22.89 48.23
CG MSE B 638 -6.66 -23.90 49.36
SE MSE B 638 -6.47 -25.74 48.74
CE MSE B 638 -4.83 -25.54 47.73
H MSE B 638 -7.84 -21.38 46.25
HA MSE B 638 -7.67 -24.02 46.86
HB2 MSE B 638 -5.79 -22.94 47.79
HB3 MSE B 638 -6.77 -22.00 48.61
HG2 MSE B 638 -5.93 -23.71 49.97
HG3 MSE B 638 -7.50 -23.83 49.84
HE1 MSE B 638 -4.59 -26.39 47.34
HE2 MSE B 638 -4.96 -24.89 47.03
HE3 MSE B 638 -4.12 -25.25 48.33
N ARG B 639 -9.87 -24.02 47.93
CA ARG B 639 -11.18 -24.01 48.57
C ARG B 639 -11.19 -24.99 49.73
N GLY B 640 -11.77 -24.57 50.84
CA GLY B 640 -11.91 -25.43 52.00
C GLY B 640 -13.34 -25.51 52.47
N MSE B 641 -13.85 -26.71 52.63
CA MSE B 641 -15.25 -26.93 52.98
C MSE B 641 -15.40 -27.69 54.28
O MSE B 641 -14.62 -28.62 54.57
CB MSE B 641 -15.96 -27.66 51.84
CG MSE B 641 -17.38 -28.10 52.16
SE MSE B 641 -17.49 -29.94 52.78
CE MSE B 641 -17.07 -30.85 51.11
H MSE B 641 -13.40 -27.44 52.54
HA MSE B 641 -15.68 -26.06 53.08
HB2 MSE B 641 -16.00 -27.08 51.06
HB3 MSE B 641 -15.45 -28.46 51.63
HG2 MSE B 641 -17.74 -27.52 52.86
HG3 MSE B 641 -17.93 -28.02 51.36
HE1 MSE B 641 -17.09 -31.82 51.26
HE2 MSE B 641 -17.74 -30.61 50.44
HE3 MSE B 641 -16.20 -30.58 50.81
N VAL B 642 -16.39 -27.32 55.07
CA VAL B 642 -16.73 -27.98 56.33
C VAL B 642 -18.21 -28.34 56.26
N PRO B 643 -18.61 -29.57 56.59
CA PRO B 643 -20.02 -29.94 56.44
C PRO B 643 -20.91 -29.21 57.44
N ILE B 644 -22.07 -28.78 56.96
CA ILE B 644 -23.06 -28.11 57.81
C ILE B 644 -24.44 -28.64 57.46
N PRO B 645 -25.40 -28.47 58.36
CA PRO B 645 -26.78 -28.91 58.06
C PRO B 645 -27.34 -28.18 56.85
N LYS B 646 -27.80 -28.95 55.87
CA LYS B 646 -28.34 -28.36 54.66
C LYS B 646 -29.83 -28.65 54.53
N PRO B 647 -30.59 -27.77 53.88
CA PRO B 647 -32.04 -27.97 53.78
C PRO B 647 -32.37 -29.32 53.14
N LYS B 648 -33.25 -30.07 53.80
CA LYS B 648 -33.67 -31.36 53.28
C LYS B 648 -34.60 -31.18 52.10
N ILE B 649 -34.40 -31.99 51.07
CA ILE B 649 -35.24 -31.95 49.87
C ILE B 649 -36.38 -32.94 50.08
N PRO B 650 -37.64 -32.51 50.03
CA PRO B 650 -38.74 -33.46 50.19
C PRO B 650 -38.63 -34.61 49.20
N LYS B 651 -39.15 -35.77 49.61
CA LYS B 651 -39.09 -36.97 48.79
C LYS B 651 -40.32 -37.81 49.12
N GLU B 652 -41.52 -37.23 48.87
CA GLU B 652 -42.77 -37.83 49.28
C GLU B 652 -43.32 -38.77 48.20
N PRO B 653 -44.02 -39.83 48.60
CA PRO B 653 -44.68 -40.68 47.61
C PRO B 653 -45.81 -39.94 46.92
N GLU B 654 -45.98 -40.21 45.63
CA GLU B 654 -46.92 -39.45 44.84
C GLU B 654 -48.31 -40.06 44.90
N GLU B 655 -49.32 -39.19 44.83
CA GLU B 655 -50.71 -39.59 45.02
C GLU B 655 -51.44 -39.61 43.68
N GLY B 656 -52.73 -39.28 43.68
CA GLY B 656 -53.51 -39.39 42.46
C GLY B 656 -53.24 -38.26 41.49
N GLU B 657 -53.44 -38.54 40.20
CA GLU B 657 -53.29 -37.53 39.17
C GLU B 657 -54.29 -36.39 39.35
N THR B 658 -55.44 -36.66 39.95
CA THR B 658 -56.48 -35.64 40.08
C THR B 658 -56.27 -34.86 41.37
N PRO B 659 -56.22 -33.52 41.33
CA PRO B 659 -55.95 -32.77 42.54
C PRO B 659 -57.14 -32.79 43.47
N PRO B 660 -56.92 -32.71 44.79
CA PRO B 660 -58.05 -32.70 45.73
C PRO B 660 -58.97 -31.51 45.48
N GLU B 661 -60.26 -31.73 45.75
CA GLU B 661 -61.24 -30.66 45.56
C GLU B 661 -60.99 -29.51 46.53
N SER B 662 -60.36 -29.78 47.67
CA SER B 662 -60.01 -28.71 48.59
C SER B 662 -59.02 -27.73 47.98
N ALA B 663 -58.32 -28.13 46.91
CA ALA B 663 -57.36 -27.23 46.26
C ALA B 663 -58.03 -26.24 45.32
N LYS B 664 -59.24 -26.54 44.84
CA LYS B 664 -59.94 -25.62 43.96
C LYS B 664 -60.48 -24.44 44.76
N ILE B 665 -60.16 -23.23 44.32
CA ILE B 665 -60.49 -22.03 45.08
C ILE B 665 -61.14 -20.99 44.18
N GLY B 666 -61.87 -21.45 43.17
CA GLY B 666 -62.65 -20.56 42.33
C GLY B 666 -62.09 -20.47 40.92
N THR B 667 -62.58 -19.47 40.19
CA THR B 667 -62.12 -19.18 38.84
C THR B 667 -61.89 -17.68 38.69
N ARG B 668 -60.98 -17.34 37.77
CA ARG B 668 -60.71 -15.97 37.42
C ARG B 668 -60.43 -15.90 35.93
N LYS B 669 -61.00 -14.89 35.27
CA LYS B 669 -60.80 -14.70 33.84
C LYS B 669 -59.48 -13.99 33.59
N PHE B 670 -58.64 -14.58 32.74
CA PHE B 670 -57.45 -13.90 32.27
C PHE B 670 -57.39 -13.91 30.75
N TYR B 671 -56.57 -13.03 30.21
CA TYR B 671 -56.57 -12.69 28.79
C TYR B 671 -55.27 -13.14 28.15
N ARG B 672 -55.37 -13.91 27.07
CA ARG B 672 -54.18 -14.34 26.36
C ARG B 672 -54.57 -14.73 24.94
N LYS B 673 -53.75 -14.30 23.98
CA LYS B 673 -53.97 -14.58 22.56
C LYS B 673 -55.37 -14.17 22.14
N LYS B 674 -55.71 -12.91 22.43
CA LYS B 674 -56.96 -12.30 21.99
C LYS B 674 -58.20 -13.00 22.54
N ARG B 675 -58.04 -13.79 23.60
CA ARG B 675 -59.14 -14.57 24.16
C ARG B 675 -59.24 -14.33 25.66
N TRP B 676 -60.43 -13.99 26.12
CA TRP B 676 -60.74 -14.08 27.55
C TRP B 676 -61.11 -15.53 27.87
N VAL B 677 -60.48 -16.08 28.91
CA VAL B 677 -60.62 -17.50 29.23
C VAL B 677 -60.86 -17.65 30.72
N ASP B 678 -61.84 -18.47 31.08
CA ASP B 678 -62.12 -18.81 32.47
C ASP B 678 -61.08 -19.81 32.95
N ALA B 679 -60.25 -19.40 33.90
CA ALA B 679 -59.15 -20.22 34.39
C ALA B 679 -59.47 -20.75 35.78
N GLN B 680 -59.13 -22.02 36.01
CA GLN B 680 -59.33 -22.64 37.31
C GLN B 680 -58.22 -22.23 38.26
N LEU B 681 -58.60 -21.69 39.42
CA LEU B 681 -57.65 -21.34 40.44
C LEU B 681 -57.34 -22.55 41.32
N TYR B 682 -56.11 -22.61 41.80
CA TYR B 682 -55.67 -23.67 42.69
C TYR B 682 -54.85 -23.08 43.83
N HIS B 683 -55.00 -23.67 45.01
CA HIS B 683 -54.17 -23.31 46.15
C HIS B 683 -52.92 -24.19 46.10
N MSE B 684 -51.79 -23.58 45.78
CA MSE B 684 -50.55 -24.32 45.53
C MSE B 684 -50.22 -25.31 46.64
O MSE B 684 -49.99 -26.49 46.39
CB MSE B 684 -49.38 -23.35 45.35
CG MSE B 684 -48.05 -24.01 45.06
SE MSE B 684 -46.69 -22.74 44.51
CE MSE B 684 -47.37 -22.28 42.76
H MSE B 684 -51.70 -22.72 45.70
HA MSE B 684 -50.64 -24.81 44.71
HB2 MSE B 684 -49.58 -22.75 44.61
HB3 MSE B 684 -49.27 -22.82 46.17
HG2 MSE B 684 -47.74 -24.47 45.85
HG3 MSE B 684 -48.17 -24.65 44.33
HE1 MSE B 684 -46.77 -21.63 42.35
HE2 MSE B 684 -47.41 -23.08 42.21
HE3 MSE B 684 -48.26 -21.90 42.85
N GLU B 685 -50.22 -24.84 47.88
CA GLU B 685 -49.89 -25.70 48.98
C GLU B 685 -50.80 -26.85 49.20
N SER B 686 -52.00 -26.77 48.67
CA SER B 686 -52.96 -27.85 48.82
C SER B 686 -52.75 -28.97 47.81
N LEU B 687 -52.03 -28.72 46.73
CA LEU B 687 -51.80 -29.75 45.73
C LEU B 687 -50.86 -30.81 46.28
N ARG B 688 -50.93 -32.00 45.67
CA ARG B 688 -50.24 -33.17 46.17
C ARG B 688 -49.30 -33.72 45.10
N PRO B 689 -48.17 -34.32 45.50
CA PRO B 689 -47.30 -34.97 44.53
C PRO B 689 -48.08 -35.96 43.67
N GLY B 690 -47.86 -35.89 42.36
CA GLY B 690 -48.59 -36.67 41.40
C GLY B 690 -49.72 -35.90 40.72
N ASN B 691 -50.25 -34.88 41.39
CA ASN B 691 -51.34 -34.11 40.81
C ASN B 691 -50.94 -33.54 39.45
N ARG B 692 -51.90 -33.48 38.54
CA ARG B 692 -51.73 -32.86 37.24
C ARG B 692 -52.75 -31.75 37.09
N VAL B 693 -52.29 -30.58 36.66
CA VAL B 693 -53.15 -29.43 36.43
C VAL B 693 -53.11 -29.09 34.95
N MSE B 694 -54.27 -29.12 34.30
CA MSE B 694 -54.37 -28.79 32.89
C MSE B 694 -54.82 -27.34 32.73
O MSE B 694 -55.83 -26.94 33.30
CB MSE B 694 -55.35 -29.73 32.20
CG MSE B 694 -55.48 -29.55 30.69
SE MSE B 694 -54.02 -30.34 29.67
CE MSE B 694 -54.19 -32.19 30.27
H MSE B 694 -55.01 -29.33 34.67
HA MSE B 694 -53.51 -28.90 32.47
HB2 MSE B 694 -55.07 -30.65 32.35
HB3 MSE B 694 -56.24 -29.59 32.58
HG2 MSE B 694 -56.31 -29.95 30.39
HG3 MSE B 694 -55.49 -28.59 30.49
HE1 MSE B 694 -53.52 -32.72 29.83
HE2 MSE B 694 -54.07 -32.23 31.23
HE3 MSE B 694 -55.08 -32.52 30.03
N GLY B 695 -54.06 -26.57 31.96
CA GLY B 695 -54.44 -25.19 31.69
C GLY B 695 -55.76 -25.14 30.95
N PRO B 696 -56.43 -23.99 30.96
CA PRO B 696 -56.01 -22.73 31.60
C PRO B 696 -56.26 -22.71 33.10
N ALA B 697 -55.20 -22.60 33.89
CA ALA B 697 -55.32 -22.58 35.34
C ALA B 697 -54.26 -21.65 35.91
N VAL B 698 -54.49 -21.20 37.14
CA VAL B 698 -53.57 -20.33 37.86
C VAL B 698 -53.37 -20.92 39.25
N ILE B 699 -52.21 -21.50 39.49
CA ILE B 699 -51.88 -22.10 40.78
C ILE B 699 -51.33 -21.00 41.67
N GLU B 700 -52.10 -20.61 42.68
CA GLU B 700 -51.79 -19.43 43.48
C GLU B 700 -51.16 -19.80 44.81
N SER B 701 -50.19 -19.00 45.22
CA SER B 701 -49.64 -19.01 46.57
C SER B 701 -49.83 -17.62 47.16
N ASP B 702 -49.34 -17.43 48.38
CA ASP B 702 -49.48 -16.13 49.02
C ASP B 702 -48.46 -15.11 48.54
N ALA B 703 -47.33 -15.58 47.97
CA ALA B 703 -46.29 -14.68 47.50
C ALA B 703 -45.76 -15.07 46.13
N THR B 704 -46.52 -15.87 45.38
CA THR B 704 -46.16 -16.20 44.00
C THR B 704 -47.38 -16.80 43.31
N THR B 705 -47.43 -16.60 41.99
CA THR B 705 -48.53 -17.11 41.17
C THR B 705 -47.95 -17.85 39.98
N PHE B 706 -48.44 -19.06 39.75
CA PHE B 706 -47.96 -19.94 38.68
C PHE B 706 -49.03 -20.02 37.60
N VAL B 707 -48.76 -19.43 36.44
CA VAL B 707 -49.74 -19.35 35.37
C VAL B 707 -49.54 -20.54 34.43
N VAL B 708 -50.65 -21.18 34.06
CA VAL B 708 -50.62 -22.32 33.15
C VAL B 708 -51.71 -22.12 32.10
N PRO B 709 -51.44 -21.41 31.01
CA PRO B 709 -52.49 -21.17 30.01
C PRO B 709 -52.89 -22.46 29.31
N ASP B 710 -53.98 -22.39 28.56
CA ASP B 710 -54.37 -23.50 27.71
C ASP B 710 -53.26 -23.76 26.69
N GLY B 711 -53.09 -25.03 26.36
CA GLY B 711 -51.90 -25.45 25.64
C GLY B 711 -50.71 -25.73 26.53
N PHE B 712 -50.93 -25.82 27.84
CA PHE B 712 -49.87 -26.12 28.80
C PHE B 712 -50.44 -27.03 29.88
N GLU B 713 -49.55 -27.83 30.46
CA GLU B 713 -49.92 -28.78 31.50
C GLU B 713 -48.84 -28.79 32.55
N THR B 714 -49.21 -29.16 33.77
CA THR B 714 -48.26 -29.21 34.87
C THR B 714 -48.53 -30.44 35.74
N TRP B 715 -47.45 -30.99 36.29
CA TRP B 715 -47.56 -32.05 37.27
C TRP B 715 -46.55 -31.79 38.38
N LEU B 716 -46.87 -32.26 39.58
CA LEU B 716 -46.07 -32.01 40.77
C LEU B 716 -45.44 -33.32 41.23
N ASP B 717 -44.13 -33.29 41.48
CA ASP B 717 -43.40 -34.48 41.85
C ASP B 717 -43.24 -34.55 43.37
N GLY B 718 -42.54 -35.60 43.83
CA GLY B 718 -42.38 -35.82 45.25
C GLY B 718 -41.56 -34.76 45.95
N HIS B 719 -40.81 -33.97 45.21
CA HIS B 719 -39.99 -32.90 45.78
C HIS B 719 -40.72 -31.57 45.81
N ARG B 720 -42.01 -31.56 45.49
CA ARG B 720 -42.78 -30.32 45.40
C ARG B 720 -42.23 -29.40 44.31
N LEU B 721 -41.80 -30.00 43.21
CA LEU B 721 -41.38 -29.27 42.03
C LEU B 721 -42.43 -29.45 40.94
N PHE B 722 -42.86 -28.35 40.34
CA PHE B 722 -43.77 -28.40 39.21
C PHE B 722 -42.98 -28.57 37.93
N HIS B 723 -43.53 -29.35 36.99
CA HIS B 723 -42.96 -29.54 35.67
C HIS B 723 -43.95 -29.03 34.64
N LEU B 724 -43.47 -28.25 33.67
CA LEU B 724 -44.33 -27.58 32.71
C LEU B 724 -44.16 -28.18 31.33
N ARG B 725 -45.27 -28.54 30.70
CA ARG B 725 -45.28 -29.10 29.35
C ARG B 725 -46.21 -28.28 28.47
N GLU B 726 -46.05 -28.45 27.15
CA GLU B 726 -46.86 -27.73 26.18
C GLU B 726 -47.98 -28.59 25.60
N VAL B 727 -47.91 -29.91 25.75
CA VAL B 727 -48.95 -30.81 25.23
C VAL B 727 -49.21 -30.50 23.76
N ALA C 2 -43.42 16.76 35.13
CA ALA C 2 -42.84 18.02 35.57
C ALA C 2 -42.11 17.85 36.90
N TYR C 3 -41.19 18.76 37.18
CA TYR C 3 -40.40 18.72 38.40
C TYR C 3 -40.84 19.81 39.36
N THR C 4 -40.61 19.56 40.64
CA THR C 4 -40.86 20.58 41.65
C THR C 4 -40.10 21.85 41.31
N ARG C 5 -40.70 23.00 41.63
CA ARG C 5 -40.03 24.27 41.38
C ARG C 5 -38.68 24.34 42.09
N SER C 6 -38.63 23.87 43.34
CA SER C 6 -37.38 23.91 44.09
C SER C 6 -36.28 23.12 43.39
N LYS C 7 -36.65 22.02 42.75
CA LYS C 7 -35.65 21.23 42.02
C LYS C 7 -35.07 22.03 40.86
N ILE C 8 -35.92 22.72 40.10
CA ILE C 8 -35.42 23.58 39.03
C ILE C 8 -34.63 24.74 39.61
N VAL C 9 -35.04 25.24 40.78
CA VAL C 9 -34.28 26.30 41.44
C VAL C 9 -32.90 25.77 41.84
N ASP C 10 -32.86 24.57 42.43
CA ASP C 10 -31.57 23.97 42.76
C ASP C 10 -30.72 23.80 41.52
N LEU C 11 -31.33 23.43 40.39
CA LEU C 11 -30.59 23.31 39.14
C LEU C 11 -29.89 24.61 38.80
N VAL C 12 -30.63 25.72 38.79
CA VAL C 12 -30.04 27.01 38.47
C VAL C 12 -28.92 27.35 39.45
N ASP C 13 -29.17 27.16 40.74
CA ASP C 13 -28.18 27.48 41.76
C ASP C 13 -27.05 26.46 41.84
N GLY C 14 -27.11 25.39 41.04
CA GLY C 14 -26.05 24.39 41.08
C GLY C 14 -26.00 23.57 42.33
N LYS C 15 -27.09 23.53 43.10
CA LYS C 15 -27.15 22.80 44.35
C LYS C 15 -28.02 21.55 44.26
N ILE C 16 -28.43 21.16 43.05
CA ILE C 16 -29.35 20.03 42.89
C ILE C 16 -28.67 18.75 43.33
N ASP C 17 -29.46 17.80 43.80
CA ASP C 17 -28.96 16.52 44.27
C ASP C 17 -28.67 15.59 43.10
N PRO C 18 -27.82 14.58 43.31
CA PRO C 18 -27.43 13.70 42.19
C PRO C 18 -28.58 12.93 41.57
N ASP C 19 -29.48 12.38 42.39
CA ASP C 19 -30.52 11.50 41.86
C ASP C 19 -31.51 12.27 40.99
N THR C 20 -31.84 13.50 41.37
CA THR C 20 -32.74 14.30 40.53
C THR C 20 -32.06 14.70 39.24
N LEU C 21 -30.79 15.13 39.32
CA LEU C 21 -30.06 15.51 38.12
C LEU C 21 -29.97 14.35 37.13
N HIS C 22 -29.75 13.13 37.65
CA HIS C 22 -29.73 11.96 36.78
C HIS C 22 -31.11 11.74 36.16
N GLN C 23 -32.18 11.92 36.93
CA GLN C 23 -33.52 11.81 36.38
C GLN C 23 -33.70 12.75 35.19
N MSE C 24 -33.52 14.05 35.44
CA MSE C 24 -33.65 15.07 34.39
C MSE C 24 -32.91 14.67 33.11
O MSE C 24 -33.36 15.00 32.02
CB MSE C 24 -33.11 16.41 34.90
CG MSE C 24 -33.93 17.02 36.04
SE MSE C 24 -33.19 18.71 36.65
CE MSE C 24 -34.63 19.25 37.85
H MSE C 24 -33.34 14.37 36.21
HA MSE C 24 -34.59 15.18 34.19
HB2 MSE C 24 -32.21 16.28 35.23
HB3 MSE C 24 -33.11 17.03 34.17
HG2 MSE C 24 -34.83 17.18 35.72
HG3 MSE C 24 -33.94 16.40 36.78
HE1 MSE C 24 -34.40 20.11 38.25
HE2 MSE C 24 -35.45 19.34 37.33
HE3 MSE C 24 -34.74 18.59 38.54
N LEU C 25 -31.80 13.97 33.25
CA LEU C 25 -30.98 13.63 32.10
C LEU C 25 -31.51 12.42 31.34
N SER C 26 -31.89 11.36 32.07
CA SER C 26 -32.29 10.11 31.45
C SER C 26 -33.76 10.04 31.11
N THR C 27 -34.59 10.83 31.78
CA THR C 27 -36.03 10.82 31.56
C THR C 27 -36.40 11.83 30.48
N PRO C 28 -37.59 11.72 29.88
CA PRO C 28 -37.98 12.71 28.87
C PRO C 28 -38.11 14.11 29.45
N LYS C 29 -37.74 15.10 28.64
CA LYS C 29 -37.75 16.48 29.10
C LYS C 29 -39.16 16.95 29.44
N ASP C 30 -39.24 17.86 30.40
CA ASP C 30 -40.51 18.44 30.79
C ASP C 30 -40.80 19.66 29.92
N PRO C 31 -41.88 19.68 29.15
CA PRO C 31 -42.16 20.86 28.31
C PRO C 31 -42.34 22.13 29.11
N GLU C 32 -42.60 22.04 30.41
CA GLU C 32 -42.85 23.21 31.24
C GLU C 32 -41.56 23.85 31.74
N ARG C 33 -40.39 23.36 31.33
CA ARG C 33 -39.14 23.82 31.91
C ARG C 33 -38.91 25.30 31.63
N PHE C 34 -39.12 25.73 30.39
CA PHE C 34 -38.76 27.09 30.01
C PHE C 34 -39.56 28.11 30.82
N VAL C 35 -40.89 27.96 30.85
CA VAL C 35 -41.72 28.93 31.57
C VAL C 35 -41.25 29.06 33.01
N THR C 36 -41.06 27.92 33.69
CA THR C 36 -40.61 27.95 35.08
C THR C 36 -39.20 28.52 35.17
N TYR C 37 -38.33 28.13 34.23
CA TYR C 37 -36.95 28.58 34.24
C TYR C 37 -36.85 30.10 34.14
N VAL C 38 -37.60 30.70 33.21
CA VAL C 38 -37.56 32.16 33.06
C VAL C 38 -38.09 32.83 34.31
N GLU C 39 -39.23 32.36 34.81
CA GLU C 39 -39.82 32.97 36.00
C GLU C 39 -38.85 32.93 37.18
N ILE C 40 -38.16 31.81 37.37
CA ILE C 40 -37.16 31.72 38.44
C ILE C 40 -36.12 32.83 38.26
N LEU C 41 -35.59 32.98 37.04
CA LEU C 41 -34.60 34.02 36.80
C LEU C 41 -35.20 35.41 37.00
N GLN C 42 -36.46 35.60 36.63
CA GLN C 42 -37.07 36.92 36.72
C GLN C 42 -37.07 37.44 38.15
N GLU C 43 -37.56 36.64 39.09
CA GLU C 43 -37.66 37.09 40.46
C GLU C 43 -36.31 37.32 41.13
N ARG C 44 -35.21 37.00 40.45
CA ARG C 44 -33.87 37.23 40.99
C ARG C 44 -33.21 38.46 40.40
N MSE C 45 -33.85 39.12 39.45
CA MSE C 45 -33.31 40.33 38.86
C MSE C 45 -33.66 41.56 39.71
O MSE C 45 -34.75 41.64 40.26
CB MSE C 45 -33.84 40.53 37.44
CG MSE C 45 -33.59 39.36 36.52
SE MSE C 45 -31.70 39.09 36.17
CE MSE C 45 -31.45 37.40 37.10
H MSE C 45 -34.62 38.89 39.12
HA MSE C 45 -32.34 40.25 38.81
HB2 MSE C 45 -34.81 40.66 37.49
HB3 MSE C 45 -33.42 41.31 37.05
HG2 MSE C 45 -33.94 38.55 36.92
HG3 MSE C 45 -34.03 39.52 35.67
HE1 MSE C 45 -30.51 37.12 37.01
HE2 MSE C 45 -31.66 37.52 38.03
HE3 MSE C 45 -32.02 36.73 36.71
N PRO C 46 -32.73 42.51 39.83
CA PRO C 46 -33.05 43.78 40.50
C PRO C 46 -33.87 44.74 39.66
N TRP C 47 -34.32 44.30 38.48
CA TRP C 47 -35.20 45.08 37.63
C TRP C 47 -36.39 44.20 37.25
N ASP C 48 -37.50 44.85 36.89
CA ASP C 48 -38.70 44.12 36.51
C ASP C 48 -38.87 44.01 35.00
N ASP C 49 -37.88 44.46 34.24
CA ASP C 49 -37.91 44.24 32.80
C ASP C 49 -37.96 42.75 32.50
N LYS C 50 -38.79 42.38 31.52
CA LYS C 50 -39.15 40.99 31.31
C LYS C 50 -38.04 40.26 30.54
N ILE C 51 -37.53 39.18 31.13
CA ILE C 51 -36.63 38.28 30.42
C ILE C 51 -37.42 37.53 29.36
N ILE C 52 -36.86 37.42 28.16
CA ILE C 52 -37.45 36.61 27.11
C ILE C 52 -36.52 35.53 26.58
N LEU C 53 -35.22 35.60 26.86
CA LEU C 53 -34.32 34.50 26.53
C LEU C 53 -32.99 34.65 27.26
N PRO C 54 -32.63 33.74 28.17
CA PRO C 54 -31.31 33.83 28.81
C PRO C 54 -30.21 33.43 27.83
N LEU C 55 -29.23 34.32 27.68
CA LEU C 55 -28.06 34.05 26.85
C LEU C 55 -26.87 33.54 27.66
N GLY C 56 -26.90 33.70 28.98
CA GLY C 56 -25.84 33.25 29.83
C GLY C 56 -26.20 33.37 31.30
N PRO C 57 -25.31 32.92 32.18
CA PRO C 57 -25.59 33.01 33.61
C PRO C 57 -26.01 34.40 34.06
N LYS C 58 -25.49 35.47 33.43
CA LYS C 58 -25.85 36.83 33.79
C LYS C 58 -26.13 37.69 32.56
N LEU C 59 -26.51 37.07 31.44
CA LEU C 59 -26.80 37.79 30.22
C LEU C 59 -28.16 37.35 29.71
N PHE C 60 -29.00 38.32 29.33
CA PHE C 60 -30.37 38.02 28.94
C PHE C 60 -30.81 38.95 27.83
N ILE C 61 -31.71 38.46 26.98
CA ILE C 61 -32.50 39.30 26.10
C ILE C 61 -33.74 39.71 26.88
N VAL C 62 -33.95 41.00 27.04
CA VAL C 62 -35.03 41.51 27.87
C VAL C 62 -35.92 42.42 27.04
N GLN C 63 -37.20 42.48 27.41
CA GLN C 63 -38.14 43.46 26.91
C GLN C 63 -38.08 44.68 27.81
N GLN C 64 -37.69 45.82 27.27
CA GLN C 64 -37.66 47.04 28.05
C GLN C 64 -39.09 47.46 28.38
N LYS C 65 -39.35 47.66 29.68
CA LYS C 65 -40.72 47.86 30.15
C LYS C 65 -41.35 49.12 29.59
N VAL C 66 -40.56 50.09 29.13
CA VAL C 66 -41.09 51.33 28.60
C VAL C 66 -41.14 51.27 27.09
N SER C 67 -39.96 51.30 26.45
CA SER C 67 -39.89 51.37 24.99
C SER C 67 -40.41 50.11 24.33
N LYS C 68 -40.46 48.99 25.05
CA LYS C 68 -40.84 47.68 24.52
C LYS C 68 -39.82 47.13 23.53
N LYS C 69 -38.64 47.76 23.42
CA LYS C 69 -37.58 47.20 22.60
C LYS C 69 -36.99 45.96 23.27
N TRP C 70 -36.37 45.11 22.45
CA TRP C 70 -35.67 43.93 22.93
C TRP C 70 -34.17 44.22 22.89
N THR C 71 -33.52 44.08 24.05
CA THR C 71 -32.10 44.39 24.18
C THR C 71 -31.40 43.27 24.93
N VAL C 72 -30.10 43.14 24.68
CA VAL C 72 -29.25 42.26 25.47
C VAL C 72 -28.85 43.00 26.73
N ARG C 73 -29.06 42.36 27.88
CA ARG C 73 -28.86 43.03 29.17
C ARG C 73 -28.06 42.15 30.11
N CYS C 74 -27.16 42.78 30.85
CA CYS C 74 -26.42 42.12 31.92
C CYS C 74 -27.26 42.07 33.19
N GLU C 75 -26.96 41.09 34.05
CA GLU C 75 -27.72 40.94 35.28
C GLU C 75 -27.73 42.23 36.10
N CYS C 76 -26.67 43.02 36.02
CA CYS C 76 -26.62 44.26 36.79
C CYS C 76 -27.56 45.32 36.24
N GLY C 77 -27.98 45.19 34.99
CA GLY C 77 -28.90 46.14 34.37
C GLY C 77 -28.38 46.83 33.14
N HIS C 78 -27.10 46.67 32.80
CA HIS C 78 -26.54 47.36 31.64
C HIS C 78 -27.10 46.79 30.35
N ASP C 79 -27.58 47.67 29.47
CA ASP C 79 -28.03 47.28 28.15
C ASP C 79 -26.88 47.45 27.15
N PHE C 80 -26.68 46.43 26.30
CA PHE C 80 -25.61 46.46 25.33
C PHE C 80 -26.07 46.98 23.98
N CYS C 81 -27.16 46.42 23.45
CA CYS C 81 -27.55 46.71 22.08
C CYS C 81 -28.92 46.08 21.81
N ASP C 82 -29.37 46.21 20.56
CA ASP C 82 -30.56 45.52 20.12
C ASP C 82 -30.32 44.02 20.09
N TRP C 83 -31.40 43.25 20.32
CA TRP C 83 -31.26 41.81 20.41
C TRP C 83 -30.72 41.20 19.12
N LYS C 84 -30.93 41.87 17.98
CA LYS C 84 -30.42 41.36 16.72
C LYS C 84 -28.93 41.55 16.57
N ASP C 85 -28.37 42.55 17.24
CA ASP C 85 -26.95 42.86 17.13
C ASP C 85 -26.14 41.96 18.05
N ASN C 86 -24.82 42.03 17.89
CA ASN C 86 -23.88 41.24 18.68
C ASN C 86 -23.46 42.06 19.90
N TRP C 87 -23.84 41.60 21.08
CA TRP C 87 -23.57 42.37 22.30
C TRP C 87 -22.08 42.60 22.51
N LYS C 88 -21.24 41.68 22.03
CA LYS C 88 -19.80 41.83 22.23
C LYS C 88 -19.29 43.13 21.63
N LEU C 89 -19.86 43.54 20.49
CA LEU C 89 -19.38 44.76 19.84
C LEU C 89 -19.59 46.00 20.69
N SER C 90 -20.45 45.92 21.70
CA SER C 90 -20.72 47.05 22.59
C SER C 90 -20.18 46.80 24.00
N ALA C 91 -19.27 45.85 24.15
CA ALA C 91 -18.72 45.47 25.43
C ALA C 91 -17.27 45.94 25.56
N ARG C 92 -16.62 45.56 26.64
CA ARG C 92 -15.20 45.80 26.84
C ARG C 92 -14.44 44.50 26.67
N VAL C 93 -13.24 44.57 26.09
CA VAL C 93 -12.46 43.39 25.79
C VAL C 93 -11.06 43.56 26.36
N HIS C 94 -10.47 42.43 26.76
CA HIS C 94 -9.06 42.36 27.15
C HIS C 94 -8.46 41.15 26.45
N VAL C 95 -7.44 41.40 25.64
CA VAL C 95 -6.84 40.36 24.79
C VAL C 95 -5.49 39.97 25.37
N ARG C 96 -5.30 38.67 25.58
CA ARG C 96 -4.02 38.12 26.05
C ARG C 96 -3.24 37.68 24.82
N ASP C 97 -2.48 38.60 24.24
CA ASP C 97 -1.70 38.33 23.03
C ASP C 97 -0.21 38.26 23.30
N THR C 98 0.18 38.00 24.56
CA THR C 98 1.59 37.92 24.91
C THR C 98 1.80 36.76 25.86
N PRO C 99 3.01 36.20 25.91
CA PRO C 99 3.30 35.17 26.93
C PRO C 99 3.04 35.65 28.34
N GLN C 100 3.36 36.92 28.61
CA GLN C 100 3.15 37.47 29.95
C GLN C 100 1.68 37.34 30.35
N LYS C 101 0.77 37.81 29.50
CA LYS C 101 -0.65 37.75 29.82
C LYS C 101 -1.14 36.31 29.91
N MSE C 102 -0.62 35.44 29.05
CA MSE C 102 -1.06 34.05 29.03
C MSE C 102 -0.71 33.33 30.31
O MSE C 102 -1.48 32.53 30.83
CB MSE C 102 -0.44 33.32 27.84
CG MSE C 102 -1.08 33.64 26.51
SE MSE C 102 -2.92 33.03 26.41
CE MSE C 102 -3.17 33.09 24.48
H MSE C 102 -0.02 35.63 28.46
HA MSE C 102 -2.02 34.03 28.92
HB2 MSE C 102 0.50 33.57 27.78
HB3 MSE C 102 -0.52 32.37 27.99
HG2 MSE C 102 -1.07 34.60 26.37
HG3 MSE C 102 -0.58 33.20 25.80
HE1 MSE C 102 -4.07 32.80 24.27
HE2 MSE C 102 -3.03 33.99 24.17
HE3 MSE C 102 -2.53 32.49 24.07
N GLU C 103 0.48 33.61 30.85
CA GLU C 103 0.95 32.91 32.03
C GLU C 103 0.26 33.38 33.31
N GLU C 104 -0.69 34.31 33.21
CA GLU C 104 -1.52 34.69 34.33
C GLU C 104 -2.70 33.75 34.55
N ILE C 105 -2.99 32.87 33.59
CA ILE C 105 -4.14 31.99 33.66
C ILE C 105 -3.76 30.56 33.28
N TYR C 106 -2.54 30.37 32.80
CA TYR C 106 -2.03 29.06 32.47
C TYR C 106 -0.58 28.96 32.92
N PRO C 107 -0.11 27.78 33.31
CA PRO C 107 1.33 27.59 33.45
C PRO C 107 2.02 27.64 32.10
N ARG C 108 3.30 28.00 32.12
CA ARG C 108 4.08 27.99 30.90
C ARG C 108 4.09 26.60 30.28
N LEU C 109 4.20 26.56 28.95
CA LEU C 109 4.13 25.32 28.17
C LEU C 109 2.71 24.80 28.07
N MSE C 110 1.89 25.04 29.08
CA MSE C 110 0.48 24.67 29.02
C MSE C 110 -0.34 25.80 28.43
O MSE C 110 -1.46 25.58 27.96
CB MSE C 110 -0.03 24.32 30.42
CG MSE C 110 0.58 23.07 31.00
SE MSE C 110 -0.53 22.34 32.41
CE MSE C 110 0.80 22.05 33.78
H MSE C 110 2.12 25.41 29.81
HA MSE C 110 0.38 23.88 28.47
HB2 MSE C 110 0.18 25.06 31.02
HB3 MSE C 110 -1.00 24.20 30.38
HG2 MSE C 110 0.65 22.40 30.30
HG3 MSE C 110 1.45 23.27 31.37
HE1 MSE C 110 0.37 21.68 34.56
HE2 MSE C 110 1.46 21.44 33.44
HE3 MSE C 110 1.21 22.90 33.99
N ALA C 111 0.22 27.00 28.44
CA ALA C 111 -0.47 28.15 27.86
C ALA C 111 -0.43 28.07 26.34
N PRO C 112 -1.48 28.51 25.66
CA PRO C 112 -1.41 28.62 24.20
C PRO C 112 -0.30 29.58 23.80
N THR C 113 0.04 29.55 22.51
CA THR C 113 1.07 30.44 21.99
C THR C 113 0.40 31.63 21.31
N PRO C 114 0.65 32.86 21.76
CA PRO C 114 -0.14 34.01 21.25
C PRO C 114 -0.07 34.19 19.74
N SER C 115 1.03 33.79 19.09
CA SER C 115 1.11 33.94 17.64
C SER C 115 0.21 32.96 16.91
N TRP C 116 -0.30 31.94 17.59
CA TRP C 116 -1.27 31.00 17.03
C TRP C 116 -2.67 31.22 17.55
N GLN C 117 -2.83 31.27 18.88
CA GLN C 117 -4.12 31.41 19.52
C GLN C 117 -4.09 32.54 20.51
N VAL C 118 -5.13 33.37 20.50
CA VAL C 118 -5.26 34.47 21.43
C VAL C 118 -6.53 34.29 22.24
N ILE C 119 -6.52 34.79 23.47
CA ILE C 119 -7.67 34.71 24.36
C ILE C 119 -8.25 36.10 24.50
N ARG C 120 -9.55 36.23 24.20
CA ARG C 120 -10.27 37.47 24.34
C ARG C 120 -11.29 37.35 25.46
N GLU C 121 -11.33 38.35 26.34
CA GLU C 121 -12.23 38.35 27.49
C GLU C 121 -13.19 39.53 27.35
N TYR C 122 -14.47 39.24 27.16
CA TYR C 122 -15.49 40.26 26.96
C TYR C 122 -16.22 40.51 28.28
N PHE C 123 -16.13 41.74 28.77
CA PHE C 123 -16.67 42.12 30.07
C PHE C 123 -17.88 43.02 29.92
N CYS C 124 -18.61 43.17 31.02
CA CYS C 124 -19.66 44.19 31.11
C CYS C 124 -19.04 45.50 31.53
N PRO C 125 -19.31 46.61 30.84
CA PRO C 125 -18.61 47.87 31.17
C PRO C 125 -18.89 48.39 32.56
N GLU C 126 -20.02 48.03 33.19
CA GLU C 126 -20.39 48.63 34.46
C GLU C 126 -19.90 47.81 35.66
N CYS C 127 -20.22 46.51 35.69
CA CYS C 127 -19.89 45.68 36.84
C CYS C 127 -18.65 44.82 36.64
N GLY C 128 -18.14 44.72 35.41
CA GLY C 128 -16.94 43.95 35.17
C GLY C 128 -17.14 42.45 35.17
N THR C 129 -18.36 41.99 34.94
CA THR C 129 -18.61 40.56 34.84
C THR C 129 -18.05 40.02 33.53
N LEU C 130 -17.53 38.80 33.57
CA LEU C 130 -17.01 38.13 32.38
C LEU C 130 -18.13 37.28 31.78
N HIS C 131 -18.59 37.66 30.59
CA HIS C 131 -19.72 37.01 29.96
C HIS C 131 -19.33 36.02 28.87
N ASP C 132 -18.16 36.16 28.26
CA ASP C 132 -17.74 35.23 27.23
C ASP C 132 -16.24 35.37 27.00
N VAL C 133 -15.59 34.26 26.70
CA VAL C 133 -14.17 34.23 26.40
C VAL C 133 -13.98 33.53 25.05
N GLU C 134 -13.46 34.26 24.07
CA GLU C 134 -13.11 33.70 22.78
C GLU C 134 -11.65 33.28 22.77
N ALA C 135 -11.33 32.29 21.94
CA ALA C 135 -9.96 31.78 21.83
C ALA C 135 -9.62 31.54 20.35
N PRO C 136 -9.66 32.59 19.53
CA PRO C 136 -9.37 32.41 18.11
C PRO C 136 -7.91 32.68 17.76
N THR C 137 -7.58 32.63 16.49
CA THR C 137 -6.30 33.12 16.02
C THR C 137 -6.34 34.64 15.93
N PRO C 138 -5.19 35.29 15.85
CA PRO C 138 -5.19 36.74 15.57
C PRO C 138 -6.00 37.07 14.33
N TRP C 139 -6.42 38.32 14.20
CA TRP C 139 -7.16 38.81 13.03
C TRP C 139 -8.60 38.35 12.98
N TYR C 140 -8.99 37.40 13.82
CA TYR C 140 -10.26 36.74 13.62
C TYR C 140 -11.41 37.66 14.03
N PRO C 141 -12.50 37.69 13.26
CA PRO C 141 -13.64 38.55 13.64
C PRO C 141 -14.19 38.17 15.01
N VAL C 142 -14.92 39.12 15.59
CA VAL C 142 -15.69 38.85 16.80
C VAL C 142 -16.90 38.00 16.41
N ILE C 143 -17.09 36.89 17.13
CA ILE C 143 -18.12 35.93 16.77
C ILE C 143 -19.47 36.44 17.25
N HIS C 144 -20.48 36.29 16.40
CA HIS C 144 -21.87 36.56 16.76
C HIS C 144 -22.48 35.19 17.07
N ASP C 145 -22.39 34.80 18.35
CA ASP C 145 -22.57 33.41 18.71
C ASP C 145 -23.97 32.92 18.42
N PHE C 146 -25.00 33.72 18.73
CA PHE C 146 -26.37 33.22 18.75
C PHE C 146 -27.32 34.25 18.18
N SER C 147 -28.08 33.85 17.16
CA SER C 147 -29.18 34.64 16.59
C SER C 147 -30.45 33.83 16.74
N PRO C 148 -31.17 33.95 17.85
CA PRO C 148 -32.33 33.07 18.07
C PRO C 148 -33.55 33.50 17.29
N ASP C 149 -34.38 32.51 16.97
CA ASP C 149 -35.69 32.75 16.35
C ASP C 149 -36.72 32.76 17.48
N ILE C 150 -36.91 33.92 18.08
CA ILE C 150 -37.77 34.02 19.27
C ILE C 150 -39.23 33.86 18.91
N GLU C 151 -39.66 34.47 17.79
CA GLU C 151 -41.05 34.35 17.37
C GLU C 151 -41.44 32.89 17.18
N GLY C 152 -40.68 32.17 16.35
CA GLY C 152 -40.98 30.76 16.13
C GLY C 152 -40.84 29.93 17.38
N PHE C 153 -39.90 30.27 18.25
CA PHE C 153 -39.71 29.54 19.50
C PHE C 153 -40.94 29.69 20.40
N TYR C 154 -41.28 30.94 20.73
CA TYR C 154 -42.47 31.18 21.55
C TYR C 154 -43.72 30.67 20.86
N GLN C 155 -43.91 31.02 19.59
CA GLN C 155 -45.18 30.79 18.93
C GLN C 155 -45.38 29.33 18.58
N GLU C 156 -44.42 28.71 17.89
CA GLU C 156 -44.61 27.38 17.35
C GLU C 156 -44.21 26.28 18.30
N TRP C 157 -43.14 26.46 19.08
CA TRP C 157 -42.63 25.37 19.91
C TRP C 157 -43.19 25.39 21.32
N LEU C 158 -43.33 26.57 21.93
CA LEU C 158 -43.88 26.66 23.27
C LEU C 158 -45.38 26.91 23.28
N GLY C 159 -45.95 27.39 22.17
CA GLY C 159 -47.35 27.72 22.15
C GLY C 159 -47.71 28.95 22.96
N LEU C 160 -46.76 29.83 23.19
CA LEU C 160 -46.96 31.02 23.98
C LEU C 160 -47.07 32.25 23.09
N PRO C 161 -47.71 33.31 23.57
CA PRO C 161 -47.75 34.55 22.81
C PRO C 161 -46.38 35.22 22.79
N VAL C 162 -46.05 35.83 21.66
CA VAL C 162 -44.78 36.53 21.54
C VAL C 162 -44.86 37.85 22.30
N PRO C 163 -43.89 38.18 23.16
CA PRO C 163 -43.96 39.46 23.87
C PRO C 163 -44.02 40.63 22.92
N GLU C 164 -44.59 41.73 23.41
CA GLU C 164 -44.66 42.96 22.62
C GLU C 164 -43.26 43.44 22.28
N ARG C 165 -43.04 43.79 21.01
CA ARG C 165 -41.74 44.23 20.54
C ARG C 165 -41.88 45.52 19.74
N ALA C 166 -41.02 46.49 20.05
CA ALA C 166 -40.88 47.69 19.26
C ALA C 166 -39.56 47.63 18.49
N ASP C 167 -39.49 48.39 17.40
CA ASP C 167 -38.30 48.39 16.56
C ASP C 167 -37.25 49.36 17.09
N ALA C 168 -35.99 49.01 16.89
CA ALA C 168 -34.88 49.84 17.33
C ALA C 168 -34.47 50.82 16.23
N THR D 14 -8.74 -37.30 -14.63
CA THR D 14 -7.62 -37.47 -13.70
C THR D 14 -7.78 -36.54 -12.49
N ARG D 15 -7.25 -36.97 -11.35
CA ARG D 15 -7.42 -36.23 -10.10
C ARG D 15 -6.73 -34.87 -10.18
N GLY D 16 -5.39 -34.87 -10.21
CA GLY D 16 -4.67 -33.63 -10.38
C GLY D 16 -4.89 -33.02 -11.75
N ILE D 17 -4.57 -31.73 -11.86
CA ILE D 17 -4.88 -30.99 -13.09
C ILE D 17 -3.75 -31.02 -14.11
N VAL D 18 -2.56 -31.46 -13.73
CA VAL D 18 -1.46 -31.57 -14.70
C VAL D 18 -1.73 -32.75 -15.62
N ARG D 19 -1.23 -32.66 -16.84
CA ARG D 19 -1.38 -33.77 -17.79
C ARG D 19 -0.72 -35.01 -17.22
N GLY D 20 -1.52 -36.04 -16.97
CA GLY D 20 -1.06 -37.29 -16.39
C GLY D 20 -1.76 -37.64 -15.09
N GLY D 21 -2.26 -36.64 -14.38
CA GLY D 21 -2.99 -36.85 -13.14
C GLY D 21 -2.28 -36.39 -11.89
N GLU D 22 -1.06 -35.87 -12.01
CA GLU D 22 -0.36 -35.32 -10.86
C GLU D 22 -0.90 -33.93 -10.54
N THR D 23 -0.97 -33.63 -9.25
CA THR D 23 -1.19 -32.25 -8.85
C THR D 23 0.01 -31.41 -9.26
N LEU D 24 -0.17 -30.09 -9.28
CA LEU D 24 0.93 -29.21 -9.62
C LEU D 24 2.14 -29.46 -8.73
N LYS D 25 1.91 -29.81 -7.46
CA LYS D 25 3.03 -29.99 -6.53
C LYS D 25 3.62 -31.39 -6.63
N GLU D 26 2.78 -32.43 -6.72
CA GLU D 26 3.29 -33.77 -6.98
C GLU D 26 4.14 -33.78 -8.24
N HIS D 27 3.71 -33.05 -9.26
CA HIS D 27 4.45 -33.00 -10.52
C HIS D 27 5.81 -32.35 -10.34
N ARG D 28 5.85 -31.16 -9.76
CA ARG D 28 7.12 -30.46 -9.59
C ARG D 28 8.04 -31.22 -8.64
N ASP D 29 7.51 -31.70 -7.52
CA ASP D 29 8.35 -32.41 -6.55
C ASP D 29 9.04 -33.60 -7.21
N ARG D 30 8.36 -34.28 -8.14
CA ARG D 30 8.99 -35.40 -8.83
C ARG D 30 10.13 -34.91 -9.70
N LEU D 31 9.90 -33.90 -10.54
CA LEU D 31 10.95 -33.38 -11.40
C LEU D 31 12.14 -32.89 -10.59
N MSE D 32 11.89 -32.21 -9.48
CA MSE D 32 12.97 -31.65 -8.67
C MSE D 32 13.76 -32.75 -8.00
O MSE D 32 14.98 -32.62 -7.81
CB MSE D 32 12.39 -30.70 -7.62
CG MSE D 32 11.74 -29.46 -8.19
SE MSE D 32 12.95 -28.30 -9.19
CE MSE D 32 12.77 -29.08 -10.97
H MSE D 32 11.10 -32.05 -9.18
HA MSE D 32 13.55 -31.14 -9.24
HB2 MSE D 32 11.73 -31.17 -7.10
HB3 MSE D 32 13.13 -30.41 -7.04
HG2 MSE D 32 11.03 -29.73 -8.80
HG3 MSE D 32 11.36 -28.94 -7.47
HE1 MSE D 32 13.34 -28.60 -11.59
HE2 MSE D 32 13.04 -30.01 -10.94
HE3 MSE D 32 11.84 -29.02 -11.24
N ALA D 33 13.10 -33.85 -7.64
CA ALA D 33 13.80 -34.98 -7.06
C ALA D 33 14.69 -35.65 -8.10
N ALA D 34 14.18 -35.81 -9.32
CA ALA D 34 14.99 -36.37 -10.39
C ALA D 34 16.13 -35.44 -10.78
N THR D 35 15.92 -34.13 -10.65
CA THR D 35 17.00 -33.18 -10.94
C THR D 35 18.12 -33.30 -9.92
N LYS D 36 17.77 -33.57 -8.66
CA LYS D 36 18.79 -33.63 -7.62
C LYS D 36 19.60 -34.91 -7.70
N ALA D 37 18.94 -36.04 -7.99
CA ALA D 37 19.62 -37.33 -7.96
C ALA D 37 20.55 -37.51 -9.16
N THR D 38 20.23 -36.88 -10.29
CA THR D 38 20.98 -37.08 -11.52
C THR D 38 21.83 -35.89 -11.93
N GLY D 39 21.55 -34.70 -11.41
CA GLY D 39 22.21 -33.51 -11.89
C GLY D 39 21.72 -33.01 -13.23
N ARG D 40 20.69 -33.64 -13.79
CA ARG D 40 20.11 -33.26 -15.08
C ARG D 40 18.63 -32.97 -14.85
N TYR D 41 18.16 -31.86 -15.40
CA TYR D 41 16.77 -31.44 -15.21
C TYR D 41 15.82 -32.60 -15.51
N ALA D 42 14.90 -32.85 -14.57
CA ALA D 42 13.89 -33.89 -14.72
C ALA D 42 14.51 -35.27 -14.93
N GLY D 43 15.78 -35.44 -14.57
CA GLY D 43 16.45 -36.72 -14.76
C GLY D 43 16.51 -37.16 -16.20
N LEU D 44 16.63 -36.21 -17.13
CA LEU D 44 16.68 -36.53 -18.56
C LEU D 44 18.13 -36.78 -18.96
N LYS D 45 18.57 -38.02 -18.74
CA LYS D 45 19.88 -38.44 -19.22
C LYS D 45 19.95 -38.48 -20.75
N THR D 46 18.80 -38.57 -21.41
CA THR D 46 18.73 -38.55 -22.86
C THR D 46 17.53 -37.72 -23.29
N LEU D 47 17.68 -36.99 -24.39
CA LEU D 47 16.62 -36.16 -24.95
C LEU D 47 16.11 -36.85 -26.21
N GLU D 48 15.18 -37.79 -26.02
CA GLU D 48 14.76 -38.66 -27.12
C GLU D 48 14.20 -37.86 -28.28
N LEU D 49 13.27 -36.94 -28.02
CA LEU D 49 12.70 -36.14 -29.09
C LEU D 49 13.80 -35.44 -29.89
N ARG D 50 14.71 -34.76 -29.19
CA ARG D 50 15.76 -34.03 -29.90
C ARG D 50 16.66 -34.96 -30.70
N GLU D 51 17.02 -36.12 -30.13
CA GLU D 51 17.93 -37.02 -30.81
C GLU D 51 17.23 -37.81 -31.90
N ARG D 52 16.02 -38.31 -31.63
CA ARG D 52 15.31 -39.15 -32.59
C ARG D 52 14.62 -38.33 -33.67
N GLU D 53 14.16 -37.12 -33.34
CA GLU D 53 13.39 -36.29 -34.27
C GLU D 53 13.99 -34.89 -34.30
N PRO D 54 15.20 -34.75 -34.87
CA PRO D 54 15.86 -33.44 -34.87
C PRO D 54 15.04 -32.33 -35.51
N ILE D 55 14.41 -32.60 -36.66
CA ILE D 55 13.68 -31.55 -37.36
C ILE D 55 12.50 -31.07 -36.51
N LEU D 56 11.66 -32.00 -36.07
CA LEU D 56 10.50 -31.63 -35.27
C LEU D 56 10.91 -30.86 -34.03
N TYR D 57 12.05 -31.23 -33.43
CA TYR D 57 12.54 -30.52 -32.26
C TYR D 57 12.96 -29.10 -32.62
N ASN D 58 13.74 -28.94 -33.69
CA ASN D 58 14.14 -27.61 -34.13
C ASN D 58 12.92 -26.78 -34.55
N LYS D 59 11.93 -27.44 -35.16
CA LYS D 59 10.73 -26.71 -35.57
C LYS D 59 9.91 -26.27 -34.37
N LEU D 60 9.89 -27.06 -33.30
CA LEU D 60 9.12 -26.69 -32.12
C LEU D 60 9.66 -25.42 -31.48
N PHE D 61 10.99 -25.33 -31.34
CA PHE D 61 11.57 -24.09 -30.83
C PHE D 61 11.31 -22.94 -31.78
N SER D 62 11.56 -23.16 -33.08
CA SER D 62 11.47 -22.07 -34.05
C SER D 62 10.08 -21.46 -34.07
N ARG D 63 9.04 -22.30 -34.11
CA ARG D 63 7.68 -21.78 -34.13
C ARG D 63 7.30 -21.16 -32.80
N LEU D 64 7.63 -21.82 -31.69
CA LEU D 64 7.27 -21.29 -30.37
C LEU D 64 8.04 -20.01 -30.07
N ARG D 65 9.33 -19.98 -30.39
CA ARG D 65 10.10 -18.74 -30.24
C ARG D 65 9.54 -17.65 -31.13
N ALA D 66 9.20 -17.97 -32.38
CA ALA D 66 8.69 -16.97 -33.29
C ALA D 66 7.31 -16.47 -32.86
N GLY D 67 6.48 -17.38 -32.33
CA GLY D 67 5.16 -16.98 -31.88
C GLY D 67 5.19 -16.18 -30.58
N VAL D 68 6.18 -16.46 -29.73
CA VAL D 68 6.33 -15.71 -28.49
C VAL D 68 6.81 -14.30 -28.77
N VAL D 69 7.67 -14.14 -29.78
CA VAL D 69 8.13 -12.80 -30.16
C VAL D 69 7.00 -12.04 -30.84
N ASP D 70 6.20 -12.71 -31.66
CA ASP D 70 5.08 -12.05 -32.32
C ASP D 70 4.07 -11.54 -31.31
N ALA D 71 3.80 -12.32 -30.27
CA ALA D 71 2.91 -11.85 -29.22
C ALA D 71 3.44 -10.57 -28.57
N ARG D 72 4.75 -10.55 -28.29
CA ARG D 72 5.34 -9.40 -27.62
C ARG D 72 5.26 -8.15 -28.48
N GLU D 73 5.55 -8.28 -29.77
CA GLU D 73 5.57 -7.12 -30.65
C GLU D 73 4.16 -6.68 -31.06
N THR D 74 3.27 -7.64 -31.31
CA THR D 74 1.89 -7.29 -31.65
C THR D 74 1.19 -6.66 -30.46
N ALA D 75 1.31 -7.28 -29.29
CA ALA D 75 0.72 -6.71 -28.08
C ALA D 75 1.34 -5.36 -27.74
N LYS D 76 2.63 -5.19 -28.05
CA LYS D 76 3.29 -3.92 -27.76
C LYS D 76 2.61 -2.76 -28.46
N LYS D 77 2.06 -2.99 -29.65
CA LYS D 77 1.46 -1.91 -30.42
C LYS D 77 0.21 -1.35 -29.74
N ILE D 78 0.41 -0.73 -28.58
CA ILE D 78 -0.63 0.04 -27.89
C ILE D 78 0.11 1.12 -27.12
N ALA D 79 0.63 2.12 -27.84
CA ALA D 79 1.43 3.18 -27.25
C ALA D 79 0.88 4.54 -27.65
N ALA D 80 1.41 5.57 -27.01
CA ALA D 80 0.97 6.94 -27.27
C ALA D 80 2.15 7.91 -27.20
N GLU D 87 11.38 -0.28 -25.70
CA GLU D 87 10.10 -0.88 -25.35
C GLU D 87 9.90 -0.98 -23.85
N GLY D 88 10.98 -0.99 -23.08
CA GLY D 88 10.89 -1.08 -21.63
C GLY D 88 11.11 -2.49 -21.12
N GLU D 89 10.55 -2.79 -19.96
CA GLU D 89 10.66 -4.11 -19.35
C GLU D 89 9.68 -5.12 -19.95
N LEU D 90 8.93 -4.75 -20.98
CA LEU D 90 7.92 -5.65 -21.55
C LEU D 90 8.56 -6.94 -22.01
N CYS D 91 7.97 -8.06 -21.61
CA CYS D 91 8.51 -9.37 -21.95
C CYS D 91 7.45 -10.41 -21.70
N PHE D 92 7.55 -11.53 -22.42
CA PHE D 92 6.64 -12.66 -22.26
C PHE D 92 7.46 -13.94 -22.23
N THR D 93 7.02 -14.89 -21.41
CA THR D 93 7.75 -16.14 -21.23
C THR D 93 6.78 -17.31 -21.18
N LEU D 94 7.15 -18.40 -21.84
CA LEU D 94 6.37 -19.64 -21.84
C LEU D 94 7.01 -20.63 -20.88
N TYR D 95 6.20 -21.15 -19.95
CA TYR D 95 6.68 -22.05 -18.91
C TYR D 95 6.02 -23.41 -19.05
N ASN D 96 6.70 -24.44 -18.57
CA ASN D 96 6.09 -25.76 -18.46
C ASN D 96 5.31 -25.85 -17.15
N ALA D 97 4.61 -26.98 -16.97
CA ALA D 97 3.69 -27.11 -15.85
C ALA D 97 4.37 -26.88 -14.50
N ALA D 98 5.67 -27.16 -14.41
CA ALA D 98 6.39 -27.03 -13.15
C ALA D 98 6.89 -25.62 -12.88
N GLY D 99 6.65 -24.68 -13.79
CA GLY D 99 7.08 -23.31 -13.59
C GLY D 99 8.45 -22.99 -14.15
N ASP D 100 8.98 -23.83 -15.02
CA ASP D 100 10.31 -23.64 -15.58
C ASP D 100 10.20 -23.05 -16.98
N SER D 101 11.01 -22.02 -17.25
CA SER D 101 10.97 -21.33 -18.53
C SER D 101 11.42 -22.24 -19.66
N LEU D 102 10.72 -22.15 -20.78
CA LEU D 102 11.15 -22.77 -22.03
C LEU D 102 11.65 -21.73 -23.02
N LEU D 103 10.90 -20.64 -23.20
CA LEU D 103 11.20 -19.63 -24.20
C LEU D 103 10.79 -18.28 -23.67
N THR D 104 11.57 -17.25 -24.02
CA THR D 104 11.28 -15.89 -23.64
C THR D 104 11.29 -15.01 -24.88
N SER D 105 10.42 -14.01 -24.88
CA SER D 105 10.31 -13.10 -26.01
C SER D 105 11.47 -12.14 -26.04
N THR D 106 11.51 -11.30 -27.07
CA THR D 106 12.42 -10.17 -27.07
C THR D 106 12.16 -9.29 -25.86
N GLY D 107 13.14 -8.48 -25.51
CA GLY D 107 13.03 -7.57 -24.39
C GLY D 107 13.95 -7.96 -23.26
N ILE D 108 13.79 -7.25 -22.14
CA ILE D 108 14.61 -7.46 -20.96
C ILE D 108 14.09 -8.68 -20.21
N ILE D 109 14.97 -9.65 -19.98
CA ILE D 109 14.57 -10.96 -19.48
C ILE D 109 14.80 -11.09 -17.98
N ILE D 110 14.85 -9.97 -17.25
CA ILE D 110 15.08 -10.02 -15.81
C ILE D 110 13.90 -10.61 -15.05
N HIS D 111 12.74 -10.77 -15.69
CA HIS D 111 11.54 -11.23 -15.03
C HIS D 111 11.20 -12.68 -15.33
N VAL D 112 12.09 -13.41 -16.01
CA VAL D 112 11.84 -14.84 -16.25
C VAL D 112 11.72 -15.59 -14.92
N GLY D 113 12.60 -15.25 -13.96
CA GLY D 113 12.58 -15.96 -12.69
C GLY D 113 11.57 -15.42 -11.70
N THR D 114 11.28 -14.11 -11.76
CA THR D 114 10.28 -13.55 -10.86
C THR D 114 8.91 -14.13 -11.13
N MSE D 115 8.54 -14.25 -12.40
CA MSE D 115 7.25 -14.82 -12.76
C MSE D 115 7.30 -16.33 -12.59
O MSE D 115 6.30 -16.95 -12.21
CB MSE D 115 6.89 -14.48 -14.21
CG MSE D 115 6.59 -13.01 -14.42
SE MSE D 115 6.01 -12.59 -16.21
CE MSE D 115 7.67 -12.91 -17.18
H MSE D 115 9.01 -13.99 -13.07
HA MSE D 115 6.56 -14.46 -12.19
HB2 MSE D 115 7.64 -14.71 -14.79
HB3 MSE D 115 6.10 -14.98 -14.47
HG2 MSE D 115 5.89 -12.74 -13.80
HG3 MSE D 115 7.40 -12.49 -14.24
HE1 MSE D 115 7.53 -12.74 -18.12
HE2 MSE D 115 8.35 -12.32 -16.83
HE3 MSE D 115 7.93 -13.84 -17.04
N GLY D 116 8.45 -16.93 -12.87
CA GLY D 116 8.63 -18.34 -12.58
C GLY D 116 8.47 -18.65 -11.11
N ALA D 117 8.97 -17.76 -10.25
CA ALA D 117 8.78 -17.92 -8.82
C ALA D 117 7.31 -17.77 -8.43
N ALA D 118 6.60 -16.84 -9.09
CA ALA D 118 5.18 -16.66 -8.81
C ALA D 118 4.39 -17.92 -9.13
N ILE D 119 4.75 -18.61 -10.21
CA ILE D 119 4.12 -19.88 -10.53
C ILE D 119 4.49 -20.92 -9.48
N LYS D 120 5.77 -20.99 -9.13
CA LYS D 120 6.23 -21.95 -8.12
C LYS D 120 5.66 -21.64 -6.75
N TYR D 121 5.19 -20.41 -6.52
CA TYR D 121 4.53 -20.08 -5.27
C TYR D 121 3.12 -20.65 -5.23
N MSE D 122 2.41 -20.58 -6.35
CA MSE D 122 1.07 -21.15 -6.43
C MSE D 122 1.15 -22.68 -6.32
O MSE D 122 0.27 -23.32 -5.76
CB MSE D 122 0.40 -20.75 -7.75
CG MSE D 122 0.17 -19.25 -7.87
SE MSE D 122 -0.87 -18.72 -9.44
CE MSE D 122 0.56 -18.00 -10.55
H MSE D 122 2.67 -20.21 -7.08
HA MSE D 122 0.54 -20.81 -5.70
HB2 MSE D 122 0.96 -21.03 -8.49
HB3 MSE D 122 -0.47 -21.19 -7.80
HG2 MSE D 122 -0.30 -18.93 -7.08
HG3 MSE D 122 1.04 -18.80 -7.94
HE1 MSE D 122 0.17 -17.69 -11.39
HE2 MSE D 122 0.97 -17.27 -10.09
HE3 MSE D 122 1.20 -18.71 -10.72
N ILE D 123 2.25 -23.25 -6.84
CA ILE D 123 2.42 -24.69 -6.78
C ILE D 123 2.66 -25.16 -5.35
N GLU D 124 3.51 -24.45 -4.61
CA GLU D 124 3.86 -24.88 -3.26
C GLU D 124 2.85 -24.46 -2.21
N ASN D 125 1.91 -23.57 -2.53
CA ASN D 125 0.88 -23.14 -1.60
C ASN D 125 -0.50 -23.63 -2.02
N ASN D 126 -0.56 -24.67 -2.84
CA ASN D 126 -1.81 -25.37 -3.14
C ASN D 126 -2.87 -24.41 -3.66
N TRP D 127 -2.47 -23.53 -4.58
CA TRP D 127 -3.45 -22.76 -5.35
C TRP D 127 -4.43 -23.67 -6.06
N GLU D 128 -3.98 -24.87 -6.43
CA GLU D 128 -4.84 -25.83 -7.13
C GLU D 128 -6.13 -26.07 -6.36
N ALA D 129 -6.06 -26.13 -5.04
CA ALA D 129 -7.24 -26.36 -4.21
C ALA D 129 -7.99 -25.08 -3.91
N ASN D 130 -7.29 -23.95 -3.75
CA ASN D 130 -7.91 -22.68 -3.44
C ASN D 130 -6.93 -21.56 -3.79
N PRO D 131 -7.33 -20.60 -4.63
CA PRO D 131 -8.63 -20.40 -5.26
C PRO D 131 -8.87 -21.27 -6.49
N GLY D 132 -7.94 -22.17 -6.78
CA GLY D 132 -8.09 -23.04 -7.93
C GLY D 132 -7.48 -22.46 -9.19
N VAL D 133 -7.00 -23.36 -10.04
CA VAL D 133 -6.36 -23.00 -11.30
C VAL D 133 -7.16 -23.64 -12.41
N HIS D 134 -7.93 -22.82 -13.13
CA HIS D 134 -8.84 -23.31 -14.16
C HIS D 134 -8.52 -22.63 -15.49
N ASP D 135 -8.97 -23.26 -16.57
CA ASP D 135 -8.77 -22.70 -17.88
C ASP D 135 -9.46 -21.35 -17.98
N LYS D 136 -8.80 -20.40 -18.66
CA LYS D 136 -9.29 -19.04 -18.83
C LYS D 136 -9.29 -18.24 -17.53
N ASP D 137 -8.52 -18.67 -16.54
CA ASP D 137 -8.27 -17.83 -15.38
C ASP D 137 -7.19 -16.81 -15.71
N ILE D 138 -7.18 -15.72 -14.95
CA ILE D 138 -6.18 -14.67 -15.07
C ILE D 138 -5.64 -14.37 -13.69
N PHE D 139 -4.34 -14.53 -13.50
CA PHE D 139 -3.67 -14.23 -12.25
C PHE D 139 -2.76 -13.03 -12.42
N CYS D 140 -2.64 -12.23 -11.37
CA CYS D 140 -1.77 -11.06 -11.36
C CYS D 140 -0.91 -11.10 -10.11
N ASN D 141 0.29 -10.54 -10.22
CA ASN D 141 1.25 -10.66 -9.13
C ASN D 141 2.35 -9.62 -9.26
N ASN D 142 2.82 -9.15 -8.11
CA ASN D 142 4.03 -8.33 -8.02
C ASN D 142 4.67 -8.47 -6.65
N ASP D 143 4.45 -9.61 -5.99
CA ASP D 143 4.68 -9.73 -4.56
C ASP D 143 6.12 -9.42 -4.19
N SER D 144 6.29 -8.77 -3.04
CA SER D 144 7.62 -8.44 -2.55
C SER D 144 8.35 -9.68 -2.02
N LEU D 145 7.61 -10.57 -1.35
CA LEU D 145 8.24 -11.71 -0.71
C LEU D 145 8.50 -12.86 -1.68
N ILE D 146 7.67 -12.98 -2.72
CA ILE D 146 7.96 -13.95 -3.77
C ILE D 146 9.24 -13.57 -4.51
N GLY D 147 9.41 -12.28 -4.79
CA GLY D 147 10.56 -11.79 -5.53
C GLY D 147 10.18 -10.96 -6.73
N ASN D 148 10.67 -9.73 -6.77
CA ASN D 148 10.36 -8.84 -7.89
C ASN D 148 11.38 -7.71 -7.90
N VAL D 149 11.72 -7.26 -9.11
CA VAL D 149 12.74 -6.23 -9.25
C VAL D 149 12.22 -4.89 -8.76
N HIS D 150 11.05 -4.48 -9.24
CA HIS D 150 10.43 -3.23 -8.85
C HIS D 150 9.00 -3.47 -8.40
N PRO D 151 8.50 -2.71 -7.43
CA PRO D 151 7.08 -2.85 -7.05
C PRO D 151 6.14 -2.58 -8.21
N CYS D 152 6.52 -1.72 -9.14
CA CYS D 152 5.66 -1.36 -10.26
C CYS D 152 5.71 -2.36 -11.40
N ASP D 153 6.50 -3.43 -11.28
CA ASP D 153 6.58 -4.45 -12.32
C ASP D 153 5.47 -5.47 -12.08
N ILE D 154 4.42 -5.38 -12.88
CA ILE D 154 3.20 -6.15 -12.68
C ILE D 154 3.23 -7.37 -13.59
N HIS D 155 2.99 -8.53 -13.00
CA HIS D 155 2.96 -9.80 -13.71
C HIS D 155 1.52 -10.20 -14.02
N THR D 156 1.30 -10.69 -15.23
CA THR D 156 0.06 -11.37 -15.59
C THR D 156 0.41 -12.79 -15.98
N ILE D 157 -0.26 -13.75 -15.34
CA ILE D 157 0.06 -15.16 -15.52
C ILE D 157 -1.23 -15.89 -15.91
N VAL D 158 -1.15 -16.68 -16.98
CA VAL D 158 -2.31 -17.42 -17.49
C VAL D 158 -1.94 -18.88 -17.63
N PRO D 159 -2.76 -19.81 -17.14
CA PRO D 159 -2.47 -21.23 -17.34
C PRO D 159 -2.96 -21.74 -18.68
N ILE D 160 -2.18 -22.67 -19.25
CA ILE D 160 -2.51 -23.28 -20.54
C ILE D 160 -3.02 -24.69 -20.29
N PHE D 161 -4.20 -24.99 -20.80
CA PHE D 161 -4.80 -26.31 -20.68
C PHE D 161 -4.93 -26.95 -22.06
N TRP D 162 -4.78 -28.27 -22.09
CA TRP D 162 -5.02 -29.05 -23.30
C TRP D 162 -5.91 -30.23 -22.95
N GLU D 163 -7.11 -30.26 -23.52
CA GLU D 163 -8.08 -31.31 -23.25
C GLU D 163 -8.29 -31.49 -21.74
N GLY D 164 -8.53 -30.36 -21.06
CA GLY D 164 -8.86 -30.37 -19.65
C GLY D 164 -7.69 -30.43 -18.70
N GLU D 165 -6.49 -30.75 -19.18
CA GLU D 165 -5.32 -30.88 -18.33
C GLU D 165 -4.36 -29.72 -18.58
N LEU D 166 -3.64 -29.33 -17.53
CA LEU D 166 -2.70 -28.22 -17.61
C LEU D 166 -1.37 -28.69 -18.18
N ILE D 167 -0.79 -27.88 -19.06
CA ILE D 167 0.46 -28.25 -19.74
C ILE D 167 1.50 -27.16 -19.63
N GLY D 168 1.13 -25.99 -19.12
CA GLY D 168 2.10 -24.92 -18.98
C GLY D 168 1.44 -23.64 -18.50
N TRP D 169 2.25 -22.58 -18.49
CA TRP D 169 1.82 -21.25 -18.07
C TRP D 169 2.35 -20.23 -19.06
N VAL D 170 1.74 -19.03 -19.02
CA VAL D 170 2.24 -17.88 -19.78
C VAL D 170 2.44 -16.74 -18.81
N GLY D 171 3.54 -16.02 -18.97
CA GLY D 171 3.82 -14.86 -18.15
C GLY D 171 4.06 -13.61 -18.97
N GLY D 172 3.40 -12.53 -18.59
CA GLY D 172 3.66 -11.24 -19.20
C GLY D 172 3.88 -10.19 -18.12
N VAL D 173 4.82 -9.28 -18.38
CA VAL D 173 5.22 -8.28 -17.40
C VAL D 173 5.37 -6.94 -18.09
N THR D 174 5.06 -5.88 -17.35
CA THR D 174 5.29 -4.51 -17.78
C THR D 174 5.83 -3.72 -16.61
N HIS D 175 6.43 -2.57 -16.92
CA HIS D 175 6.92 -1.64 -15.90
C HIS D 175 6.00 -0.42 -15.95
N VAL D 176 4.98 -0.42 -15.10
CA VAL D 176 4.05 0.70 -15.02
C VAL D 176 4.80 1.93 -14.48
N ILE D 177 4.51 3.09 -15.07
CA ILE D 177 5.34 4.28 -14.87
C ILE D 177 4.64 5.34 -14.03
N ASP D 178 3.46 5.05 -13.46
CA ASP D 178 2.73 6.08 -12.73
C ASP D 178 2.05 5.50 -11.51
N THR D 179 2.69 4.53 -10.85
CA THR D 179 2.16 3.95 -9.62
C THR D 179 2.62 4.79 -8.44
N GLY D 180 2.47 4.26 -7.24
CA GLY D 180 2.90 4.94 -6.03
C GLY D 180 4.21 4.39 -5.49
N THR D 189 8.09 9.48 -0.90
CA THR D 189 9.40 10.11 -0.85
C THR D 189 10.23 9.55 0.30
N GLY D 190 11.45 9.14 0.00
CA GLY D 190 12.43 8.72 1.01
C GLY D 190 11.94 7.49 1.77
N GLN D 191 11.46 6.50 1.03
CA GLN D 191 11.07 5.24 1.64
C GLN D 191 12.28 4.59 2.32
N VAL D 192 12.00 3.87 3.40
CA VAL D 192 13.05 3.19 4.16
C VAL D 192 12.59 1.80 4.58
N GLN D 193 11.28 1.65 4.79
CA GLN D 193 10.68 0.37 5.18
C GLN D 193 9.72 -0.09 4.09
N ARG D 194 9.55 -1.41 3.99
CA ARG D 194 8.69 -1.97 2.96
C ARG D 194 7.27 -1.47 3.06
N PHE D 195 6.81 -1.17 4.27
CA PHE D 195 5.42 -0.82 4.49
C PHE D 195 5.06 0.54 3.88
N GLY D 196 5.80 0.97 2.85
CA GLY D 196 5.40 2.08 2.02
C GLY D 196 5.10 1.74 0.56
N TYR D 199 2.88 -1.22 -2.40
CA TYR D 199 1.79 -2.11 -2.74
C TYR D 199 2.27 -3.55 -2.94
N SER D 200 1.30 -4.47 -2.95
CA SER D 200 1.60 -5.91 -2.95
C SER D 200 0.43 -6.70 -3.51
N ILE D 201 0.70 -7.51 -4.54
CA ILE D 201 -0.28 -8.41 -5.16
C ILE D 201 0.32 -9.81 -5.11
N THR D 202 -0.37 -10.73 -4.43
CA THR D 202 0.15 -12.09 -4.21
C THR D 202 -0.66 -13.07 -5.06
N CYS D 203 -0.24 -13.22 -6.32
CA CYS D 203 -0.84 -14.18 -7.25
C CYS D 203 -2.36 -14.16 -7.15
N ARG D 204 -2.92 -12.96 -7.20
CA ARG D 204 -4.36 -12.79 -7.05
C ARG D 204 -5.08 -13.22 -8.32
N LYS D 205 -6.16 -13.99 -8.15
CA LYS D 205 -7.02 -14.32 -9.28
C LYS D 205 -7.86 -13.10 -9.60
N VAL D 206 -7.47 -12.37 -10.65
CA VAL D 206 -8.11 -11.12 -11.01
C VAL D 206 -9.17 -11.30 -12.09
N GLY D 207 -9.37 -12.51 -12.58
CA GLY D 207 -10.35 -12.73 -13.62
C GLY D 207 -10.57 -14.21 -13.84
N ALA D 208 -11.72 -14.51 -14.45
CA ALA D 208 -12.07 -15.88 -14.80
C ALA D 208 -12.90 -15.84 -16.08
N ASN D 209 -12.77 -16.89 -16.88
CA ASN D 209 -13.44 -16.95 -18.17
C ASN D 209 -12.94 -15.83 -19.07
N ASP D 210 -11.63 -15.54 -18.99
CA ASP D 210 -10.99 -14.48 -19.75
C ASP D 210 -11.59 -13.11 -19.46
N THR D 211 -12.30 -12.97 -18.35
CA THR D 211 -12.97 -11.73 -18.00
C THR D 211 -12.50 -11.25 -16.63
N LEU D 212 -12.05 -10.01 -16.57
CA LEU D 212 -11.54 -9.45 -15.32
C LEU D 212 -12.66 -9.09 -14.37
N PHE D 213 -12.37 -9.22 -13.08
CA PHE D 213 -13.34 -8.89 -12.05
C PHE D 213 -13.38 -7.39 -11.80
N ARG D 214 -14.59 -6.87 -11.60
CA ARG D 214 -14.76 -5.42 -11.48
C ARG D 214 -14.14 -4.88 -10.19
N ASP D 215 -14.25 -5.64 -9.09
CA ASP D 215 -13.63 -5.19 -7.85
C ASP D 215 -12.13 -5.05 -8.00
N TRP D 216 -11.51 -5.84 -8.87
CA TRP D 216 -10.08 -5.70 -9.13
C TRP D 216 -9.78 -4.48 -9.98
N LEU D 217 -10.64 -4.18 -10.95
CA LEU D 217 -10.42 -3.01 -11.80
C LEU D 217 -10.53 -1.72 -11.01
N HIS D 218 -11.52 -1.62 -10.13
CA HIS D 218 -11.68 -0.42 -9.32
C HIS D 218 -10.58 -0.29 -8.29
N GLU D 219 -10.15 -1.43 -7.72
CA GLU D 219 -9.14 -1.40 -6.67
C GLU D 219 -7.77 -1.05 -7.23
N SER D 220 -7.41 -1.61 -8.38
CA SER D 220 -6.08 -1.39 -8.94
C SER D 220 -5.92 0.02 -9.51
N GLN D 221 -7.02 0.70 -9.82
CA GLN D 221 -6.95 2.07 -10.31
C GLN D 221 -6.81 3.09 -9.18
N ARG D 222 -6.92 2.64 -7.93
CA ARG D 222 -6.55 3.46 -6.79
C ARG D 222 -5.09 3.29 -6.40
N MSE D 223 -4.44 2.25 -6.90
CA MSE D 223 -3.02 2.01 -6.64
C MSE D 223 -2.13 2.86 -7.54
O MSE D 223 -0.93 2.62 -7.61
CB MSE D 223 -2.67 0.54 -6.86
CG MSE D 223 -3.36 -0.45 -5.95
SE MSE D 223 -2.91 -2.27 -6.50
CE MSE D 223 -4.32 -3.25 -5.55
H MSE D 223 -4.79 1.65 -7.41
HA MSE D 223 -2.83 2.23 -5.71
HB2 MSE D 223 -2.91 0.31 -7.77
HB3 MSE D 223 -1.72 0.43 -6.74
HG2 MSE D 223 -3.07 -0.31 -5.04
HG3 MSE D 223 -4.32 -0.34 -6.01
HE1 MSE D 223 -4.21 -4.19 -5.73
HE2 MSE D 223 -4.23 -3.08 -4.60
HE3 MSE D 223 -5.18 -2.94 -5.87
N VAL D 224 -2.71 3.84 -8.22
CA VAL D 224 -2.01 4.52 -9.30
C VAL D 224 -2.43 5.99 -9.31
N ARG D 225 -1.51 6.84 -9.75
CA ARG D 225 -1.77 8.27 -9.88
C ARG D 225 -2.44 8.62 -11.21
N THR D 226 -2.06 7.93 -12.28
CA THR D 226 -2.70 8.07 -13.59
C THR D 226 -3.31 6.74 -14.00
N THR D 227 -4.48 6.79 -14.61
CA THR D 227 -5.21 5.57 -14.95
C THR D 227 -4.82 5.00 -16.31
N ARG D 228 -4.44 5.86 -17.27
CA ARG D 228 -4.25 5.41 -18.64
C ARG D 228 -3.13 4.37 -18.74
N TYR D 229 -2.02 4.59 -18.03
CA TYR D 229 -0.87 3.71 -18.19
C TYR D 229 -1.13 2.33 -17.61
N TRP D 230 -1.77 2.26 -16.45
CA TRP D 230 -2.04 0.97 -15.82
C TRP D 230 -3.01 0.15 -16.66
N MSE D 231 -4.05 0.79 -17.22
CA MSE D 231 -5.10 0.09 -17.93
C MSE D 231 -4.63 -0.51 -19.25
O MSE D 231 -4.92 -1.66 -19.56
CB MSE D 231 -6.28 1.02 -18.17
CG MSE D 231 -7.01 1.44 -16.91
SE MSE D 231 -8.47 2.69 -17.24
CE MSE D 231 -9.59 1.55 -18.36
H MSE D 231 -4.15 1.65 -17.20
HA MSE D 231 -5.42 -0.64 -17.37
HB2 MSE D 231 -5.95 1.83 -18.61
HB3 MSE D 231 -6.92 0.58 -18.76
HG2 MSE D 231 -7.38 0.66 -16.48
HG3 MSE D 231 -6.38 1.87 -16.31
HE1 MSE D 231 -10.38 2.05 -18.63
HE2 MSE D 231 -9.08 1.30 -19.15
HE3 MSE D 231 -9.83 0.76 -17.86
N LEU D 232 -3.90 0.29 -20.04
CA LEU D 232 -3.37 -0.24 -21.30
C LEU D 232 -2.38 -1.36 -21.03
N ASP D 233 -1.54 -1.20 -20.01
CA ASP D 233 -0.55 -2.22 -19.69
C ASP D 233 -1.21 -3.56 -19.37
N GLU D 234 -2.35 -3.53 -18.67
CA GLU D 234 -3.06 -4.77 -18.37
C GLU D 234 -3.60 -5.41 -19.65
N ARG D 235 -4.22 -4.60 -20.52
CA ARG D 235 -4.66 -5.11 -21.82
C ARG D 235 -3.51 -5.77 -22.57
N THR D 236 -2.36 -5.10 -22.62
CA THR D 236 -1.21 -5.63 -23.35
C THR D 236 -0.82 -7.00 -22.81
N ARG D 237 -0.64 -7.10 -21.50
CA ARG D 237 -0.19 -8.37 -20.91
C ARG D 237 -1.20 -9.48 -21.20
N ILE D 238 -2.48 -9.22 -20.95
CA ILE D 238 -3.49 -10.25 -21.19
C ILE D 238 -3.55 -10.61 -22.68
N ALA D 239 -3.38 -9.61 -23.55
CA ALA D 239 -3.37 -9.89 -24.98
C ALA D 239 -2.24 -10.85 -25.33
N GLY D 240 -1.01 -10.45 -25.05
CA GLY D 240 0.13 -11.30 -25.36
C GLY D 240 -0.01 -12.70 -24.77
N CYS D 241 -0.48 -12.78 -23.53
CA CYS D 241 -0.66 -14.09 -22.89
C CYS D 241 -1.63 -14.95 -23.69
N HIS D 242 -2.81 -14.41 -24.00
CA HIS D 242 -3.82 -15.18 -24.73
C HIS D 242 -3.36 -15.52 -26.14
N MSE D 243 -2.54 -14.66 -26.75
CA MSE D 243 -1.95 -14.99 -28.04
C MSE D 243 -1.05 -16.20 -27.90
O MSE D 243 -1.16 -17.16 -28.66
CB MSE D 243 -1.16 -13.82 -28.61
CG MSE D 243 -2.00 -12.62 -28.98
SE MSE D 243 -0.96 -11.28 -29.95
CE MSE D 243 -2.00 -9.70 -29.49
H MSE D 243 -2.31 -13.90 -26.44
HA MSE D 243 -2.67 -15.20 -28.67
HB2 MSE D 243 -0.52 -13.53 -27.94
HB3 MSE D 243 -0.70 -14.11 -29.40
HG2 MSE D 243 -2.74 -12.89 -29.54
HG3 MSE D 243 -2.34 -12.19 -28.17
HE1 MSE D 243 -1.60 -8.92 -29.91
HE2 MSE D 243 -2.91 -9.81 -29.81
HE3 MSE D 243 -2.00 -9.59 -28.53
N ILE D 244 -0.16 -16.14 -26.91
CA ILE D 244 0.74 -17.26 -26.66
C ILE D 244 -0.05 -18.51 -26.30
N ARG D 245 -1.16 -18.34 -25.57
CA ARG D 245 -2.00 -19.48 -25.24
C ARG D 245 -2.57 -20.12 -26.50
N LYS D 246 -3.08 -19.31 -27.43
CA LYS D 246 -3.52 -19.84 -28.71
C LYS D 246 -2.33 -20.40 -29.49
N LEU D 247 -1.19 -19.74 -29.42
CA LEU D 247 0.00 -20.19 -30.13
C LEU D 247 0.37 -21.61 -29.72
N VAL D 248 0.25 -21.94 -28.43
CA VAL D 248 0.56 -23.29 -27.99
C VAL D 248 -0.53 -24.26 -28.43
N GLU D 249 -1.80 -23.84 -28.33
CA GLU D 249 -2.90 -24.71 -28.71
C GLU D 249 -2.84 -25.08 -30.19
N GLU D 250 -2.25 -24.23 -31.02
CA GLU D 250 -2.11 -24.52 -32.44
C GLU D 250 -0.90 -25.39 -32.72
N VAL D 251 0.22 -25.12 -32.04
CA VAL D 251 1.41 -25.96 -32.20
C VAL D 251 1.10 -27.38 -31.75
N VAL D 252 0.44 -27.53 -30.60
CA VAL D 252 0.13 -28.86 -30.09
C VAL D 252 -0.86 -29.57 -31.00
N ALA D 253 -1.73 -28.83 -31.67
CA ALA D 253 -2.73 -29.46 -32.53
C ALA D 253 -2.10 -29.99 -33.80
N GLU D 254 -1.15 -29.27 -34.38
CA GLU D 254 -0.52 -29.72 -35.62
C GLU D 254 0.53 -30.79 -35.37
N GLU D 255 1.34 -30.62 -34.32
CA GLU D 255 2.44 -31.53 -34.04
C GLU D 255 2.11 -32.56 -32.96
N GLY D 256 0.95 -32.45 -32.32
CA GLY D 256 0.55 -33.44 -31.35
C GLY D 256 1.03 -33.12 -29.95
N ILE D 257 0.27 -33.61 -28.95
CA ILE D 257 0.64 -33.38 -27.56
C ILE D 257 1.82 -34.26 -27.16
N GLU D 258 1.93 -35.46 -27.73
CA GLU D 258 3.04 -36.34 -27.41
C GLU D 258 4.37 -35.64 -27.64
N ALA D 259 4.51 -34.97 -28.79
CA ALA D 259 5.76 -34.28 -29.10
C ALA D 259 5.97 -33.09 -28.18
N TYR D 260 4.95 -32.23 -28.04
CA TYR D 260 5.11 -31.03 -27.23
C TYR D 260 5.42 -31.38 -25.78
N TRP D 261 4.83 -32.45 -25.27
CA TRP D 261 5.04 -32.80 -23.86
C TRP D 261 6.50 -33.12 -23.58
N LYS D 262 7.16 -33.82 -24.51
CA LYS D 262 8.59 -34.06 -24.35
C LYS D 262 9.37 -32.75 -24.46
N PHE D 263 9.01 -31.90 -25.41
CA PHE D 263 9.73 -30.65 -25.63
C PHE D 263 9.66 -29.74 -24.41
N ALA D 264 8.55 -29.76 -23.68
CA ALA D 264 8.38 -28.87 -22.53
C ALA D 264 9.29 -29.22 -21.37
N TYR D 265 10.11 -30.26 -21.47
CA TYR D 265 11.05 -30.60 -20.41
C TYR D 265 12.44 -30.84 -20.99
N GLU D 266 12.50 -31.33 -22.23
CA GLU D 266 13.79 -31.47 -22.89
C GLU D 266 14.42 -30.12 -23.19
N ALA D 267 13.61 -29.12 -23.51
CA ALA D 267 14.13 -27.80 -23.84
C ALA D 267 14.85 -27.17 -22.66
N VAL D 268 14.44 -27.50 -21.44
CA VAL D 268 15.11 -26.98 -20.26
C VAL D 268 16.44 -27.69 -20.05
N GLU D 269 16.43 -29.03 -20.00
CA GLU D 269 17.68 -29.77 -19.93
C GLU D 269 18.58 -29.43 -21.09
N HIS D 270 18.01 -29.04 -22.23
CA HIS D 270 18.80 -28.59 -23.36
C HIS D 270 19.56 -27.31 -23.02
N GLY D 271 18.87 -26.35 -22.38
CA GLY D 271 19.52 -25.10 -22.01
C GLY D 271 20.70 -25.32 -21.08
N ARG D 272 20.56 -26.26 -20.14
CA ARG D 272 21.65 -26.56 -19.23
C ARG D 272 22.87 -27.04 -19.99
N LEU D 273 22.69 -27.99 -20.91
CA LEU D 273 23.80 -28.50 -21.69
C LEU D 273 24.43 -27.39 -22.53
N GLY D 274 23.61 -26.46 -23.02
CA GLY D 274 24.14 -25.37 -23.81
C GLY D 274 25.08 -24.48 -23.00
N LEU D 275 24.66 -24.13 -21.79
CA LEU D 275 25.52 -23.31 -20.93
C LEU D 275 26.81 -24.05 -20.57
N GLN D 276 26.70 -25.33 -20.26
CA GLN D 276 27.89 -26.13 -19.94
C GLN D 276 28.86 -26.14 -21.10
N ALA D 277 28.35 -26.32 -22.33
CA ALA D 277 29.22 -26.36 -23.50
C ALA D 277 29.89 -25.00 -23.73
N ARG D 278 29.18 -23.91 -23.47
CA ARG D 278 29.76 -22.58 -23.63
C ARG D 278 30.88 -22.34 -22.62
N ILE D 279 30.68 -22.77 -21.38
CA ILE D 279 31.70 -22.59 -20.34
C ILE D 279 32.97 -23.34 -20.72
N LYS D 280 32.83 -24.61 -21.10
CA LYS D 280 33.99 -25.42 -21.46
C LYS D 280 34.72 -24.87 -22.68
N ALA D 281 34.05 -24.05 -23.49
CA ALA D 281 34.62 -23.59 -24.76
C ALA D 281 35.28 -22.22 -24.67
N MSE D 282 34.81 -21.35 -23.80
CA MSE D 282 35.29 -19.97 -23.77
C MSE D 282 36.11 -19.61 -22.54
O MSE D 282 36.92 -18.69 -22.58
CB MSE D 282 34.10 -19.00 -23.86
CG MSE D 282 33.23 -19.18 -25.07
SE MSE D 282 31.61 -18.12 -24.95
CE MSE D 282 32.41 -16.36 -24.76
H MSE D 282 34.21 -21.52 -23.20
HA MSE D 282 35.84 -19.82 -24.56
HB2 MSE D 282 33.55 -19.13 -23.07
HB3 MSE D 282 34.45 -18.10 -23.87
HG2 MSE D 282 33.72 -18.91 -25.87
HG3 MSE D 282 32.97 -20.12 -25.15
HE1 MSE D 282 31.71 -15.70 -24.69
HE2 MSE D 282 32.97 -16.35 -23.96
HE3 MSE D 282 32.96 -16.18 -25.54
N THR D 283 35.91 -20.33 -21.44
CA THR D 283 36.46 -19.93 -20.15
C THR D 283 37.58 -20.86 -19.73
N ILE D 284 37.95 -20.77 -18.46
CA ILE D 284 39.02 -21.57 -17.86
C ILE D 284 38.52 -22.07 -16.51
N PRO D 285 38.78 -23.33 -16.14
CA PRO D 285 38.38 -23.78 -14.81
C PRO D 285 39.30 -23.21 -13.74
N GLY D 286 38.73 -22.91 -12.59
CA GLY D 286 39.49 -22.36 -11.48
C GLY D 286 38.60 -21.53 -10.59
N THR D 287 39.25 -20.73 -9.73
CA THR D 287 38.56 -19.89 -8.77
C THR D 287 38.91 -18.44 -9.05
N TYR D 288 37.87 -17.61 -9.21
CA TYR D 288 38.02 -16.18 -9.44
C TYR D 288 37.42 -15.43 -8.27
N ARG D 289 38.13 -14.42 -7.78
CA ARG D 289 37.72 -13.67 -6.60
C ARG D 289 37.70 -12.19 -6.92
N GLN D 290 36.55 -11.55 -6.69
CA GLN D 290 36.39 -10.13 -6.94
C GLN D 290 35.34 -9.58 -5.99
N VAL D 291 35.22 -8.26 -5.96
CA VAL D 291 34.33 -7.57 -5.02
C VAL D 291 33.89 -6.26 -5.63
N GLY D 292 32.73 -5.77 -5.19
CA GLY D 292 32.21 -4.50 -5.63
C GLY D 292 31.65 -3.71 -4.47
N PHE D 293 31.64 -2.38 -4.63
CA PHE D 293 31.17 -1.47 -3.59
C PHE D 293 30.32 -0.38 -4.21
N VAL D 294 29.49 0.25 -3.39
CA VAL D 294 28.79 1.47 -3.77
C VAL D 294 28.32 2.16 -2.50
N ASP D 295 28.17 3.48 -2.57
CA ASP D 295 27.90 4.28 -1.39
C ASP D 295 26.39 4.49 -1.19
N VAL D 296 26.00 4.63 0.07
CA VAL D 296 24.64 5.01 0.44
C VAL D 296 24.74 6.14 1.47
N PRO D 297 24.92 7.37 1.02
CA PRO D 297 25.16 8.49 1.96
C PRO D 297 23.88 9.10 2.52
N TYR D 298 23.26 8.40 3.47
CA TYR D 298 22.01 8.84 4.05
C TYR D 298 22.18 9.72 5.27
N ALA D 299 23.41 10.08 5.63
CA ALA D 299 23.63 11.02 6.72
C ALA D 299 23.47 12.47 6.28
N HIS D 300 23.58 12.74 4.98
CA HIS D 300 23.51 14.11 4.47
C HIS D 300 22.13 14.69 4.70
N GLU D 301 22.08 15.98 5.03
CA GLU D 301 20.81 16.62 5.36
C GLU D 301 19.85 16.60 4.18
N ASP D 302 20.37 16.55 2.96
CA ASP D 302 19.50 16.49 1.78
C ASP D 302 18.91 15.11 1.54
N VAL D 303 19.15 14.17 2.44
CA VAL D 303 18.44 12.89 2.43
C VAL D 303 17.43 12.90 3.56
N ARG D 304 16.21 13.39 3.27
CA ARG D 304 15.21 13.64 4.30
C ARG D 304 14.38 12.37 4.52
N VAL D 305 14.95 11.44 5.27
CA VAL D 305 14.25 10.22 5.64
C VAL D 305 13.58 10.44 6.99
N PRO D 306 12.37 9.93 7.21
CA PRO D 306 11.68 10.21 8.47
C PRO D 306 12.25 9.47 9.66
N SER D 307 12.78 8.26 9.46
CA SER D 307 13.31 7.46 10.55
C SER D 307 14.73 7.91 10.86
N ASP D 308 14.97 8.31 12.11
CA ASP D 308 16.29 8.80 12.50
C ASP D 308 17.31 7.68 12.58
N PHE D 309 16.87 6.44 12.86
CA PHE D 309 17.79 5.32 12.87
C PHE D 309 18.26 4.94 11.47
N ALA D 310 17.67 5.53 10.43
CA ALA D 310 18.07 5.25 9.05
C ALA D 310 19.07 6.26 8.51
N LYS D 311 19.33 7.36 9.23
CA LYS D 311 20.24 8.40 8.75
C LYS D 311 21.66 8.04 9.17
N LEU D 312 22.36 7.30 8.31
CA LEU D 312 23.77 7.03 8.50
C LEU D 312 24.39 6.66 7.16
N ASP D 313 25.69 6.89 7.05
CA ASP D 313 26.44 6.52 5.86
C ASP D 313 26.74 5.03 5.89
N THR D 314 26.43 4.32 4.80
CA THR D 314 26.74 2.91 4.70
C THR D 314 27.27 2.61 3.30
N ILE D 315 28.00 1.49 3.22
CA ILE D 315 28.61 1.05 1.97
C ILE D 315 28.11 -0.36 1.67
N MSE D 316 27.76 -0.59 0.41
CA MSE D 316 27.40 -1.94 -0.03
C MSE D 316 28.68 -2.75 -0.22
O MSE D 316 29.67 -2.26 -0.76
CB MSE D 316 26.62 -1.91 -1.34
CG MSE D 316 26.11 -3.27 -1.77
SE MSE D 316 26.30 -3.59 -3.69
CE MSE D 316 28.24 -3.48 -3.84
H MSE D 316 27.70 0.00 -0.20
HA MSE D 316 26.85 -2.36 0.65
HB2 MSE D 316 25.86 -1.33 -1.23
HB3 MSE D 316 27.20 -1.57 -2.04
HG2 MSE D 316 26.62 -3.97 -1.30
HG3 MSE D 316 25.18 -3.34 -1.55
HE1 MSE D 316 28.50 -3.62 -4.76
HE2 MSE D 316 28.52 -2.59 -3.55
HE3 MSE D 316 28.65 -4.15 -3.27
N HIS D 317 28.64 -3.99 0.25
CA HIS D 317 29.77 -4.91 0.12
C HIS D 317 29.27 -6.15 -0.61
N ALA D 318 29.77 -6.36 -1.82
CA ALA D 318 29.35 -7.49 -2.67
C ALA D 318 30.59 -8.24 -3.13
N PRO D 319 31.18 -9.06 -2.26
CA PRO D 319 32.25 -9.95 -2.71
C PRO D 319 31.68 -11.17 -3.39
N CYS D 320 32.44 -11.71 -4.34
CA CYS D 320 32.00 -12.87 -5.08
C CYS D 320 33.19 -13.80 -5.33
N GLU D 321 33.06 -15.05 -4.89
CA GLU D 321 34.02 -16.10 -5.23
C GLU D 321 33.39 -16.94 -6.33
N MSE D 322 33.94 -16.83 -7.54
CA MSE D 322 33.42 -17.57 -8.68
C MSE D 322 34.26 -18.82 -8.90
O MSE D 322 35.48 -18.75 -9.07
CB MSE D 322 33.43 -16.69 -9.94
CG MSE D 322 32.95 -17.39 -11.20
SE MSE D 322 32.84 -16.19 -12.74
CE MSE D 322 34.72 -15.95 -13.12
H MSE D 322 34.60 -16.32 -7.73
HA MSE D 322 32.51 -17.83 -8.51
HB2 MSE D 322 32.86 -15.93 -9.79
HB3 MSE D 322 34.35 -16.39 -10.10
HG2 MSE D 322 33.57 -18.10 -11.43
HG3 MSE D 322 32.07 -17.75 -11.04
HE1 MSE D 322 34.81 -15.36 -13.89
HE2 MSE D 322 35.15 -15.57 -12.35
HE3 MSE D 322 35.11 -16.81 -13.32
N THR D 323 33.60 -19.97 -8.88
CA THR D 323 34.25 -21.26 -9.10
C THR D 323 33.71 -21.87 -10.40
N ILE D 324 34.59 -22.05 -11.37
CA ILE D 324 34.27 -22.77 -12.61
C ILE D 324 34.92 -24.14 -12.53
N ARG D 325 34.12 -25.18 -12.78
CA ARG D 325 34.55 -26.56 -12.57
C ARG D 325 34.80 -27.26 -13.89
N ARG D 326 35.59 -28.34 -13.81
CA ARG D 326 36.00 -29.07 -15.01
C ARG D 326 34.80 -29.61 -15.77
N ASP D 327 33.75 -30.03 -15.06
CA ASP D 327 32.57 -30.56 -15.71
C ASP D 327 31.71 -29.49 -16.36
N GLY D 328 32.15 -28.23 -16.37
CA GLY D 328 31.41 -27.17 -16.98
C GLY D 328 30.36 -26.52 -16.10
N THR D 329 30.22 -26.96 -14.86
CA THR D 329 29.40 -26.26 -13.89
C THR D 329 30.20 -25.13 -13.26
N TRP D 330 29.49 -24.20 -12.63
CA TRP D 330 30.15 -23.09 -11.96
C TRP D 330 29.30 -22.60 -10.80
N ARG D 331 29.92 -21.83 -9.92
CA ARG D 331 29.34 -21.47 -8.63
C ARG D 331 29.66 -20.02 -8.32
N LEU D 332 28.65 -19.27 -7.91
CA LEU D 332 28.78 -17.87 -7.53
C LEU D 332 28.44 -17.76 -6.05
N ASP D 333 29.46 -17.58 -5.21
CA ASP D 333 29.30 -17.53 -3.77
C ASP D 333 29.56 -16.11 -3.30
N PHE D 334 28.56 -15.49 -2.66
CA PHE D 334 28.67 -14.12 -2.18
C PHE D 334 28.89 -14.06 -0.67
N GLU D 335 29.59 -15.04 -0.12
CA GLU D 335 29.96 -15.02 1.29
C GLU D 335 30.69 -13.73 1.63
N GLY D 336 30.34 -13.14 2.77
CA GLY D 336 31.00 -11.96 3.25
C GLY D 336 30.28 -10.66 2.95
N SER D 337 29.15 -10.71 2.26
CA SER D 337 28.44 -9.51 1.86
C SER D 337 27.89 -8.77 3.08
N SER D 338 27.55 -7.51 2.86
CA SER D 338 27.03 -6.66 3.91
C SER D 338 25.56 -6.94 4.17
N ARG D 339 25.08 -6.45 5.31
CA ARG D 339 23.69 -6.63 5.71
C ARG D 339 22.78 -5.70 4.92
N TRP D 340 21.50 -6.05 4.87
CA TRP D 340 20.51 -5.13 4.35
C TRP D 340 20.41 -3.91 5.24
N GLY D 341 19.93 -2.81 4.67
CA GLY D 341 19.92 -1.54 5.37
C GLY D 341 18.59 -0.82 5.19
N TRP D 342 18.44 0.23 5.98
CA TRP D 342 17.26 1.08 5.91
C TRP D 342 17.33 1.96 4.67
N HIS D 343 16.84 1.44 3.55
CA HIS D 343 16.86 2.13 2.27
C HIS D 343 16.16 1.27 1.24
N THR D 344 16.14 1.70 -0.02
CA THR D 344 15.40 1.03 -1.08
C THR D 344 16.30 0.30 -2.07
N TYR D 345 17.55 0.04 -1.70
CA TYR D 345 18.52 -0.55 -2.61
C TYR D 345 18.77 -2.02 -2.32
N ASN D 346 18.04 -2.61 -1.37
CA ASN D 346 18.16 -4.04 -1.12
C ASN D 346 17.53 -4.83 -2.28
N ALA D 347 17.75 -6.13 -2.29
CA ALA D 347 17.26 -6.99 -3.36
C ALA D 347 16.69 -8.27 -2.76
N HIS D 348 16.19 -9.11 -3.65
CA HIS D 348 15.61 -10.41 -3.31
C HIS D 348 16.45 -11.49 -3.98
N GLN D 349 16.53 -12.66 -3.34
CA GLN D 349 17.32 -13.74 -3.95
C GLN D 349 16.77 -14.11 -5.32
N VAL D 350 15.45 -14.04 -5.50
CA VAL D 350 14.85 -14.24 -6.81
C VAL D 350 15.22 -13.08 -7.73
N SER D 351 15.15 -11.85 -7.23
CA SER D 351 15.49 -10.69 -8.03
C SER D 351 16.95 -10.70 -8.45
N PHE D 352 17.82 -11.18 -7.56
CA PHE D 352 19.25 -11.17 -7.85
C PHE D 352 19.61 -12.22 -8.90
N THR D 353 19.12 -13.44 -8.71
CA THR D 353 19.47 -14.53 -9.63
C THR D 353 18.72 -14.41 -10.94
N SER D 354 17.45 -13.99 -10.90
CA SER D 354 16.68 -13.86 -12.13
C SER D 354 17.26 -12.75 -13.01
N GLY D 355 17.67 -11.64 -12.40
CA GLY D 355 18.15 -10.50 -13.16
C GLY D 355 19.60 -10.57 -13.57
N ILE D 356 20.38 -11.49 -13.00
CA ILE D 356 21.80 -11.57 -13.34
C ILE D 356 22.02 -12.06 -14.76
N TRP D 357 20.99 -12.62 -15.40
CA TRP D 357 21.16 -13.18 -16.74
C TRP D 357 21.04 -12.14 -17.83
N VAL D 358 20.46 -10.97 -17.54
CA VAL D 358 20.51 -9.88 -18.50
C VAL D 358 21.94 -9.46 -18.74
N MSE D 359 22.83 -9.75 -17.79
CA MSE D 359 24.24 -9.46 -17.93
C MSE D 359 24.97 -10.62 -18.61
O MSE D 359 25.79 -10.42 -19.49
CB MSE D 359 24.85 -9.16 -16.56
CG MSE D 359 26.34 -8.88 -16.58
SE MSE D 359 27.40 -10.41 -16.07
CE MSE D 359 26.95 -10.48 -14.18
H MSE D 359 22.63 -10.13 -17.05
HA MSE D 359 24.34 -8.66 -18.48
HB2 MSE D 359 24.41 -8.39 -16.18
HB3 MSE D 359 24.71 -9.94 -15.99
HG2 MSE D 359 26.60 -8.62 -17.47
HG3 MSE D 359 26.53 -8.17 -15.95
HE1 MSE D 359 27.42 -11.22 -13.77
HE2 MSE D 359 27.22 -9.64 -13.76
HE3 MSE D 359 25.99 -10.60 -14.09
N MSE D 360 24.63 -11.83 -18.19
CA MSE D 360 25.30 -13.03 -18.68
C MSE D 360 25.05 -13.23 -20.16
O MSE D 360 25.94 -13.66 -20.89
CB MSE D 360 24.82 -14.26 -17.90
CG MSE D 360 25.25 -14.27 -16.43
SE MSE D 360 27.19 -14.20 -16.20
CE MSE D 360 27.68 -15.62 -17.43
H MSE D 360 24.02 -11.99 -17.60
HA MSE D 360 26.25 -12.93 -18.54
HB2 MSE D 360 23.86 -14.29 -17.93
HB3 MSE D 360 25.19 -15.05 -18.32
HG2 MSE D 360 24.86 -13.50 -15.99
HG3 MSE D 360 24.93 -15.09 -16.02
HE1 MSE D 360 28.64 -15.71 -17.43
HE2 MSE D 360 27.26 -16.45 -17.14
HE3 MSE D 360 27.37 -15.40 -18.32
N THR D 361 23.82 -12.96 -20.60
CA THR D 361 23.49 -13.09 -22.01
C THR D 361 24.16 -12.05 -22.89
N GLN D 362 24.92 -11.11 -22.31
CA GLN D 362 25.65 -10.13 -23.08
C GLN D 362 27.09 -10.54 -23.36
N THR D 363 27.56 -11.63 -22.77
CA THR D 363 28.94 -12.05 -22.97
C THR D 363 29.08 -13.55 -23.10
N LEU D 364 28.57 -14.32 -22.13
CA LEU D 364 28.79 -15.76 -22.11
C LEU D 364 27.76 -16.52 -22.94
N ILE D 365 26.49 -16.16 -22.83
CA ILE D 365 25.43 -16.92 -23.48
C ILE D 365 24.48 -15.97 -24.21
N PRO D 366 24.96 -15.21 -25.21
CA PRO D 366 24.04 -14.43 -26.03
C PRO D 366 23.25 -15.31 -26.97
N SER D 367 22.15 -15.88 -26.49
CA SER D 367 21.40 -16.88 -27.22
C SER D 367 19.91 -16.61 -27.11
N GLU D 368 19.18 -16.88 -28.19
CA GLU D 368 17.73 -16.79 -28.18
C GLU D 368 17.08 -18.05 -27.61
N MSE D 369 17.87 -19.05 -27.22
CA MSE D 369 17.34 -20.25 -26.60
C MSE D 369 17.38 -20.15 -25.07
O MSE D 369 17.06 -21.11 -24.37
CB MSE D 369 18.14 -21.49 -27.02
CG MSE D 369 17.87 -21.97 -28.44
SE MSE D 369 17.70 -23.92 -28.51
CE MSE D 369 17.34 -24.13 -30.42
H MSE D 369 18.72 -19.05 -27.31
HA MSE D 369 16.42 -20.38 -26.88
HB2 MSE D 369 19.09 -21.28 -26.96
HB3 MSE D 369 17.94 -22.22 -26.42
HG2 MSE D 369 17.04 -21.59 -28.75
HG3 MSE D 369 18.61 -21.71 -29.01
HE1 MSE D 369 17.23 -25.07 -30.62
HE2 MSE D 369 16.53 -23.64 -30.64
HE3 MSE D 369 18.09 -23.77 -30.92
N ILE D 370 17.75 -18.97 -24.55
CA ILE D 370 18.00 -18.83 -23.13
C ILE D 370 16.71 -19.13 -22.36
N ASN D 371 16.81 -20.03 -21.39
CA ASN D 371 15.68 -20.41 -20.55
C ASN D 371 16.21 -20.84 -19.19
N ASP D 372 15.33 -21.39 -18.36
CA ASP D 372 15.72 -21.79 -17.02
C ASP D 372 16.79 -22.87 -17.02
N GLY D 373 17.05 -23.52 -18.14
CA GLY D 373 18.13 -24.49 -18.20
C GLY D 373 19.44 -23.92 -17.72
N ALA D 374 19.72 -22.66 -18.07
CA ALA D 374 20.92 -22.00 -17.59
C ALA D 374 20.94 -21.92 -16.07
N ALA D 375 19.77 -21.67 -15.46
CA ALA D 375 19.71 -21.58 -14.02
C ALA D 375 20.09 -22.90 -13.37
N TYR D 376 19.61 -24.01 -13.93
CA TYR D 376 19.95 -25.32 -13.40
C TYR D 376 21.40 -25.70 -13.63
N GLY D 377 22.13 -24.95 -14.44
CA GLY D 377 23.55 -25.12 -14.62
C GLY D 377 24.40 -24.14 -13.83
N THR D 378 23.81 -23.40 -12.89
CA THR D 378 24.53 -22.41 -12.11
C THR D 378 24.14 -22.54 -10.65
N GLU D 379 25.14 -22.50 -9.78
CA GLU D 379 24.92 -22.53 -8.34
C GLU D 379 25.09 -21.13 -7.76
N PHE D 380 24.10 -20.68 -7.00
CA PHE D 380 24.13 -19.40 -6.33
C PHE D 380 24.11 -19.61 -4.83
N ARG D 381 25.01 -18.95 -4.12
CA ARG D 381 25.00 -18.91 -2.66
C ARG D 381 24.89 -17.46 -2.22
N LEU D 382 23.72 -17.10 -1.70
CA LEU D 382 23.45 -15.76 -1.19
C LEU D 382 23.17 -15.87 0.30
N PRO D 383 24.14 -15.58 1.17
CA PRO D 383 23.94 -15.79 2.60
C PRO D 383 22.67 -15.10 3.10
N LYS D 384 21.90 -15.83 3.90
CA LYS D 384 20.69 -15.27 4.49
C LYS D 384 21.03 -14.06 5.36
N GLY D 385 20.24 -13.01 5.21
CA GLY D 385 20.42 -11.79 5.97
C GLY D 385 21.15 -10.69 5.24
N THR D 386 21.85 -11.01 4.15
CA THR D 386 22.56 -9.99 3.39
C THR D 386 21.57 -9.15 2.58
N TRP D 387 22.10 -8.11 1.92
CA TRP D 387 21.25 -7.21 1.17
C TRP D 387 20.62 -7.87 -0.05
N MSE D 388 21.15 -9.01 -0.47
CA MSE D 388 20.66 -9.70 -1.66
C MSE D 388 19.74 -10.86 -1.28
O MSE D 388 19.09 -11.44 -2.15
CB MSE D 388 21.83 -10.22 -2.48
CG MSE D 388 22.55 -11.35 -1.79
SE MSE D 388 24.48 -11.23 -1.83
CE MSE D 388 24.68 -9.56 -0.95
H MSE D 388 21.80 -9.41 -0.08
HA MSE D 388 20.16 -9.06 -2.21
HB2 MSE D 388 21.49 -10.55 -3.33
HB3 MSE D 388 22.46 -9.50 -2.62
HG2 MSE D 388 22.28 -11.37 -0.86
HG3 MSE D 388 22.30 -12.18 -2.22
HE1 MSE D 388 25.64 -9.36 -0.89
HE2 MSE D 388 24.23 -8.87 -1.46
HE3 MSE D 388 24.31 -9.63 -0.06
N ASN D 389 19.71 -11.18 0.01
CA ASN D 389 18.80 -12.20 0.53
C ASN D 389 18.44 -11.84 1.96
N PRO D 390 17.65 -10.77 2.14
CA PRO D 390 17.45 -10.24 3.49
C PRO D 390 16.67 -11.16 4.41
N ASP D 391 15.63 -11.80 3.92
CA ASP D 391 14.76 -12.65 4.74
C ASP D 391 14.18 -11.85 5.91
N ASP D 392 13.80 -10.61 5.65
CA ASP D 392 13.17 -9.75 6.64
C ASP D 392 12.09 -8.94 5.95
N ARG D 393 10.89 -8.91 6.53
CA ARG D 393 9.73 -8.35 5.85
C ARG D 393 9.71 -6.83 5.84
N ARG D 394 10.51 -6.18 6.68
CA ARG D 394 10.58 -4.72 6.68
C ARG D 394 11.38 -4.18 5.51
N VAL D 395 12.16 -5.03 4.83
CA VAL D 395 13.12 -4.54 3.84
C VAL D 395 12.40 -3.94 2.65
N ALA D 396 12.93 -2.82 2.17
CA ALA D 396 12.45 -2.18 0.95
C ALA D 396 13.41 -2.46 -0.20
N PHE D 397 12.88 -2.45 -1.42
CA PHE D 397 13.65 -2.81 -2.61
C PHE D 397 13.23 -1.99 -3.82
N SER D 398 12.71 -0.79 -3.60
CA SER D 398 12.10 -0.03 -4.69
C SER D 398 13.13 0.33 -5.76
N TYR D 399 14.37 0.60 -5.36
CA TYR D 399 15.42 0.94 -6.32
C TYR D 399 16.57 -0.05 -6.21
N SER D 400 16.29 -1.33 -6.44
CA SER D 400 17.31 -2.37 -6.30
C SER D 400 18.46 -2.15 -7.26
N TRP D 401 18.22 -1.50 -8.40
CA TRP D 401 19.27 -1.36 -9.41
C TRP D 401 20.55 -0.78 -8.82
N HIS D 402 20.42 0.17 -7.90
CA HIS D 402 21.59 0.84 -7.34
C HIS D 402 22.62 -0.17 -6.85
N PHE D 403 22.17 -1.20 -6.12
CA PHE D 403 23.10 -2.23 -5.64
C PHE D 403 23.37 -3.27 -6.71
N LEU D 404 22.34 -3.73 -7.42
CA LEU D 404 22.52 -4.82 -8.37
C LEU D 404 23.57 -4.49 -9.42
N VAL D 405 23.47 -3.32 -10.05
CA VAL D 405 24.43 -2.97 -11.08
C VAL D 405 25.82 -2.80 -10.50
N SER D 406 25.91 -2.46 -9.21
CA SER D 406 27.20 -2.30 -8.55
C SER D 406 27.82 -3.64 -8.16
N ALA D 407 27.02 -4.69 -8.00
CA ALA D 407 27.53 -5.99 -7.63
C ALA D 407 27.81 -6.88 -8.83
N TRP D 408 27.04 -6.74 -9.90
CA TRP D 408 27.20 -7.60 -11.07
C TRP D 408 28.45 -7.25 -11.86
N THR D 409 28.83 -5.97 -11.88
CA THR D 409 29.95 -5.54 -12.72
C THR D 409 31.21 -6.34 -12.41
N ALA D 410 31.43 -6.68 -11.15
CA ALA D 410 32.63 -7.42 -10.78
C ALA D 410 32.70 -8.75 -11.50
N LEU D 411 31.56 -9.32 -11.89
CA LEU D 411 31.57 -10.63 -12.53
C LEU D 411 32.07 -10.54 -13.97
N TRP D 412 31.85 -9.41 -14.64
CA TRP D 412 32.52 -9.16 -15.91
C TRP D 412 34.02 -9.38 -15.79
N ARG D 413 34.63 -8.76 -14.78
CA ARG D 413 36.08 -8.84 -14.63
C ARG D 413 36.52 -10.27 -14.38
N GLY D 414 35.80 -11.01 -13.55
CA GLY D 414 36.14 -12.39 -13.31
C GLY D 414 36.13 -13.20 -14.59
N LEU D 415 35.00 -13.18 -15.30
CA LEU D 415 34.91 -13.90 -16.56
C LEU D 415 35.98 -13.45 -17.55
N SER D 416 36.25 -12.15 -17.58
CA SER D 416 37.25 -11.64 -18.52
C SER D 416 38.61 -12.26 -18.29
N ARG D 417 38.96 -12.57 -17.03
CA ARG D 417 40.23 -13.22 -16.78
C ARG D 417 40.29 -14.57 -17.48
N SER D 418 39.15 -15.27 -17.55
CA SER D 418 39.10 -16.54 -18.26
C SER D 418 39.22 -16.33 -19.77
N TYR D 419 38.50 -15.35 -20.31
CA TYR D 419 38.62 -15.03 -21.73
C TYR D 419 40.05 -14.63 -22.07
N PHE D 420 40.67 -13.80 -21.22
CA PHE D 420 42.00 -13.29 -21.53
C PHE D 420 43.03 -14.42 -21.54
N GLY D 421 42.98 -15.29 -20.53
CA GLY D 421 43.94 -16.39 -20.47
C GLY D 421 43.75 -17.38 -21.60
N ARG D 422 42.51 -17.64 -21.99
CA ARG D 422 42.23 -18.58 -23.07
C ARG D 422 42.57 -17.99 -24.44
N GLY D 423 42.57 -16.67 -24.57
CA GLY D 423 42.91 -16.03 -25.83
C GLY D 423 41.75 -15.36 -26.54
N TYR D 424 40.53 -15.45 -26.01
CA TYR D 424 39.38 -14.82 -26.63
C TYR D 424 39.26 -13.38 -26.13
N LEU D 425 40.26 -12.59 -26.52
CA LEU D 425 40.33 -11.20 -26.09
C LEU D 425 39.13 -10.39 -26.57
N GLU D 426 38.50 -10.81 -27.68
CA GLU D 426 37.37 -10.05 -28.19
C GLU D 426 36.22 -10.02 -27.20
N GLU D 427 36.10 -11.04 -26.35
CA GLU D 427 35.03 -11.13 -25.36
C GLU D 427 35.34 -10.37 -24.08
N VAL D 428 36.59 -9.98 -23.86
CA VAL D 428 36.97 -9.30 -22.62
C VAL D 428 36.21 -7.98 -22.50
N ASN D 429 35.87 -7.65 -21.26
CA ASN D 429 35.19 -6.38 -20.97
C ASN D 429 35.40 -6.07 -19.50
N ALA D 430 35.88 -4.86 -19.21
CA ALA D 430 36.23 -4.50 -17.84
C ALA D 430 35.00 -4.43 -16.92
N GLY D 431 33.81 -4.20 -17.47
CA GLY D 431 32.62 -4.18 -16.66
C GLY D 431 31.65 -3.10 -17.05
N ASN D 432 30.44 -3.16 -16.50
CA ASN D 432 29.40 -2.18 -16.83
C ASN D 432 29.47 -0.99 -15.89
N ALA D 433 29.16 0.17 -16.44
CA ALA D 433 29.09 1.38 -15.63
C ALA D 433 27.90 1.33 -14.69
N ASN D 434 27.98 2.12 -13.62
CA ASN D 434 26.81 2.32 -12.78
C ASN D 434 25.73 3.00 -13.59
N THR D 435 24.56 2.37 -13.67
CA THR D 435 23.44 2.90 -14.46
C THR D 435 22.83 4.11 -13.78
N SER D 436 23.59 5.17 -13.54
CA SER D 436 23.18 6.13 -12.54
C SER D 436 23.07 7.55 -13.08
N ASN D 437 22.82 8.45 -12.14
CA ASN D 437 21.90 9.56 -12.27
C ASN D 437 20.61 9.11 -12.94
N TRP D 438 19.65 8.74 -12.11
CA TRP D 438 18.27 8.52 -12.54
C TRP D 438 17.52 9.83 -12.35
N LEU D 439 17.39 10.61 -13.41
CA LEU D 439 16.61 11.83 -13.32
C LEU D 439 15.17 11.48 -12.94
N GLN D 440 14.71 12.02 -11.82
CA GLN D 440 13.35 11.81 -11.34
C GLN D 440 12.73 13.16 -11.01
N GLY D 441 11.49 13.37 -11.46
CA GLY D 441 10.80 14.59 -11.19
C GLY D 441 9.33 14.33 -10.97
N GLY D 442 8.70 15.26 -10.26
CA GLY D 442 7.28 15.14 -9.96
C GLY D 442 6.62 16.50 -9.92
N GLY D 443 5.33 16.52 -10.21
CA GLY D 443 4.58 17.75 -10.22
C GLY D 443 3.67 17.87 -11.43
N PHE D 444 3.48 19.10 -11.91
CA PHE D 444 2.59 19.37 -13.04
C PHE D 444 3.39 19.94 -14.19
N ASN D 445 3.19 19.35 -15.37
CA ASN D 445 4.03 19.63 -16.53
C ASN D 445 3.45 20.78 -17.33
N GLN D 446 4.02 21.03 -18.52
CA GLN D 446 3.63 22.15 -19.36
C GLN D 446 2.20 22.06 -19.85
N TYR D 447 1.53 20.92 -19.69
CA TYR D 447 0.13 20.78 -20.05
C TYR D 447 -0.78 20.93 -18.83
N ASP D 448 -0.25 21.39 -17.70
CA ASP D 448 -1.01 21.48 -16.46
C ASP D 448 -1.61 20.12 -16.09
N GLU D 449 -0.78 19.09 -16.18
CA GLU D 449 -1.21 17.72 -15.90
C GLU D 449 -0.13 17.01 -15.12
N ILE D 450 -0.52 15.89 -14.51
CA ILE D 450 0.41 15.12 -13.68
C ILE D 450 1.58 14.64 -14.52
N HIS D 451 2.78 14.73 -13.95
CA HIS D 451 3.97 14.21 -14.60
C HIS D 451 4.02 12.70 -14.46
N ALA D 452 4.36 12.02 -15.55
CA ALA D 452 4.40 10.56 -15.54
C ALA D 452 5.63 10.01 -16.23
N VAL D 453 6.06 10.66 -17.31
CA VAL D 453 7.15 10.18 -18.15
C VAL D 453 8.41 11.00 -17.86
N ASN D 454 9.45 10.33 -17.39
CA ASN D 454 10.77 10.94 -17.24
C ASN D 454 11.63 10.62 -18.46
N SER D 455 12.77 11.32 -18.54
CA SER D 455 13.61 11.23 -19.74
C SER D 455 14.22 9.84 -19.89
N PHE D 456 14.92 9.36 -18.86
CA PHE D 456 15.53 8.03 -18.90
C PHE D 456 16.76 8.00 -19.80
N GLU D 457 17.61 9.01 -19.65
CA GLU D 457 18.86 9.06 -20.40
C GLU D 457 19.94 8.15 -19.85
N CYS D 458 19.75 7.58 -18.66
CA CYS D 458 20.72 6.63 -18.11
C CYS D 458 20.58 5.24 -18.71
N ALA D 459 19.86 5.12 -19.84
CA ALA D 459 19.91 3.91 -20.65
C ALA D 459 21.15 3.85 -21.52
N ALA D 460 21.94 4.94 -21.58
CA ALA D 460 23.11 5.04 -22.45
C ALA D 460 24.28 5.52 -21.60
N ASN D 461 24.83 4.61 -20.79
CA ASN D 461 26.03 4.90 -20.04
C ASN D 461 27.25 4.42 -20.82
N GLY D 462 28.44 4.69 -20.29
CA GLY D 462 29.63 4.13 -20.85
C GLY D 462 29.74 2.65 -20.59
N THR D 463 30.46 1.96 -21.46
CA THR D 463 30.71 0.54 -21.32
C THR D 463 32.18 0.30 -20.99
N GLY D 464 32.44 -0.86 -20.40
CA GLY D 464 33.80 -1.20 -20.03
C GLY D 464 34.69 -1.36 -21.24
N ALA D 465 35.98 -1.10 -21.04
CA ALA D 465 36.95 -1.27 -22.10
C ALA D 465 37.20 -2.76 -22.36
N THR D 466 37.65 -3.04 -23.57
CA THR D 466 37.97 -4.39 -24.01
C THR D 466 39.49 -4.57 -24.01
N ALA D 467 39.92 -5.82 -24.05
CA ALA D 467 41.33 -6.12 -24.24
C ALA D 467 41.84 -5.81 -25.64
N VAL D 468 41.00 -5.21 -26.50
CA VAL D 468 41.32 -5.01 -27.90
C VAL D 468 41.08 -3.56 -28.31
N GLN D 469 40.13 -2.89 -27.64
CA GLN D 469 39.71 -1.58 -28.09
C GLN D 469 39.03 -0.85 -26.93
N ASP D 470 38.89 0.46 -27.10
CA ASP D 470 38.20 1.29 -26.13
C ASP D 470 36.77 0.81 -25.92
N GLY D 471 36.17 1.26 -24.83
CA GLY D 471 34.77 1.01 -24.59
C GLY D 471 33.88 2.01 -25.30
N LEU D 472 32.62 1.62 -25.45
CA LEU D 472 31.65 2.46 -26.15
C LEU D 472 31.10 3.52 -25.21
N SER D 473 31.16 4.78 -25.63
CA SER D 473 30.66 5.87 -24.83
C SER D 473 29.15 6.03 -25.01
N HIS D 474 28.47 6.35 -23.92
CA HIS D 474 27.03 6.64 -23.92
C HIS D 474 26.28 5.68 -24.84
N ALA D 475 26.42 4.39 -24.56
CA ALA D 475 26.01 3.36 -25.50
C ALA D 475 25.04 2.34 -24.94
N ALA D 476 25.10 2.07 -23.64
CA ALA D 476 24.30 0.97 -23.11
C ALA D 476 24.19 1.07 -21.59
N ALA D 477 23.29 0.25 -21.05
CA ALA D 477 23.16 0.02 -19.63
C ALA D 477 23.26 -1.47 -19.38
N ILE D 478 23.52 -1.84 -18.13
CA ILE D 478 23.71 -3.25 -17.83
C ILE D 478 22.41 -4.03 -18.05
N TRP D 479 21.27 -3.42 -17.77
CA TRP D 479 19.99 -4.10 -17.92
C TRP D 479 19.39 -3.91 -19.31
N ASN D 480 20.13 -3.32 -20.23
CA ASN D 480 19.70 -3.23 -21.61
C ASN D 480 20.87 -2.85 -22.52
N PRO D 481 21.45 -3.81 -23.25
CA PRO D 481 22.56 -3.46 -24.15
C PRO D 481 22.12 -2.66 -25.36
N GLU D 482 20.85 -2.71 -25.73
CA GLU D 482 20.32 -1.91 -26.84
C GLU D 482 20.05 -0.48 -26.37
N GLY D 483 21.11 0.18 -25.94
CA GLY D 483 21.00 1.51 -25.38
C GLY D 483 20.42 2.51 -26.35
N ASP D 484 19.40 3.24 -25.91
CA ASP D 484 18.81 4.32 -26.69
C ASP D 484 18.69 5.55 -25.80
N MSE D 485 19.18 6.66 -26.29
CA MSE D 485 19.30 7.88 -25.52
C MSE D 485 18.04 8.73 -25.60
O MSE D 485 17.80 9.58 -24.75
CB MSE D 485 20.51 8.65 -26.04
CG MSE D 485 20.76 10.00 -25.42
SE MSE D 485 22.19 10.84 -26.41
CE MSE D 485 23.63 9.61 -25.98
H MSE D 485 19.46 6.74 -27.11
HA MSE D 485 19.46 7.65 -24.59
HB2 MSE D 485 21.30 8.11 -25.88
HB3 MSE D 485 20.40 8.79 -26.99
HG2 MSE D 485 19.96 10.54 -25.49
HG3 MSE D 485 21.03 9.89 -24.50
HE1 MSE D 485 24.45 9.91 -26.42
HE2 MSE D 485 23.76 9.60 -25.02
HE3 MSE D 485 23.40 8.72 -26.30
N GLY D 486 17.23 8.49 -26.62
CA GLY D 486 16.03 9.28 -26.84
C GLY D 486 16.32 10.61 -27.50
N ASP D 487 15.35 11.14 -28.25
CA ASP D 487 15.51 12.45 -28.87
C ASP D 487 15.14 13.54 -27.88
N MSE D 488 15.93 14.62 -27.90
CA MSE D 488 15.67 15.76 -27.03
C MSE D 488 14.29 16.35 -27.26
O MSE D 488 13.63 16.78 -26.33
CB MSE D 488 16.73 16.84 -27.25
CG MSE D 488 18.08 16.51 -26.65
SE MSE D 488 19.34 17.97 -26.87
CE MSE D 488 19.79 17.70 -28.75
H MSE D 488 16.61 14.72 -28.41
HA MSE D 488 15.73 15.47 -26.11
HB2 MSE D 488 16.86 16.98 -28.20
HB3 MSE D 488 16.42 17.67 -26.84
HG2 MSE D 488 17.98 16.34 -25.70
HG3 MSE D 488 18.44 15.73 -27.10
HE1 MSE D 488 20.44 18.37 -29.01
HE2 MSE D 488 20.18 16.82 -28.85
HE3 MSE D 488 18.99 17.79 -29.27
N GLU D 489 13.88 16.37 -28.53
CA GLU D 489 12.59 16.98 -28.86
C GLU D 489 11.41 16.13 -28.39
N ILE D 490 11.61 14.83 -28.20
CA ILE D 490 10.55 14.00 -27.68
C ILE D 490 10.45 14.14 -26.17
N TRP D 491 11.59 14.19 -25.48
CA TRP D 491 11.55 14.35 -24.03
C TRP D 491 10.94 15.68 -23.62
N GLU D 492 11.21 16.74 -24.39
CA GLU D 492 10.64 18.05 -24.08
C GLU D 492 9.15 18.11 -24.32
N LEU D 493 8.57 17.11 -24.98
CA LEU D 493 7.12 16.99 -25.07
C LEU D 493 6.52 16.27 -23.87
N ALA D 494 7.34 15.58 -23.08
CA ALA D 494 6.88 14.84 -21.92
C ALA D 494 7.24 15.51 -20.59
N GLU D 495 8.37 16.20 -20.53
CA GLU D 495 8.86 16.81 -19.30
C GLU D 495 8.76 18.33 -19.39
N PRO D 496 8.48 19.01 -18.28
CA PRO D 496 8.57 20.48 -18.25
C PRO D 496 9.99 20.98 -18.11
N LEU D 497 10.88 20.47 -18.96
CA LEU D 497 12.29 20.80 -18.94
C LEU D 497 12.77 21.07 -20.36
N VAL D 498 13.80 21.89 -20.49
CA VAL D 498 14.39 22.20 -21.79
C VAL D 498 15.88 21.95 -21.71
N TYR D 499 16.45 21.46 -22.81
CA TYR D 499 17.87 21.17 -22.88
C TYR D 499 18.66 22.46 -23.12
N LEU D 500 19.57 22.77 -22.22
CA LEU D 500 20.57 23.80 -22.45
C LEU D 500 21.91 23.21 -22.84
N GLY D 501 22.01 21.88 -22.86
CA GLY D 501 23.22 21.21 -23.27
C GLY D 501 23.04 19.72 -23.32
N ARG D 502 23.78 19.07 -24.21
CA ARG D 502 23.85 17.60 -24.24
C ARG D 502 25.21 17.26 -24.83
N GLN D 503 26.07 16.68 -24.01
CA GLN D 503 27.50 16.66 -24.31
C GLN D 503 28.14 15.41 -23.71
N ILE D 504 29.22 14.97 -24.35
CA ILE D 504 29.99 13.84 -23.86
C ILE D 504 30.71 14.23 -22.57
N LYS D 505 30.69 13.35 -21.59
CA LYS D 505 31.24 13.65 -20.27
C LYS D 505 32.74 13.41 -20.29
N ALA D 506 33.51 14.48 -20.37
CA ALA D 506 34.96 14.36 -20.46
C ALA D 506 35.54 13.70 -19.22
N SER D 507 36.47 12.77 -19.45
CA SER D 507 37.21 12.09 -18.38
C SER D 507 36.31 11.27 -17.47
N SER D 508 35.16 10.84 -17.99
CA SER D 508 34.29 9.94 -17.24
C SER D 508 34.63 8.48 -17.47
N GLY D 509 35.26 8.16 -18.59
CA GLY D 509 35.64 6.79 -18.86
C GLY D 509 36.90 6.39 -18.12
N GLY D 510 36.94 5.13 -17.71
CA GLY D 510 38.08 4.61 -16.99
C GLY D 510 39.36 4.63 -17.81
N SER D 511 40.39 5.26 -17.28
CA SER D 511 41.66 5.33 -17.97
C SER D 511 42.30 3.95 -18.08
N GLY D 512 43.06 3.75 -19.15
CA GLY D 512 43.75 2.50 -19.36
C GLY D 512 44.35 2.46 -20.74
N LYS D 513 45.06 1.36 -21.01
CA LYS D 513 45.58 1.14 -22.36
C LYS D 513 44.45 1.35 -23.37
N TYR D 514 43.27 0.84 -23.06
CA TYR D 514 42.05 1.15 -23.79
C TYR D 514 41.09 1.83 -22.83
N ARG D 515 40.60 3.00 -23.22
CA ARG D 515 39.79 3.83 -22.35
C ARG D 515 38.38 3.27 -22.23
N GLY D 516 37.87 3.25 -21.00
CA GLY D 516 36.48 2.89 -20.80
C GLY D 516 35.56 3.90 -21.47
N GLY D 517 34.38 3.43 -21.86
CA GLY D 517 33.43 4.30 -22.53
C GLY D 517 33.04 5.47 -21.63
N CYS D 518 33.00 6.66 -22.23
CA CYS D 518 32.60 7.84 -21.50
C CYS D 518 31.08 7.94 -21.42
N GLY D 519 30.60 8.46 -20.30
CA GLY D 519 29.20 8.80 -20.18
C GLY D 519 28.89 10.07 -20.94
N PHE D 520 27.75 10.66 -20.62
CA PHE D 520 27.40 11.96 -21.19
C PHE D 520 26.52 12.69 -20.18
N GLU D 521 26.27 13.96 -20.47
CA GLU D 521 25.55 14.80 -19.54
C GLU D 521 24.62 15.73 -20.31
N SER D 522 23.57 16.16 -19.65
CA SER D 522 22.64 17.12 -20.21
C SER D 522 22.25 18.11 -19.11
N LEU D 523 22.24 19.39 -19.47
CA LEU D 523 21.82 20.45 -18.56
C LEU D 523 20.35 20.76 -18.82
N ARG D 524 19.52 20.60 -17.80
CA ARG D 524 18.09 20.85 -17.90
C ARG D 524 17.75 22.17 -17.21
N MSE D 525 16.83 22.90 -17.82
CA MSE D 525 16.25 24.07 -17.18
C MSE D 525 14.76 23.86 -17.00
O MSE D 525 14.07 23.47 -17.93
CB MSE D 525 16.49 25.34 -18.01
CG MSE D 525 16.10 26.62 -17.27
SE MSE D 525 16.29 28.25 -18.33
CE MSE D 525 14.74 28.05 -19.49
H MSE D 525 16.52 22.75 -18.61
HA MSE D 525 16.66 24.20 -16.31
HB2 MSE D 525 17.44 25.40 -18.22
HB3 MSE D 525 15.97 25.29 -18.82
HG2 MSE D 525 15.16 26.55 -17.02
HG3 MSE D 525 16.65 26.71 -16.48
HE1 MSE D 525 14.70 28.81 -20.10
HE2 MSE D 525 14.82 27.23 -20.00
HE3 MSE D 525 13.94 28.02 -18.94
N VAL D 526 14.28 24.08 -15.78
CA VAL D 526 12.85 23.93 -15.52
C VAL D 526 12.09 24.96 -16.34
N TRP D 527 11.06 24.51 -17.05
CA TRP D 527 10.32 25.35 -17.99
C TRP D 527 8.85 24.97 -17.96
N ASN D 528 8.00 25.88 -17.49
CA ASN D 528 6.56 25.68 -17.45
C ASN D 528 6.18 24.51 -16.56
N ALA D 529 6.86 24.39 -15.43
CA ALA D 529 6.55 23.40 -14.40
C ALA D 529 5.87 24.07 -13.22
N LYS D 530 4.96 23.34 -12.58
CA LYS D 530 4.23 23.84 -11.43
C LYS D 530 4.23 22.78 -10.34
N ASP D 531 4.43 23.22 -9.10
CA ASP D 531 4.53 22.31 -7.96
C ASP D 531 5.57 21.22 -8.25
N TRP D 532 6.74 21.66 -8.72
CA TRP D 532 7.74 20.77 -9.30
C TRP D 532 8.80 20.40 -8.29
N THR D 533 9.25 19.16 -8.34
CA THR D 533 10.32 18.68 -7.48
C THR D 533 11.21 17.74 -8.28
N MSE D 534 12.46 17.62 -7.84
CA MSE D 534 13.43 16.74 -8.48
C MSE D 534 14.43 16.22 -7.47
O MSE D 534 14.71 16.88 -6.48
CB MSE D 534 14.18 17.47 -9.59
CG MSE D 534 13.31 18.12 -10.65
SE MSE D 534 14.38 18.98 -12.03
CE MSE D 534 15.00 17.38 -12.97
H MSE D 534 12.77 18.04 -7.16
HA MSE D 534 12.96 15.99 -8.88
HB2 MSE D 534 14.72 18.18 -9.19
HB3 MSE D 534 14.76 16.84 -10.05
HG2 MSE D 534 12.75 17.45 -11.07
HG3 MSE D 534 12.76 18.80 -10.23
HE1 MSE D 534 15.56 17.66 -13.71
HE2 MSE D 534 15.50 16.84 -12.35
HE3 MSE D 534 14.23 16.90 -13.30
N PHE D 535 14.98 15.04 -7.73
CA PHE D 535 16.07 14.54 -6.89
C PHE D 535 17.07 13.79 -7.75
N PHE D 536 18.26 13.61 -7.20
CA PHE D 536 19.34 12.88 -7.84
C PHE D 536 19.40 11.46 -7.31
N MSE D 537 19.93 10.58 -8.14
CA MSE D 537 19.96 9.15 -7.82
C MSE D 537 21.14 8.49 -8.49
O MSE D 537 21.14 8.27 -9.69
CB MSE D 537 18.65 8.49 -8.28
CG MSE D 537 18.67 6.95 -8.27
SE MSE D 537 18.73 6.22 -6.48
CE MSE D 537 16.82 6.29 -6.09
H MSE D 537 20.28 10.77 -8.90
HA MSE D 537 20.02 9.05 -6.86
HB2 MSE D 537 17.94 8.77 -7.69
HB3 MSE D 537 18.46 8.77 -9.18
HG2 MSE D 537 17.88 6.63 -8.71
HG3 MSE D 537 19.46 6.66 -8.76
HE1 MSE D 537 16.67 5.93 -5.20
HE2 MSE D 537 16.52 7.21 -6.14
HE3 MSE D 537 16.34 5.75 -6.74
N GLY D 538 22.16 8.15 -7.70
CA GLY D 538 23.29 7.44 -8.27
C GLY D 538 24.46 7.41 -7.33
N ASN D 539 25.46 6.62 -7.72
CA ASN D 539 26.69 6.52 -6.95
C ASN D 539 27.39 7.87 -6.91
N GLY D 540 28.04 8.13 -5.79
CA GLY D 540 28.71 9.40 -5.58
C GLY D 540 30.12 9.25 -5.08
N HIS D 541 30.26 8.84 -3.81
CA HIS D 541 31.59 8.73 -3.21
C HIS D 541 32.39 7.56 -3.75
N ILE D 542 31.73 6.56 -4.34
CA ILE D 542 32.38 5.32 -4.74
C ILE D 542 32.06 5.05 -6.21
N SER D 543 33.07 4.58 -6.94
CA SER D 543 32.89 4.07 -8.29
C SER D 543 32.64 2.55 -8.21
N SER D 544 31.46 2.12 -8.62
CA SER D 544 31.09 0.71 -8.45
C SER D 544 31.96 -0.19 -9.31
N ASP D 545 32.28 0.23 -10.53
CA ASP D 545 33.06 -0.58 -11.45
C ASP D 545 34.56 -0.40 -11.18
N TRP D 546 35.32 -1.41 -11.59
CA TRP D 546 36.78 -1.35 -11.53
C TRP D 546 37.35 -1.57 -12.93
N GLY D 547 38.51 -0.96 -13.18
CA GLY D 547 39.28 -1.30 -14.34
C GLY D 547 39.86 -2.69 -14.22
N LEU D 548 40.39 -3.19 -15.34
CA LEU D 548 40.90 -4.55 -15.42
C LEU D 548 42.36 -4.56 -15.84
N MSE D 549 43.16 -5.38 -15.16
CA MSE D 549 44.54 -5.63 -15.52
C MSE D 549 45.35 -4.37 -15.84
O MSE D 549 46.03 -4.29 -16.85
CB MSE D 549 44.60 -6.57 -16.73
CG MSE D 549 44.04 -7.95 -16.44
SE MSE D 549 43.67 -8.97 -18.05
CE MSE D 549 42.92 -10.57 -17.23
H MSE D 549 42.90 -5.82 -14.46
HA MSE D 549 44.97 -6.09 -14.79
HB2 MSE D 549 44.07 -6.18 -17.46
HB3 MSE D 549 45.51 -6.67 -17.01
HG2 MSE D 549 44.68 -8.44 -15.92
HG3 MSE D 549 43.21 -7.86 -15.95
HE1 MSE D 549 42.67 -11.20 -17.93
HE2 MSE D 549 43.59 -10.97 -16.65
HE3 MSE D 549 42.14 -10.32 -16.72
N GLY D 550 45.25 -3.38 -14.96
CA GLY D 550 45.95 -2.11 -15.11
C GLY D 550 45.04 -0.93 -15.33
N GLY D 551 43.82 -1.15 -15.83
CA GLY D 551 42.91 -0.06 -16.06
C GLY D 551 42.36 0.50 -14.77
N TYR D 552 41.84 1.72 -14.86
CA TYR D 552 41.32 2.43 -13.70
C TYR D 552 39.79 2.42 -13.72
N PRO D 553 39.17 2.68 -12.56
CA PRO D 553 37.71 2.75 -12.53
C PRO D 553 37.19 4.00 -13.23
N ALA D 554 35.92 3.92 -13.63
CA ALA D 554 35.26 5.07 -14.20
C ALA D 554 35.14 6.18 -13.15
N ALA D 555 34.89 7.39 -13.62
CA ALA D 555 34.66 8.50 -12.70
C ALA D 555 33.45 8.24 -11.84
N SER D 556 33.46 8.80 -10.63
CA SER D 556 32.33 8.66 -9.73
C SER D 556 31.36 9.80 -9.96
N GLY D 557 30.24 9.77 -9.23
CA GLY D 557 29.18 10.72 -9.47
C GLY D 557 29.26 11.96 -8.61
N TYR D 558 28.58 13.00 -9.07
CA TYR D 558 28.43 14.22 -8.30
C TYR D 558 27.16 14.92 -8.75
N ARG D 559 26.76 15.93 -7.97
CA ARG D 559 25.51 16.63 -8.17
C ARG D 559 25.77 18.08 -8.54
N PHE D 560 24.94 18.62 -9.43
CA PHE D 560 24.89 20.06 -9.68
C PHE D 560 23.45 20.48 -9.89
N ALA D 561 23.03 21.48 -9.11
CA ALA D 561 21.70 22.07 -9.26
C ALA D 561 21.79 23.52 -8.84
N ALA D 562 21.01 24.37 -9.51
CA ALA D 562 21.00 25.79 -9.22
C ALA D 562 19.57 26.28 -9.08
N HIS D 563 19.28 26.94 -7.96
CA HIS D 563 17.99 27.54 -7.69
C HIS D 563 18.12 29.06 -7.68
N LYS D 564 16.98 29.74 -7.83
CA LYS D 564 16.93 31.19 -7.79
C LYS D 564 18.00 31.79 -8.70
N THR D 565 18.09 31.23 -9.92
CA THR D 565 19.19 31.54 -10.81
C THR D 565 19.12 32.96 -11.35
N ASN D 566 17.92 33.55 -11.41
CA ASN D 566 17.71 34.82 -12.10
C ASN D 566 18.04 34.69 -13.58
N LEU D 567 17.79 33.50 -14.14
CA LEU D 567 18.16 33.25 -15.53
C LEU D 567 17.24 33.98 -16.50
N LYS D 568 15.98 34.23 -16.12
CA LYS D 568 15.09 34.97 -17.01
C LYS D 568 15.67 36.35 -17.33
N GLU D 569 16.16 37.05 -16.31
CA GLU D 569 16.75 38.36 -16.52
C GLU D 569 18.11 38.27 -17.20
N LEU D 570 18.85 37.19 -16.93
CA LEU D 570 20.13 37.01 -17.59
C LEU D 570 19.96 36.73 -19.07
N ILE D 571 18.95 35.93 -19.44
CA ILE D 571 18.67 35.67 -20.85
C ILE D 571 18.24 36.95 -21.55
N ALA D 572 17.32 37.70 -20.93
CA ALA D 572 16.80 38.90 -21.56
C ALA D 572 17.89 39.95 -21.77
N SER D 573 18.76 40.12 -20.78
CA SER D 573 19.80 41.14 -20.84
C SER D 573 20.97 40.76 -21.76
N GLY D 574 20.98 39.55 -22.31
CA GLY D 574 22.09 39.11 -23.13
C GLY D 574 23.32 38.73 -22.34
N ALA D 575 23.17 38.38 -21.07
CA ALA D 575 24.30 38.02 -20.22
C ALA D 575 24.75 36.59 -20.50
N GLU D 576 25.90 36.24 -19.93
CA GLU D 576 26.38 34.86 -20.02
C GLU D 576 25.36 33.91 -19.42
N ILE D 577 25.06 32.83 -20.15
CA ILE D 577 24.10 31.84 -19.68
C ILE D 577 24.74 30.45 -19.76
N PRO D 578 24.49 29.57 -18.79
CA PRO D 578 25.09 28.23 -18.84
C PRO D 578 24.56 27.42 -20.01
N LEU D 579 25.47 26.83 -20.77
CA LEU D 579 25.13 25.98 -21.89
C LEU D 579 26.09 24.80 -21.92
N GLY D 580 25.74 23.77 -22.69
CA GLY D 580 26.60 22.62 -22.82
C GLY D 580 26.62 21.79 -21.56
N GLY D 581 27.74 21.09 -21.36
CA GLY D 581 27.94 20.25 -20.21
C GLY D 581 28.97 20.82 -19.24
N ASP D 582 28.99 20.23 -18.06
CA ASP D 582 29.93 20.63 -17.00
C ASP D 582 31.29 20.04 -17.31
N THR D 583 32.02 20.73 -18.18
CA THR D 583 33.23 20.15 -18.77
C THR D 583 34.26 19.80 -17.71
N ASP D 584 34.63 20.76 -16.86
CA ASP D 584 35.58 20.53 -15.78
C ASP D 584 34.95 21.00 -14.47
N PRO D 585 34.38 20.09 -13.67
CA PRO D 585 33.77 20.50 -12.40
C PRO D 585 34.78 20.96 -11.37
N GLU D 586 36.05 20.64 -11.54
CA GLU D 586 37.09 21.23 -10.71
C GLU D 586 37.36 22.68 -11.08
N ASN D 587 36.99 23.08 -12.29
CA ASN D 587 37.11 24.47 -12.74
C ASN D 587 35.86 24.82 -13.52
N PRO D 588 34.71 24.86 -12.85
CA PRO D 588 33.45 25.12 -13.56
C PRO D 588 33.39 26.53 -14.11
N THR D 589 32.55 26.69 -15.14
CA THR D 589 32.32 27.99 -15.76
C THR D 589 30.92 28.51 -15.52
N TRP D 590 29.97 27.65 -15.14
CA TRP D 590 28.60 28.08 -14.95
C TRP D 590 28.43 28.89 -13.67
N ASP D 591 29.05 28.42 -12.58
CA ASP D 591 28.79 29.00 -11.26
C ASP D 591 28.95 30.51 -11.27
N ALA D 592 30.02 31.00 -11.88
CA ALA D 592 30.27 32.45 -11.89
C ALA D 592 29.21 33.19 -12.68
N MSE D 593 28.57 32.53 -13.64
CA MSE D 593 27.53 33.17 -14.46
C MSE D 593 26.25 33.38 -13.66
O MSE D 593 25.37 34.13 -14.09
CB MSE D 593 27.23 32.32 -15.69
CG MSE D 593 28.44 32.03 -16.56
SE MSE D 593 27.98 30.87 -18.05
CE MSE D 593 29.75 30.74 -18.87
H MSE D 593 28.73 31.72 -13.85
HA MSE D 593 27.86 34.04 -14.76
HB2 MSE D 593 26.86 31.48 -15.40
HB3 MSE D 593 26.58 32.80 -16.24
HG2 MSE D 593 28.78 32.86 -16.92
HG3 MSE D 593 29.11 31.58 -16.02
HE1 MSE D 593 29.69 30.16 -19.66
HE2 MSE D 593 30.05 31.62 -19.13
HE3 MSE D 593 30.36 30.35 -18.23
N LEU D 594 26.14 32.72 -12.51
CA LEU D 594 24.93 32.73 -11.69
C LEU D 594 25.30 33.23 -10.28
N PRO D 595 25.61 34.51 -10.15
CA PRO D 595 26.05 35.01 -8.84
C PRO D 595 24.95 35.04 -7.80
N ASP D 596 23.70 35.29 -8.19
CA ASP D 596 22.59 35.35 -7.26
C ASP D 596 21.97 33.99 -6.97
N ALA D 597 22.53 32.92 -7.53
CA ALA D 597 21.91 31.61 -7.47
C ALA D 597 22.32 30.86 -6.20
N GLN D 598 21.42 29.97 -5.77
CA GLN D 598 21.73 28.98 -4.73
C GLN D 598 22.21 27.72 -5.44
N ILE D 599 23.52 27.52 -5.47
CA ILE D 599 24.13 26.42 -6.22
C ILE D 599 24.48 25.31 -5.25
N LYS D 600 24.02 24.10 -5.57
CA LYS D 600 24.41 22.90 -4.83
C LYS D 600 25.33 22.08 -5.75
N ARG D 601 26.61 22.03 -5.39
CA ARG D 601 27.62 21.33 -6.18
C ARG D 601 28.47 20.52 -5.21
N ASP D 602 28.22 19.22 -5.13
CA ASP D 602 28.91 18.35 -4.19
C ASP D 602 28.79 16.92 -4.67
N LYS D 603 29.30 15.99 -3.87
CA LYS D 603 29.29 14.58 -4.19
C LYS D 603 28.03 13.87 -3.72
N GLN D 604 27.01 14.62 -3.28
CA GLN D 604 25.77 14.02 -2.82
C GLN D 604 24.98 13.61 -4.04
N ALA D 605 25.24 12.39 -4.52
CA ALA D 605 24.60 11.87 -5.73
C ALA D 605 23.25 11.23 -5.45
N ILE D 606 22.80 11.23 -4.21
CA ILE D 606 21.48 10.74 -3.84
C ILE D 606 20.82 11.78 -2.95
N THR D 607 19.60 12.19 -3.32
CA THR D 607 18.84 13.16 -2.53
C THR D 607 17.39 12.71 -2.48
N THR D 608 16.62 13.38 -1.64
CA THR D 608 15.18 13.24 -1.60
C THR D 608 14.53 14.41 -2.33
N GLU D 609 13.23 14.28 -2.59
CA GLU D 609 12.49 15.30 -3.32
C GLU D 609 12.86 16.69 -2.85
N GLU D 610 13.18 17.56 -3.81
CA GLU D 610 13.57 18.93 -3.53
C GLU D 610 12.80 19.86 -4.46
N MSE D 611 12.39 21.01 -3.94
CA MSE D 611 11.60 21.95 -4.72
C MSE D 611 12.42 22.61 -5.81
O MSE D 611 13.50 23.14 -5.57
CB MSE D 611 10.99 23.03 -3.81
CG MSE D 611 9.73 22.60 -3.07
SE MSE D 611 8.96 24.04 -2.01
CE MSE D 611 10.38 24.23 -0.69
H MSE D 611 12.55 21.27 -3.13
HA MSE D 611 10.86 21.47 -5.13
HB2 MSE D 611 11.66 23.28 -3.13
HB3 MSE D 611 10.77 23.80 -4.35
HG2 MSE D 611 9.07 22.32 -3.72
HG3 MSE D 611 9.95 21.86 -2.48
HE1 MSE D 611 10.14 24.94 -0.07
HE2 MSE D 611 10.49 23.40 -0.22
HE3 MSE D 611 11.20 24.47 -1.15
N PHE D 612 11.89 22.57 -7.04
CA PHE D 612 12.44 23.27 -8.17
C PHE D 612 11.35 24.13 -8.81
N SER D 613 11.79 25.18 -9.51
CA SER D 613 10.86 26.06 -10.20
C SER D 613 11.52 26.54 -11.49
N ASP D 614 10.72 27.17 -12.35
CA ASP D 614 11.18 27.56 -13.66
C ASP D 614 12.47 28.35 -13.57
N TYR D 615 13.37 28.09 -14.52
CA TYR D 615 14.68 28.72 -14.69
C TYR D 615 15.71 28.15 -13.71
N ASP D 616 15.36 27.16 -12.90
CA ASP D 616 16.37 26.44 -12.13
C ASP D 616 17.06 25.41 -13.03
N LEU D 617 18.22 24.93 -12.57
CA LEU D 617 19.06 24.06 -13.36
C LEU D 617 19.25 22.72 -12.67
N TYR D 618 19.38 21.67 -13.49
CA TYR D 618 19.58 20.31 -13.01
C TYR D 618 20.52 19.62 -14.00
N LEU D 619 21.69 19.22 -13.53
CA LEU D 619 22.66 18.53 -14.38
C LEU D 619 22.43 17.03 -14.30
N ASN D 620 22.15 16.42 -15.44
CA ASN D 620 21.94 14.98 -15.54
C ASN D 620 23.22 14.35 -16.07
N TYR D 621 23.97 13.70 -15.18
CA TYR D 621 25.30 13.19 -15.49
C TYR D 621 25.25 11.66 -15.52
N MSE D 622 25.49 11.08 -16.70
CA MSE D 622 25.54 9.64 -16.86
C MSE D 622 26.97 9.14 -16.74
O MSE D 622 27.90 9.74 -17.26
CB MSE D 622 24.96 9.23 -18.22
CG MSE D 622 23.48 8.89 -18.18
SE MSE D 622 22.34 10.32 -17.50
CE MSE D 622 22.66 11.68 -18.85
H MSE D 622 25.63 11.53 -17.43
HA MSE D 622 25.00 9.23 -16.18
HB2 MSE D 622 25.08 9.97 -18.84
HB3 MSE D 622 25.44 8.45 -18.54
HG2 MSE D 622 23.19 8.69 -19.09
HG3 MSE D 622 23.36 8.11 -17.62
HE1 MSE D 622 22.15 12.47 -18.63
HE2 MSE D 622 23.61 11.89 -18.87
HE3 MSE D 622 22.39 11.33 -19.71
N ARG D 623 27.14 8.01 -16.05
CA ARG D 623 28.47 7.54 -15.69
C ARG D 623 29.16 6.88 -16.88
N GLY D 624 30.48 6.75 -16.78
CA GLY D 624 31.29 6.08 -17.76
C GLY D 624 31.65 4.66 -17.31
N GLY D 625 32.36 3.97 -18.19
CA GLY D 625 32.75 2.61 -17.95
C GLY D 625 34.21 2.47 -17.57
N PRO D 626 34.57 1.32 -16.98
CA PRO D 626 35.95 1.12 -16.55
C PRO D 626 36.89 0.89 -17.72
N GLY D 627 38.18 1.10 -17.45
CA GLY D 627 39.21 0.96 -18.45
C GLY D 627 39.94 -0.37 -18.36
N PHE D 628 40.90 -0.55 -19.27
CA PHE D 628 41.65 -1.79 -19.37
C PHE D 628 43.12 -1.50 -19.66
N GLY D 629 44.01 -2.17 -18.93
CA GLY D 629 45.42 -2.11 -19.20
C GLY D 629 46.08 -0.85 -18.65
N ASP D 630 47.41 -0.86 -18.68
CA ASP D 630 48.19 0.25 -18.17
C ASP D 630 47.97 1.49 -19.03
N PRO D 631 47.51 2.61 -18.45
CA PRO D 631 47.26 3.80 -19.28
C PRO D 631 48.43 4.23 -20.14
N LEU D 632 49.66 4.17 -19.65
CA LEU D 632 50.79 4.63 -20.45
C LEU D 632 51.26 3.59 -21.46
N ASP D 633 50.46 2.54 -21.71
CA ASP D 633 50.62 1.71 -22.90
C ASP D 633 49.66 2.10 -24.01
N ARG D 634 48.75 3.03 -23.75
CA ARG D 634 47.83 3.52 -24.77
C ARG D 634 48.60 4.24 -25.86
N GLU D 635 48.17 4.03 -27.11
CA GLU D 635 48.85 4.69 -28.22
C GLU D 635 48.67 6.20 -28.10
N PRO D 636 49.74 7.00 -28.18
CA PRO D 636 49.59 8.44 -27.94
C PRO D 636 48.54 9.12 -28.81
N GLN D 637 48.41 8.71 -30.08
CA GLN D 637 47.44 9.37 -30.95
C GLN D 637 46.02 9.18 -30.43
N ALA D 638 45.76 8.09 -29.71
CA ALA D 638 44.44 7.89 -29.12
C ALA D 638 44.20 8.89 -27.99
N VAL D 639 45.25 9.31 -27.29
CA VAL D 639 45.12 10.35 -26.29
C VAL D 639 44.83 11.69 -26.94
N ALA D 640 45.61 12.03 -27.97
CA ALA D 640 45.37 13.28 -28.70
C ALA D 640 43.98 13.29 -29.33
N ASP D 641 43.57 12.17 -29.91
CA ASP D 641 42.22 12.08 -30.46
C ASP D 641 41.18 12.23 -29.36
N ASP D 642 41.49 11.78 -28.14
CA ASP D 642 40.52 11.88 -27.06
C ASP D 642 40.37 13.33 -26.57
N ILE D 643 41.48 14.07 -26.49
CA ILE D 643 41.38 15.47 -26.09
C ILE D 643 40.58 16.26 -27.12
N ASN D 644 40.94 16.12 -28.40
CA ASN D 644 40.22 16.82 -29.46
C ASN D 644 38.76 16.39 -29.52
N GLY D 645 38.46 15.14 -29.15
CA GLY D 645 37.10 14.64 -29.15
C GLY D 645 36.31 14.91 -27.90
N GLY D 646 36.93 15.49 -26.87
CA GLY D 646 36.23 15.76 -25.63
C GLY D 646 36.03 14.57 -24.74
N TYR D 647 36.80 13.51 -24.91
CA TYR D 647 36.72 12.33 -24.05
C TYR D 647 37.64 12.42 -22.85
N VAL D 648 38.70 13.21 -22.93
CA VAL D 648 39.67 13.35 -21.85
C VAL D 648 40.06 14.81 -21.74
N LEU D 649 40.05 15.35 -20.52
CA LEU D 649 40.53 16.70 -20.31
C LEU D 649 42.03 16.75 -20.52
N GLU D 650 42.49 17.80 -21.22
CA GLU D 650 43.91 17.92 -21.57
C GLU D 650 44.81 17.66 -20.38
N ARG D 651 44.45 18.20 -19.21
CA ARG D 651 45.23 18.05 -17.99
C ARG D 651 45.80 16.66 -17.80
N PHE D 652 44.96 15.63 -17.94
CA PHE D 652 45.34 14.27 -17.60
C PHE D 652 46.08 13.55 -18.71
N ALA D 653 46.29 14.20 -19.85
CA ALA D 653 47.02 13.55 -20.94
C ALA D 653 48.44 13.18 -20.52
N GLY D 654 49.06 14.03 -19.71
CA GLY D 654 50.41 13.78 -19.27
C GLY D 654 50.49 13.07 -17.94
N GLU D 655 49.58 13.42 -17.02
CA GLU D 655 49.64 12.86 -15.67
C GLU D 655 49.22 11.39 -15.65
N VAL D 656 48.24 11.02 -16.46
CA VAL D 656 47.69 9.67 -16.45
C VAL D 656 48.33 8.81 -17.53
N TYR D 657 48.38 9.30 -18.76
CA TYR D 657 48.89 8.53 -19.89
C TYR D 657 50.35 8.83 -20.23
N GLY D 658 50.89 9.94 -19.76
CA GLY D 658 52.28 10.27 -20.05
C GLY D 658 52.51 10.75 -21.46
N VAL D 659 51.50 11.37 -22.08
CA VAL D 659 51.58 11.82 -23.47
C VAL D 659 51.71 13.33 -23.48
N VAL D 660 52.71 13.82 -24.19
CA VAL D 660 52.94 15.25 -24.36
C VAL D 660 52.25 15.69 -25.64
N VAL D 661 51.26 16.56 -25.52
CA VAL D 661 50.48 17.02 -26.66
C VAL D 661 50.73 18.50 -26.86
N ARG D 662 50.64 18.94 -28.12
CA ARG D 662 50.89 20.33 -28.48
C ARG D 662 49.79 20.82 -29.41
N LYS D 663 49.21 21.96 -29.08
CA LYS D 663 48.14 22.53 -29.88
C LYS D 663 48.72 23.14 -31.16
N GLY D 664 48.07 22.84 -32.29
CA GLY D 664 48.55 23.28 -33.59
C GLY D 664 47.79 24.49 -34.12
N ALA D 665 48.03 24.78 -35.40
CA ALA D 665 47.34 25.90 -36.04
C ALA D 665 45.85 25.65 -36.12
N ASP D 666 45.45 24.48 -36.59
CA ASP D 666 44.04 24.13 -36.71
C ASP D 666 43.35 23.92 -35.36
N GLY D 667 44.01 24.20 -34.23
CA GLY D 667 43.41 24.01 -32.92
C GLY D 667 43.42 22.59 -32.43
N GLN D 668 43.73 21.61 -33.28
CA GLN D 668 43.79 20.22 -32.87
C GLN D 668 45.08 19.94 -32.12
N TYR D 669 45.01 19.01 -31.18
CA TYR D 669 46.17 18.54 -30.44
C TYR D 669 46.87 17.43 -31.21
N GLY D 670 48.21 17.45 -31.19
CA GLY D 670 49.00 16.41 -31.78
C GLY D 670 49.98 15.85 -30.77
N VAL D 671 50.56 14.72 -31.11
CA VAL D 671 51.48 14.01 -30.22
C VAL D 671 52.88 14.59 -30.39
N ASP D 672 53.58 14.73 -29.27
CA ASP D 672 55.01 15.04 -29.25
C ASP D 672 55.73 13.72 -29.02
N GLU D 673 56.23 13.13 -30.11
CA GLU D 673 56.77 11.77 -30.03
C GLU D 673 57.90 11.68 -29.01
N ALA D 674 58.92 12.52 -29.16
CA ALA D 674 60.07 12.45 -28.26
C ALA D 674 59.69 12.84 -26.83
N GLY D 675 58.89 13.89 -26.67
CA GLY D 675 58.50 14.30 -25.34
C GLY D 675 57.67 13.25 -24.62
N THR D 676 56.85 12.51 -25.36
CA THR D 676 56.07 11.44 -24.76
C THR D 676 56.98 10.34 -24.23
N ALA D 677 57.94 9.91 -25.06
CA ALA D 677 58.84 8.83 -24.64
C ALA D 677 59.54 9.16 -23.34
N ALA D 678 59.99 10.41 -23.18
CA ALA D 678 60.65 10.81 -21.94
C ALA D 678 59.67 10.83 -20.78
N ALA D 679 58.45 11.33 -21.01
CA ALA D 679 57.45 11.36 -19.96
C ALA D 679 57.09 9.94 -19.50
N ARG D 680 56.88 9.03 -20.44
CA ARG D 680 56.58 7.65 -20.08
C ARG D 680 57.72 7.03 -19.29
N ALA D 681 58.96 7.29 -19.70
CA ALA D 681 60.11 6.77 -18.97
C ALA D 681 60.25 7.41 -17.60
N GLN D 682 59.86 8.69 -17.48
CA GLN D 682 59.96 9.36 -16.19
C GLN D 682 58.89 8.89 -15.23
N ILE D 683 57.66 8.71 -15.73
CA ILE D 683 56.59 8.20 -14.88
C ILE D 683 56.96 6.84 -14.30
N ARG D 684 57.59 5.99 -15.12
CA ARG D 684 57.97 4.66 -14.63
C ARG D 684 58.92 4.76 -13.45
N LYS D 685 59.86 5.70 -13.49
CA LYS D 685 60.74 5.89 -12.35
C LYS D 685 59.99 6.51 -11.18
N ASP D 686 59.07 7.44 -11.46
CA ASP D 686 58.27 8.04 -10.40
C ASP D 686 57.39 6.99 -9.73
N ARG D 687 56.86 6.05 -10.50
CA ARG D 687 56.07 4.97 -9.93
C ARG D 687 56.89 4.16 -8.93
N LEU D 688 58.10 3.75 -9.34
CA LEU D 688 58.95 2.98 -8.44
C LEU D 688 59.36 3.79 -7.22
N ALA D 689 59.46 5.10 -7.37
CA ALA D 689 59.89 5.95 -6.26
C ALA D 689 58.76 6.16 -5.25
N LYS D 690 57.59 6.60 -5.72
CA LYS D 690 56.48 6.88 -4.81
C LYS D 690 55.82 5.60 -4.30
N SER D 691 56.05 4.46 -4.94
CA SER D 691 55.45 3.22 -4.50
C SER D 691 56.19 2.67 -3.29
N VAL D 692 55.67 1.57 -2.74
CA VAL D 692 56.25 0.94 -1.56
C VAL D 692 56.02 -0.56 -1.67
N PRO D 693 56.90 -1.40 -1.12
CA PRO D 693 56.61 -2.84 -1.10
C PRO D 693 55.32 -3.12 -0.36
N VAL D 694 54.50 -4.00 -0.93
CA VAL D 694 53.21 -4.31 -0.33
C VAL D 694 53.38 -4.76 1.12
N SER D 695 54.47 -5.47 1.41
CA SER D 695 54.73 -5.87 2.79
C SER D 695 54.79 -4.65 3.70
N GLU D 696 55.45 -3.58 3.25
CA GLU D 696 55.58 -2.38 4.07
C GLU D 696 54.23 -1.69 4.24
N TRP D 697 53.53 -1.45 3.13
CA TRP D 697 52.23 -0.79 3.22
C TRP D 697 51.28 -1.56 4.13
N MSE D 698 51.32 -2.88 4.07
CA MSE D 698 50.40 -3.71 4.84
C MSE D 698 50.52 -3.47 6.34
O MSE D 698 49.52 -3.28 7.03
CB MSE D 698 50.63 -5.18 4.54
CG MSE D 698 49.89 -5.68 3.32
SE MSE D 698 50.19 -7.55 2.97
CE MSE D 698 49.40 -8.31 4.59
H MSE D 698 51.87 -3.33 3.58
HA MSE D 698 49.49 -3.50 4.57
HB2 MSE D 698 51.58 -5.32 4.38
HB3 MSE D 698 50.34 -5.71 5.30
HG2 MSE D 698 48.93 -5.55 3.47
HG3 MSE D 698 50.17 -5.17 2.55
HE1 MSE D 698 49.48 -9.27 4.55
HE2 MSE D 698 49.87 -7.96 5.36
HE3 MSE D 698 48.46 -8.05 4.62
N LYS D 699 51.75 -3.49 6.87
CA LYS D 699 51.91 -3.29 8.30
C LYS D 699 51.40 -1.93 8.73
N GLY D 700 51.44 -0.94 7.84
CA GLY D 700 50.88 0.37 8.16
C GLY D 700 49.37 0.35 8.19
N GLU D 701 48.75 -0.25 7.16
CA GLU D 701 47.31 -0.42 7.17
C GLU D 701 46.87 -1.27 8.36
N ARG D 702 47.69 -2.23 8.77
CA ARG D 702 47.34 -3.07 9.90
C ARG D 702 47.28 -2.27 11.19
N GLU D 703 48.19 -1.31 11.37
CA GLU D 703 48.11 -0.45 12.55
C GLU D 703 46.80 0.30 12.58
N LYS D 704 46.36 0.82 11.42
CA LYS D 704 45.09 1.52 11.35
C LYS D 704 43.92 0.59 11.68
N ILE D 705 43.99 -0.66 11.22
CA ILE D 705 42.94 -1.63 11.55
C ILE D 705 42.92 -1.90 13.05
N LEU D 706 44.10 -2.09 13.65
CA LEU D 706 44.15 -2.35 15.08
C LEU D 706 43.65 -1.16 15.88
N ALA D 707 44.02 0.05 15.48
CA ALA D 707 43.52 1.26 16.12
C ALA D 707 42.10 1.60 15.69
N LYS D 708 41.48 0.79 14.85
CA LYS D 708 40.12 1.03 14.38
C LYS D 708 39.99 2.43 13.79
N ASP D 709 40.98 2.82 12.99
CA ASP D 709 41.07 4.15 12.40
C ASP D 709 40.44 4.11 11.01
N ALA D 710 39.17 4.50 10.91
CA ALA D 710 38.47 4.58 9.65
C ALA D 710 37.10 5.19 9.91
N GLY D 711 36.50 5.73 8.85
CA GLY D 711 35.17 6.28 8.96
C GLY D 711 34.16 5.25 9.42
N THR D 712 33.05 5.73 9.97
CA THR D 712 32.02 4.83 10.49
C THR D 712 31.47 3.94 9.38
N GLN D 713 31.35 4.48 8.16
CA GLN D 713 30.80 3.70 7.06
C GLN D 713 31.68 2.49 6.76
N VAL D 714 32.99 2.64 6.90
CA VAL D 714 33.89 1.51 6.63
C VAL D 714 33.77 0.48 7.74
N ARG D 715 33.75 0.93 9.01
CA ARG D 715 33.68 0.00 10.12
C ARG D 715 32.33 -0.71 10.16
N GLN D 716 31.24 0.01 9.89
CA GLN D 716 29.93 -0.63 9.88
C GLN D 716 29.86 -1.70 8.81
N MSE D 717 30.41 -1.41 7.63
CA MSE D 717 30.43 -2.38 6.54
C MSE D 717 31.12 -3.67 6.96
O MSE D 717 30.58 -4.76 6.77
CB MSE D 717 31.14 -1.79 5.33
CG MSE D 717 31.08 -2.67 4.09
SE MSE D 717 32.46 -2.22 2.82
CE MSE D 717 34.01 -2.81 3.85
H MSE D 717 30.78 -0.67 7.45
HA MSE D 717 29.52 -2.58 6.28
HB2 MSE D 717 30.73 -0.94 5.11
HB3 MSE D 717 32.08 -1.66 5.54
HG2 MSE D 717 31.19 -3.60 4.35
HG3 MSE D 717 30.21 -2.54 3.66
HE1 MSE D 717 34.82 -2.65 3.33
HE2 MSE D 717 34.05 -2.30 4.68
HE3 MSE D 717 33.93 -3.75 4.04
N PHE D 718 32.32 -3.55 7.53
CA PHE D 718 33.06 -4.72 7.97
C PHE D 718 32.35 -5.41 9.12
N ALA D 719 31.90 -4.65 10.11
CA ALA D 719 31.25 -5.24 11.28
C ALA D 719 30.03 -6.05 10.87
N ALA D 720 29.22 -5.52 9.94
CA ALA D 720 28.03 -6.24 9.51
C ALA D 720 28.39 -7.39 8.59
N SER D 721 29.42 -7.22 7.76
CA SER D 721 29.84 -8.30 6.87
C SER D 721 30.37 -9.48 7.65
N PHE D 722 31.08 -9.23 8.76
CA PHE D 722 31.58 -10.32 9.59
C PHE D 722 30.45 -11.17 10.14
N LYS D 723 29.47 -10.53 10.78
CA LYS D 723 28.42 -11.28 11.45
C LYS D 723 27.67 -12.19 10.48
N LEU D 724 27.44 -11.73 9.26
CA LEU D 724 26.73 -12.54 8.27
C LEU D 724 27.66 -13.46 7.48
N GLY D 725 28.97 -13.22 7.54
CA GLY D 725 29.92 -14.04 6.83
C GLY D 725 31.09 -14.45 7.70
N PRO D 726 30.94 -15.57 8.42
CA PRO D 726 32.06 -16.02 9.26
C PRO D 726 33.31 -16.33 8.46
N ARG D 727 33.16 -17.00 7.32
CA ARG D 727 34.32 -17.31 6.49
C ARG D 727 35.05 -16.04 6.05
N PHE D 728 34.31 -14.95 5.84
CA PHE D 728 34.94 -13.69 5.46
C PHE D 728 35.73 -13.11 6.62
N GLU D 729 35.17 -13.15 7.83
CA GLU D 729 35.87 -12.60 8.99
C GLU D 729 37.16 -13.36 9.26
N LYS D 730 37.14 -14.68 9.07
CA LYS D 730 38.35 -15.47 9.30
C LYS D 730 39.45 -15.07 8.32
N ASP D 731 39.11 -14.95 7.04
CA ASP D 731 40.10 -14.54 6.05
C ASP D 731 40.63 -13.15 6.35
N PHE D 732 39.75 -12.22 6.72
CA PHE D 732 40.17 -10.88 7.09
C PHE D 732 41.17 -10.93 8.26
N ARG D 733 40.81 -11.63 9.33
CA ARG D 733 41.70 -11.73 10.47
C ARG D 733 43.01 -12.40 10.10
N THR D 734 42.94 -13.49 9.32
CA THR D 734 44.16 -14.18 8.92
C THR D 734 45.04 -13.29 8.05
N PHE D 735 44.45 -12.63 7.05
CA PHE D 735 45.24 -11.83 6.13
C PHE D 735 45.99 -10.73 6.87
N TRP D 736 45.33 -10.09 7.83
CA TRP D 736 45.92 -8.98 8.57
C TRP D 736 46.64 -9.42 9.84
N SER D 737 46.68 -10.71 10.13
CA SER D 737 47.37 -11.24 11.31
C SER D 737 46.86 -10.55 12.57
N LEU D 738 45.56 -10.52 12.71
CA LEU D 738 44.94 -9.83 13.84
C LEU D 738 44.70 -10.79 14.99
N PRO D 739 44.93 -10.37 16.22
CA PRO D 739 44.67 -11.25 17.36
C PRO D 739 43.20 -11.30 17.72
N ASP D 740 42.82 -12.41 18.35
CA ASP D 740 41.44 -12.58 18.79
C ASP D 740 41.01 -11.47 19.74
N SER D 741 41.97 -10.87 20.45
CA SER D 741 41.64 -9.73 21.31
C SER D 741 41.02 -8.60 20.52
N TRP D 742 41.35 -8.49 19.23
CA TRP D 742 40.80 -7.44 18.37
C TRP D 742 39.41 -7.86 17.90
N THR D 743 38.42 -7.02 18.16
CA THR D 743 37.05 -7.27 17.74
C THR D 743 36.45 -5.98 17.19
N LEU D 744 35.52 -6.13 16.26
CA LEU D 744 34.89 -4.99 15.58
C LEU D 744 33.38 -5.10 15.74
N PRO D 745 32.87 -4.96 16.96
CA PRO D 745 31.41 -5.01 17.15
C PRO D 745 30.75 -3.77 16.56
N GLU D 746 29.71 -4.00 15.76
CA GLU D 746 28.99 -2.90 15.13
C GLU D 746 28.38 -1.99 16.17
N GLU D 747 28.03 -2.52 17.34
CA GLU D 747 27.33 -1.79 18.37
C GLU D 747 28.20 -0.74 19.04
N GLU D 748 29.50 -0.71 18.75
CA GLU D 748 30.43 0.21 19.38
C GLU D 748 31.01 1.21 18.38
N ILE D 749 30.40 1.35 17.21
CA ILE D 749 30.89 2.30 16.21
C ILE D 749 30.34 3.70 16.44
N GLY D 750 29.18 3.83 17.09
CA GLY D 750 28.57 5.12 17.32
C GLY D 750 27.49 5.49 16.33
N VAL D 751 27.03 4.56 15.52
CA VAL D 751 25.98 4.82 14.54
C VAL D 751 24.78 3.95 14.90
N PRO D 752 23.58 4.33 14.46
CA PRO D 752 22.41 3.48 14.73
C PRO D 752 22.63 2.07 14.19
N THR D 753 22.10 1.09 14.93
CA THR D 753 22.22 -0.31 14.54
C THR D 753 20.87 -1.02 14.60
N TYR D 754 19.78 -0.28 14.44
CA TYR D 754 18.46 -0.89 14.43
C TYR D 754 18.37 -1.91 13.32
N GLY D 755 17.94 -3.12 13.65
CA GLY D 755 17.79 -4.19 12.69
C GLY D 755 18.98 -5.13 12.59
N SER D 756 20.00 -4.96 13.42
CA SER D 756 21.19 -5.80 13.34
C SER D 756 21.09 -7.07 14.17
N ARG D 757 20.29 -7.06 15.24
CA ARG D 757 20.15 -8.21 16.12
C ARG D 757 18.70 -8.68 16.28
N TYR D 758 17.72 -7.86 15.92
CA TYR D 758 16.32 -8.24 15.99
C TYR D 758 15.72 -8.15 14.59
N SER D 759 15.00 -9.19 14.20
CA SER D 759 14.59 -9.36 12.81
C SER D 759 13.10 -9.69 12.73
N MSE D 760 12.55 -9.51 11.54
CA MSE D 760 11.19 -9.89 11.22
C MSE D 760 11.23 -10.93 10.10
O MSE D 760 10.98 -10.62 8.94
CB MSE D 760 10.36 -8.68 10.80
CG MSE D 760 9.35 -8.23 11.85
SE MSE D 760 8.27 -6.72 11.28
CE MSE D 760 7.00 -7.65 10.15
H MSE D 760 12.97 -9.14 10.87
HA MSE D 760 10.78 -10.29 12.00
HB2 MSE D 760 10.96 -7.94 10.63
HB3 MSE D 760 9.86 -8.90 9.99
HG2 MSE D 760 8.76 -8.97 12.04
HG3 MSE D 760 9.84 -7.97 12.65
HE1 MSE D 760 6.36 -7.00 9.78
HE2 MSE D 760 7.47 -8.08 9.44
HE3 MSE D 760 6.52 -8.31 10.68
N ASP D 761 11.55 -12.18 10.46
CA ASP D 761 11.68 -13.22 9.45
C ASP D 761 10.38 -13.42 8.69
N ILE D 762 10.50 -14.03 7.51
CA ILE D 762 9.32 -14.46 6.77
C ILE D 762 8.76 -15.75 7.34
N SER D 763 9.56 -16.51 8.09
CA SER D 763 9.07 -17.72 8.73
C SER D 763 7.97 -17.43 9.75
N GLU D 764 7.92 -16.20 10.27
CA GLU D 764 6.85 -15.83 11.18
C GLU D 764 5.49 -15.98 10.52
N LEU D 765 5.38 -15.62 9.25
CA LEU D 765 4.13 -15.76 8.52
C LEU D 765 3.76 -17.24 8.42
N PRO D 766 2.59 -17.66 8.92
CA PRO D 766 2.18 -19.04 8.76
C PRO D 766 1.41 -19.24 7.44
N ASP D 767 1.32 -20.51 7.04
CA ASP D 767 0.64 -20.91 5.82
C ASP D 767 1.36 -20.42 4.56
N VAL D 768 2.55 -19.86 4.70
CA VAL D 768 3.32 -19.31 3.58
C VAL D 768 4.54 -20.19 3.38
N HIS D 769 4.67 -20.75 2.17
CA HIS D 769 5.78 -21.64 1.82
C HIS D 769 6.56 -20.98 0.68
N THR D 770 7.70 -20.39 1.01
CA THR D 770 8.59 -19.84 0.00
C THR D 770 9.54 -20.92 -0.50
N VAL D 771 9.98 -20.75 -1.74
CA VAL D 771 10.86 -21.71 -2.41
C VAL D 771 12.28 -21.17 -2.38
N GLN D 772 13.24 -22.06 -2.22
CA GLN D 772 14.65 -21.69 -2.12
C GLN D 772 15.35 -21.99 -3.44
N PHE D 773 15.74 -20.94 -4.15
CA PHE D 773 16.54 -21.08 -5.36
C PHE D 773 18.03 -20.91 -5.09
N VAL D 774 18.43 -20.87 -3.83
CA VAL D 774 19.75 -20.38 -3.46
C VAL D 774 20.20 -21.07 -2.18
N GLU D 775 21.51 -21.31 -2.08
CA GLU D 775 22.10 -21.75 -0.82
C GLU D 775 22.29 -20.55 0.09
N GLU D 776 22.12 -20.77 1.38
CA GLU D 776 22.22 -19.68 2.35
C GLU D 776 22.57 -20.20 3.73
N LEU E 18 7.76 -5.90 -85.37
CA LEU E 18 6.65 -5.10 -84.86
C LEU E 18 6.84 -4.82 -83.37
N ARG E 19 7.78 -5.52 -82.74
CA ARG E 19 8.03 -5.34 -81.31
C ARG E 19 8.49 -3.92 -81.02
N ASN E 20 7.78 -3.26 -80.11
CA ASN E 20 8.09 -1.88 -79.71
C ASN E 20 8.33 -1.87 -78.21
N VAL E 21 9.59 -2.05 -77.81
CA VAL E 21 9.94 -2.03 -76.40
C VAL E 21 9.72 -0.63 -75.85
N GLN E 22 8.93 -0.53 -74.78
CA GLN E 22 8.49 0.75 -74.25
C GLN E 22 9.15 1.11 -72.92
N VAL E 23 9.07 0.24 -71.93
CA VAL E 23 9.45 0.59 -70.57
C VAL E 23 10.57 -0.32 -70.09
N LEU E 24 11.42 0.23 -69.22
CA LEU E 24 12.54 -0.49 -68.63
C LEU E 24 12.55 -0.26 -67.13
N GLY E 25 12.55 -1.33 -66.36
CA GLY E 25 12.67 -1.26 -64.91
C GLY E 25 13.91 -1.96 -64.42
N ILE E 26 14.58 -1.36 -63.43
CA ILE E 26 15.83 -1.87 -62.91
C ILE E 26 15.72 -2.04 -61.40
N ASP E 27 16.36 -3.08 -60.89
CA ASP E 27 16.50 -3.27 -59.44
C ASP E 27 17.86 -3.92 -59.21
N ALA E 28 18.84 -3.13 -58.79
CA ALA E 28 20.19 -3.59 -58.57
C ALA E 28 20.54 -3.65 -57.08
N GLY E 29 19.54 -3.89 -56.23
CA GLY E 29 19.76 -3.93 -54.80
C GLY E 29 19.78 -5.34 -54.25
N GLY E 30 19.28 -6.31 -55.03
CA GLY E 30 19.18 -7.67 -54.59
C GLY E 30 20.44 -8.47 -54.86
N THR E 31 20.27 -9.79 -54.95
CA THR E 31 21.39 -10.68 -55.22
C THR E 31 22.24 -10.17 -56.38
N MSE E 32 21.60 -9.66 -57.42
CA MSE E 32 22.31 -9.12 -58.57
C MSE E 32 21.43 -8.12 -59.29
O MSE E 32 20.35 -7.78 -58.81
CB MSE E 32 22.74 -10.26 -59.51
CG MSE E 32 21.71 -11.35 -59.72
SE MSE E 32 22.47 -12.94 -60.56
CE MSE E 32 21.12 -14.24 -59.99
H MSE E 32 20.74 -9.60 -57.47
HA MSE E 32 23.12 -8.67 -58.27
HB2 MSE E 32 22.95 -9.88 -60.37
HB3 MSE E 32 23.53 -10.68 -59.13
HG2 MSE E 32 21.33 -11.60 -58.86
HG3 MSE E 32 21.01 -11.01 -60.30
HE1 MSE E 32 21.35 -15.11 -60.33
HE2 MSE E 32 21.10 -14.26 -59.02
HE3 MSE E 32 20.26 -13.96 -60.34
N THR E 33 21.89 -7.62 -60.44
CA THR E 33 21.19 -6.57 -61.16
C THR E 33 20.05 -7.17 -61.97
N ASP E 34 18.82 -6.82 -61.61
CA ASP E 34 17.62 -7.29 -62.31
C ASP E 34 17.14 -6.21 -63.27
N THR E 35 16.90 -6.60 -64.52
CA THR E 35 16.32 -5.72 -65.52
C THR E 35 15.01 -6.32 -66.01
N PHE E 36 14.08 -5.45 -66.40
CA PHE E 36 12.76 -5.88 -66.85
C PHE E 36 12.33 -4.96 -67.99
N PHE E 37 12.32 -5.49 -69.21
CA PHE E 37 11.80 -4.80 -70.37
C PHE E 37 10.40 -5.30 -70.70
N VAL E 38 9.60 -4.44 -71.30
CA VAL E 38 8.25 -4.82 -71.72
C VAL E 38 7.89 -4.00 -72.96
N ASP E 39 7.19 -4.64 -73.89
CA ASP E 39 6.84 -4.02 -75.15
C ASP E 39 5.39 -3.52 -75.11
N GLN E 40 4.93 -3.01 -76.25
CA GLN E 40 3.59 -2.43 -76.33
C GLN E 40 2.48 -3.46 -76.12
N ASP E 41 2.80 -4.75 -76.19
CA ASP E 41 1.80 -5.81 -76.06
C ASP E 41 1.82 -6.50 -74.70
N GLY E 42 2.67 -6.05 -73.78
CA GLY E 42 2.81 -6.68 -72.50
C GLY E 42 3.83 -7.80 -72.45
N ASP E 43 4.35 -8.23 -73.59
CA ASP E 43 5.40 -9.23 -73.60
C ASP E 43 6.63 -8.69 -72.87
N PHE E 44 7.21 -9.52 -72.02
CA PHE E 44 8.28 -9.09 -71.13
C PHE E 44 9.54 -9.91 -71.36
N VAL E 45 10.62 -9.47 -70.73
CA VAL E 45 11.88 -10.20 -70.68
C VAL E 45 12.65 -9.70 -69.48
N VAL E 46 13.33 -10.61 -68.79
CA VAL E 46 14.04 -10.30 -67.55
C VAL E 46 15.51 -10.65 -67.73
N GLY E 47 16.38 -9.72 -67.37
CA GLY E 47 17.81 -9.90 -67.47
C GLY E 47 18.46 -9.93 -66.09
N LYS E 48 19.44 -10.82 -65.94
CA LYS E 48 20.23 -10.92 -64.72
C LYS E 48 21.70 -10.78 -65.06
N ALA E 49 22.45 -10.19 -64.13
CA ALA E 49 23.88 -10.02 -64.33
C ALA E 49 24.50 -9.57 -63.02
N GLN E 50 25.75 -9.98 -62.79
CA GLN E 50 26.46 -9.56 -61.59
C GLN E 50 26.35 -8.07 -61.39
N SER E 51 26.30 -7.67 -60.12
CA SER E 51 26.34 -6.26 -59.77
C SER E 51 27.78 -5.80 -59.67
N THR E 52 28.06 -4.60 -60.20
CA THR E 52 29.38 -4.00 -60.18
C THR E 52 29.30 -2.71 -59.38
N PRO E 53 29.31 -2.79 -58.06
CA PRO E 53 29.21 -1.55 -57.27
C PRO E 53 30.34 -0.58 -57.51
N GLN E 54 31.53 -1.07 -57.85
CA GLN E 54 32.63 -0.19 -58.21
C GLN E 54 32.29 0.67 -59.43
N ASN E 55 31.32 0.23 -60.24
CA ASN E 55 30.88 1.00 -61.40
C ASN E 55 29.56 0.43 -61.89
N GLU E 56 28.44 0.96 -61.39
CA GLU E 56 27.14 0.35 -61.61
C GLU E 56 26.77 0.25 -63.08
N ALA E 57 27.39 1.07 -63.94
CA ALA E 57 27.05 1.03 -65.36
C ALA E 57 27.31 -0.36 -65.94
N LEU E 58 28.46 -0.96 -65.61
CA LEU E 58 28.85 -2.22 -66.22
C LEU E 58 27.77 -3.28 -66.03
N GLY E 59 27.43 -3.57 -64.78
CA GLY E 59 26.43 -4.60 -64.52
C GLY E 59 25.08 -4.30 -65.12
N LEU E 60 24.70 -3.02 -65.15
CA LEU E 60 23.41 -2.65 -65.72
C LEU E 60 23.36 -2.98 -67.22
N ILE E 61 24.41 -2.62 -67.95
CA ILE E 61 24.46 -2.96 -69.37
C ILE E 61 24.46 -4.48 -69.55
N ALA E 62 25.27 -5.17 -68.77
CA ALA E 62 25.33 -6.62 -68.87
C ALA E 62 23.97 -7.25 -68.61
N SER E 63 23.25 -6.76 -67.60
CA SER E 63 21.91 -7.27 -67.33
C SER E 63 20.95 -6.97 -68.46
N SER E 64 21.02 -5.75 -69.01
CA SER E 64 20.14 -5.38 -70.11
C SER E 64 20.37 -6.27 -71.33
N GLU E 65 21.59 -6.73 -71.54
CA GLU E 65 21.88 -7.58 -72.69
C GLU E 65 21.48 -9.02 -72.43
N ASP E 66 21.73 -9.53 -71.21
CA ASP E 66 21.30 -10.89 -70.89
C ASP E 66 19.81 -11.05 -71.08
N GLY E 67 19.03 -10.05 -70.67
CA GLY E 67 17.60 -10.10 -70.87
C GLY E 67 17.23 -10.02 -72.34
N LEU E 68 17.63 -8.92 -73.01
CA LEU E 68 17.29 -8.73 -74.40
C LEU E 68 17.75 -9.88 -75.29
N ALA E 69 18.69 -10.71 -74.80
CA ALA E 69 19.11 -11.87 -75.58
C ALA E 69 17.96 -12.84 -75.79
N ASN E 70 17.05 -12.93 -74.82
CA ASN E 70 15.94 -13.88 -74.93
C ASN E 70 14.90 -13.44 -75.95
N TRP E 71 15.01 -12.22 -76.48
CA TRP E 71 14.17 -11.78 -77.59
C TRP E 71 14.91 -11.78 -78.92
N GLY E 72 16.22 -12.05 -78.91
CA GLY E 72 17.03 -11.94 -80.10
C GLY E 72 17.46 -10.52 -80.44
N MSE E 73 17.01 -9.54 -79.67
CA MSE E 73 17.33 -8.15 -79.95
C MSE E 73 18.71 -7.77 -79.44
O MSE E 73 19.24 -8.38 -78.51
CB MSE E 73 16.30 -7.22 -79.34
CG MSE E 73 14.91 -7.40 -79.88
SE MSE E 73 13.68 -6.08 -79.15
CE MSE E 73 14.52 -4.45 -79.83
H MSE E 73 16.52 -9.64 -78.97
HA MSE E 73 17.32 -8.01 -80.92
HB2 MSE E 73 16.26 -7.39 -78.38
HB3 MSE E 73 16.56 -6.30 -79.49
HG2 MSE E 73 14.93 -7.28 -80.84
HG3 MSE E 73 14.58 -8.27 -79.65
HE1 MSE E 73 14.00 -3.70 -79.54
HE2 MSE E 73 15.42 -4.40 -79.50
HE3 MSE E 73 14.53 -4.50 -80.80
N SER E 74 19.30 -6.75 -80.06
CA SER E 74 20.53 -6.16 -79.57
C SER E 74 20.23 -5.01 -78.64
N LEU E 75 21.17 -4.73 -77.73
CA LEU E 75 20.98 -3.65 -76.78
C LEU E 75 20.66 -2.34 -77.50
N HIS E 76 21.48 -2.00 -78.50
CA HIS E 76 21.32 -0.73 -79.20
C HIS E 76 19.91 -0.56 -79.76
N GLU E 77 19.32 -1.65 -80.26
CA GLU E 77 18.01 -1.55 -80.90
C GLU E 77 16.92 -1.26 -79.87
N ALA E 78 16.95 -1.93 -78.72
CA ALA E 78 15.87 -1.79 -77.76
C ALA E 78 15.92 -0.44 -77.04
N LEU E 79 17.12 0.09 -76.80
CA LEU E 79 17.24 1.34 -76.05
C LEU E 79 16.66 2.51 -76.84
N ALA E 80 16.81 2.50 -78.17
CA ALA E 80 16.26 3.58 -78.98
C ALA E 80 14.74 3.56 -79.01
N GLN E 81 14.11 2.44 -78.68
CA GLN E 81 12.66 2.35 -78.62
C GLN E 81 12.10 2.76 -77.27
N LEU E 82 12.86 2.58 -76.20
CA LEU E 82 12.39 2.91 -74.86
C LEU E 82 12.01 4.38 -74.77
N GLN E 83 10.91 4.65 -74.08
CA GLN E 83 10.46 6.01 -73.81
C GLN E 83 10.50 6.36 -72.33
N THR E 84 10.95 5.45 -71.47
CA THR E 84 11.09 5.75 -70.05
C THR E 84 11.87 4.62 -69.40
N GLY E 85 12.57 4.95 -68.31
CA GLY E 85 13.34 3.97 -67.57
C GLY E 85 13.59 4.37 -66.13
N VAL E 86 13.50 3.42 -65.20
CA VAL E 86 13.62 3.68 -63.77
C VAL E 86 14.79 2.88 -63.23
N TYR E 87 15.51 3.46 -62.28
CA TYR E 87 16.64 2.81 -61.63
C TYR E 87 16.45 2.78 -60.13
N SER E 88 16.73 1.62 -59.53
CA SER E 88 16.80 1.48 -58.08
C SER E 88 18.00 0.60 -57.77
N GLY E 89 18.87 1.08 -56.88
CA GLY E 89 20.06 0.32 -56.56
C GLY E 89 20.78 0.80 -55.32
N THR E 90 22.11 0.68 -55.33
CA THR E 90 22.95 0.98 -54.18
C THR E 90 23.76 2.26 -54.38
N ALA E 91 23.47 3.03 -55.42
CA ALA E 91 24.28 4.22 -55.73
C ALA E 91 24.37 5.14 -54.53
N MSE E 92 23.23 5.51 -53.95
CA MSE E 92 23.20 6.41 -52.82
C MSE E 92 23.66 5.71 -51.55
O MSE E 92 24.44 6.25 -50.77
CB MSE E 92 21.79 6.99 -52.63
CG MSE E 92 21.60 7.80 -51.35
SE MSE E 92 22.82 9.31 -51.22
CE MSE E 92 21.78 10.66 -52.16
H MSE E 92 22.45 5.23 -54.20
HA MSE E 92 23.80 7.15 -53.00
HB2 MSE E 92 21.59 7.57 -53.37
HB3 MSE E 92 21.16 6.26 -52.61
HG2 MSE E 92 20.70 8.14 -51.34
HG3 MSE E 92 21.76 7.22 -50.59
HE1 MSE E 92 22.28 11.48 -52.17
HE2 MSE E 92 21.62 10.35 -53.07
HE3 MSE E 92 20.94 10.79 -51.69
N LEU E 93 23.16 4.48 -51.34
CA LEU E 93 23.47 3.75 -50.12
C LEU E 93 24.97 3.58 -49.94
N ASN E 94 25.65 3.03 -50.95
CA ASN E 94 27.08 2.78 -50.82
C ASN E 94 27.86 4.06 -50.58
N ARG E 95 27.40 5.18 -51.13
CA ARG E 95 28.10 6.43 -50.93
C ARG E 95 28.02 6.89 -49.48
N VAL E 96 26.92 6.60 -48.80
CA VAL E 96 26.79 6.93 -47.39
C VAL E 96 27.57 5.95 -46.53
N VAL E 97 27.39 4.65 -46.78
CA VAL E 97 28.06 3.64 -45.97
C VAL E 97 29.57 3.79 -46.06
N GLN E 98 30.08 3.95 -47.28
CA GLN E 98 31.52 4.09 -47.49
C GLN E 98 32.03 5.49 -47.15
N ARG E 99 31.16 6.41 -46.76
CA ARG E 99 31.55 7.75 -46.34
C ARG E 99 32.40 8.42 -47.40
N LYS E 100 31.81 8.57 -48.59
CA LYS E 100 32.50 9.20 -49.71
C LYS E 100 31.74 10.43 -50.18
N GLY E 101 31.42 11.32 -49.25
CA GLY E 101 30.72 12.55 -49.55
C GLY E 101 31.58 13.78 -49.34
N LEU E 102 30.93 14.93 -49.45
CA LEU E 102 31.62 16.21 -49.34
C LEU E 102 31.97 16.50 -47.89
N LYS E 103 32.86 17.47 -47.70
CA LYS E 103 33.24 17.94 -46.36
C LYS E 103 32.13 18.87 -45.86
N CYS E 104 31.06 18.26 -45.34
CA CYS E 104 29.88 18.99 -44.91
C CYS E 104 30.04 19.48 -43.49
N GLY E 105 29.56 20.71 -43.24
CA GLY E 105 29.57 21.30 -41.91
C GLY E 105 28.18 21.23 -41.28
N LEU E 106 28.12 21.70 -40.03
CA LEU E 106 26.90 21.59 -39.25
C LEU E 106 26.83 22.71 -38.22
N ILE E 107 25.68 23.39 -38.16
CA ILE E 107 25.41 24.39 -37.14
C ILE E 107 24.16 23.96 -36.39
N VAL E 108 24.29 23.79 -35.07
CA VAL E 108 23.17 23.40 -34.22
C VAL E 108 23.08 24.38 -33.06
N ASN E 109 22.32 24.01 -32.03
CA ASN E 109 22.20 24.86 -30.85
C ASN E 109 23.47 24.80 -30.02
N ARG E 110 23.91 25.96 -29.53
CA ARG E 110 25.08 26.02 -28.68
C ARG E 110 24.87 25.15 -27.44
N GLY E 111 25.85 24.31 -27.15
CA GLY E 111 25.77 23.37 -26.05
C GLY E 111 25.31 21.98 -26.45
N MSE E 112 24.90 21.79 -27.69
CA MSE E 112 24.42 20.49 -28.16
C MSE E 112 25.15 20.07 -29.42
O MSE E 112 24.63 19.29 -30.22
CB MSE E 112 22.91 20.56 -28.40
CG MSE E 112 22.09 20.37 -27.14
SE MSE E 112 20.68 21.69 -26.88
CE MSE E 112 21.80 23.22 -26.45
H MSE E 112 24.90 22.40 -28.29
HA MSE E 112 24.58 19.84 -27.47
HB2 MSE E 112 22.69 21.44 -28.77
HB3 MSE E 112 22.66 19.87 -29.03
HG2 MSE E 112 21.68 19.49 -27.17
HG3 MSE E 112 22.69 20.42 -26.38
HE1 MSE E 112 21.23 23.99 -26.29
HE2 MSE E 112 22.32 23.02 -25.65
HE3 MSE E 112 22.39 23.40 -27.20
N GLU E 113 26.37 20.56 -29.60
CA GLU E 113 27.16 20.23 -30.78
C GLU E 113 27.37 18.73 -30.93
N ASP E 114 27.20 17.96 -29.85
CA ASP E 114 27.58 16.56 -29.86
C ASP E 114 26.44 15.61 -30.22
N PHE E 115 25.19 16.07 -30.23
CA PHE E 115 24.09 15.12 -30.36
C PHE E 115 24.17 14.35 -31.68
N HIS E 116 24.78 14.94 -32.70
CA HIS E 116 24.91 14.25 -33.98
C HIS E 116 25.90 13.10 -33.88
N ARG E 117 27.12 13.39 -33.40
CA ARG E 117 28.16 12.35 -33.31
C ARG E 117 27.83 11.30 -32.26
N MSE E 118 26.90 11.56 -31.35
CA MSE E 118 26.55 10.59 -30.33
C MSE E 118 25.58 9.54 -30.87
O MSE E 118 25.35 8.52 -30.24
CB MSE E 118 25.93 11.28 -29.11
CG MSE E 118 26.94 12.07 -28.29
SE MSE E 118 26.29 12.57 -26.53
CE MSE E 118 24.75 13.59 -27.07
H MSE E 118 26.45 12.30 -31.31
HA MSE E 118 27.36 10.15 -30.04
HB2 MSE E 118 25.26 11.90 -29.42
HB3 MSE E 118 25.54 10.62 -28.53
HG2 MSE E 118 27.75 11.53 -28.17
HG3 MSE E 118 27.17 12.89 -28.76
HE1 MSE E 118 24.30 13.91 -26.29
HE2 MSE E 118 25.04 14.33 -27.62
HE3 MSE E 118 24.15 13.01 -27.58
N GLY E 119 25.02 9.80 -32.05
CA GLY E 119 24.17 8.84 -32.73
C GLY E 119 23.02 8.35 -31.88
N ARG E 120 22.61 9.16 -30.90
CA ARG E 120 21.52 8.78 -30.00
C ARG E 120 21.78 7.44 -29.33
N ALA E 121 23.03 6.96 -29.39
CA ALA E 121 23.42 5.67 -28.82
C ALA E 121 22.88 4.50 -29.65
N VAL E 122 21.67 4.61 -30.19
CA VAL E 122 21.08 3.49 -30.91
C VAL E 122 21.91 3.10 -32.13
N GLN E 123 22.55 4.07 -32.77
CA GLN E 123 23.30 3.82 -33.99
C GLN E 123 24.51 2.92 -33.76
N SER E 124 24.85 2.60 -32.51
CA SER E 124 25.91 1.66 -32.24
C SER E 124 25.47 0.21 -32.40
N HIS E 125 24.18 -0.04 -32.70
CA HIS E 125 23.70 -1.41 -32.86
C HIS E 125 22.50 -1.47 -33.81
N LEU E 126 22.43 -0.59 -34.79
CA LEU E 126 21.39 -0.66 -35.80
C LEU E 126 21.76 -1.68 -36.86
N GLY E 127 20.76 -2.44 -37.31
CA GLY E 127 20.98 -3.47 -38.31
C GLY E 127 21.57 -4.76 -37.80
N TYR E 128 21.58 -4.97 -36.48
CA TYR E 128 22.13 -6.18 -35.90
C TYR E 128 21.04 -7.23 -35.70
N ALA E 129 21.40 -8.49 -35.93
CA ALA E 129 20.52 -9.58 -35.55
C ALA E 129 20.39 -9.63 -34.03
N TYR E 130 19.42 -10.40 -33.56
CA TYR E 130 19.11 -10.40 -32.13
C TYR E 130 20.34 -10.74 -31.30
N GLU E 131 21.02 -11.84 -31.62
CA GLU E 131 22.14 -12.27 -30.78
C GLU E 131 23.26 -11.25 -30.78
N ASP E 132 23.45 -10.51 -31.88
CA ASP E 132 24.43 -9.44 -31.88
C ASP E 132 23.95 -8.22 -31.09
N ARG E 133 22.65 -7.95 -31.12
CA ARG E 133 22.12 -6.80 -30.38
C ARG E 133 22.39 -6.95 -28.89
N ILE E 134 22.25 -8.16 -28.36
CA ILE E 134 22.49 -8.39 -26.93
C ILE E 134 23.96 -8.66 -26.62
N HIS E 135 24.74 -9.11 -27.60
CA HIS E 135 26.17 -9.32 -27.42
C HIS E 135 26.86 -7.96 -27.43
N LEU E 136 27.10 -7.41 -26.24
CA LEU E 136 27.49 -6.01 -26.11
C LEU E 136 28.74 -5.69 -26.94
N ASN E 137 29.75 -6.54 -26.87
CA ASN E 137 31.03 -6.22 -27.49
C ASN E 137 30.95 -6.14 -29.01
N THR E 138 29.85 -6.59 -29.63
CA THR E 138 29.69 -6.43 -31.07
C THR E 138 29.31 -5.01 -31.47
N HIS E 139 28.82 -4.21 -30.53
CA HIS E 139 28.35 -2.87 -30.84
C HIS E 139 29.51 -1.98 -31.30
N ARG E 140 29.20 -1.07 -32.21
CA ARG E 140 30.23 -0.28 -32.86
C ARG E 140 29.62 0.98 -33.44
N TYR E 141 30.32 2.10 -33.24
CA TYR E 141 29.92 3.37 -33.83
C TYR E 141 30.61 3.58 -35.17
N ASP E 142 29.84 3.90 -36.18
CA ASP E 142 30.44 4.36 -37.43
C ASP E 142 30.88 5.80 -37.26
N PRO E 143 31.90 6.24 -38.00
CA PRO E 143 32.31 7.64 -37.93
C PRO E 143 31.14 8.57 -38.22
N PRO E 144 31.03 9.70 -37.52
CA PRO E 144 29.91 10.61 -37.78
C PRO E 144 29.99 11.20 -39.18
N LEU E 145 28.81 11.44 -39.76
CA LEU E 145 28.75 12.09 -41.06
C LEU E 145 29.51 13.42 -41.04
N VAL E 146 29.26 14.23 -40.04
CA VAL E 146 29.94 15.51 -39.85
C VAL E 146 30.85 15.39 -38.64
N PRO E 147 32.16 15.60 -38.77
CA PRO E 147 33.05 15.50 -37.62
C PRO E 147 32.91 16.69 -36.68
N ARG E 148 33.43 16.51 -35.46
CA ARG E 148 33.25 17.52 -34.43
C ARG E 148 33.90 18.84 -34.80
N HIS E 149 35.03 18.81 -35.51
CA HIS E 149 35.74 20.03 -35.86
C HIS E 149 35.08 20.79 -37.00
N LEU E 150 34.00 20.26 -37.58
CA LEU E 150 33.18 21.00 -38.53
C LEU E 150 31.78 21.27 -38.00
N THR E 151 31.62 21.26 -36.68
CA THR E 151 30.34 21.49 -36.03
C THR E 151 30.45 22.70 -35.11
N ARG E 152 29.48 23.61 -35.20
CA ARG E 152 29.45 24.81 -34.39
C ARG E 152 28.04 25.01 -33.85
N GLY E 153 27.91 25.92 -32.90
CA GLY E 153 26.64 26.13 -32.21
C GLY E 153 26.29 27.59 -32.08
N VAL E 154 25.00 27.89 -32.23
CA VAL E 154 24.46 29.23 -32.03
C VAL E 154 23.68 29.24 -30.73
N VAL E 155 23.64 30.40 -30.10
CA VAL E 155 22.92 30.58 -28.84
C VAL E 155 21.46 30.89 -29.18
N GLU E 156 20.57 29.98 -28.84
CA GLU E 156 19.15 30.11 -29.15
C GLU E 156 18.39 28.89 -28.65
N ARG E 157 17.14 29.07 -28.23
CA ARG E 157 16.29 27.94 -27.92
C ARG E 157 14.84 28.32 -28.14
N THR E 158 14.11 27.43 -28.83
CA THR E 158 12.68 27.56 -29.03
C THR E 158 12.03 26.29 -28.50
N ASP E 159 11.03 26.46 -27.63
CA ASP E 159 10.44 25.31 -26.95
C ASP E 159 9.49 24.59 -27.90
N MSE E 160 8.74 23.64 -27.37
CA MSE E 160 7.91 22.73 -28.16
C MSE E 160 6.72 23.40 -28.86
O MSE E 160 6.23 22.88 -29.86
CB MSE E 160 7.39 21.61 -27.27
CG MSE E 160 6.77 22.10 -25.97
SE MSE E 160 5.63 20.77 -25.17
CE MSE E 160 4.22 20.72 -26.50
H MSE E 160 8.67 23.50 -26.51
HA MSE E 160 8.48 22.33 -28.83
HB2 MSE E 160 6.71 21.12 -27.76
HB3 MSE E 160 8.12 21.02 -27.04
HG2 MSE E 160 7.49 22.31 -25.35
HG3 MSE E 160 6.23 22.88 -26.15
HE1 MSE E 160 3.55 20.07 -26.22
HE2 MSE E 160 3.82 21.60 -26.57
HE3 MSE E 160 4.60 20.46 -27.36
N ILE E 161 6.26 24.53 -28.34
CA ILE E 161 5.13 25.24 -28.93
C ILE E 161 5.57 26.48 -29.68
N GLY E 162 6.87 26.64 -29.94
CA GLY E 162 7.38 27.77 -30.67
C GLY E 162 7.81 28.94 -29.82
N THR E 163 7.54 28.91 -28.52
CA THR E 163 7.96 30.01 -27.66
C THR E 163 9.48 30.12 -27.65
N GLN E 164 9.98 31.34 -27.76
CA GLN E 164 11.42 31.58 -27.80
C GLN E 164 11.89 31.82 -26.38
N VAL E 165 12.37 30.75 -25.74
CA VAL E 165 12.87 30.86 -24.37
C VAL E 165 14.16 31.67 -24.34
N ILE E 166 15.06 31.40 -25.28
CA ILE E 166 16.31 32.11 -25.40
C ILE E 166 16.38 32.71 -26.81
N PRO E 167 16.12 34.01 -26.95
CA PRO E 167 16.16 34.61 -28.30
C PRO E 167 17.50 34.37 -28.98
N LEU E 168 17.45 34.33 -30.30
CA LEU E 168 18.67 34.09 -31.09
C LEU E 168 19.66 35.22 -30.87
N ARG E 169 20.91 34.86 -30.62
CA ARG E 169 22.01 35.81 -30.51
C ARG E 169 22.77 35.77 -31.83
N GLU E 170 22.47 36.73 -32.71
CA GLU E 170 22.89 36.63 -34.09
C GLU E 170 24.40 36.66 -34.25
N ASP E 171 25.12 37.29 -33.32
CA ASP E 171 26.57 37.33 -33.46
C ASP E 171 27.18 35.94 -33.32
N THR E 172 26.55 35.05 -32.55
CA THR E 172 27.02 33.68 -32.47
C THR E 172 26.77 32.93 -33.76
N ALA E 173 25.79 33.36 -34.56
CA ALA E 173 25.55 32.75 -35.86
C ALA E 173 26.57 33.21 -36.89
N ARG E 174 26.99 34.48 -36.82
CA ARG E 174 28.01 34.96 -37.75
C ARG E 174 29.35 34.28 -37.48
N ASP E 175 29.72 34.14 -36.20
CA ASP E 175 30.99 33.51 -35.88
C ASP E 175 30.98 32.03 -36.26
N ALA E 176 29.86 31.35 -36.03
CA ALA E 176 29.75 29.95 -36.45
C ALA E 176 29.94 29.82 -37.95
N ALA E 177 29.26 30.68 -38.72
CA ALA E 177 29.39 30.64 -40.17
C ALA E 177 30.83 30.90 -40.60
N ARG E 178 31.45 31.94 -40.04
CA ARG E 178 32.82 32.28 -40.41
C ARG E 178 33.78 31.12 -40.13
N ASP E 179 33.54 30.38 -39.04
CA ASP E 179 34.45 29.29 -38.70
C ASP E 179 34.38 28.17 -39.74
N LEU E 180 33.18 27.74 -40.10
CA LEU E 180 33.06 26.66 -41.08
C LEU E 180 33.59 27.10 -42.44
N ILE E 181 33.37 28.36 -42.80
CA ILE E 181 33.95 28.87 -44.04
C ILE E 181 35.47 28.84 -43.98
N ALA E 182 36.04 29.27 -42.85
CA ALA E 182 37.49 29.25 -42.70
C ALA E 182 38.03 27.83 -42.77
N ALA E 183 37.27 26.85 -42.27
CA ALA E 183 37.63 25.44 -42.41
C ALA E 183 37.29 24.87 -43.78
N ASP E 184 36.90 25.71 -44.73
CA ASP E 184 36.55 25.29 -46.08
C ASP E 184 35.54 24.15 -46.05
N ALA E 185 34.36 24.47 -45.52
CA ALA E 185 33.24 23.54 -45.55
C ALA E 185 32.59 23.55 -46.93
N GLU E 186 32.44 22.38 -47.52
CA GLU E 186 31.80 22.24 -48.83
C GLU E 186 30.29 22.17 -48.72
N GLY E 187 29.73 22.59 -47.59
CA GLY E 187 28.31 22.58 -47.35
C GLY E 187 28.03 22.85 -45.88
N ILE E 188 26.99 23.63 -45.58
CA ILE E 188 26.65 23.99 -44.21
C ILE E 188 25.20 23.59 -43.96
N VAL E 189 25.01 22.73 -42.96
CA VAL E 189 23.68 22.29 -42.55
C VAL E 189 23.32 23.00 -41.25
N ILE E 190 22.05 23.41 -41.14
CA ILE E 190 21.56 24.12 -39.97
C ILE E 190 20.37 23.34 -39.42
N SER E 191 20.42 22.99 -38.14
CA SER E 191 19.37 22.20 -37.51
C SER E 191 19.27 22.64 -36.04
N LEU E 192 18.27 23.46 -35.75
CA LEU E 192 17.97 23.89 -34.40
C LEU E 192 16.73 23.17 -33.89
N LEU E 193 16.62 23.08 -32.57
CA LEU E 193 15.56 22.29 -31.97
C LEU E 193 14.21 22.97 -32.15
N HIS E 194 13.21 22.17 -32.51
CA HIS E 194 11.84 22.64 -32.69
C HIS E 194 11.72 23.66 -33.82
N SER E 195 12.71 23.70 -34.71
CA SER E 195 12.62 24.54 -35.91
C SER E 195 11.46 24.13 -36.80
N TYR E 196 10.99 22.88 -36.67
CA TYR E 196 9.82 22.45 -37.42
C TYR E 196 8.56 23.18 -36.98
N LYS E 197 8.51 23.61 -35.73
CA LYS E 197 7.36 24.32 -35.18
C LYS E 197 7.44 25.82 -35.48
N ASN E 198 8.58 26.44 -35.17
CA ASN E 198 8.80 27.86 -35.41
C ASN E 198 10.16 28.02 -36.06
N PRO E 199 10.23 28.00 -37.38
CA PRO E 199 11.53 28.10 -38.07
C PRO E 199 12.10 29.51 -38.14
N GLU E 200 11.57 30.46 -37.38
CA GLU E 200 12.05 31.84 -37.47
C GLU E 200 13.53 31.91 -37.17
N ASN E 201 13.97 31.32 -36.06
CA ASN E 201 15.36 31.41 -35.67
C ASN E 201 16.25 30.63 -36.64
N GLU E 202 15.83 29.43 -37.02
CA GLU E 202 16.67 28.62 -37.91
C GLU E 202 16.82 29.26 -39.28
N ARG E 203 15.74 29.87 -39.80
CA ARG E 203 15.82 30.54 -41.09
C ARG E 203 16.54 31.87 -41.01
N ARG E 204 16.64 32.48 -39.83
CA ARG E 204 17.45 33.68 -39.69
C ARG E 204 18.93 33.33 -39.69
N VAL E 205 19.31 32.30 -38.94
CA VAL E 205 20.67 31.78 -39.01
C VAL E 205 21.02 31.43 -40.46
N ARG E 206 20.10 30.77 -41.15
CA ARG E 206 20.29 30.45 -42.55
C ARG E 206 20.66 31.69 -43.35
N ASP E 207 19.87 32.76 -43.21
CA ASP E 207 20.15 33.99 -43.95
C ASP E 207 21.49 34.57 -43.55
N ILE E 208 21.84 34.48 -42.27
CA ILE E 208 23.14 34.96 -41.81
C ILE E 208 24.26 34.16 -42.48
N VAL E 209 24.13 32.83 -42.49
CA VAL E 209 25.15 31.98 -43.12
C VAL E 209 25.27 32.35 -44.59
N LEU E 210 24.14 32.43 -45.30
CA LEU E 210 24.18 32.80 -46.71
C LEU E 210 24.89 34.14 -46.91
N GLU E 211 24.64 35.10 -46.02
CA GLU E 211 25.33 36.39 -46.11
C GLU E 211 26.83 36.22 -45.98
N GLU E 212 27.28 35.56 -44.91
CA GLU E 212 28.71 35.39 -44.70
C GLU E 212 29.36 34.57 -45.81
N VAL E 213 28.59 33.67 -46.43
CA VAL E 213 29.11 32.92 -47.58
C VAL E 213 29.36 33.87 -48.75
N GLU E 214 28.39 34.74 -49.04
CA GLU E 214 28.56 35.72 -50.10
C GLU E 214 29.83 36.54 -49.89
N LYS E 215 30.01 37.07 -48.67
CA LYS E 215 31.18 37.90 -48.39
C LYS E 215 32.48 37.14 -48.68
N SER E 216 32.49 35.82 -48.49
CA SER E 216 33.71 35.05 -48.69
C SER E 216 34.03 34.80 -50.15
N GLY E 217 33.03 34.84 -51.03
CA GLY E 217 33.23 34.53 -52.42
C GLY E 217 33.33 33.07 -52.74
N LYS E 218 33.22 32.19 -51.74
CA LYS E 218 33.26 30.75 -51.95
C LYS E 218 31.87 30.21 -52.23
N LYS E 219 31.82 29.15 -53.01
CA LYS E 219 30.56 28.46 -53.32
C LYS E 219 30.34 27.41 -52.23
N ILE E 220 29.46 27.72 -51.28
CA ILE E 220 29.16 26.83 -50.16
C ILE E 220 27.65 26.73 -50.00
N PRO E 221 27.02 25.62 -50.39
CA PRO E 221 25.57 25.52 -50.22
C PRO E 221 25.18 25.47 -48.75
N VAL E 222 23.95 25.92 -48.47
CA VAL E 222 23.43 25.99 -47.11
C VAL E 222 22.10 25.23 -47.08
N PHE E 223 21.94 24.40 -46.06
CA PHE E 223 20.77 23.53 -45.93
C PHE E 223 20.15 23.73 -44.55
N ALA E 224 18.99 24.40 -44.51
CA ALA E 224 18.24 24.54 -43.28
C ALA E 224 17.24 23.40 -43.16
N SER E 225 17.30 22.68 -42.04
CA SER E 225 16.48 21.49 -41.87
C SER E 225 14.99 21.81 -41.99
N ALA E 226 14.57 23.00 -41.58
CA ALA E 226 13.18 23.38 -41.70
C ALA E 226 12.76 23.56 -43.15
N ASP E 227 13.71 23.74 -44.06
CA ASP E 227 13.41 23.87 -45.48
C ASP E 227 13.42 22.53 -46.20
N TYR E 228 14.00 21.50 -45.60
CA TYR E 228 14.13 20.20 -46.24
C TYR E 228 13.30 19.11 -45.59
N TYR E 229 13.41 18.96 -44.27
CA TYR E 229 12.71 17.89 -43.54
C TYR E 229 12.17 18.45 -42.23
N PRO E 230 11.16 19.30 -42.31
CA PRO E 230 10.59 19.89 -41.08
C PRO E 230 9.76 18.91 -40.29
N VAL E 231 10.42 17.96 -39.61
CA VAL E 231 9.74 16.95 -38.81
C VAL E 231 10.45 16.81 -37.46
N ARG E 232 9.77 16.15 -36.53
CA ARG E 232 10.27 15.99 -35.17
C ARG E 232 11.49 15.06 -35.13
N LYS E 233 12.15 15.04 -33.97
CA LYS E 233 13.32 14.21 -33.70
C LYS E 233 14.56 14.78 -34.37
N GLU E 234 15.45 15.40 -33.57
CA GLU E 234 16.57 16.13 -34.15
C GLU E 234 17.62 15.19 -34.75
N THR E 235 17.76 13.98 -34.21
CA THR E 235 18.73 13.05 -34.77
C THR E 235 18.27 12.51 -36.12
N HIS E 236 16.99 12.16 -36.24
CA HIS E 236 16.45 11.74 -37.52
C HIS E 236 16.55 12.87 -38.54
N ARG E 237 16.13 14.07 -38.15
CA ARG E 237 16.10 15.19 -39.08
C ARG E 237 17.51 15.58 -39.52
N THR E 238 18.40 15.81 -38.55
CA THR E 238 19.74 16.31 -38.88
C THR E 238 20.49 15.31 -39.75
N ASN E 239 20.38 14.01 -39.45
CA ASN E 239 20.99 13.00 -40.32
C ASN E 239 20.48 13.14 -41.74
N THR E 240 19.16 13.22 -41.90
CA THR E 240 18.58 13.29 -43.24
C THR E 240 18.99 14.57 -43.95
N THR E 241 18.97 15.70 -43.25
CA THR E 241 19.38 16.96 -43.86
C THR E 241 20.86 16.94 -44.24
N ILE E 242 21.69 16.27 -43.43
CA ILE E 242 23.12 16.20 -43.74
C ILE E 242 23.36 15.45 -45.03
N LEU E 243 22.57 14.40 -45.29
CA LEU E 243 22.74 13.63 -46.52
C LEU E 243 22.62 14.52 -47.74
N GLU E 244 21.78 15.55 -47.68
CA GLU E 244 21.64 16.46 -48.80
C GLU E 244 22.92 17.25 -49.02
N GLY E 245 23.50 17.78 -47.95
CA GLY E 245 24.75 18.50 -48.06
C GLY E 245 25.99 17.64 -48.08
N TYR E 246 25.83 16.32 -48.03
CA TYR E 246 26.96 15.40 -47.97
C TYR E 246 27.01 14.44 -49.14
N ALA E 247 25.88 13.83 -49.52
CA ALA E 247 25.88 12.79 -50.53
C ALA E 247 25.01 13.10 -51.75
N ALA E 248 24.24 14.19 -51.73
CA ALA E 248 23.35 14.50 -52.84
C ALA E 248 24.14 14.75 -54.12
N GLU E 249 24.84 15.87 -54.17
CA GLU E 249 25.55 16.23 -55.40
C GLU E 249 26.51 15.15 -55.87
N PRO E 250 27.31 14.51 -55.02
CA PRO E 250 28.15 13.41 -55.50
C PRO E 250 27.36 12.28 -56.13
N SER E 251 26.15 12.02 -55.65
CA SER E 251 25.33 10.95 -56.24
C SER E 251 24.73 11.38 -57.58
N ARG E 252 24.47 12.68 -57.76
CA ARG E 252 24.05 13.15 -59.07
C ARG E 252 25.10 12.82 -60.12
N GLN E 253 26.37 13.07 -59.81
CA GLN E 253 27.46 12.68 -60.70
C GLN E 253 27.42 11.18 -60.96
N THR E 254 27.18 10.38 -59.92
CA THR E 254 27.16 8.93 -60.07
C THR E 254 26.06 8.51 -61.05
N LEU E 255 24.86 9.07 -60.90
CA LEU E 255 23.75 8.70 -61.76
C LEU E 255 23.73 9.46 -63.08
N SER E 256 24.41 10.60 -63.15
CA SER E 256 24.64 11.22 -64.45
C SER E 256 25.44 10.29 -65.35
N LYS E 257 26.38 9.56 -64.76
CA LYS E 257 27.16 8.59 -65.54
C LYS E 257 26.32 7.39 -65.93
N ILE E 258 25.54 6.85 -64.99
CA ILE E 258 24.68 5.71 -65.30
C ILE E 258 23.71 6.07 -66.41
N SER E 259 23.06 7.23 -66.30
CA SER E 259 22.15 7.67 -67.35
C SER E 259 22.88 7.96 -68.65
N ASN E 260 24.14 8.42 -68.57
CA ASN E 260 24.92 8.66 -69.78
C ASN E 260 25.30 7.36 -70.46
N ALA E 261 25.65 6.33 -69.68
CA ALA E 261 26.03 5.06 -70.27
C ALA E 261 24.92 4.51 -71.15
N PHE E 262 23.66 4.71 -70.74
CA PHE E 262 22.54 4.26 -71.55
C PHE E 262 22.29 5.20 -72.74
N LYS E 263 22.46 6.51 -72.54
CA LYS E 263 22.23 7.45 -73.63
C LYS E 263 23.15 7.15 -74.81
N GLU E 264 24.42 6.92 -74.54
CA GLU E 264 25.39 6.63 -75.60
C GLU E 264 25.25 5.21 -76.14
N ARG E 265 24.15 4.52 -75.83
CA ARG E 265 23.84 3.25 -76.44
C ARG E 265 22.42 3.18 -76.99
N GLY E 266 21.65 4.26 -76.93
CA GLY E 266 20.36 4.30 -77.59
C GLY E 266 19.28 5.09 -76.89
N THR E 267 19.29 5.13 -75.56
CA THR E 267 18.18 5.71 -74.82
C THR E 267 18.02 7.19 -75.16
N LYS E 268 16.77 7.65 -75.22
CA LYS E 268 16.41 9.02 -75.54
C LYS E 268 15.55 9.63 -74.44
N PHE E 269 15.84 9.30 -73.19
CA PHE E 269 15.01 9.75 -72.08
C PHE E 269 15.88 9.98 -70.85
N ASP E 270 15.31 10.67 -69.87
CA ASP E 270 15.95 10.88 -68.59
C ASP E 270 15.51 9.79 -67.61
N PHE E 271 16.48 9.14 -66.98
CA PHE E 271 16.16 8.08 -66.02
C PHE E 271 15.49 8.66 -64.78
N ARG E 272 14.59 7.89 -64.21
CA ARG E 272 14.01 8.17 -62.90
C ARG E 272 14.56 7.20 -61.88
N VAL E 273 14.53 7.61 -60.61
CA VAL E 273 15.06 6.79 -59.53
C VAL E 273 13.95 6.52 -58.52
N MSE E 274 14.10 5.43 -57.80
CA MSE E 274 13.15 5.06 -56.77
C MSE E 274 13.38 5.87 -55.50
O MSE E 274 14.51 6.18 -55.15
CB MSE E 274 13.26 3.56 -56.46
CG MSE E 274 12.32 3.08 -55.36
SE MSE E 274 10.45 3.38 -55.80
CE MSE E 274 10.26 2.10 -57.24
H MSE E 274 14.76 4.88 -57.88
HA MSE E 274 12.25 5.22 -57.09
HB2 MSE E 274 13.05 3.05 -57.26
HB3 MSE E 274 14.17 3.36 -56.18
HG2 MSE E 274 12.45 2.12 -55.24
HG3 MSE E 274 12.52 3.54 -54.54
HE1 MSE E 274 9.35 2.12 -57.58
HE2 MSE E 274 10.88 2.33 -57.95
HE3 MSE E 274 10.46 1.20 -56.91
N ALA E 275 12.29 6.23 -54.83
CA ALA E 275 12.35 6.96 -53.58
C ALA E 275 11.67 6.15 -52.48
N THR E 276 12.02 6.46 -51.23
CA THR E 276 11.58 5.66 -50.09
C THR E 276 10.06 5.51 -50.07
N HIS E 277 9.33 6.56 -50.43
CA HIS E 277 7.88 6.57 -50.29
C HIS E 277 7.15 5.79 -51.36
N GLY E 278 7.87 5.13 -52.27
CA GLY E 278 7.27 4.32 -53.30
C GLY E 278 7.15 5.00 -54.64
N GLY E 279 7.28 6.32 -54.68
CA GLY E 279 7.28 7.04 -55.94
C GLY E 279 8.67 7.23 -56.50
N THR E 280 8.73 7.50 -57.79
CA THR E 280 10.00 7.74 -58.48
C THR E 280 10.18 9.24 -58.71
N ILE E 281 11.45 9.66 -58.76
CA ILE E 281 11.80 11.06 -58.91
C ILE E 281 12.99 11.17 -59.86
N SER E 282 13.39 12.41 -60.13
CA SER E 282 14.55 12.68 -60.96
C SER E 282 15.83 12.45 -60.18
N TRP E 283 16.86 11.97 -60.89
CA TRP E 283 18.17 11.79 -60.27
C TRP E 283 18.86 13.10 -59.96
N LYS E 284 18.29 14.23 -60.39
CA LYS E 284 18.81 15.56 -60.06
C LYS E 284 17.77 16.34 -59.28
N ALA E 285 17.02 15.65 -58.42
CA ALA E 285 16.03 16.30 -57.60
C ALA E 285 16.70 17.10 -56.48
N LYS E 286 15.95 18.05 -55.92
CA LYS E 286 16.50 18.89 -54.85
C LYS E 286 16.80 18.09 -53.61
N GLU E 287 16.03 17.02 -53.34
CA GLU E 287 16.23 16.16 -52.18
C GLU E 287 16.49 14.75 -52.69
N LEU E 288 17.74 14.30 -52.59
CA LEU E 288 18.12 12.98 -53.05
C LEU E 288 18.37 12.00 -51.91
N ALA E 289 18.30 12.45 -50.65
CA ALA E 289 18.37 11.52 -49.53
C ALA E 289 17.26 10.49 -49.60
N ARG E 290 16.17 10.80 -50.32
CA ARG E 290 15.07 9.87 -50.48
C ARG E 290 15.40 8.70 -51.40
N THR E 291 16.52 8.78 -52.12
CA THR E 291 16.96 7.68 -52.98
C THR E 291 17.89 6.71 -52.27
N ILE E 292 18.07 6.87 -50.95
CA ILE E 292 18.91 5.94 -50.21
C ILE E 292 18.31 4.55 -50.10
N VAL E 293 17.05 4.39 -50.51
CA VAL E 293 16.43 3.06 -50.48
C VAL E 293 17.13 2.15 -51.46
N SER E 294 17.42 0.93 -51.02
CA SER E 294 17.98 -0.10 -51.89
C SER E 294 17.18 -1.40 -51.88
N GLY E 295 16.36 -1.64 -50.86
CA GLY E 295 15.57 -2.84 -50.78
C GLY E 295 14.55 -2.93 -51.89
N PRO E 296 13.86 -4.07 -51.97
CA PRO E 296 12.93 -4.34 -53.08
C PRO E 296 11.52 -3.82 -52.87
N ILE E 297 11.40 -2.54 -52.49
CA ILE E 297 10.07 -1.98 -52.32
C ILE E 297 9.30 -1.96 -53.63
N GLY E 298 10.00 -2.01 -54.76
CA GLY E 298 9.31 -2.11 -56.03
C GLY E 298 8.33 -3.27 -56.09
N GLY E 299 8.67 -4.37 -55.43
CA GLY E 299 7.76 -5.51 -55.42
C GLY E 299 6.40 -5.17 -54.83
N VAL E 300 6.38 -4.29 -53.83
CA VAL E 300 5.11 -3.90 -53.22
C VAL E 300 4.33 -2.98 -54.15
N ILE E 301 5.04 -2.08 -54.85
CA ILE E 301 4.38 -1.20 -55.79
C ILE E 301 3.86 -1.99 -56.98
N GLY E 302 4.61 -3.01 -57.41
CA GLY E 302 4.14 -3.84 -58.51
C GLY E 302 2.89 -4.61 -58.15
N ALA E 303 2.89 -5.25 -56.99
CA ALA E 303 1.72 -6.02 -56.56
C ALA E 303 0.50 -5.11 -56.43
N LYS E 304 0.67 -3.95 -55.81
CA LYS E 304 -0.41 -2.98 -55.72
C LYS E 304 -0.86 -2.55 -57.09
N TYR E 305 0.06 -2.43 -58.04
CA TYR E 305 -0.28 -2.06 -59.41
C TYR E 305 -1.15 -3.13 -60.05
N LEU E 306 -0.75 -4.40 -59.91
CA LEU E 306 -1.58 -5.50 -60.43
C LEU E 306 -2.91 -5.57 -59.69
N GLY E 307 -2.91 -5.33 -58.39
CA GLY E 307 -4.15 -5.38 -57.64
C GLY E 307 -5.21 -4.47 -58.22
N GLU E 308 -4.84 -3.21 -58.47
CA GLU E 308 -5.79 -2.26 -59.06
C GLU E 308 -6.37 -2.80 -60.36
N VAL E 309 -5.56 -3.53 -61.13
CA VAL E 309 -6.02 -4.02 -62.43
C VAL E 309 -6.89 -5.26 -62.27
N LEU E 310 -6.55 -6.13 -61.31
CA LEU E 310 -7.26 -7.38 -61.11
C LEU E 310 -8.26 -7.34 -59.96
N GLY E 311 -8.46 -6.18 -59.35
CA GLY E 311 -9.42 -6.06 -58.27
C GLY E 311 -9.02 -6.79 -57.01
N TYR E 312 -7.72 -6.89 -56.74
CA TYR E 312 -7.21 -7.51 -55.51
C TYR E 312 -6.85 -6.38 -54.54
N LYS E 313 -7.73 -6.14 -53.57
CA LYS E 313 -7.49 -5.08 -52.60
C LYS E 313 -6.51 -5.51 -51.52
N ASN E 314 -6.58 -6.77 -51.09
CA ASN E 314 -5.77 -7.29 -50.00
C ASN E 314 -4.72 -8.23 -50.58
N ILE E 315 -3.46 -7.79 -50.59
CA ILE E 315 -2.36 -8.57 -51.14
C ILE E 315 -1.30 -8.77 -50.06
N ALA E 316 -0.78 -9.98 -49.97
CA ALA E 316 0.38 -10.30 -49.13
C ALA E 316 1.56 -10.60 -50.05
N CYS E 317 2.55 -9.71 -50.04
CA CYS E 317 3.71 -9.84 -50.92
C CYS E 317 4.80 -10.63 -50.22
N SER E 318 5.44 -11.53 -50.98
CA SER E 318 6.55 -12.32 -50.47
C SER E 318 7.64 -12.36 -51.52
N ASP E 319 8.72 -11.60 -51.30
CA ASP E 319 9.85 -11.54 -52.21
C ASP E 319 10.94 -12.45 -51.66
N ILE E 320 11.05 -13.64 -52.22
CA ILE E 320 12.07 -14.61 -51.82
C ILE E 320 13.23 -14.48 -52.81
N GLY E 321 14.32 -13.87 -52.38
CA GLY E 321 15.49 -13.70 -53.19
C GLY E 321 16.63 -14.59 -52.75
N GLY E 322 17.81 -14.30 -53.29
CA GLY E 322 19.01 -15.04 -52.95
C GLY E 322 19.72 -14.45 -51.76
N THR E 323 19.38 -13.21 -51.41
CA THR E 323 20.01 -12.52 -50.29
C THR E 323 19.03 -12.05 -49.23
N SER E 324 17.73 -12.27 -49.41
CA SER E 324 16.77 -11.74 -48.46
C SER E 324 15.41 -12.39 -48.66
N PHE E 325 14.69 -12.53 -47.55
CA PHE E 325 13.26 -12.84 -47.56
C PHE E 325 12.53 -11.60 -47.09
N ASP E 326 11.71 -11.03 -47.97
CA ASP E 326 11.02 -9.78 -47.69
C ASP E 326 9.52 -9.96 -47.88
N VAL E 327 8.73 -9.43 -46.93
CA VAL E 327 7.29 -9.55 -46.96
C VAL E 327 6.65 -8.22 -46.60
N ALA E 328 5.42 -8.03 -47.06
CA ALA E 328 4.67 -6.80 -46.82
C ALA E 328 3.22 -7.05 -47.16
N LEU E 329 2.35 -6.16 -46.66
CA LEU E 329 0.91 -6.28 -46.84
C LEU E 329 0.38 -5.03 -47.52
N ILE E 330 -0.43 -5.23 -48.55
CA ILE E 330 -1.28 -4.19 -49.13
C ILE E 330 -2.68 -4.45 -48.61
N THR E 331 -3.17 -3.59 -47.73
CA THR E 331 -4.48 -3.76 -47.10
C THR E 331 -5.43 -2.71 -47.64
N GLN E 332 -6.52 -3.16 -48.25
CA GLN E 332 -7.53 -2.26 -48.81
C GLN E 332 -6.90 -1.28 -49.79
N GLY E 333 -6.02 -1.79 -50.66
CA GLY E 333 -5.44 -0.98 -51.71
C GLY E 333 -4.29 -0.10 -51.29
N GLU E 334 -4.11 0.16 -50.01
CA GLU E 334 -3.05 1.03 -49.52
C GLU E 334 -2.01 0.23 -48.77
N MSE E 335 -0.77 0.71 -48.80
CA MSE E 335 0.36 0.05 -48.15
C MSE E 335 0.85 0.86 -46.95
O MSE E 335 0.58 2.05 -46.86
CB MSE E 335 1.49 -0.16 -49.15
CG MSE E 335 2.04 1.12 -49.75
SE MSE E 335 2.94 0.82 -51.46
CE MSE E 335 3.44 2.66 -51.88
H MSE E 335 -0.55 1.45 -49.19
HA MSE E 335 0.07 -0.82 -47.84
HB2 MSE E 335 2.22 -0.61 -48.71
HB3 MSE E 335 1.16 -0.71 -49.88
HG2 MSE E 335 1.31 1.74 -49.91
HG3 MSE E 335 2.69 1.52 -49.14
HE1 MSE E 335 3.91 2.67 -52.73
HE2 MSE E 335 2.63 3.20 -51.93
HE3 MSE E 335 4.02 2.99 -51.17
N THR E 336 1.57 0.21 -46.05
CA THR E 336 2.03 0.86 -44.84
C THR E 336 3.30 1.65 -45.10
N ILE E 337 3.40 2.82 -44.46
CA ILE E 337 4.57 3.68 -44.54
C ILE E 337 5.19 3.78 -43.14
N LYS E 338 6.51 3.62 -43.07
CA LYS E 338 7.26 3.84 -41.84
C LYS E 338 7.90 5.21 -41.92
N ASN E 339 7.57 6.08 -40.96
CA ASN E 339 7.92 7.49 -41.05
C ASN E 339 9.25 7.85 -40.42
N ASP E 340 9.76 7.04 -39.49
CA ASP E 340 11.06 7.29 -38.86
C ASP E 340 11.93 6.04 -38.96
N PRO E 341 12.29 5.64 -40.17
CA PRO E 341 13.06 4.41 -40.35
C PRO E 341 14.54 4.66 -40.05
N ASP E 342 15.31 3.57 -40.12
CA ASP E 342 16.76 3.65 -40.01
C ASP E 342 17.37 2.95 -41.21
N MSE E 343 18.35 3.58 -41.82
CA MSE E 343 19.02 3.04 -43.01
C MSE E 343 20.48 3.43 -42.98
O MSE E 343 20.84 4.51 -42.52
CB MSE E 343 18.36 3.56 -44.28
CG MSE E 343 17.02 2.92 -44.59
SE MSE E 343 16.02 3.91 -45.93
CE MSE E 343 15.57 2.42 -47.11
H MSE E 343 18.65 4.35 -41.58
HA MSE E 343 18.94 2.08 -43.00
HB2 MSE E 343 18.22 4.52 -44.20
HB3 MSE E 343 18.95 3.37 -45.03
HG2 MSE E 343 17.16 2.02 -44.92
HG3 MSE E 343 16.48 2.90 -43.77
HE1 MSE E 343 15.05 2.76 -47.85
HE2 MSE E 343 16.39 2.01 -47.43
HE3 MSE E 343 15.05 1.77 -46.62
N ALA E 344 21.34 2.55 -43.49
CA ALA E 344 22.79 2.76 -43.44
C ALA E 344 23.26 2.98 -42.00
N ARG E 345 22.60 2.34 -41.04
CA ARG E 345 22.89 2.52 -39.62
C ARG E 345 22.72 3.98 -39.21
N LEU E 346 21.77 4.66 -39.85
CA LEU E 346 21.45 6.06 -39.55
C LEU E 346 19.96 6.19 -39.31
N VAL E 347 19.60 6.91 -38.26
CA VAL E 347 18.20 7.28 -38.04
C VAL E 347 17.86 8.43 -39.00
N LEU E 348 16.74 8.31 -39.71
CA LEU E 348 16.42 9.21 -40.80
C LEU E 348 14.97 9.64 -40.71
N SER E 349 14.65 10.69 -41.46
CA SER E 349 13.30 11.25 -41.52
C SER E 349 12.70 11.09 -42.89
N LEU E 350 12.57 9.85 -43.37
CA LEU E 350 12.14 9.59 -44.73
C LEU E 350 10.92 8.66 -44.71
N PRO E 351 9.83 9.01 -45.40
CA PRO E 351 8.70 8.07 -45.50
C PRO E 351 9.09 6.87 -46.35
N LEU E 352 9.03 5.68 -45.76
CA LEU E 352 9.55 4.47 -46.37
C LEU E 352 8.45 3.42 -46.49
N VAL E 353 8.38 2.79 -47.66
CA VAL E 353 7.47 1.66 -47.84
C VAL E 353 7.89 0.53 -46.90
N ALA E 354 6.94 0.06 -46.11
CA ALA E 354 7.26 -0.89 -45.05
C ALA E 354 7.39 -2.30 -45.59
N MSE E 355 8.53 -2.93 -45.32
CA MSE E 355 8.71 -4.36 -45.58
C MSE E 355 9.41 -4.96 -44.39
O MSE E 355 10.13 -4.29 -43.67
CB MSE E 355 9.52 -4.60 -46.84
CG MSE E 355 8.91 -4.07 -48.13
SE MSE E 355 9.81 -4.82 -49.68
CE MSE E 355 8.92 -6.56 -49.76
H MSE E 355 9.22 -2.56 -44.99
HA MSE E 355 7.84 -4.77 -45.70
HB2 MSE E 355 10.38 -4.16 -46.74
HB3 MSE E 355 9.65 -5.55 -46.94
HG2 MSE E 355 7.97 -4.34 -48.16
HG3 MSE E 355 8.99 -3.11 -48.15
HE1 MSE E 355 9.28 -7.06 -50.51
HE2 MSE E 355 9.11 -7.04 -48.93
HE3 MSE E 355 7.98 -6.42 -49.87
N ASP E 356 9.19 -6.26 -44.16
CA ASP E 356 9.82 -6.98 -43.07
C ASP E 356 10.77 -8.03 -43.65
N SER E 357 12.03 -7.97 -43.26
CA SER E 357 12.99 -9.01 -43.61
C SER E 357 12.75 -10.23 -42.73
N VAL E 358 12.76 -11.41 -43.35
CA VAL E 358 12.54 -12.66 -42.63
C VAL E 358 13.78 -13.55 -42.67
N GLY E 359 14.72 -13.29 -43.55
CA GLY E 359 15.91 -14.11 -43.62
C GLY E 359 16.88 -13.55 -44.65
N ALA E 360 17.89 -14.35 -44.98
CA ALA E 360 18.98 -13.91 -45.84
C ALA E 360 18.92 -14.55 -47.22
N GLY E 361 17.74 -14.96 -47.66
CA GLY E 361 17.56 -15.44 -49.01
C GLY E 361 17.86 -16.93 -49.17
N ALA E 362 17.76 -17.38 -50.42
CA ALA E 362 18.09 -18.76 -50.75
C ALA E 362 19.58 -19.05 -50.58
N GLY E 363 20.41 -18.01 -50.56
CA GLY E 363 21.82 -18.17 -50.28
C GLY E 363 22.17 -18.27 -48.82
N SER E 364 21.17 -18.25 -47.94
CA SER E 364 21.43 -18.31 -46.51
C SER E 364 22.21 -19.58 -46.18
N PHE E 365 23.20 -19.43 -45.30
CA PHE E 365 23.99 -20.57 -44.88
C PHE E 365 23.24 -21.40 -43.86
N ILE E 366 23.54 -22.71 -43.85
CA ILE E 366 22.97 -23.65 -42.90
C ILE E 366 24.10 -24.14 -42.01
N ARG E 367 23.96 -23.97 -40.70
CA ARG E 367 24.96 -24.42 -39.77
C ARG E 367 24.29 -25.09 -38.59
N LEU E 368 25.08 -25.83 -37.82
CA LEU E 368 24.65 -26.41 -36.56
C LEU E 368 25.38 -25.69 -35.43
N ASP E 369 24.61 -25.17 -34.48
CA ASP E 369 25.22 -24.47 -33.36
C ASP E 369 26.24 -25.37 -32.67
N PRO E 370 27.42 -24.86 -32.32
CA PRO E 370 28.42 -25.72 -31.65
C PRO E 370 28.04 -26.05 -30.22
N TYR E 371 27.17 -25.26 -29.60
CA TYR E 371 26.72 -25.48 -28.23
C TYR E 371 25.36 -26.16 -28.16
N THR E 372 24.53 -25.97 -29.18
CA THR E 372 23.15 -26.41 -29.16
C THR E 372 22.83 -27.47 -30.21
N ARG E 373 23.63 -27.59 -31.26
CA ARG E 373 23.35 -28.43 -32.42
C ARG E 373 22.06 -28.02 -33.13
N ALA E 374 21.54 -26.83 -32.84
CA ALA E 374 20.32 -26.38 -33.49
C ALA E 374 20.61 -25.97 -34.92
N ILE E 375 19.68 -26.27 -35.81
CA ILE E 375 19.79 -25.83 -37.20
C ILE E 375 19.63 -24.32 -37.22
N LYS E 376 20.63 -23.63 -37.77
CA LYS E 376 20.64 -22.18 -37.83
C LYS E 376 20.76 -21.72 -39.27
N LEU E 377 19.86 -20.84 -39.70
CA LEU E 377 19.89 -20.25 -41.02
C LEU E 377 20.41 -18.83 -40.93
N GLY E 378 21.30 -18.47 -41.85
CA GLY E 378 21.88 -17.15 -41.86
C GLY E 378 22.65 -16.88 -40.58
N PRO E 379 22.72 -15.60 -40.16
CA PRO E 379 22.13 -14.42 -40.79
C PRO E 379 22.83 -13.98 -42.08
N ASP E 380 23.94 -14.61 -42.41
CA ASP E 380 24.70 -14.28 -43.62
C ASP E 380 24.37 -15.27 -44.74
N SER E 381 24.59 -14.83 -45.97
CA SER E 381 24.19 -15.57 -47.16
C SER E 381 25.30 -15.59 -48.18
N ALA E 382 25.33 -16.65 -48.99
CA ALA E 382 26.24 -16.73 -50.10
C ALA E 382 25.84 -15.80 -51.23
N GLY E 383 24.58 -15.36 -51.26
CA GLY E 383 24.10 -14.42 -52.26
C GLY E 383 24.40 -14.84 -53.68
N TYR E 384 25.20 -14.05 -54.38
CA TYR E 384 25.47 -14.31 -55.79
C TYR E 384 26.10 -15.69 -55.99
N ARG E 385 26.94 -16.11 -55.05
CA ARG E 385 27.71 -17.34 -55.21
C ARG E 385 26.88 -18.60 -55.00
N VAL E 386 25.57 -18.47 -54.83
CA VAL E 386 24.65 -19.61 -54.85
C VAL E 386 24.87 -20.49 -53.63
N GLY E 387 25.98 -21.21 -53.62
CA GLY E 387 26.23 -22.17 -52.55
C GLY E 387 27.49 -22.97 -52.87
N VAL E 388 27.64 -24.10 -52.19
CA VAL E 388 28.80 -24.96 -52.43
C VAL E 388 28.63 -25.80 -53.69
N CYS E 389 27.43 -25.84 -54.26
CA CYS E 389 27.24 -26.50 -55.54
C CYS E 389 28.00 -25.81 -56.66
N TRP E 390 28.51 -24.61 -56.43
CA TRP E 390 29.32 -23.89 -57.41
C TRP E 390 30.78 -24.02 -56.98
N LYS E 391 31.49 -24.94 -57.63
CA LYS E 391 32.88 -25.21 -57.25
C LYS E 391 33.74 -23.96 -57.35
N GLU E 392 33.63 -23.25 -58.48
CA GLU E 392 34.48 -22.09 -58.73
C GLU E 392 34.19 -20.92 -57.81
N SER E 393 33.14 -20.99 -56.99
CA SER E 393 32.74 -19.87 -56.16
C SER E 393 33.43 -19.82 -54.81
N GLY E 394 34.07 -20.91 -54.39
CA GLY E 394 34.78 -20.94 -53.13
C GLY E 394 33.91 -21.09 -51.91
N ILE E 395 32.58 -21.10 -52.05
CA ILE E 395 31.72 -21.34 -50.92
C ILE E 395 32.03 -22.71 -50.34
N GLU E 396 32.14 -22.78 -49.03
CA GLU E 396 32.42 -24.03 -48.33
C GLU E 396 31.33 -24.45 -47.37
N THR E 397 30.38 -23.56 -47.06
CA THR E 397 29.27 -23.85 -46.18
C THR E 397 28.00 -24.02 -47.00
N VAL E 398 27.26 -25.10 -46.72
CA VAL E 398 26.04 -25.37 -47.47
C VAL E 398 25.05 -24.22 -47.33
N THR E 399 24.18 -24.08 -48.32
CA THR E 399 23.13 -23.06 -48.32
C THR E 399 21.80 -23.72 -48.63
N ILE E 400 20.74 -22.92 -48.52
CA ILE E 400 19.40 -23.41 -48.88
C ILE E 400 19.37 -23.83 -50.36
N SER E 401 20.13 -23.13 -51.21
CA SER E 401 20.20 -23.52 -52.61
C SER E 401 20.77 -24.93 -52.76
N ASP E 402 21.79 -25.26 -51.96
CA ASP E 402 22.34 -26.61 -52.01
C ASP E 402 21.28 -27.64 -51.62
N CYS E 403 20.36 -27.29 -50.72
CA CYS E 403 19.28 -28.20 -50.38
C CYS E 403 18.34 -28.40 -51.56
N HIS E 404 18.09 -27.33 -52.33
CA HIS E 404 17.26 -27.46 -53.52
C HIS E 404 17.89 -28.38 -54.55
N MSE E 405 19.22 -28.43 -54.60
CA MSE E 405 19.93 -29.30 -55.52
C MSE E 405 19.73 -30.76 -55.12
O MSE E 405 19.29 -31.58 -55.94
CB MSE E 405 21.42 -28.95 -55.56
CG MSE E 405 21.70 -27.56 -56.06
SE MSE E 405 21.47 -27.39 -58.00
CE MSE E 405 23.03 -28.42 -58.55
H MSE E 405 19.74 -27.96 -54.11
HA MSE E 405 19.57 -29.16 -56.42
HB2 MSE E 405 21.77 -29.02 -54.66
HB3 MSE E 405 21.87 -29.58 -56.15
HG2 MSE E 405 21.09 -26.94 -55.64
HG3 MSE E 405 22.62 -27.32 -55.85
HE1 MSE E 405 23.08 -28.44 -59.52
HE2 MSE E 405 23.83 -28.00 -58.20
HE3 MSE E 405 22.95 -29.33 -58.21
N VAL E 406 20.04 -31.07 -53.87
CA VAL E 406 19.85 -32.42 -53.37
C VAL E 406 18.42 -32.87 -53.61
N LEU E 407 17.45 -32.06 -53.18
CA LEU E 407 16.05 -32.42 -53.33
C LEU E 407 15.60 -32.41 -54.79
N GLY E 408 16.41 -31.91 -55.72
CA GLY E 408 16.04 -31.92 -57.11
C GLY E 408 15.03 -30.87 -57.52
N TYR E 409 14.92 -29.77 -56.78
CA TYR E 409 14.04 -28.69 -57.20
C TYR E 409 14.67 -27.86 -58.31
N LEU E 410 15.96 -27.58 -58.21
CA LEU E 410 16.66 -26.77 -59.19
C LEU E 410 17.35 -27.66 -60.21
N ASN E 411 17.56 -27.11 -61.41
CA ASN E 411 18.20 -27.82 -62.49
C ASN E 411 19.68 -27.45 -62.49
N PRO E 412 20.59 -28.39 -62.24
CA PRO E 412 22.03 -28.04 -62.26
C PRO E 412 22.47 -27.38 -63.55
N ASP E 413 21.95 -27.83 -64.69
CA ASP E 413 22.40 -27.35 -65.99
C ASP E 413 21.70 -26.08 -66.46
N ASN E 414 20.70 -25.60 -65.70
CA ASN E 414 19.88 -24.48 -66.17
C ASN E 414 19.83 -23.37 -65.12
N PHE E 415 20.89 -23.21 -64.34
CA PHE E 415 20.99 -22.11 -63.39
C PHE E 415 21.39 -20.85 -64.15
N LEU E 416 20.49 -19.87 -64.19
CA LEU E 416 20.70 -18.66 -65.00
C LEU E 416 20.91 -19.03 -66.46
N GLY E 417 20.09 -19.96 -66.96
CA GLY E 417 20.16 -20.36 -68.34
C GLY E 417 21.40 -21.16 -68.70
N GLY E 418 22.10 -21.72 -67.70
CA GLY E 418 23.31 -22.46 -67.94
C GLY E 418 24.57 -21.64 -67.84
N ALA E 419 24.48 -20.37 -67.42
CA ALA E 419 25.69 -19.56 -67.25
C ALA E 419 26.49 -20.01 -66.05
N VAL E 420 25.85 -20.65 -65.07
CA VAL E 420 26.50 -21.13 -63.86
C VAL E 420 26.53 -22.66 -63.92
N LYS E 421 27.72 -23.23 -63.85
CA LYS E 421 27.89 -24.67 -63.84
C LYS E 421 27.85 -25.16 -62.39
N LEU E 422 26.77 -25.83 -62.03
CA LEU E 422 26.58 -26.35 -60.68
C LEU E 422 26.72 -27.86 -60.68
N ASP E 423 27.29 -28.40 -59.60
CA ASP E 423 27.48 -29.84 -59.44
C ASP E 423 26.67 -30.28 -58.23
N ARG E 424 25.57 -30.99 -58.47
CA ARG E 424 24.73 -31.46 -57.38
C ARG E 424 25.51 -32.33 -56.39
N GLN E 425 26.46 -33.11 -56.88
CA GLN E 425 27.19 -34.03 -56.00
C GLN E 425 27.90 -33.28 -54.89
N ARG E 426 28.37 -32.06 -55.16
CA ARG E 426 29.00 -31.28 -54.10
C ARG E 426 27.99 -30.93 -53.01
N SER E 427 26.75 -30.64 -53.40
CA SER E 427 25.71 -30.39 -52.41
C SER E 427 25.43 -31.65 -51.60
N VAL E 428 25.42 -32.81 -52.26
CA VAL E 428 25.17 -34.06 -51.54
C VAL E 428 26.30 -34.34 -50.56
N ASP E 429 27.53 -33.98 -50.92
CA ASP E 429 28.67 -34.25 -50.05
C ASP E 429 28.69 -33.30 -48.87
N ALA E 430 28.49 -32.00 -49.12
CA ALA E 430 28.62 -31.01 -48.05
C ALA E 430 27.46 -31.10 -47.07
N ILE E 431 26.26 -31.44 -47.54
CA ILE E 431 25.14 -31.59 -46.63
C ILE E 431 25.30 -32.86 -45.81
N LYS E 432 25.91 -33.91 -46.37
CA LYS E 432 26.15 -35.12 -45.61
C LYS E 432 27.07 -34.86 -44.44
N ALA E 433 28.13 -34.09 -44.66
CA ALA E 433 29.14 -33.88 -43.62
C ALA E 433 28.71 -32.84 -42.60
N GLN E 434 28.06 -31.77 -43.06
CA GLN E 434 27.78 -30.63 -42.20
C GLN E 434 26.47 -30.75 -41.45
N ILE E 435 25.45 -31.37 -42.04
CA ILE E 435 24.09 -31.35 -41.51
C ILE E 435 23.56 -32.76 -41.26
N ALA E 436 23.63 -33.63 -42.26
CA ALA E 436 22.94 -34.92 -42.19
C ALA E 436 23.59 -35.83 -41.15
N ASP E 437 24.86 -36.18 -41.36
CA ASP E 437 25.52 -37.10 -40.44
C ASP E 437 25.49 -36.61 -39.00
N PRO E 438 25.77 -35.33 -38.70
CA PRO E 438 25.66 -34.88 -37.31
C PRO E 438 24.28 -35.08 -36.70
N LEU E 439 23.22 -35.03 -37.51
CA LEU E 439 21.86 -35.22 -37.03
C LEU E 439 21.39 -36.65 -37.14
N GLY E 440 22.20 -37.55 -37.69
CA GLY E 440 21.78 -38.93 -37.87
C GLY E 440 20.72 -39.10 -38.94
N LEU E 441 20.62 -38.16 -39.87
CA LEU E 441 19.63 -38.21 -40.95
C LEU E 441 20.31 -38.57 -42.27
N SER E 442 19.48 -38.93 -43.24
CA SER E 442 19.95 -39.06 -44.60
C SER E 442 20.12 -37.68 -45.21
N VAL E 443 20.90 -37.62 -46.29
CA VAL E 443 21.14 -36.34 -46.95
C VAL E 443 19.82 -35.77 -47.47
N GLU E 444 18.89 -36.63 -47.88
CA GLU E 444 17.61 -36.17 -48.40
C GLU E 444 16.74 -35.60 -47.28
N ASP E 445 16.61 -36.34 -46.18
CA ASP E 445 15.79 -35.88 -45.07
C ASP E 445 16.36 -34.63 -44.43
N ALA E 446 17.68 -34.46 -44.46
CA ALA E 446 18.29 -33.24 -43.94
C ALA E 446 17.93 -32.05 -44.81
N ALA E 447 18.18 -32.16 -46.12
CA ALA E 447 17.80 -31.09 -47.03
C ALA E 447 16.30 -30.83 -46.98
N ALA E 448 15.51 -31.91 -47.01
CA ALA E 448 14.06 -31.74 -46.89
C ALA E 448 13.69 -31.09 -45.57
N GLY E 449 14.39 -31.46 -44.50
CA GLY E 449 14.09 -30.88 -43.20
C GLY E 449 14.34 -29.39 -43.16
N VAL E 450 15.48 -28.95 -43.68
CA VAL E 450 15.78 -27.52 -43.72
C VAL E 450 14.66 -26.78 -44.43
N ILE E 451 14.31 -27.22 -45.63
CA ILE E 451 13.23 -26.58 -46.38
C ILE E 451 11.95 -26.57 -45.58
N GLU E 452 11.71 -27.62 -44.80
CA GLU E 452 10.51 -27.67 -43.97
C GLU E 452 10.51 -26.57 -42.92
N LEU E 453 11.65 -26.36 -42.27
CA LEU E 453 11.76 -25.30 -41.27
C LEU E 453 11.56 -23.93 -41.91
N LEU E 454 12.27 -23.68 -43.01
CA LEU E 454 12.15 -22.39 -43.69
C LEU E 454 10.71 -22.12 -44.08
N ASP E 455 10.01 -23.12 -44.61
CA ASP E 455 8.63 -22.91 -45.02
C ASP E 455 7.75 -22.54 -43.85
N SER E 456 7.96 -23.18 -42.69
CA SER E 456 7.14 -22.87 -41.52
C SER E 456 7.45 -21.48 -40.97
N ASP E 457 8.71 -21.04 -41.06
CA ASP E 457 9.05 -19.69 -40.63
C ASP E 457 8.30 -18.67 -41.47
N LEU E 458 8.35 -18.81 -42.80
CA LEU E 458 7.63 -17.89 -43.68
C LEU E 458 6.13 -18.01 -43.47
N ARG E 459 5.62 -19.24 -43.35
CA ARG E 459 4.19 -19.44 -43.14
C ARG E 459 3.71 -18.72 -41.88
N ASP E 460 4.44 -18.90 -40.77
CA ASP E 460 4.03 -18.27 -39.52
C ASP E 460 4.08 -16.76 -39.61
N TYR E 461 5.08 -16.22 -40.31
CA TYR E 461 5.24 -14.77 -40.37
C TYR E 461 4.12 -14.14 -41.19
N LEU E 462 3.69 -14.80 -42.27
CA LEU E 462 2.57 -14.29 -43.06
C LEU E 462 1.27 -14.38 -42.26
N ARG E 463 1.04 -15.52 -41.61
CA ARG E 463 -0.21 -15.69 -40.86
C ARG E 463 -0.32 -14.65 -39.75
N SER E 464 0.74 -14.51 -38.96
CA SER E 464 0.72 -13.54 -37.86
C SER E 464 0.64 -12.12 -38.38
N MSE E 465 1.34 -11.83 -39.47
CA MSE E 465 1.33 -10.50 -40.06
C MSE E 465 -0.08 -10.12 -40.51
O MSE E 465 -0.53 -9.00 -40.27
CB MSE E 465 2.30 -10.45 -41.24
CG MSE E 465 2.26 -9.19 -42.04
SE MSE E 465 3.74 -9.12 -43.30
CE MSE E 465 5.14 -8.71 -42.04
H MSE E 465 1.83 -12.40 -39.89
HA MSE E 465 1.63 -9.86 -39.39
HB2 MSE E 465 3.21 -10.55 -40.90
HB3 MSE E 465 2.10 -11.18 -41.83
HG2 MSE E 465 1.43 -9.15 -42.55
HG3 MSE E 465 2.32 -8.42 -41.45
HE1 MSE E 465 5.99 -8.64 -42.52
HE2 MSE E 465 4.94 -7.87 -41.60
HE3 MSE E 465 5.19 -9.42 -41.39
N ILE E 466 -0.76 -11.06 -41.16
CA ILE E 466 -2.15 -10.83 -41.53
C ILE E 466 -3.03 -10.75 -40.29
N SER E 467 -2.83 -11.66 -39.34
CA SER E 467 -3.62 -11.65 -38.12
C SER E 467 -3.42 -10.36 -37.33
N GLY E 468 -2.21 -9.80 -37.37
CA GLY E 468 -1.96 -8.57 -36.65
C GLY E 468 -2.72 -7.38 -37.19
N LYS E 469 -3.05 -7.40 -38.48
CA LYS E 469 -3.86 -6.36 -39.09
C LYS E 469 -5.35 -6.56 -38.85
N GLY E 470 -5.74 -7.63 -38.17
CA GLY E 470 -7.14 -7.90 -37.91
C GLY E 470 -7.84 -8.73 -38.96
N TYR E 471 -7.10 -9.39 -39.84
CA TYR E 471 -7.67 -10.16 -40.93
C TYR E 471 -7.29 -11.63 -40.80
N SER E 472 -7.87 -12.44 -41.67
CA SER E 472 -7.46 -13.81 -41.90
C SER E 472 -6.99 -13.95 -43.33
N PRO E 473 -6.13 -14.92 -43.63
CA PRO E 473 -5.65 -15.07 -45.01
C PRO E 473 -6.77 -15.23 -46.03
N ALA E 474 -7.95 -15.69 -45.61
CA ALA E 474 -9.05 -15.86 -46.54
C ALA E 474 -9.46 -14.56 -47.22
N SER E 475 -9.18 -13.43 -46.59
CA SER E 475 -9.44 -12.12 -47.19
C SER E 475 -8.29 -11.63 -48.05
N PHE E 476 -7.18 -12.36 -48.11
CA PHE E 476 -5.96 -11.91 -48.75
C PHE E 476 -5.60 -12.81 -49.92
N VAL E 477 -4.88 -12.23 -50.88
CA VAL E 477 -4.24 -12.97 -51.96
C VAL E 477 -2.74 -12.83 -51.78
N CYS E 478 -2.01 -13.92 -52.02
CA CYS E 478 -0.56 -13.93 -51.85
C CYS E 478 0.12 -13.85 -53.21
N PHE E 479 1.02 -12.88 -53.35
CA PHE E 479 1.89 -12.78 -54.51
C PHE E 479 3.25 -13.33 -54.15
N SER E 480 3.65 -14.42 -54.80
CA SER E 480 4.95 -15.05 -54.56
C SER E 480 5.84 -14.76 -55.76
N TYR E 481 6.85 -13.91 -55.56
CA TYR E 481 7.78 -13.57 -56.62
C TYR E 481 9.21 -13.63 -56.11
N GLY E 482 10.15 -13.12 -56.89
CA GLY E 482 11.56 -13.33 -56.63
C GLY E 482 12.05 -14.61 -57.27
N GLY E 483 13.38 -14.68 -57.45
CA GLY E 483 13.96 -15.83 -58.11
C GLY E 483 13.62 -17.14 -57.43
N ALA E 484 13.61 -17.14 -56.10
CA ALA E 484 13.37 -18.35 -55.32
C ALA E 484 11.94 -18.44 -54.79
N GLY E 485 11.12 -17.43 -55.01
CA GLY E 485 9.75 -17.44 -54.53
C GLY E 485 8.99 -18.65 -55.02
N PRO E 486 8.88 -18.79 -56.34
CA PRO E 486 8.15 -19.94 -56.90
C PRO E 486 8.70 -21.27 -56.44
N VAL E 487 9.92 -21.33 -55.92
CA VAL E 487 10.49 -22.57 -55.43
C VAL E 487 9.86 -22.98 -54.10
N HIS E 488 9.33 -22.03 -53.35
CA HIS E 488 8.75 -22.31 -52.04
C HIS E 488 7.27 -22.00 -51.95
N THR E 489 6.66 -21.43 -52.99
CA THR E 489 5.28 -20.97 -52.90
C THR E 489 4.35 -22.05 -52.34
N TYR E 490 4.53 -23.29 -52.81
CA TYR E 490 3.71 -24.38 -52.28
C TYR E 490 3.91 -24.54 -50.78
N GLY E 491 5.12 -24.29 -50.29
CA GLY E 491 5.45 -24.63 -48.91
C GLY E 491 4.82 -23.67 -47.91
N TYR E 492 5.08 -22.37 -48.07
CA TYR E 492 4.67 -21.40 -47.08
C TYR E 492 3.28 -20.83 -47.33
N THR E 493 2.51 -21.42 -48.25
CA THR E 493 1.10 -21.09 -48.41
C THR E 493 0.18 -22.25 -48.08
N GLU E 494 0.71 -23.43 -47.81
CA GLU E 494 -0.12 -24.59 -47.51
C GLU E 494 -1.08 -24.32 -46.36
N GLY E 495 -2.36 -24.54 -46.62
CA GLY E 495 -3.36 -24.53 -45.57
C GLY E 495 -3.63 -23.18 -44.92
N LEU E 496 -3.00 -22.11 -45.40
CA LEU E 496 -3.32 -20.79 -44.85
C LEU E 496 -4.68 -20.30 -45.29
N GLY E 497 -5.21 -20.82 -46.40
CA GLY E 497 -6.51 -20.41 -46.87
C GLY E 497 -6.54 -19.13 -47.64
N PHE E 498 -5.43 -18.72 -48.24
CA PHE E 498 -5.43 -17.55 -49.10
C PHE E 498 -6.54 -17.65 -50.13
N GLU E 499 -7.20 -16.52 -50.39
CA GLU E 499 -8.21 -16.49 -51.45
C GLU E 499 -7.62 -16.97 -52.76
N ASP E 500 -6.35 -16.65 -53.00
CA ASP E 500 -5.68 -17.06 -54.23
C ASP E 500 -4.17 -16.87 -54.04
N VAL E 501 -3.39 -17.79 -54.56
CA VAL E 501 -1.93 -17.70 -54.55
C VAL E 501 -1.47 -17.52 -55.99
N ILE E 502 -0.65 -16.50 -56.22
CA ILE E 502 -0.27 -16.10 -57.57
C ILE E 502 1.24 -16.05 -57.69
N VAL E 503 1.75 -16.54 -58.81
CA VAL E 503 3.17 -16.49 -59.14
C VAL E 503 3.31 -15.82 -60.49
N PRO E 504 3.70 -14.55 -60.57
CA PRO E 504 3.84 -13.90 -61.88
C PRO E 504 4.90 -14.58 -62.73
N ALA E 505 4.59 -14.72 -64.02
CA ALA E 505 5.55 -15.34 -64.94
C ALA E 505 6.87 -14.59 -64.96
N TRP E 506 6.86 -13.29 -64.67
CA TRP E 506 8.08 -12.49 -64.57
C TRP E 506 8.51 -12.32 -63.12
N ALA E 507 8.35 -13.37 -62.32
CA ALA E 507 8.66 -13.29 -60.89
C ALA E 507 10.10 -12.85 -60.65
N ALA E 508 11.04 -13.36 -61.46
CA ALA E 508 12.44 -13.05 -61.24
C ALA E 508 12.73 -11.57 -61.38
N GLY E 509 11.90 -10.82 -62.10
CA GLY E 509 12.09 -9.40 -62.27
C GLY E 509 10.88 -8.61 -61.82
N PHE E 510 10.09 -9.18 -60.90
CA PHE E 510 8.89 -8.50 -60.43
C PHE E 510 9.24 -7.22 -59.69
N SER E 511 10.34 -7.23 -58.93
CA SER E 511 10.76 -6.04 -58.21
C SER E 511 11.15 -4.93 -59.17
N ALA E 512 11.86 -5.27 -60.25
CA ALA E 512 12.20 -4.28 -61.26
C ALA E 512 10.95 -3.84 -62.03
N PHE E 513 10.04 -4.77 -62.28
CA PHE E 513 8.77 -4.42 -62.89
C PHE E 513 8.01 -3.39 -62.06
N GLY E 514 8.17 -3.43 -60.74
CA GLY E 514 7.47 -2.49 -59.89
C GLY E 514 8.05 -1.09 -59.97
N CYS E 515 9.37 -0.98 -60.09
CA CYS E 515 9.98 0.33 -60.25
C CYS E 515 9.47 1.03 -61.49
N ALA E 516 9.14 0.28 -62.54
CA ALA E 516 8.53 0.85 -63.72
C ALA E 516 7.07 1.19 -63.49
N ALA E 517 6.37 0.42 -62.65
CA ALA E 517 4.97 0.65 -62.39
C ALA E 517 4.72 1.77 -61.40
N ALA E 518 5.76 2.28 -60.75
CA ALA E 518 5.59 3.35 -59.78
C ALA E 518 5.26 4.66 -60.49
N ASP E 519 4.62 5.56 -59.76
CA ASP E 519 4.29 6.88 -60.28
C ASP E 519 5.52 7.78 -60.30
N PHE E 520 5.45 8.81 -61.13
CA PHE E 520 6.42 9.90 -61.11
C PHE E 520 5.94 10.90 -60.06
N GLU E 521 6.23 10.57 -58.81
CA GLU E 521 5.59 11.22 -57.66
C GLU E 521 6.64 11.76 -56.70
N TYR E 522 6.54 13.05 -56.40
CA TYR E 522 7.31 13.67 -55.33
C TYR E 522 6.46 13.74 -54.08
N ARG E 523 7.12 13.61 -52.92
CA ARG E 523 6.44 13.67 -51.64
C ARG E 523 7.24 14.52 -50.67
N TYR E 524 6.52 15.32 -49.87
CA TYR E 524 7.12 16.16 -48.84
C TYR E 524 6.25 16.08 -47.59
N ASP E 525 6.89 16.10 -46.42
CA ASP E 525 6.21 15.92 -45.16
C ASP E 525 6.58 17.03 -44.18
N LYS E 526 5.67 17.28 -43.24
CA LYS E 526 5.90 18.25 -42.18
C LYS E 526 5.17 17.78 -40.93
N SER E 527 5.76 18.06 -39.78
CA SER E 527 5.16 17.67 -38.51
C SER E 527 4.14 18.71 -38.06
N LEU E 528 3.08 18.23 -37.41
CA LEU E 528 2.06 19.09 -36.83
C LEU E 528 1.69 18.54 -35.47
N ASP E 529 0.87 19.30 -34.74
CA ASP E 529 0.44 18.91 -33.41
C ASP E 529 -0.93 19.54 -33.14
N ILE E 530 -1.89 19.27 -34.01
CA ILE E 530 -3.25 19.76 -33.83
C ILE E 530 -3.96 18.86 -32.83
N ASN E 531 -4.57 19.47 -31.81
CA ASN E 531 -5.30 18.75 -30.78
C ASN E 531 -6.74 19.24 -30.78
N MSE E 532 -7.67 18.32 -30.98
CA MSE E 532 -9.08 18.70 -31.17
C MSE E 532 -10.05 17.80 -30.42
O MSE E 532 -10.20 16.62 -30.76
CB MSE E 532 -9.42 18.67 -32.65
CG MSE E 532 -8.71 19.71 -33.46
SE MSE E 532 -9.32 21.51 -33.04
CE MSE E 532 -11.10 21.43 -33.83
H MSE E 532 -7.52 17.47 -31.01
HA MSE E 532 -9.20 19.60 -30.85
HB2 MSE E 532 -9.18 17.80 -33.01
HB3 MSE E 532 -10.38 18.81 -32.75
HG2 MSE E 532 -7.75 19.67 -33.29
HG3 MSE E 532 -8.87 19.55 -34.41
HE1 MSE E 532 -11.54 22.28 -33.69
HE2 MSE E 532 -11.01 21.23 -34.77
HE3 MSE E 532 -11.60 20.72 -33.39
N PRO E 533 -10.71 18.33 -29.40
CA PRO E 533 -11.86 17.62 -28.81
C PRO E 533 -12.93 17.35 -29.86
N THR E 534 -13.74 16.33 -29.58
CA THR E 534 -14.82 15.99 -30.50
C THR E 534 -15.75 17.18 -30.72
N GLU E 535 -16.03 17.94 -29.67
CA GLU E 535 -16.98 19.04 -29.71
C GLU E 535 -16.24 20.34 -29.39
N THR E 536 -16.09 21.18 -30.40
CA THR E 536 -15.44 22.48 -30.27
C THR E 536 -16.23 23.49 -31.10
N PRO E 537 -16.04 24.77 -30.84
CA PRO E 537 -16.68 25.78 -31.70
C PRO E 537 -15.99 25.84 -33.06
N ASP E 538 -16.77 26.24 -34.07
CA ASP E 538 -16.23 26.34 -35.42
C ASP E 538 -15.00 27.23 -35.48
N THR E 539 -14.84 28.15 -34.52
CA THR E 539 -13.63 28.97 -34.46
C THR E 539 -12.39 28.09 -34.35
N ASP E 540 -12.40 27.12 -33.43
CA ASP E 540 -11.25 26.25 -33.25
C ASP E 540 -11.04 25.33 -34.45
N LYS E 541 -12.14 24.90 -35.09
CA LYS E 541 -12.01 24.07 -36.27
C LYS E 541 -11.44 24.85 -37.45
N GLU E 542 -11.75 26.15 -37.53
CA GLU E 542 -11.17 26.98 -38.58
C GLU E 542 -9.68 27.15 -38.39
N LYS E 543 -9.24 27.33 -37.14
CA LYS E 543 -7.82 27.45 -36.87
C LYS E 543 -7.09 26.15 -37.17
N ALA E 544 -7.70 25.02 -36.82
CA ALA E 544 -7.11 23.72 -37.15
C ALA E 544 -6.93 23.58 -38.65
N ALA E 545 -7.98 23.87 -39.41
CA ALA E 545 -7.87 23.82 -40.87
C ALA E 545 -6.80 24.78 -41.37
N ALA E 546 -6.70 25.96 -40.74
CA ALA E 546 -5.70 26.93 -41.17
C ALA E 546 -4.30 26.41 -40.95
N THR E 547 -4.07 25.72 -39.82
CA THR E 547 -2.75 25.14 -39.56
C THR E 547 -2.41 24.08 -40.59
N LEU E 548 -3.33 23.14 -40.81
CA LEU E 548 -3.09 22.09 -41.81
C LEU E 548 -2.99 22.68 -43.20
N GLN E 549 -3.83 23.67 -43.53
CA GLN E 549 -3.81 24.28 -44.85
C GLN E 549 -2.48 24.99 -45.09
N ALA E 550 -2.02 25.78 -44.11
CA ALA E 550 -0.75 26.46 -44.26
C ALA E 550 0.39 25.49 -44.52
N ALA E 551 0.32 24.30 -43.92
CA ALA E 551 1.34 23.29 -44.17
C ALA E 551 1.24 22.76 -45.60
N TRP E 552 0.02 22.46 -46.06
CA TRP E 552 -0.16 21.98 -47.42
C TRP E 552 0.39 22.96 -48.44
N GLU E 553 0.31 24.26 -48.17
CA GLU E 553 0.80 25.25 -49.12
C GLU E 553 2.32 25.28 -49.15
N GLU E 554 2.96 25.26 -47.98
CA GLU E 554 4.42 25.22 -47.94
C GLU E 554 4.94 23.96 -48.61
N LEU E 555 4.23 22.84 -48.48
CA LEU E 555 4.67 21.60 -49.11
C LEU E 555 4.41 21.63 -50.61
N THR E 556 3.28 22.20 -51.03
CA THR E 556 2.99 22.29 -52.46
C THR E 556 4.10 23.06 -53.19
N LYS E 557 4.60 24.14 -52.59
CA LYS E 557 5.71 24.87 -53.19
C LYS E 557 6.89 23.94 -53.44
N ASN E 558 7.23 23.08 -52.47
CA ASN E 558 8.34 22.16 -52.65
C ASN E 558 8.05 21.15 -53.76
N VAL E 559 6.84 20.58 -53.75
CA VAL E 559 6.49 19.58 -54.76
C VAL E 559 6.57 20.19 -56.15
N LEU E 560 5.96 21.35 -56.35
CA LEU E 560 5.91 21.95 -57.68
C LEU E 560 7.28 22.45 -58.11
N GLU E 561 8.12 22.89 -57.17
CA GLU E 561 9.46 23.30 -57.52
C GLU E 561 10.30 22.12 -57.99
N GLU E 562 10.08 20.94 -57.41
CA GLU E 562 10.75 19.73 -57.89
C GLU E 562 10.38 19.45 -59.33
N PHE E 563 9.10 19.64 -59.69
CA PHE E 563 8.65 19.33 -61.04
C PHE E 563 9.04 20.41 -62.04
N LYS E 564 9.05 21.69 -61.63
CA LYS E 564 9.45 22.74 -62.55
C LYS E 564 10.89 22.54 -63.02
N LEU E 565 11.79 22.22 -62.10
CA LEU E 565 13.16 21.91 -62.49
C LEU E 565 13.23 20.70 -63.40
N ASN E 566 12.19 19.89 -63.43
CA ASN E 566 12.10 18.76 -64.36
C ASN E 566 11.37 19.11 -65.65
N GLY E 567 11.00 20.38 -65.84
CA GLY E 567 10.37 20.83 -67.07
C GLY E 567 8.87 20.82 -67.07
N TYR E 568 8.23 20.43 -65.97
CA TYR E 568 6.78 20.32 -65.90
C TYR E 568 6.20 21.52 -65.16
N SER E 569 5.15 22.10 -65.72
CA SER E 569 4.45 23.22 -65.09
C SER E 569 3.39 22.71 -64.11
N ALA E 570 2.92 23.61 -63.26
CA ALA E 570 1.97 23.22 -62.23
C ALA E 570 0.71 22.61 -62.81
N ASP E 571 0.26 23.11 -63.97
CA ASP E 571 -0.96 22.59 -64.57
C ASP E 571 -0.82 21.13 -64.99
N GLN E 572 0.40 20.63 -65.14
CA GLN E 572 0.65 19.25 -65.48
C GLN E 572 0.74 18.34 -64.26
N VAL E 573 0.83 18.89 -63.06
CA VAL E 573 1.05 18.13 -61.84
C VAL E 573 -0.29 17.92 -61.15
N THR E 574 -0.55 16.68 -60.75
CA THR E 574 -1.74 16.33 -59.97
C THR E 574 -1.35 16.28 -58.50
N LEU E 575 -1.94 17.14 -57.68
CA LEU E 575 -1.61 17.24 -56.27
C LEU E 575 -2.61 16.45 -55.44
N GLN E 576 -2.10 15.63 -54.53
CA GLN E 576 -2.93 14.81 -53.65
C GLN E 576 -2.58 15.17 -52.20
N PRO E 577 -3.35 16.07 -51.58
CA PRO E 577 -3.06 16.41 -50.18
C PRO E 577 -3.33 15.24 -49.27
N GLY E 578 -2.59 15.18 -48.16
CA GLY E 578 -2.72 14.11 -47.21
C GLY E 578 -2.36 14.59 -45.81
N TYR E 579 -2.52 13.69 -44.85
CA TYR E 579 -2.25 14.01 -43.45
C TYR E 579 -2.30 12.74 -42.63
N ARG E 580 -1.59 12.76 -41.49
CA ARG E 580 -1.57 11.65 -40.55
C ARG E 580 -2.44 12.02 -39.35
N MSE E 581 -3.58 11.35 -39.21
CA MSE E 581 -4.52 11.64 -38.13
C MSE E 581 -4.73 10.40 -37.28
O MSE E 581 -4.52 9.27 -37.74
CB MSE E 581 -5.85 12.13 -38.69
CG MSE E 581 -6.57 13.12 -37.79
SE MSE E 581 -8.29 13.70 -38.51
CE MSE E 581 -9.38 12.37 -37.65
H MSE E 581 -3.84 10.72 -39.74
HA MSE E 581 -4.15 12.34 -37.58
HB2 MSE E 581 -5.70 12.56 -39.54
HB3 MSE E 581 -6.44 11.36 -38.81
HG2 MSE E 581 -6.73 12.71 -36.92
HG3 MSE E 581 -6.00 13.91 -37.68
HE1 MSE E 581 -10.32 12.51 -37.90
HE2 MSE E 581 -9.09 11.48 -37.93
HE3 MSE E 581 -9.29 12.46 -36.68
N GLN E 582 -5.14 10.59 -36.04
CA GLN E 582 -5.38 9.47 -35.14
C GLN E 582 -6.30 9.93 -34.01
N TYR E 583 -6.96 8.96 -33.39
CA TYR E 583 -7.71 9.23 -32.17
C TYR E 583 -6.74 9.52 -31.05
N ARG E 584 -7.01 10.57 -30.29
CA ARG E 584 -6.09 11.02 -29.25
C ARG E 584 -5.73 9.87 -28.32
N GLY E 585 -4.44 9.56 -28.24
CA GLY E 585 -3.92 8.49 -27.43
C GLY E 585 -3.64 7.21 -28.21
N GLN E 586 -4.32 6.99 -29.33
CA GLN E 586 -4.18 5.77 -30.11
C GLN E 586 -3.33 6.06 -31.34
N LEU E 587 -2.10 5.54 -31.34
CA LEU E 587 -1.29 5.58 -32.54
C LEU E 587 -1.85 4.60 -33.57
N ASN E 588 -1.60 4.90 -34.84
CA ASN E 588 -1.97 4.00 -35.91
C ASN E 588 -0.96 4.11 -37.05
N ASP E 589 -1.14 3.28 -38.07
CA ASP E 589 -0.26 3.25 -39.23
C ASP E 589 -0.97 3.70 -40.49
N LEU E 590 -1.91 4.63 -40.36
CA LEU E 590 -2.74 5.07 -41.47
C LEU E 590 -2.31 6.45 -41.95
N GLU E 591 -2.39 6.64 -43.27
CA GLU E 591 -2.26 7.96 -43.88
C GLU E 591 -3.52 8.22 -44.68
N ILE E 592 -4.08 9.42 -44.53
CA ILE E 592 -5.37 9.76 -45.09
C ILE E 592 -5.18 10.63 -46.31
N GLU E 593 -5.78 10.23 -47.44
CA GLU E 593 -5.85 11.09 -48.61
C GLU E 593 -6.98 12.09 -48.41
N SER E 594 -6.63 13.37 -48.38
CA SER E 594 -7.62 14.39 -48.10
C SER E 594 -8.68 14.40 -49.19
N PRO E 595 -9.97 14.39 -48.84
CA PRO E 595 -11.00 14.55 -49.87
C PRO E 595 -11.10 15.96 -50.42
N LEU E 596 -10.39 16.92 -49.84
CA LEU E 596 -10.45 18.31 -50.24
C LEU E 596 -9.07 18.78 -50.68
N ALA E 597 -9.03 19.61 -51.73
CA ALA E 597 -7.78 20.19 -52.18
C ALA E 597 -7.26 21.22 -51.19
N GLN E 598 -8.16 21.88 -50.46
CA GLN E 598 -7.78 22.84 -49.44
C GLN E 598 -8.87 22.83 -48.36
N ALA E 599 -8.57 23.48 -47.25
CA ALA E 599 -9.48 23.53 -46.11
C ALA E 599 -9.43 24.90 -45.47
N HIS E 600 -10.60 25.44 -45.15
CA HIS E 600 -10.68 26.77 -44.54
C HIS E 600 -11.78 26.83 -43.48
N THR E 601 -12.94 26.29 -43.80
CA THR E 601 -14.10 26.40 -42.92
C THR E 601 -14.09 25.31 -41.86
N ALA E 602 -14.98 25.46 -40.88
CA ALA E 602 -15.18 24.41 -39.90
C ALA E 602 -15.88 23.20 -40.49
N ALA E 603 -16.65 23.39 -41.56
CA ALA E 603 -17.27 22.25 -42.25
C ALA E 603 -16.23 21.47 -43.03
N ASP E 604 -15.22 22.14 -43.57
CA ASP E 604 -14.13 21.43 -44.24
C ASP E 604 -13.35 20.57 -43.25
N TRP E 605 -13.24 21.02 -41.99
CA TRP E 605 -12.56 20.22 -40.98
C TRP E 605 -13.34 18.95 -40.67
N ASP E 606 -14.64 19.08 -40.40
CA ASP E 606 -15.47 17.91 -40.18
C ASP E 606 -15.36 16.92 -41.34
N GLN E 607 -15.15 17.44 -42.56
CA GLN E 607 -14.97 16.55 -43.70
C GLN E 607 -13.65 15.81 -43.62
N LEU E 608 -12.63 16.39 -42.98
CA LEU E 608 -11.36 15.72 -42.82
C LEU E 608 -11.41 14.69 -41.70
N THR E 609 -12.15 14.98 -40.63
CA THR E 609 -12.31 14.00 -39.57
C THR E 609 -13.13 12.81 -40.06
N ASP E 610 -14.21 13.06 -40.78
CA ASP E 610 -15.01 11.97 -41.32
C ASP E 610 -14.20 11.15 -42.32
N ALA E 611 -13.35 11.81 -43.11
CA ALA E 611 -12.51 11.08 -44.05
C ALA E 611 -11.60 10.09 -43.34
N PHE E 612 -11.24 10.37 -42.09
CA PHE E 612 -10.43 9.45 -41.31
C PHE E 612 -11.25 8.31 -40.75
N ASN E 613 -12.44 8.62 -40.20
CA ASN E 613 -13.30 7.57 -39.67
C ASN E 613 -13.75 6.63 -40.78
N ALA E 614 -13.79 7.10 -42.02
CA ALA E 614 -14.17 6.23 -43.13
C ALA E 614 -13.04 5.29 -43.50
N THR E 615 -11.84 5.83 -43.72
CA THR E 615 -10.68 4.98 -44.02
C THR E 615 -10.40 4.01 -42.88
N TYR E 616 -10.47 4.50 -41.64
CA TYR E 616 -10.19 3.64 -40.50
C TYR E 616 -11.09 2.41 -40.50
N GLY E 617 -12.41 2.63 -40.52
CA GLY E 617 -13.33 1.51 -40.56
C GLY E 617 -13.21 0.69 -41.83
N ARG E 618 -12.75 1.31 -42.92
CA ARG E 618 -12.57 0.58 -44.17
C ARG E 618 -11.38 -0.37 -44.08
N VAL E 619 -10.36 -0.02 -43.29
CA VAL E 619 -9.24 -0.91 -43.07
C VAL E 619 -9.47 -1.81 -41.86
N TYR E 620 -10.22 -1.33 -40.87
CA TYR E 620 -10.48 -2.10 -39.66
C TYR E 620 -11.96 -2.10 -39.33
N ALA E 624 -13.60 -1.03 -34.81
CA ALA E 624 -13.09 -0.74 -33.47
C ALA E 624 -12.63 0.71 -33.35
N ARG E 625 -13.51 1.64 -33.72
CA ARG E 625 -13.19 3.05 -33.71
C ARG E 625 -13.49 3.66 -32.34
N SER E 626 -12.90 4.83 -32.10
CA SER E 626 -13.06 5.55 -30.85
C SER E 626 -13.10 7.05 -31.13
N PRO E 627 -14.14 7.51 -31.83
CA PRO E 627 -14.21 8.94 -32.18
C PRO E 627 -14.48 9.85 -30.99
N GLU E 628 -14.72 9.29 -29.80
CA GLU E 628 -15.05 10.13 -28.65
C GLU E 628 -13.83 10.90 -28.14
N LEU E 629 -12.68 10.23 -28.08
CA LEU E 629 -11.49 10.83 -27.49
C LEU E 629 -11.03 12.09 -28.23
N GLY E 630 -11.54 12.34 -29.43
CA GLY E 630 -11.08 13.45 -30.24
C GLY E 630 -10.11 13.00 -31.32
N TYR E 631 -9.42 13.98 -31.90
CA TYR E 631 -8.55 13.74 -33.03
C TYR E 631 -7.26 14.51 -32.88
N SER E 632 -6.19 13.95 -33.43
CA SER E 632 -4.89 14.59 -33.48
C SER E 632 -4.35 14.53 -34.89
N VAL E 633 -3.65 15.58 -35.31
CA VAL E 633 -2.95 15.62 -36.58
C VAL E 633 -1.47 15.81 -36.26
N THR E 634 -0.68 14.77 -36.49
CA THR E 634 0.74 14.81 -36.20
C THR E 634 1.60 15.11 -37.42
N GLY E 635 1.02 15.17 -38.61
CA GLY E 635 1.79 15.49 -39.79
C GLY E 635 0.95 15.75 -41.02
N ALA E 636 1.41 16.67 -41.87
CA ALA E 636 0.76 16.97 -43.14
C ALA E 636 1.60 16.39 -44.27
N ILE E 637 0.94 15.90 -45.31
CA ILE E 637 1.59 15.28 -46.45
C ILE E 637 1.12 15.95 -47.72
N MSE E 638 2.04 16.06 -48.68
CA MSE E 638 1.69 16.54 -50.01
C MSE E 638 2.38 15.69 -51.06
O MSE E 638 3.60 15.52 -51.04
CB MSE E 638 2.09 18.00 -50.18
CG MSE E 638 1.71 18.61 -51.53
SE MSE E 638 -0.21 18.55 -51.87
CE MSE E 638 -0.82 19.65 -50.38
H MSE E 638 2.86 15.86 -48.59
HA MSE E 638 0.74 16.48 -50.14
HB2 MSE E 638 1.66 18.53 -49.49
HB3 MSE E 638 3.06 18.08 -50.09
HG2 MSE E 638 1.99 19.54 -51.54
HG3 MSE E 638 2.16 18.11 -52.23
HE1 MSE E 638 -1.79 19.72 -50.42
HE2 MSE E 638 -0.55 19.24 -49.56
HE3 MSE E 638 -0.43 20.53 -50.46
N ARG E 639 1.60 15.12 -51.97
CA ARG E 639 2.10 14.30 -53.06
C ARG E 639 1.72 14.93 -54.38
N GLY E 640 2.64 14.88 -55.35
CA GLY E 640 2.40 15.42 -56.67
C GLY E 640 2.82 14.45 -57.75
N MSE E 641 1.90 14.11 -58.64
CA MSE E 641 2.14 13.08 -59.65
C MSE E 641 2.03 13.62 -61.07
O MSE E 641 1.22 14.50 -61.36
CB MSE E 641 1.14 11.94 -59.45
CG MSE E 641 1.12 10.92 -60.59
SE MSE E 641 -0.20 11.36 -61.96
CE MSE E 641 -1.75 10.45 -61.19
H MSE E 641 1.12 14.47 -58.70
HA MSE E 641 3.02 12.73 -59.52
HB2 MSE E 641 1.37 11.45 -58.64
HB3 MSE E 641 0.25 12.30 -59.37
HG2 MSE E 641 1.99 10.89 -61.00
HG3 MSE E 641 0.90 10.05 -60.23
HE1 MSE E 641 -2.51 10.59 -61.77
HE2 MSE E 641 -1.55 9.51 -61.10
HE3 MSE E 641 -1.94 10.84 -60.31
N VAL E 642 2.87 13.09 -61.96
CA VAL E 642 2.82 13.41 -63.39
C VAL E 642 2.64 12.11 -64.16
N PRO E 643 1.79 12.05 -65.18
CA PRO E 643 1.64 10.80 -65.93
C PRO E 643 2.92 10.41 -66.66
N ILE E 644 3.20 9.11 -66.67
CA ILE E 644 4.34 8.56 -67.41
C ILE E 644 3.97 7.19 -67.94
N PRO E 645 4.72 6.70 -68.92
CA PRO E 645 4.43 5.36 -69.48
C PRO E 645 4.69 4.27 -68.45
N LYS E 646 3.67 3.46 -68.19
CA LYS E 646 3.78 2.36 -67.26
C LYS E 646 3.76 1.02 -67.98
N PRO E 647 4.37 -0.01 -67.42
CA PRO E 647 4.43 -1.30 -68.12
C PRO E 647 3.04 -1.86 -68.36
N LYS E 648 2.78 -2.24 -69.61
CA LYS E 648 1.48 -2.77 -69.98
C LYS E 648 1.35 -4.21 -69.54
N ILE E 649 0.21 -4.55 -68.97
CA ILE E 649 -0.03 -5.91 -68.48
C ILE E 649 -0.43 -6.79 -69.66
N PRO E 650 0.14 -7.98 -69.81
CA PRO E 650 -0.31 -8.88 -70.87
C PRO E 650 -1.79 -9.22 -70.72
N LYS E 651 -2.45 -9.41 -71.85
CA LYS E 651 -3.89 -9.65 -71.88
C LYS E 651 -4.18 -10.59 -73.05
N GLU E 652 -3.62 -11.81 -72.99
CA GLU E 652 -3.72 -12.79 -74.07
C GLU E 652 -5.00 -13.61 -73.93
N PRO E 653 -5.51 -14.15 -75.03
CA PRO E 653 -6.69 -15.02 -74.96
C PRO E 653 -6.28 -16.43 -74.56
N GLU E 654 -7.02 -17.03 -73.63
CA GLU E 654 -6.64 -18.33 -73.11
C GLU E 654 -7.10 -19.44 -74.05
N GLU E 655 -6.33 -20.52 -74.05
CA GLU E 655 -6.48 -21.58 -75.04
C GLU E 655 -6.89 -22.88 -74.37
N GLY E 656 -6.47 -24.02 -74.91
CA GLY E 656 -6.74 -25.29 -74.27
C GLY E 656 -6.05 -25.40 -72.93
N GLU E 657 -6.58 -26.28 -72.10
CA GLU E 657 -6.00 -26.47 -70.77
C GLU E 657 -4.91 -27.54 -70.75
N THR E 658 -4.58 -28.13 -71.90
CA THR E 658 -3.46 -29.06 -71.99
C THR E 658 -2.27 -28.33 -72.57
N PRO E 659 -1.12 -28.27 -71.89
CA PRO E 659 0.00 -27.51 -72.44
C PRO E 659 0.52 -28.17 -73.71
N PRO E 660 1.13 -27.39 -74.60
CA PRO E 660 1.69 -27.99 -75.82
C PRO E 660 2.81 -28.96 -75.48
N GLU E 661 2.83 -30.08 -76.20
CA GLU E 661 3.86 -31.10 -75.98
C GLU E 661 5.26 -30.52 -76.13
N SER E 662 5.42 -29.49 -76.95
CA SER E 662 6.72 -28.83 -77.07
C SER E 662 7.14 -28.15 -75.78
N ALA E 663 6.19 -27.87 -74.88
CA ALA E 663 6.51 -27.29 -73.59
C ALA E 663 7.11 -28.31 -72.63
N LYS E 664 6.92 -29.60 -72.89
CA LYS E 664 7.53 -30.63 -72.06
C LYS E 664 9.02 -30.72 -72.34
N ILE E 665 9.82 -30.69 -71.28
CA ILE E 665 11.28 -30.70 -71.43
C ILE E 665 11.89 -31.71 -70.48
N GLY E 666 11.41 -32.94 -70.51
CA GLY E 666 11.99 -34.00 -69.72
C GLY E 666 11.36 -34.12 -68.34
N THR E 667 11.96 -34.98 -67.54
CA THR E 667 11.51 -35.21 -66.18
C THR E 667 12.71 -35.17 -65.23
N ARG E 668 12.44 -34.77 -63.99
CA ARG E 668 13.45 -34.80 -62.94
C ARG E 668 12.81 -35.36 -61.68
N LYS E 669 13.61 -36.06 -60.89
CA LYS E 669 13.16 -36.62 -59.63
C LYS E 669 13.46 -35.64 -58.50
N PHE E 670 12.43 -35.30 -57.73
CA PHE E 670 12.63 -34.50 -56.53
C PHE E 670 12.04 -35.23 -55.32
N TYR E 671 12.60 -34.92 -54.15
CA TYR E 671 12.31 -35.63 -52.92
C TYR E 671 11.44 -34.76 -52.02
N ARG E 672 10.31 -35.31 -51.59
CA ARG E 672 9.40 -34.59 -50.71
C ARG E 672 8.47 -35.60 -50.04
N LYS E 673 8.12 -35.31 -48.78
CA LYS E 673 7.25 -36.19 -48.00
C LYS E 673 7.85 -37.59 -47.89
N LYS E 674 9.16 -37.68 -47.69
CA LYS E 674 9.88 -38.94 -47.58
C LYS E 674 9.85 -39.76 -48.86
N ARG E 675 9.38 -39.19 -49.97
CA ARG E 675 9.19 -39.92 -51.21
C ARG E 675 9.94 -39.26 -52.35
N TRP E 676 10.60 -40.07 -53.16
CA TRP E 676 11.11 -39.62 -54.44
C TRP E 676 10.00 -39.69 -55.48
N VAL E 677 9.84 -38.63 -56.26
CA VAL E 677 8.75 -38.52 -57.21
C VAL E 677 9.30 -38.04 -58.54
N ASP E 678 8.83 -38.65 -59.63
CA ASP E 678 9.18 -38.22 -60.97
C ASP E 678 8.32 -37.01 -61.34
N ALA E 679 8.97 -35.88 -61.61
CA ALA E 679 8.29 -34.63 -61.90
C ALA E 679 8.38 -34.31 -63.39
N GLN E 680 7.26 -33.87 -63.96
CA GLN E 680 7.23 -33.44 -65.35
C GLN E 680 7.75 -32.01 -65.44
N LEU E 681 8.83 -31.81 -66.21
CA LEU E 681 9.41 -30.50 -66.40
C LEU E 681 8.69 -29.78 -67.53
N TYR E 682 8.51 -28.48 -67.36
CA TYR E 682 7.88 -27.63 -68.36
C TYR E 682 8.73 -26.39 -68.58
N HIS E 683 8.66 -25.84 -69.79
CA HIS E 683 9.32 -24.57 -70.12
C HIS E 683 8.30 -23.47 -69.93
N MSE E 684 8.51 -22.64 -68.91
CA MSE E 684 7.51 -21.67 -68.47
C MSE E 684 6.94 -20.84 -69.62
O MSE E 684 5.74 -20.80 -69.83
CB MSE E 684 8.11 -20.74 -67.42
CG MSE E 684 7.13 -19.70 -66.89
SE MSE E 684 7.78 -18.77 -65.32
CE MSE E 684 7.74 -20.24 -64.03
H MSE E 684 9.23 -22.63 -68.43
HA MSE E 684 6.77 -22.15 -68.06
HB2 MSE E 684 8.40 -21.28 -66.66
HB3 MSE E 684 8.86 -20.27 -67.79
HG2 MSE E 684 6.97 -19.04 -67.58
HG3 MSE E 684 6.30 -20.15 -66.65
HE1 MSE E 684 8.05 -19.92 -63.17
HE2 MSE E 684 6.83 -20.56 -63.96
HE3 MSE E 684 8.32 -20.95 -64.36
N GLU E 685 7.83 -20.17 -70.35
CA GLU E 685 7.37 -19.26 -71.41
C GLU E 685 6.74 -19.98 -72.58
N SER E 686 6.89 -21.31 -72.68
CA SER E 686 6.18 -22.07 -73.70
C SER E 686 4.74 -22.36 -73.32
N LEU E 687 4.41 -22.29 -72.03
CA LEU E 687 3.04 -22.55 -71.61
C LEU E 687 2.12 -21.44 -72.08
N ARG E 688 0.88 -21.80 -72.35
CA ARG E 688 -0.09 -20.87 -72.90
C ARG E 688 -1.15 -20.52 -71.87
N PRO E 689 -1.73 -19.33 -71.95
CA PRO E 689 -2.84 -19.00 -71.05
C PRO E 689 -3.96 -20.01 -71.20
N GLY E 690 -4.52 -20.42 -70.05
CA GLY E 690 -5.49 -21.48 -69.99
C GLY E 690 -4.90 -22.82 -69.61
N ASN E 691 -3.62 -23.04 -69.89
CA ASN E 691 -3.02 -24.33 -69.61
C ASN E 691 -3.06 -24.65 -68.13
N ARG E 692 -3.32 -25.91 -67.82
CA ARG E 692 -3.23 -26.45 -66.47
C ARG E 692 -2.01 -27.33 -66.35
N VAL E 693 -1.47 -27.42 -65.14
CA VAL E 693 -0.31 -28.27 -64.86
C VAL E 693 -0.59 -28.98 -63.54
N MSE E 694 -0.73 -30.29 -63.59
CA MSE E 694 -0.90 -31.10 -62.39
C MSE E 694 0.44 -31.42 -61.76
O MSE E 694 1.43 -31.65 -62.45
CB MSE E 694 -1.63 -32.40 -62.72
CG MSE E 694 -3.14 -32.35 -62.54
SE MSE E 694 -3.70 -32.10 -60.68
CE MSE E 694 -2.58 -33.43 -59.81
H MSE E 694 -0.73 -30.75 -64.31
HA MSE E 694 -1.44 -30.61 -61.74
HB2 MSE E 694 -1.46 -32.64 -63.64
HB3 MSE E 694 -1.29 -33.11 -62.13
HG2 MSE E 694 -3.50 -31.61 -63.06
HG3 MSE E 694 -3.53 -33.19 -62.85
HE1 MSE E 694 -2.76 -33.41 -58.85
HE2 MSE E 694 -2.79 -34.31 -60.17
HE3 MSE E 694 -1.65 -33.22 -59.97
N GLY E 695 0.49 -31.44 -60.43
CA GLY E 695 1.67 -31.88 -59.72
C GLY E 695 1.74 -33.39 -59.73
N PRO E 696 2.96 -33.96 -59.70
CA PRO E 696 4.26 -33.32 -59.53
C PRO E 696 4.84 -32.75 -60.82
N ALA E 697 5.31 -31.52 -60.77
CA ALA E 697 5.85 -30.86 -61.95
C ALA E 697 6.76 -29.72 -61.50
N VAL E 698 7.62 -29.28 -62.41
CA VAL E 698 8.55 -28.18 -62.17
C VAL E 698 8.57 -27.32 -63.42
N ILE E 699 7.99 -26.14 -63.34
CA ILE E 699 7.90 -25.23 -64.47
C ILE E 699 9.13 -24.32 -64.42
N GLU E 700 10.03 -24.49 -65.39
CA GLU E 700 11.34 -23.87 -65.36
C GLU E 700 11.41 -22.66 -66.28
N SER E 701 12.08 -21.61 -65.81
CA SER E 701 12.51 -20.49 -66.63
C SER E 701 14.02 -20.38 -66.54
N ASP E 702 14.59 -19.40 -67.25
CA ASP E 702 16.04 -19.26 -67.24
C ASP E 702 16.55 -18.73 -65.90
N ALA E 703 15.70 -18.01 -65.16
CA ALA E 703 16.09 -17.45 -63.88
C ALA E 703 15.06 -17.74 -62.79
N THR E 704 14.24 -18.78 -62.97
CA THR E 704 13.21 -19.09 -61.99
C THR E 704 12.82 -20.55 -62.11
N THR E 705 12.32 -21.09 -61.00
CA THR E 705 11.83 -22.48 -60.96
C THR E 705 10.56 -22.50 -60.12
N PHE E 706 9.44 -22.83 -60.76
CA PHE E 706 8.15 -22.92 -60.09
C PHE E 706 7.84 -24.39 -59.82
N VAL E 707 7.91 -24.77 -58.55
CA VAL E 707 7.70 -26.16 -58.15
C VAL E 707 6.22 -26.39 -57.90
N VAL E 708 5.73 -27.54 -58.33
CA VAL E 708 4.32 -27.90 -58.15
C VAL E 708 4.25 -29.37 -57.73
N PRO E 709 4.43 -29.68 -56.45
CA PRO E 709 4.40 -31.08 -56.02
C PRO E 709 3.02 -31.71 -56.20
N ASP E 710 3.00 -33.04 -56.16
CA ASP E 710 1.73 -33.75 -56.21
C ASP E 710 0.86 -33.33 -55.03
N GLY E 711 -0.44 -33.24 -55.28
CA GLY E 711 -1.33 -32.59 -54.36
C GLY E 711 -1.51 -31.11 -54.63
N PHE E 712 -0.87 -30.59 -55.67
CA PHE E 712 -1.01 -29.21 -56.08
C PHE E 712 -1.32 -29.15 -57.58
N GLU E 713 -1.86 -28.01 -58.00
CA GLU E 713 -2.16 -27.77 -59.41
C GLU E 713 -2.04 -26.29 -59.66
N THR E 714 -1.66 -25.94 -60.89
CA THR E 714 -1.54 -24.55 -61.27
C THR E 714 -2.09 -24.34 -62.67
N TRP E 715 -2.76 -23.21 -62.87
CA TRP E 715 -3.26 -22.82 -64.18
C TRP E 715 -2.80 -21.41 -64.50
N LEU E 716 -2.56 -21.17 -65.78
CA LEU E 716 -2.03 -19.91 -66.27
C LEU E 716 -3.15 -19.13 -66.95
N ASP E 717 -3.23 -17.82 -66.66
CA ASP E 717 -4.30 -16.99 -67.18
C ASP E 717 -3.76 -16.05 -68.25
N GLY E 718 -4.68 -15.29 -68.86
CA GLY E 718 -4.33 -14.39 -69.95
C GLY E 718 -3.30 -13.35 -69.59
N HIS E 719 -3.17 -13.02 -68.30
CA HIS E 719 -2.15 -12.10 -67.84
C HIS E 719 -0.82 -12.79 -67.56
N ARG E 720 -0.68 -14.06 -67.93
CA ARG E 720 0.52 -14.85 -67.65
C ARG E 720 0.83 -14.88 -66.16
N LEU E 721 -0.20 -15.00 -65.34
CA LEU E 721 -0.08 -15.21 -63.91
C LEU E 721 -0.44 -16.64 -63.58
N PHE E 722 0.44 -17.33 -62.87
CA PHE E 722 0.15 -18.68 -62.41
C PHE E 722 -0.65 -18.62 -61.11
N HIS E 723 -1.67 -19.47 -61.02
CA HIS E 723 -2.51 -19.58 -59.83
C HIS E 723 -2.29 -20.95 -59.22
N LEU E 724 -1.79 -20.99 -57.99
CA LEU E 724 -1.45 -22.24 -57.32
C LEU E 724 -2.61 -22.66 -56.43
N ARG E 725 -3.13 -23.86 -56.67
CA ARG E 725 -4.24 -24.40 -55.90
C ARG E 725 -3.83 -25.74 -55.29
N GLU E 726 -4.56 -26.15 -54.25
CA GLU E 726 -4.26 -27.36 -53.50
C GLU E 726 -5.14 -28.54 -53.91
N VAL E 727 -5.76 -28.48 -55.09
CA VAL E 727 -6.67 -29.51 -55.58
C VAL E 727 -7.58 -30.04 -54.48
N ALA F 2 39.25 -22.03 -38.11
CA ALA F 2 40.33 -21.36 -37.41
C ALA F 2 40.65 -20.03 -38.05
N TYR F 3 41.42 -19.19 -37.35
CA TYR F 3 41.84 -17.90 -37.85
C TYR F 3 43.33 -17.92 -38.14
N THR F 4 43.73 -17.19 -39.18
CA THR F 4 45.15 -17.09 -39.52
C THR F 4 45.92 -16.56 -38.32
N ARG F 5 47.18 -17.00 -38.21
CA ARG F 5 48.04 -16.52 -37.12
C ARG F 5 48.17 -15.00 -37.18
N SER F 6 48.41 -14.47 -38.37
CA SER F 6 48.57 -13.01 -38.50
C SER F 6 47.32 -12.28 -38.02
N LYS F 7 46.14 -12.85 -38.27
CA LYS F 7 44.91 -12.22 -37.79
C LYS F 7 44.85 -12.22 -36.27
N ILE F 8 45.32 -13.30 -35.63
CA ILE F 8 45.33 -13.34 -34.18
C ILE F 8 46.39 -12.40 -33.62
N VAL F 9 47.50 -12.21 -34.34
CA VAL F 9 48.49 -11.23 -33.91
C VAL F 9 47.85 -9.85 -33.83
N ASP F 10 47.10 -9.47 -34.85
CA ASP F 10 46.45 -8.16 -34.85
C ASP F 10 45.43 -8.03 -33.73
N LEU F 11 44.77 -9.13 -33.36
CA LEU F 11 43.91 -9.11 -32.18
C LEU F 11 44.73 -8.77 -30.93
N VAL F 12 45.90 -9.39 -30.79
CA VAL F 12 46.74 -9.15 -29.61
C VAL F 12 47.19 -7.70 -29.55
N ASP F 13 47.37 -7.06 -30.70
CA ASP F 13 47.86 -5.70 -30.75
C ASP F 13 46.75 -4.66 -30.83
N GLY F 14 45.49 -5.08 -30.85
CA GLY F 14 44.40 -4.14 -31.00
C GLY F 14 44.32 -3.49 -32.37
N LYS F 15 45.03 -4.02 -33.36
CA LYS F 15 44.97 -3.54 -34.73
C LYS F 15 43.98 -4.33 -35.57
N ILE F 16 43.30 -5.32 -34.98
CA ILE F 16 42.35 -6.13 -35.72
C ILE F 16 41.31 -5.23 -36.38
N ASP F 17 40.85 -5.64 -37.56
CA ASP F 17 39.85 -4.88 -38.28
C ASP F 17 38.46 -5.21 -37.75
N PRO F 18 37.48 -4.33 -38.00
CA PRO F 18 36.15 -4.55 -37.42
C PRO F 18 35.45 -5.79 -37.97
N ASP F 19 35.59 -6.07 -39.28
CA ASP F 19 34.87 -7.18 -39.88
C ASP F 19 35.27 -8.50 -39.24
N THR F 20 36.57 -8.74 -39.09
CA THR F 20 37.02 -9.98 -38.47
C THR F 20 36.70 -10.00 -36.98
N LEU F 21 36.84 -8.84 -36.32
CA LEU F 21 36.52 -8.77 -34.90
C LEU F 21 35.05 -9.12 -34.66
N HIS F 22 34.17 -8.70 -35.58
CA HIS F 22 32.76 -9.08 -35.47
C HIS F 22 32.58 -10.58 -35.72
N GLN F 23 33.34 -11.12 -36.66
CA GLN F 23 33.26 -12.56 -36.93
C GLN F 23 33.62 -13.37 -35.69
N MSE F 24 34.74 -13.04 -35.06
CA MSE F 24 35.20 -13.75 -33.87
C MSE F 24 34.15 -13.73 -32.77
O MSE F 24 33.94 -14.72 -32.08
CB MSE F 24 36.50 -13.13 -33.37
CG MSE F 24 37.68 -13.32 -34.30
SE MSE F 24 39.24 -12.26 -33.78
CE MSE F 24 40.54 -13.01 -35.01
H MSE F 24 35.27 -12.41 -35.31
HA MSE F 24 35.39 -14.67 -34.10
HB2 MSE F 24 36.36 -12.17 -33.24
HB3 MSE F 24 36.73 -13.53 -32.52
HG2 MSE F 24 37.94 -14.25 -34.31
HG3 MSE F 24 37.42 -13.04 -35.19
HE1 MSE F 24 41.39 -12.58 -34.87
HE2 MSE F 24 40.61 -13.96 -34.85
HE3 MSE F 24 40.24 -12.86 -35.92
N LEU F 25 33.48 -12.58 -32.61
CA LEU F 25 32.47 -12.45 -31.57
C LEU F 25 31.21 -13.24 -31.90
N SER F 26 30.82 -13.26 -33.18
CA SER F 26 29.53 -13.78 -33.59
C SER F 26 29.57 -15.22 -34.09
N THR F 27 30.75 -15.75 -34.40
CA THR F 27 30.85 -17.10 -34.94
C THR F 27 31.52 -18.04 -33.93
N PRO F 28 31.30 -19.36 -34.07
CA PRO F 28 31.90 -20.32 -33.14
C PRO F 28 33.37 -20.05 -32.81
N LYS F 29 33.72 -20.21 -31.54
CA LYS F 29 35.10 -20.00 -31.11
C LYS F 29 36.00 -21.11 -31.66
N ASP F 30 37.17 -20.70 -32.14
CA ASP F 30 38.14 -21.67 -32.65
C ASP F 30 38.86 -22.34 -31.47
N PRO F 31 38.79 -23.66 -31.32
CA PRO F 31 39.46 -24.30 -30.18
C PRO F 31 40.97 -24.11 -30.18
N GLU F 32 41.57 -23.92 -31.35
CA GLU F 32 43.01 -23.76 -31.45
C GLU F 32 43.48 -22.37 -31.03
N ARG F 33 42.57 -21.53 -30.52
CA ARG F 33 42.94 -20.16 -30.18
C ARG F 33 44.06 -20.12 -29.14
N PHE F 34 43.93 -20.92 -28.09
CA PHE F 34 44.86 -20.83 -26.97
C PHE F 34 46.29 -21.13 -27.41
N VAL F 35 46.48 -22.24 -28.12
CA VAL F 35 47.83 -22.62 -28.54
C VAL F 35 48.45 -21.53 -29.40
N THR F 36 47.70 -21.03 -30.37
CA THR F 36 48.18 -19.94 -31.20
C THR F 36 48.44 -18.69 -30.38
N TYR F 37 47.55 -18.42 -29.42
CA TYR F 37 47.67 -17.22 -28.58
C TYR F 37 48.97 -17.25 -27.79
N VAL F 38 49.23 -18.34 -27.08
CA VAL F 38 50.44 -18.43 -26.27
C VAL F 38 51.68 -18.43 -27.15
N GLU F 39 51.60 -19.00 -28.35
CA GLU F 39 52.76 -19.05 -29.22
C GLU F 39 53.16 -17.67 -29.68
N ILE F 40 52.18 -16.80 -29.98
CA ILE F 40 52.50 -15.43 -30.35
C ILE F 40 53.18 -14.72 -29.20
N LEU F 41 52.60 -14.79 -28.00
CA LEU F 41 53.18 -14.14 -26.84
C LEU F 41 54.58 -14.65 -26.57
N GLN F 42 54.78 -15.97 -26.67
CA GLN F 42 56.09 -16.56 -26.42
C GLN F 42 57.15 -15.94 -27.34
N GLU F 43 56.78 -15.64 -28.58
CA GLU F 43 57.74 -15.14 -29.57
C GLU F 43 58.18 -13.70 -29.30
N ARG F 44 57.55 -13.00 -28.35
CA ARG F 44 57.88 -11.61 -28.08
C ARG F 44 58.38 -11.39 -26.64
N MSE F 45 58.67 -12.46 -25.91
CA MSE F 45 59.24 -12.33 -24.59
C MSE F 45 60.76 -12.23 -24.68
O MSE F 45 61.37 -12.94 -25.48
CB MSE F 45 58.84 -13.51 -23.69
CG MSE F 45 57.35 -13.72 -23.53
SE MSE F 45 56.45 -12.30 -22.54
CE MSE F 45 56.01 -11.10 -24.01
H MSE F 45 58.55 -13.28 -26.16
HA MSE F 45 58.90 -11.52 -24.17
HB2 MSE F 45 59.21 -14.32 -24.09
HB3 MSE F 45 59.22 -13.37 -22.82
HG2 MSE F 45 56.94 -13.77 -24.41
HG3 MSE F 45 57.20 -14.55 -23.06
HE1 MSE F 45 55.54 -10.33 -23.66
HE2 MSE F 45 56.83 -10.82 -24.45
HE3 MSE F 45 55.44 -11.57 -24.64
N PRO F 46 61.39 -11.39 -23.86
CA PRO F 46 62.86 -11.35 -23.83
C PRO F 46 63.48 -12.56 -23.15
N TRP F 47 62.68 -13.52 -22.71
CA TRP F 47 63.16 -14.76 -22.12
C TRP F 47 62.47 -15.93 -22.83
N ASP F 48 63.04 -17.12 -22.64
CA ASP F 48 62.57 -18.31 -23.33
C ASP F 48 61.92 -19.32 -22.39
N ASP F 49 61.43 -18.86 -21.24
CA ASP F 49 60.72 -19.74 -20.33
C ASP F 49 59.30 -19.94 -20.81
N LYS F 50 58.86 -21.19 -20.88
CA LYS F 50 57.59 -21.53 -21.49
C LYS F 50 56.42 -20.91 -20.74
N ILE F 51 55.62 -20.10 -21.44
CA ILE F 51 54.39 -19.57 -20.86
C ILE F 51 53.36 -20.69 -20.79
N ILE F 52 52.64 -20.76 -19.68
CA ILE F 52 51.55 -21.73 -19.53
C ILE F 52 50.20 -21.09 -19.31
N LEU F 53 50.14 -19.83 -18.89
CA LEU F 53 48.87 -19.13 -18.83
C LEU F 53 49.11 -17.63 -18.70
N PRO F 54 48.57 -16.80 -19.59
CA PRO F 54 48.66 -15.34 -19.40
C PRO F 54 47.66 -14.85 -18.37
N LEU F 55 48.13 -13.96 -17.49
CA LEU F 55 47.28 -13.33 -16.48
C LEU F 55 46.99 -11.87 -16.79
N GLY F 56 47.75 -11.26 -17.70
CA GLY F 56 47.54 -9.87 -18.06
C GLY F 56 48.39 -9.52 -19.27
N PRO F 57 48.25 -8.29 -19.76
CA PRO F 57 49.04 -7.89 -20.93
C PRO F 57 50.53 -8.13 -20.77
N LYS F 58 51.06 -8.06 -19.55
CA LYS F 58 52.48 -8.27 -19.29
C LYS F 58 52.69 -9.08 -18.03
N LEU F 59 51.80 -10.04 -17.77
CA LEU F 59 51.88 -10.87 -16.58
C LEU F 59 51.49 -12.29 -16.95
N PHE F 60 52.33 -13.26 -16.59
CA PHE F 60 52.14 -14.64 -17.01
C PHE F 60 52.55 -15.59 -15.90
N ILE F 61 52.01 -16.81 -15.96
CA ILE F 61 52.51 -17.94 -15.20
C ILE F 61 53.44 -18.71 -16.12
N VAL F 62 54.71 -18.84 -15.73
CA VAL F 62 55.74 -19.37 -16.61
C VAL F 62 56.32 -20.64 -16.01
N GLN F 63 56.95 -21.43 -16.88
CA GLN F 63 57.70 -22.61 -16.47
C GLN F 63 59.18 -22.27 -16.55
N GLN F 64 59.82 -22.12 -15.39
CA GLN F 64 61.25 -21.82 -15.37
C GLN F 64 62.01 -22.93 -16.07
N LYS F 65 62.88 -22.55 -17.01
CA LYS F 65 63.52 -23.53 -17.89
C LYS F 65 64.28 -24.58 -17.09
N VAL F 66 65.07 -24.15 -16.11
CA VAL F 66 65.93 -25.05 -15.37
C VAL F 66 65.12 -25.77 -14.29
N SER F 67 64.68 -25.02 -13.27
CA SER F 67 64.08 -25.63 -12.10
C SER F 67 62.73 -26.28 -12.41
N LYS F 68 62.06 -25.87 -13.48
CA LYS F 68 60.73 -26.35 -13.84
C LYS F 68 59.66 -25.90 -12.85
N LYS F 69 59.99 -24.96 -11.96
CA LYS F 69 59.01 -24.42 -11.04
C LYS F 69 58.13 -23.40 -11.75
N TRP F 70 56.84 -23.41 -11.43
CA TRP F 70 55.90 -22.45 -12.00
C TRP F 70 55.89 -21.18 -11.16
N THR F 71 56.01 -20.04 -11.81
CA THR F 71 56.04 -18.76 -11.12
C THR F 71 55.28 -17.72 -11.92
N VAL F 72 54.84 -16.68 -11.22
CA VAL F 72 54.29 -15.50 -11.88
C VAL F 72 55.45 -14.60 -12.28
N ARG F 73 55.42 -14.10 -13.52
CA ARG F 73 56.53 -13.33 -14.05
C ARG F 73 56.02 -12.16 -14.88
N CYS F 74 56.72 -11.04 -14.77
CA CYS F 74 56.45 -9.86 -15.58
C CYS F 74 57.18 -9.96 -16.92
N GLU F 75 56.67 -9.25 -17.91
CA GLU F 75 57.26 -9.30 -19.25
C GLU F 75 58.74 -8.94 -19.21
N CYS F 76 59.14 -8.02 -18.34
CA CYS F 76 60.55 -7.65 -18.24
C CYS F 76 61.39 -8.79 -17.66
N GLY F 77 60.78 -9.78 -17.03
CA GLY F 77 61.48 -10.95 -16.53
C GLY F 77 61.46 -11.12 -15.03
N HIS F 78 60.82 -10.24 -14.27
CA HIS F 78 60.83 -10.34 -12.82
C HIS F 78 59.87 -11.42 -12.36
N ASP F 79 60.36 -12.33 -11.52
CA ASP F 79 59.52 -13.36 -10.92
C ASP F 79 58.96 -12.85 -9.60
N PHE F 80 57.65 -13.03 -9.40
CA PHE F 80 56.99 -12.58 -8.20
C PHE F 80 56.95 -13.67 -7.13
N CYS F 81 56.45 -14.85 -7.48
CA CYS F 81 56.21 -15.89 -6.48
C CYS F 81 55.74 -17.18 -7.11
N ASP F 82 55.43 -18.18 -6.29
CA ASP F 82 54.87 -19.43 -6.80
C ASP F 82 53.50 -19.17 -7.42
N TRP F 83 53.15 -19.98 -8.43
CA TRP F 83 51.91 -19.78 -9.15
C TRP F 83 50.69 -19.92 -8.25
N LYS F 84 50.81 -20.62 -7.13
CA LYS F 84 49.70 -20.73 -6.18
C LYS F 84 49.52 -19.48 -5.34
N ASP F 85 50.56 -18.68 -5.17
CA ASP F 85 50.48 -17.50 -4.33
C ASP F 85 50.00 -16.29 -5.12
N ASN F 86 49.64 -15.23 -4.39
CA ASN F 86 49.16 -14.00 -4.99
C ASN F 86 50.35 -13.12 -5.30
N TRP F 87 50.54 -12.81 -6.59
CA TRP F 87 51.70 -12.05 -7.01
C TRP F 87 51.73 -10.66 -6.38
N LYS F 88 50.56 -10.11 -6.05
CA LYS F 88 50.52 -8.75 -5.52
C LYS F 88 51.23 -8.65 -4.18
N LEU F 89 51.23 -9.72 -3.39
CA LEU F 89 51.89 -9.69 -2.10
C LEU F 89 53.40 -9.53 -2.20
N SER F 90 53.96 -9.73 -3.38
CA SER F 90 55.39 -9.57 -3.62
C SER F 90 55.70 -8.40 -4.56
N ALA F 91 54.73 -7.50 -4.74
CA ALA F 91 54.87 -6.37 -5.64
C ALA F 91 55.00 -5.08 -4.84
N ARG F 92 55.02 -3.95 -5.54
CA ARG F 92 55.03 -2.63 -4.92
C ARG F 92 53.68 -1.96 -5.17
N VAL F 93 53.24 -1.17 -4.19
CA VAL F 93 51.93 -0.56 -4.25
C VAL F 93 52.04 0.94 -4.02
N HIS F 94 51.12 1.69 -4.62
CA HIS F 94 50.93 3.10 -4.33
C HIS F 94 49.44 3.32 -4.10
N VAL F 95 49.08 3.79 -2.91
CA VAL F 95 47.69 3.95 -2.51
C VAL F 95 47.34 5.43 -2.55
N ARG F 96 46.28 5.75 -3.30
CA ARG F 96 45.77 7.12 -3.37
C ARG F 96 44.68 7.26 -2.32
N ASP F 97 45.08 7.67 -1.12
CA ASP F 97 44.16 7.78 0.01
C ASP F 97 43.94 9.22 0.44
N THR F 98 44.15 10.17 -0.45
CA THR F 98 43.93 11.58 -0.14
C THR F 98 43.32 12.26 -1.36
N PRO F 99 42.61 13.38 -1.16
CA PRO F 99 42.09 14.10 -2.33
C PRO F 99 43.18 14.56 -3.28
N GLN F 100 44.35 14.92 -2.75
CA GLN F 100 45.47 15.31 -3.62
C GLN F 100 45.83 14.19 -4.58
N LYS F 101 46.01 12.97 -4.06
CA LYS F 101 46.35 11.85 -4.91
C LYS F 101 45.25 11.58 -5.92
N MSE F 102 44.00 11.58 -5.47
CA MSE F 102 42.86 11.30 -6.33
C MSE F 102 42.80 12.29 -7.49
O MSE F 102 42.63 11.89 -8.64
CB MSE F 102 41.56 11.36 -5.53
CG MSE F 102 41.35 10.18 -4.60
SE MSE F 102 41.05 8.51 -5.54
CE MSE F 102 40.52 7.41 -4.02
H MSE F 102 43.78 11.74 -4.65
HA MSE F 102 42.95 10.40 -6.68
HB2 MSE F 102 41.56 12.17 -5.00
HB3 MSE F 102 40.83 11.37 -6.16
HG2 MSE F 102 42.14 10.09 -4.04
HG3 MSE F 102 40.58 10.36 -4.04
HE1 MSE F 102 40.33 6.51 -4.33
HE2 MSE F 102 41.25 7.39 -3.38
HE3 MSE F 102 39.74 7.79 -3.61
N GLU F 103 42.95 13.57 -7.17
CA GLU F 103 42.82 14.62 -8.18
C GLU F 103 43.97 14.63 -9.18
N GLU F 104 44.93 13.71 -9.05
CA GLU F 104 45.94 13.54 -10.08
C GLU F 104 45.47 12.65 -11.22
N ILE F 105 44.32 11.97 -11.08
CA ILE F 105 43.87 11.04 -12.11
C ILE F 105 42.39 11.28 -12.40
N TYR F 106 41.72 12.00 -11.50
CA TYR F 106 40.34 12.37 -11.70
C TYR F 106 40.15 13.86 -11.49
N PRO F 107 39.19 14.49 -12.15
CA PRO F 107 38.81 15.85 -11.75
C PRO F 107 38.11 15.84 -10.42
N ARG F 108 38.25 16.93 -9.68
CA ARG F 108 37.54 17.05 -8.40
C ARG F 108 36.06 16.84 -8.63
N LEU F 109 35.40 16.28 -7.61
CA LEU F 109 33.98 15.94 -7.64
C LEU F 109 33.73 14.66 -8.43
N MSE F 110 34.53 14.40 -9.46
CA MSE F 110 34.44 13.14 -10.18
C MSE F 110 35.33 12.09 -9.53
O MSE F 110 35.22 10.90 -9.81
CB MSE F 110 34.84 13.33 -11.64
CG MSE F 110 33.99 14.35 -12.41
SE MSE F 110 34.08 14.02 -14.33
CE MSE F 110 34.10 15.83 -14.98
H MSE F 110 35.12 14.94 -9.76
HA MSE F 110 33.52 12.83 -10.16
HB2 MSE F 110 35.76 13.62 -11.68
HB3 MSE F 110 34.75 12.47 -12.10
HG2 MSE F 110 33.07 14.28 -12.13
HG3 MSE F 110 34.34 15.24 -12.23
HE1 MSE F 110 34.14 15.80 -15.95
HE2 MSE F 110 33.29 16.28 -14.69
HE3 MSE F 110 34.88 16.28 -14.63
N ALA F 111 36.23 12.55 -8.65
CA ALA F 111 37.14 11.66 -7.97
C ALA F 111 36.43 10.96 -6.81
N PRO F 112 36.70 9.67 -6.58
CA PRO F 112 36.15 9.02 -5.39
C PRO F 112 36.66 9.69 -4.12
N THR F 113 35.89 9.53 -3.06
CA THR F 113 36.25 10.13 -1.77
C THR F 113 37.12 9.16 -0.99
N PRO F 114 38.39 9.50 -0.71
CA PRO F 114 39.31 8.48 -0.17
C PRO F 114 38.84 7.83 1.12
N SER F 115 38.00 8.48 1.92
CA SER F 115 37.51 7.85 3.14
C SER F 115 36.48 6.77 2.87
N TRP F 116 35.93 6.71 1.66
CA TRP F 116 35.03 5.65 1.25
C TRP F 116 35.72 4.62 0.38
N GLN F 117 36.44 5.08 -0.64
CA GLN F 117 37.07 4.23 -1.63
C GLN F 117 38.51 4.68 -1.83
N VAL F 118 39.39 3.72 -2.09
CA VAL F 118 40.80 4.00 -2.29
C VAL F 118 41.26 3.34 -3.59
N ILE F 119 42.29 3.92 -4.20
CA ILE F 119 42.88 3.37 -5.42
C ILE F 119 44.23 2.78 -5.04
N ARG F 120 44.40 1.49 -5.32
CA ARG F 120 45.66 0.78 -5.07
C ARG F 120 46.29 0.43 -6.41
N GLU F 121 47.47 0.97 -6.67
CA GLU F 121 48.21 0.73 -7.91
C GLU F 121 49.34 -0.23 -7.62
N TYR F 122 49.27 -1.43 -8.19
CA TYR F 122 50.27 -2.46 -7.98
C TYR F 122 51.24 -2.48 -9.16
N PHE F 123 52.52 -2.30 -8.88
CA PHE F 123 53.55 -2.16 -9.91
C PHE F 123 54.52 -3.33 -9.87
N CYS F 124 55.27 -3.47 -10.94
CA CYS F 124 56.39 -4.39 -10.97
C CYS F 124 57.62 -3.72 -10.37
N PRO F 125 58.32 -4.35 -9.44
CA PRO F 125 59.46 -3.67 -8.80
C PRO F 125 60.59 -3.33 -9.75
N GLU F 126 60.66 -3.97 -10.91
CA GLU F 126 61.78 -3.78 -11.83
C GLU F 126 61.51 -2.67 -12.84
N CYS F 127 60.46 -2.83 -13.65
CA CYS F 127 60.19 -1.91 -14.76
C CYS F 127 59.15 -0.86 -14.44
N GLY F 128 58.45 -0.97 -13.31
CA GLY F 128 57.44 0.01 -12.97
C GLY F 128 56.17 -0.11 -13.77
N THR F 129 55.85 -1.31 -14.24
CA THR F 129 54.64 -1.52 -15.02
C THR F 129 53.45 -1.70 -14.09
N LEU F 130 52.35 -1.04 -14.43
CA LEU F 130 51.11 -1.15 -13.67
C LEU F 130 50.35 -2.38 -14.13
N HIS F 131 50.33 -3.41 -13.30
CA HIS F 131 49.73 -4.68 -13.69
C HIS F 131 48.27 -4.82 -13.25
N ASP F 132 47.85 -4.08 -12.23
CA ASP F 132 46.48 -4.17 -11.75
C ASP F 132 46.19 -3.02 -10.81
N VAL F 133 44.94 -2.58 -10.81
CA VAL F 133 44.49 -1.51 -9.92
C VAL F 133 43.26 -2.02 -9.17
N GLU F 134 43.33 -1.99 -7.85
CA GLU F 134 42.17 -2.26 -7.01
C GLU F 134 41.54 -0.95 -6.59
N ALA F 135 40.23 -0.97 -6.34
CA ALA F 135 39.48 0.20 -5.89
C ALA F 135 38.56 -0.18 -4.73
N PRO F 136 39.12 -0.71 -3.63
CA PRO F 136 38.27 -1.13 -2.51
C PRO F 136 38.12 -0.04 -1.46
N THR F 137 37.61 -0.41 -0.31
CA THR F 137 37.54 0.50 0.83
C THR F 137 38.83 0.43 1.63
N PRO F 138 39.10 1.41 2.48
CA PRO F 138 40.16 1.24 3.47
C PRO F 138 40.01 -0.07 4.21
N TRP F 139 41.14 -0.62 4.66
CA TRP F 139 41.20 -1.85 5.44
C TRP F 139 41.04 -3.11 4.60
N TYR F 140 40.49 -3.00 3.41
CA TYR F 140 40.12 -4.21 2.67
C TYR F 140 41.37 -5.02 2.32
N PRO F 141 41.34 -6.34 2.44
CA PRO F 141 42.53 -7.13 2.11
C PRO F 141 42.94 -6.96 0.67
N VAL F 142 44.14 -7.44 0.37
CA VAL F 142 44.62 -7.55 -1.00
C VAL F 142 43.94 -8.75 -1.65
N ILE F 143 43.43 -8.55 -2.86
CA ILE F 143 42.59 -9.54 -3.52
C ILE F 143 43.47 -10.52 -4.28
N HIS F 144 43.20 -11.81 -4.11
CA HIS F 144 43.81 -12.86 -4.91
C HIS F 144 42.87 -13.13 -6.07
N ASP F 145 43.15 -12.51 -7.22
CA ASP F 145 42.14 -12.40 -8.27
C ASP F 145 41.81 -13.75 -8.89
N PHE F 146 42.84 -14.54 -9.22
CA PHE F 146 42.64 -15.73 -10.05
C PHE F 146 43.50 -16.88 -9.55
N SER F 147 42.89 -18.03 -9.33
CA SER F 147 43.58 -19.27 -9.00
C SER F 147 43.24 -20.29 -10.08
N PRO F 148 43.96 -20.31 -11.19
CA PRO F 148 43.58 -21.18 -12.31
C PRO F 148 43.85 -22.65 -12.02
N ASP F 149 42.98 -23.50 -12.58
CA ASP F 149 43.16 -24.96 -12.52
C ASP F 149 43.84 -25.37 -13.83
N ILE F 150 45.16 -25.13 -13.89
CA ILE F 150 45.89 -25.35 -15.13
C ILE F 150 45.85 -26.82 -15.53
N GLU F 151 45.98 -27.73 -14.55
CA GLU F 151 45.96 -29.14 -14.85
C GLU F 151 44.69 -29.54 -15.59
N GLY F 152 43.54 -29.25 -14.99
CA GLY F 152 42.28 -29.57 -15.65
C GLY F 152 42.09 -28.83 -16.96
N PHE F 153 42.64 -27.62 -17.05
CA PHE F 153 42.50 -26.82 -18.26
C PHE F 153 43.22 -27.48 -19.43
N TYR F 154 44.53 -27.70 -19.30
CA TYR F 154 45.28 -28.35 -20.35
C TYR F 154 44.75 -29.76 -20.64
N GLN F 155 44.48 -30.52 -19.58
CA GLN F 155 44.24 -31.95 -19.73
C GLN F 155 42.82 -32.23 -20.21
N GLU F 156 41.82 -31.69 -19.52
CA GLU F 156 40.44 -32.07 -19.78
C GLU F 156 39.84 -31.30 -20.96
N TRP F 157 40.13 -30.00 -21.05
CA TRP F 157 39.51 -29.13 -22.05
C TRP F 157 40.35 -28.99 -23.31
N LEU F 158 41.61 -28.58 -23.17
CA LEU F 158 42.47 -28.41 -24.35
C LEU F 158 42.97 -29.72 -24.93
N GLY F 159 42.91 -30.81 -24.16
CA GLY F 159 43.43 -32.07 -24.65
C GLY F 159 44.92 -32.07 -24.89
N LEU F 160 45.67 -31.36 -24.03
CA LEU F 160 47.11 -31.26 -24.13
C LEU F 160 47.76 -31.89 -22.90
N PRO F 161 49.05 -32.20 -22.97
CA PRO F 161 49.77 -32.63 -21.76
C PRO F 161 50.08 -31.45 -20.86
N VAL F 162 50.02 -31.71 -19.56
CA VAL F 162 50.32 -30.65 -18.58
C VAL F 162 51.83 -30.41 -18.57
N PRO F 163 52.29 -29.15 -18.57
CA PRO F 163 53.73 -28.91 -18.53
C PRO F 163 54.36 -29.52 -17.28
N GLU F 164 55.67 -29.77 -17.38
CA GLU F 164 56.41 -30.31 -16.24
C GLU F 164 56.45 -29.29 -15.11
N ARG F 165 56.35 -29.78 -13.88
CA ARG F 165 56.30 -28.91 -12.72
C ARG F 165 57.12 -29.51 -11.59
N ALA F 166 57.72 -28.63 -10.78
CA ALA F 166 58.54 -29.06 -9.65
C ALA F 166 57.91 -28.56 -8.35
MN MN G . -9.91 2.86 13.90
P AMP H . -39.65 -11.30 44.50
O1P AMP H . -40.24 -11.39 45.89
O2P AMP H . -38.75 -10.15 44.19
O3P AMP H . -38.90 -12.59 44.23
O5' AMP H . -40.87 -11.23 43.49
C5' AMP H . -41.86 -10.23 43.61
C4' AMP H . -42.83 -10.27 42.45
O4' AMP H . -43.58 -11.48 42.50
C3' AMP H . -43.89 -9.18 42.44
O3' AMP H . -43.41 -7.96 41.90
C2' AMP H . -45.03 -9.80 41.62
O2' AMP H . -44.89 -9.52 40.23
C1' AMP H . -44.82 -11.31 41.85
N9 AMP H . -45.87 -11.84 42.72
C8 AMP H . -46.41 -12.88 42.08
N7 AMP H . -47.38 -13.38 42.86
C5 AMP H . -47.42 -12.63 43.98
C6 AMP H . -48.20 -12.68 45.10
N6 AMP H . -49.26 -13.52 45.56
N1 AMP H . -48.00 -11.79 46.07
C2 AMP H . -47.06 -10.84 45.95
N3 AMP H . -46.29 -10.79 44.85
C4 AMP H . -46.49 -11.69 43.87
H5'1 AMP H . -41.44 -9.36 43.65
H5'2 AMP H . -42.36 -10.37 44.43
H4' AMP H . -42.33 -10.23 41.62
H3' AMP H . -44.20 -9.02 43.35
H2' AMP H . -45.89 -9.51 41.96
HO2' AMP H . -45.63 -9.62 39.85
H1' AMP H . -44.82 -11.77 41.00
H8 AMP H . -46.17 -13.21 41.25
HN61 AMP H . -49.50 -14.19 45.09
HN62 AMP H . -49.65 -13.35 46.31
H2 AMP H . -46.93 -10.21 46.64
S SO4 I . -35.02 -12.26 44.59
O1 SO4 I . -36.40 -11.80 44.65
O2 SO4 I . -34.37 -12.08 45.88
O3 SO4 I . -34.99 -13.68 44.22
O4 SO4 I . -34.30 -11.50 43.57
ZN ZN J . -23.01 44.08 34.19
MN MN K . 10.74 -2.56 -13.57
P AMP L . 16.75 -13.08 -56.83
O1P AMP L . 17.63 -12.75 -55.63
O2P AMP L . 15.38 -12.50 -56.88
O3P AMP L . 17.50 -12.66 -58.07
O5' AMP L . 16.59 -14.66 -56.85
C5' AMP L . 17.72 -15.51 -56.92
C4' AMP L . 17.44 -16.87 -56.31
O4' AMP L . 16.37 -17.51 -57.06
C3' AMP L . 18.58 -17.86 -56.37
O3' AMP L . 19.52 -17.67 -55.32
C2' AMP L . 17.87 -19.21 -56.30
O2' AMP L . 17.56 -19.55 -54.95
C1' AMP L . 16.57 -18.91 -57.05
N9 AMP L . 16.63 -19.39 -58.44
C8 AMP L . 15.59 -20.19 -58.63
N7 AMP L . 15.64 -20.64 -59.88
C5 AMP L . 16.72 -20.10 -60.46
C6 AMP L . 17.24 -20.22 -61.73
N6 AMP L . 16.87 -20.94 -62.91
N1 AMP L . 18.34 -19.57 -62.05
C2 AMP L . 18.96 -18.79 -61.14
N3 AMP L . 18.46 -18.67 -59.90
C4 AMP L . 17.32 -19.33 -59.57
H5'1 AMP L . 17.98 -15.63 -57.84
H5'2 AMP L . 18.45 -15.10 -56.43
H4' AMP L . 17.15 -16.75 -55.39
H3' AMP L . 19.04 -17.78 -57.22
HO3' AMP L . 20.11 -18.27 -55.35
H2' AMP L . 18.38 -19.90 -56.74
HO2' AMP L . 18.18 -20.02 -54.63
H1' AMP L . 15.82 -19.33 -56.60
H8 AMP L . 14.94 -20.40 -57.99
HN61 AMP L . 17.37 -20.92 -63.61
HN62 AMP L . 16.12 -21.38 -62.93
H2 AMP L . 19.74 -18.33 -61.37
S SO4 M . 15.36 -9.38 -55.22
O1 SO4 M . 15.25 -8.33 -56.22
O2 SO4 M . 15.12 -8.82 -53.90
O3 SO4 M . 16.70 -9.96 -55.27
O4 SO4 M . 14.37 -10.42 -55.50
ZN ZN N . 58.37 -5.81 -14.78
#